data_8DUO
#
_entry.id   8DUO
#
_cell.length_a   1.00
_cell.length_b   1.00
_cell.length_c   1.00
_cell.angle_alpha   90.00
_cell.angle_beta   90.00
_cell.angle_gamma   90.00
#
_symmetry.space_group_name_H-M   'P 1'
#
loop_
_entity.id
_entity.type
_entity.pdbx_description
1 polymer 'DnaB-like replicative helicase'
2 non-polymer 'PHOSPHOTHIOPHOSPHORIC ACID-ADENYLATE ESTER'
3 non-polymer 'MAGNESIUM ION'
#
_entity_poly.entity_id   1
_entity_poly.type   'polypeptide(L)'
_entity_poly.pdbx_seq_one_letter_code
;MVEIILSHLIFDQAYFSKVWPYMDSEYFESGPAKNTFKLIKSHVNEYHSVPSINALNVALENSSFTETEYSGVKTLISKL
ADSPEDHSWLVKETEKYVQQRAMFNATSKIIEIQTNAELPPEKRNKKMPDVGAIPDIMRQALSISFDSYVGHDWMDDYEA
RWLSYMNKARKVPFKLRILNKITKGGAETGTLNVLMAGVNVGKSLGLCSLAADYLQLGHNVLYISMEMAEEVCAKRIDAN
MLDVSLDDIDDGHISYAEYKGKMEKWREKSTLGRLIVKQYPTGGADANTFRSLLNELKLKKNFVPTIIIVDYLGICKSCR
IRVYSENSYTTVKAIAEELRALAVETETVLWTAAQVGKQAWDSSDVNMSDIAESAGLPATADFMLAVIETEELAAAEQQL
IKQIKSRYGDKNKWNKFLMGVQKGNQKWVEIEQDSTPTEVNEVAGSQQIQAEQNRYQRNESTRAQLDALANELKF
;
_entity_poly.pdbx_strand_id   A,B,C,D,E,F
#
# COMPACT_ATOMS: atom_id res chain seq x y z
N MET A 1 -27.81 -8.08 -30.97
CA MET A 1 -27.83 -9.22 -30.07
C MET A 1 -29.04 -10.12 -30.33
N VAL A 2 -30.23 -9.51 -30.36
CA VAL A 2 -31.44 -10.28 -30.64
C VAL A 2 -31.42 -10.82 -32.06
N GLU A 3 -30.84 -10.06 -33.00
CA GLU A 3 -30.86 -10.46 -34.39
C GLU A 3 -30.11 -11.76 -34.61
N ILE A 4 -28.93 -11.90 -34.01
CA ILE A 4 -28.14 -13.10 -34.22
C ILE A 4 -28.83 -14.31 -33.59
N ILE A 5 -29.45 -14.13 -32.43
CA ILE A 5 -30.14 -15.23 -31.77
C ILE A 5 -31.35 -15.67 -32.60
N LEU A 6 -32.11 -14.70 -33.09
CA LEU A 6 -33.27 -15.03 -33.94
C LEU A 6 -32.83 -15.72 -35.22
N SER A 7 -31.74 -15.26 -35.83
CA SER A 7 -31.23 -15.88 -37.04
C SER A 7 -30.77 -17.31 -36.77
N HIS A 8 -30.09 -17.54 -35.65
CA HIS A 8 -29.70 -18.90 -35.28
C HIS A 8 -30.92 -19.77 -35.03
N LEU A 9 -31.99 -19.21 -34.47
CA LEU A 9 -33.24 -19.94 -34.36
C LEU A 9 -33.78 -20.32 -35.74
N ILE A 10 -33.71 -19.39 -36.69
CA ILE A 10 -34.21 -19.65 -38.03
C ILE A 10 -33.25 -20.56 -38.80
N PHE A 11 -31.96 -20.29 -38.73
CA PHE A 11 -30.97 -20.94 -39.59
C PHE A 11 -30.11 -21.96 -38.85
N ASP A 12 -30.67 -22.56 -37.80
CA ASP A 12 -29.99 -23.66 -37.12
C ASP A 12 -31.04 -24.46 -36.35
N GLN A 13 -30.71 -25.71 -36.09
CA GLN A 13 -31.60 -26.62 -35.37
C GLN A 13 -31.12 -26.91 -33.96
N ALA A 14 -29.81 -27.01 -33.74
CA ALA A 14 -29.30 -27.38 -32.43
C ALA A 14 -29.64 -26.34 -31.37
N TYR A 15 -29.45 -25.06 -31.69
CA TYR A 15 -29.75 -24.01 -30.72
C TYR A 15 -31.23 -24.00 -30.38
N PHE A 16 -32.09 -24.12 -31.39
CA PHE A 16 -33.53 -24.17 -31.15
C PHE A 16 -33.92 -25.42 -30.38
N SER A 17 -33.35 -26.57 -30.75
CA SER A 17 -33.81 -27.84 -30.20
C SER A 17 -33.35 -28.05 -28.76
N LYS A 18 -32.09 -27.73 -28.45
CA LYS A 18 -31.54 -28.12 -27.15
C LYS A 18 -32.24 -27.40 -26.00
N VAL A 19 -32.38 -26.08 -26.10
CA VAL A 19 -33.10 -25.29 -25.11
C VAL A 19 -34.07 -24.40 -25.87
N TRP A 20 -35.27 -24.90 -26.14
CA TRP A 20 -36.38 -24.08 -26.59
C TRP A 20 -37.17 -23.44 -25.45
N PRO A 21 -37.60 -24.20 -24.44
CA PRO A 21 -38.56 -23.63 -23.47
C PRO A 21 -38.01 -22.46 -22.67
N TYR A 22 -36.70 -22.39 -22.45
CA TYR A 22 -36.16 -21.32 -21.63
C TYR A 22 -36.01 -20.04 -22.44
N MET A 23 -37.07 -19.66 -23.13
CA MET A 23 -37.18 -18.35 -23.77
C MET A 23 -38.62 -17.88 -23.61
N ASP A 24 -38.78 -16.57 -23.51
CA ASP A 24 -40.08 -15.97 -23.22
C ASP A 24 -40.23 -14.68 -24.01
N SER A 25 -41.48 -14.23 -24.13
CA SER A 25 -41.77 -13.05 -24.93
C SER A 25 -41.05 -11.81 -24.41
N GLU A 26 -40.84 -11.73 -23.09
CA GLU A 26 -40.18 -10.58 -22.48
C GLU A 26 -38.70 -10.82 -22.21
N TYR A 27 -38.04 -11.60 -23.08
CA TYR A 27 -36.61 -11.84 -22.97
C TYR A 27 -35.80 -11.13 -24.03
N PHE A 28 -36.39 -10.81 -25.19
CA PHE A 28 -35.65 -10.19 -26.28
C PHE A 28 -35.75 -8.67 -26.26
N GLU A 29 -36.96 -8.15 -26.43
CA GLU A 29 -37.21 -6.72 -26.57
C GLU A 29 -38.71 -6.52 -26.65
N SER A 30 -39.16 -5.34 -26.24
CA SER A 30 -40.56 -4.98 -26.35
C SER A 30 -40.92 -4.44 -27.73
N GLY A 31 -39.95 -4.32 -28.64
CA GLY A 31 -40.18 -3.78 -29.96
C GLY A 31 -40.45 -4.86 -30.99
N PRO A 32 -39.85 -4.72 -32.17
CA PRO A 32 -40.06 -5.72 -33.23
C PRO A 32 -39.63 -7.13 -32.84
N ALA A 33 -38.65 -7.26 -31.94
CA ALA A 33 -38.26 -8.58 -31.47
C ALA A 33 -39.39 -9.28 -30.75
N LYS A 34 -40.23 -8.53 -30.04
CA LYS A 34 -41.39 -9.12 -29.37
C LYS A 34 -42.31 -9.80 -30.37
N ASN A 35 -42.69 -9.10 -31.43
CA ASN A 35 -43.60 -9.67 -32.40
C ASN A 35 -42.92 -10.77 -33.22
N THR A 36 -41.62 -10.61 -33.47
CA THR A 36 -40.88 -11.67 -34.15
C THR A 36 -40.90 -12.97 -33.35
N PHE A 37 -40.67 -12.87 -32.05
CA PHE A 37 -40.75 -14.05 -31.20
C PHE A 37 -42.18 -14.56 -31.09
N LYS A 38 -43.17 -13.66 -31.10
CA LYS A 38 -44.57 -14.09 -31.15
C LYS A 38 -44.83 -14.96 -32.36
N LEU A 39 -44.39 -14.51 -33.54
CA LEU A 39 -44.60 -15.28 -34.74
C LEU A 39 -43.80 -16.59 -34.71
N ILE A 40 -42.58 -16.54 -34.16
CA ILE A 40 -41.78 -17.76 -34.07
C ILE A 40 -42.48 -18.80 -33.20
N LYS A 41 -42.95 -18.40 -32.03
CA LYS A 41 -43.61 -19.34 -31.13
C LYS A 41 -44.92 -19.82 -31.71
N SER A 42 -45.68 -18.94 -32.37
CA SER A 42 -46.93 -19.37 -32.99
C SER A 42 -46.66 -20.40 -34.09
N HIS A 43 -45.63 -20.16 -34.90
CA HIS A 43 -45.32 -21.09 -35.98
C HIS A 43 -44.86 -22.44 -35.43
N VAL A 44 -44.01 -22.42 -34.39
CA VAL A 44 -43.54 -23.69 -33.84
C VAL A 44 -44.64 -24.41 -33.06
N ASN A 45 -45.66 -23.69 -32.59
CA ASN A 45 -46.78 -24.34 -31.95
C ASN A 45 -47.72 -24.96 -32.99
N GLU A 46 -48.01 -24.22 -34.06
CA GLU A 46 -48.83 -24.76 -35.14
C GLU A 46 -48.07 -25.73 -36.01
N TYR A 47 -46.75 -25.61 -36.11
CA TYR A 47 -45.92 -26.48 -36.94
C TYR A 47 -44.66 -26.78 -36.15
N HIS A 48 -44.56 -28.00 -35.61
CA HIS A 48 -43.45 -28.34 -34.73
C HIS A 48 -42.16 -28.48 -35.52
N SER A 49 -41.61 -27.35 -35.96
CA SER A 49 -40.39 -27.33 -36.75
C SER A 49 -39.76 -25.95 -36.66
N VAL A 50 -38.53 -25.84 -37.12
CA VAL A 50 -37.83 -24.56 -37.17
C VAL A 50 -38.53 -23.67 -38.17
N PRO A 51 -38.96 -22.47 -37.78
CA PRO A 51 -39.60 -21.56 -38.73
C PRO A 51 -38.63 -21.13 -39.82
N SER A 52 -39.15 -21.02 -41.03
CA SER A 52 -38.36 -20.65 -42.20
C SER A 52 -38.63 -19.20 -42.58
N ILE A 53 -37.83 -18.70 -43.54
CA ILE A 53 -37.95 -17.32 -43.97
C ILE A 53 -39.30 -17.09 -44.65
N ASN A 54 -39.71 -18.00 -45.54
CA ASN A 54 -40.94 -17.79 -46.29
C ASN A 54 -42.16 -17.83 -45.38
N ALA A 55 -42.23 -18.83 -44.49
CA ALA A 55 -43.35 -18.91 -43.56
C ALA A 55 -43.35 -17.73 -42.60
N LEU A 56 -42.16 -17.29 -42.18
CA LEU A 56 -42.07 -16.11 -41.33
C LEU A 56 -42.63 -14.89 -42.03
N ASN A 57 -42.28 -14.69 -43.30
CA ASN A 57 -42.79 -13.54 -44.04
C ASN A 57 -44.29 -13.66 -44.29
N VAL A 58 -44.78 -14.88 -44.50
CA VAL A 58 -46.22 -15.07 -44.68
C VAL A 58 -46.98 -14.69 -43.42
N ALA A 59 -46.53 -15.20 -42.27
CA ALA A 59 -47.15 -14.84 -41.00
C ALA A 59 -47.00 -13.36 -40.70
N LEU A 60 -45.89 -12.77 -41.15
CA LEU A 60 -45.67 -11.33 -40.97
C LEU A 60 -46.69 -10.53 -41.75
N GLU A 61 -46.81 -10.81 -43.05
CA GLU A 61 -47.77 -10.12 -43.90
C GLU A 61 -49.21 -10.45 -43.54
N ASN A 62 -49.44 -11.51 -42.75
CA ASN A 62 -50.79 -11.97 -42.46
C ASN A 62 -51.64 -10.92 -41.76
N SER A 63 -51.34 -10.60 -40.50
CA SER A 63 -52.17 -9.68 -39.73
C SER A 63 -51.42 -9.30 -38.45
N SER A 64 -52.16 -8.63 -37.54
CA SER A 64 -51.86 -8.41 -36.13
C SER A 64 -50.95 -7.23 -35.83
N PHE A 65 -50.68 -6.34 -36.78
CA PHE A 65 -49.98 -5.10 -36.47
C PHE A 65 -50.24 -4.08 -37.56
N THR A 66 -49.67 -2.88 -37.38
CA THR A 66 -49.87 -1.74 -38.24
C THR A 66 -48.67 -1.55 -39.17
N GLU A 67 -48.67 -0.43 -39.90
CA GLU A 67 -47.66 -0.21 -40.94
C GLU A 67 -46.28 0.06 -40.34
N THR A 68 -46.19 0.90 -39.31
CA THR A 68 -44.90 1.17 -38.68
C THR A 68 -44.34 -0.09 -38.04
N GLU A 69 -45.20 -0.86 -37.37
CA GLU A 69 -44.77 -2.14 -36.82
C GLU A 69 -44.33 -3.08 -37.94
N TYR A 70 -45.03 -3.05 -39.07
CA TYR A 70 -44.64 -3.86 -40.22
C TYR A 70 -43.25 -3.49 -40.70
N SER A 71 -42.96 -2.18 -40.79
CA SER A 71 -41.65 -1.73 -41.20
C SER A 71 -40.58 -2.18 -40.21
N GLY A 72 -40.87 -2.06 -38.92
CA GLY A 72 -39.89 -2.48 -37.92
C GLY A 72 -39.56 -3.96 -38.01
N VAL A 73 -40.60 -4.81 -38.08
CA VAL A 73 -40.36 -6.24 -38.11
C VAL A 73 -39.71 -6.66 -39.42
N LYS A 74 -40.10 -6.02 -40.53
CA LYS A 74 -39.47 -6.34 -41.81
C LYS A 74 -38.00 -5.97 -41.82
N THR A 75 -37.66 -4.81 -41.24
CA THR A 75 -36.25 -4.45 -41.11
C THR A 75 -35.51 -5.43 -40.23
N LEU A 76 -36.15 -5.88 -39.15
CA LEU A 76 -35.51 -6.86 -38.27
C LEU A 76 -35.23 -8.16 -38.99
N ILE A 77 -36.20 -8.64 -39.79
CA ILE A 77 -36.06 -9.94 -40.45
C ILE A 77 -35.31 -9.86 -41.77
N SER A 78 -35.05 -8.66 -42.28
CA SER A 78 -34.30 -8.51 -43.52
C SER A 78 -32.81 -8.72 -43.35
N LYS A 79 -32.32 -8.84 -42.13
CA LYS A 79 -30.90 -9.01 -41.83
C LYS A 79 -30.66 -10.34 -41.12
N LEU A 80 -31.37 -11.38 -41.55
CA LEU A 80 -31.22 -12.72 -41.00
C LEU A 80 -30.19 -13.49 -41.81
N ALA A 81 -29.15 -13.96 -41.15
CA ALA A 81 -28.06 -14.68 -41.79
C ALA A 81 -27.70 -15.92 -40.98
N ASP A 82 -27.05 -16.87 -41.63
CA ASP A 82 -26.65 -18.10 -40.95
C ASP A 82 -25.70 -17.81 -39.80
N SER A 83 -24.52 -17.26 -40.10
CA SER A 83 -23.48 -16.97 -39.14
C SER A 83 -23.22 -18.21 -38.27
N PRO A 84 -22.58 -19.25 -38.82
CA PRO A 84 -22.41 -20.49 -38.06
C PRO A 84 -21.45 -20.33 -36.90
N GLU A 85 -21.90 -19.63 -35.86
CA GLU A 85 -21.07 -19.43 -34.68
C GLU A 85 -20.92 -20.74 -33.90
N ASP A 86 -19.84 -20.82 -33.13
CA ASP A 86 -19.61 -22.01 -32.32
C ASP A 86 -20.67 -22.12 -31.23
N HIS A 87 -20.76 -23.31 -30.64
CA HIS A 87 -21.85 -23.59 -29.73
C HIS A 87 -21.65 -22.88 -28.38
N SER A 88 -20.54 -23.17 -27.70
CA SER A 88 -20.37 -22.73 -26.33
C SER A 88 -20.36 -21.21 -26.20
N TRP A 89 -19.68 -20.53 -27.12
CA TRP A 89 -19.57 -19.08 -27.02
C TRP A 89 -20.94 -18.41 -27.15
N LEU A 90 -21.70 -18.76 -28.20
CA LEU A 90 -23.03 -18.19 -28.36
C LEU A 90 -23.95 -18.62 -27.21
N VAL A 91 -23.77 -19.82 -26.70
CA VAL A 91 -24.58 -20.30 -25.59
C VAL A 91 -24.37 -19.43 -24.35
N LYS A 92 -23.10 -19.13 -24.03
CA LYS A 92 -22.84 -18.30 -22.87
C LYS A 92 -23.29 -16.86 -23.10
N GLU A 93 -23.17 -16.36 -24.34
CA GLU A 93 -23.65 -15.02 -24.63
C GLU A 93 -25.14 -14.90 -24.41
N THR A 94 -25.91 -15.84 -24.98
CA THR A 94 -27.36 -15.79 -24.79
C THR A 94 -27.75 -16.08 -23.35
N GLU A 95 -26.94 -16.86 -22.63
CA GLU A 95 -27.18 -17.08 -21.21
C GLU A 95 -27.08 -15.76 -20.44
N LYS A 96 -25.99 -15.03 -20.62
CA LYS A 96 -25.85 -13.75 -19.94
C LYS A 96 -26.95 -12.79 -20.35
N TYR A 97 -27.29 -12.78 -21.64
CA TYR A 97 -28.33 -11.89 -22.14
C TYR A 97 -29.67 -12.18 -21.48
N VAL A 98 -30.11 -13.44 -21.49
CA VAL A 98 -31.39 -13.77 -20.90
C VAL A 98 -31.37 -13.55 -19.39
N GLN A 99 -30.22 -13.77 -18.75
CA GLN A 99 -30.13 -13.50 -17.32
C GLN A 99 -30.40 -12.03 -17.01
N GLN A 100 -29.68 -11.13 -17.68
CA GLN A 100 -29.89 -9.71 -17.38
C GLN A 100 -31.27 -9.25 -17.82
N ARG A 101 -31.80 -9.81 -18.90
CA ARG A 101 -33.14 -9.45 -19.35
C ARG A 101 -34.19 -9.84 -18.31
N ALA A 102 -34.08 -11.04 -17.75
CA ALA A 102 -35.00 -11.45 -16.70
C ALA A 102 -34.84 -10.56 -15.47
N MET A 103 -33.60 -10.19 -15.15
CA MET A 103 -33.38 -9.25 -14.05
C MET A 103 -34.17 -7.97 -14.28
N PHE A 104 -34.04 -7.39 -15.48
CA PHE A 104 -34.73 -6.14 -15.78
C PHE A 104 -36.24 -6.31 -15.71
N ASN A 105 -36.78 -7.39 -16.27
CA ASN A 105 -38.22 -7.59 -16.22
C ASN A 105 -38.71 -7.75 -14.78
N ALA A 106 -37.97 -8.52 -13.98
CA ALA A 106 -38.36 -8.72 -12.59
C ALA A 106 -38.35 -7.41 -11.82
N THR A 107 -37.33 -6.58 -12.05
CA THR A 107 -37.29 -5.28 -11.37
C THR A 107 -38.43 -4.39 -11.81
N SER A 108 -38.72 -4.37 -13.11
CA SER A 108 -39.85 -3.59 -13.60
C SER A 108 -41.13 -3.99 -12.88
N LYS A 109 -41.45 -5.28 -12.85
CA LYS A 109 -42.68 -5.72 -12.20
C LYS A 109 -42.63 -5.42 -10.70
N ILE A 110 -41.46 -5.61 -10.08
CA ILE A 110 -41.34 -5.43 -8.63
C ILE A 110 -41.70 -4.01 -8.26
N ILE A 111 -41.11 -3.04 -8.95
CA ILE A 111 -41.35 -1.68 -8.52
C ILE A 111 -42.68 -1.18 -9.06
N GLU A 112 -43.23 -1.84 -10.08
CA GLU A 112 -44.62 -1.60 -10.42
C GLU A 112 -45.52 -1.93 -9.23
N ILE A 113 -45.29 -3.10 -8.65
CA ILE A 113 -46.04 -3.51 -7.46
C ILE A 113 -45.80 -2.52 -6.33
N GLN A 114 -44.54 -2.09 -6.17
CA GLN A 114 -44.22 -1.17 -5.09
C GLN A 114 -44.93 0.17 -5.26
N THR A 115 -44.94 0.71 -6.47
CA THR A 115 -45.62 1.97 -6.71
C THR A 115 -47.11 1.82 -6.49
N ASN A 116 -47.70 0.71 -6.92
CA ASN A 116 -49.11 0.47 -6.65
C ASN A 116 -49.39 0.41 -5.15
N ALA A 117 -48.52 -0.27 -4.40
CA ALA A 117 -48.75 -0.42 -2.97
C ALA A 117 -48.58 0.90 -2.23
N GLU A 118 -47.52 1.63 -2.51
CA GLU A 118 -47.28 2.92 -1.86
C GLU A 118 -48.30 3.97 -2.28
N LEU A 119 -49.09 3.72 -3.32
CA LEU A 119 -50.21 4.60 -3.62
C LEU A 119 -51.21 4.57 -2.48
N PRO A 120 -51.87 5.69 -2.21
CA PRO A 120 -52.90 5.71 -1.16
C PRO A 120 -53.98 4.70 -1.46
N PRO A 121 -54.52 4.04 -0.44
CA PRO A 121 -55.46 2.94 -0.69
C PRO A 121 -56.79 3.40 -1.23
N GLU A 122 -56.79 4.08 -2.37
CA GLU A 122 -58.03 4.38 -3.06
C GLU A 122 -58.55 3.14 -3.78
N LYS A 123 -57.74 2.58 -4.67
CA LYS A 123 -58.05 1.29 -5.29
C LYS A 123 -56.76 0.74 -5.90
N ARG A 124 -56.36 -0.44 -5.47
CA ARG A 124 -55.20 -1.13 -6.02
C ARG A 124 -55.64 -2.42 -6.69
N ASN A 125 -54.94 -2.79 -7.76
CA ASN A 125 -55.32 -3.98 -8.52
C ASN A 125 -55.22 -5.23 -7.65
N LYS A 126 -56.27 -6.06 -7.69
CA LYS A 126 -56.22 -7.33 -6.99
C LYS A 126 -55.16 -8.25 -7.61
N LYS A 127 -55.09 -8.27 -8.94
CA LYS A 127 -54.04 -9.05 -9.61
C LYS A 127 -52.65 -8.52 -9.31
N MET A 128 -52.54 -7.25 -8.91
CA MET A 128 -51.25 -6.72 -8.51
C MET A 128 -50.80 -7.40 -7.22
N PRO A 129 -49.61 -8.01 -7.20
CA PRO A 129 -49.17 -8.71 -5.98
C PRO A 129 -49.00 -7.76 -4.81
N ASP A 130 -48.85 -8.35 -3.62
CA ASP A 130 -48.62 -7.57 -2.41
C ASP A 130 -47.13 -7.62 -2.06
N VAL A 131 -46.77 -7.04 -0.91
CA VAL A 131 -45.39 -7.10 -0.45
C VAL A 131 -45.00 -8.53 -0.13
N GLY A 132 -45.98 -9.39 0.19
CA GLY A 132 -45.69 -10.79 0.42
C GLY A 132 -45.16 -11.52 -0.79
N ALA A 133 -45.69 -11.20 -1.97
CA ALA A 133 -45.22 -11.79 -3.23
C ALA A 133 -44.06 -11.02 -3.84
N ILE A 134 -43.61 -9.95 -3.19
CA ILE A 134 -42.43 -9.23 -3.68
C ILE A 134 -41.17 -10.08 -3.62
N PRO A 135 -40.79 -10.72 -2.49
CA PRO A 135 -39.44 -11.26 -2.37
C PRO A 135 -39.21 -12.58 -3.09
N ASP A 136 -40.23 -13.45 -3.13
CA ASP A 136 -40.03 -14.78 -3.68
C ASP A 136 -39.69 -14.72 -5.18
N ILE A 137 -40.12 -13.66 -5.86
CA ILE A 137 -39.83 -13.59 -7.29
C ILE A 137 -38.35 -13.31 -7.50
N MET A 138 -37.63 -12.92 -6.45
CA MET A 138 -36.17 -12.94 -6.53
C MET A 138 -35.66 -14.36 -6.69
N ARG A 139 -36.20 -15.28 -5.89
CA ARG A 139 -35.90 -16.69 -6.07
C ARG A 139 -36.29 -17.16 -7.47
N GLN A 140 -37.42 -16.66 -7.97
CA GLN A 140 -37.80 -16.96 -9.36
C GLN A 140 -36.77 -16.43 -10.34
N ALA A 141 -36.24 -15.24 -10.10
CA ALA A 141 -35.22 -14.64 -10.96
C ALA A 141 -33.93 -15.44 -10.94
N LEU A 142 -33.52 -15.94 -9.79
CA LEU A 142 -32.34 -16.79 -9.70
C LEU A 142 -32.65 -18.23 -10.11
N SER A 143 -33.91 -18.56 -10.36
CA SER A 143 -34.29 -19.87 -10.87
C SER A 143 -34.00 -20.03 -12.34
N ILE A 144 -33.25 -19.11 -12.97
CA ILE A 144 -32.93 -19.25 -14.38
C ILE A 144 -32.09 -20.49 -14.58
N SER A 145 -32.59 -21.39 -15.43
CA SER A 145 -31.95 -22.67 -15.72
C SER A 145 -31.93 -22.85 -17.24
N PHE A 146 -31.52 -21.80 -17.94
CA PHE A 146 -31.43 -21.87 -19.40
C PHE A 146 -30.56 -23.03 -19.85
N ASP A 147 -29.50 -23.33 -19.09
CA ASP A 147 -28.68 -24.52 -19.30
C ASP A 147 -28.58 -25.24 -17.96
N SER A 148 -29.00 -26.50 -17.92
CA SER A 148 -29.01 -27.27 -16.69
C SER A 148 -27.59 -27.42 -16.14
N TYR A 149 -26.64 -27.75 -17.02
CA TYR A 149 -25.25 -27.96 -16.62
C TYR A 149 -25.13 -28.99 -15.50
N VAL A 150 -25.91 -30.07 -15.60
CA VAL A 150 -25.83 -31.13 -14.61
C VAL A 150 -24.49 -31.84 -14.68
N GLY A 151 -23.85 -31.81 -15.85
CA GLY A 151 -22.67 -32.64 -16.05
C GLY A 151 -23.11 -34.08 -16.15
N HIS A 152 -22.51 -34.94 -15.32
CA HIS A 152 -22.91 -36.33 -15.28
C HIS A 152 -24.04 -36.53 -14.28
N ASP A 153 -25.06 -37.28 -14.69
CA ASP A 153 -26.18 -37.63 -13.82
C ASP A 153 -26.36 -39.14 -13.93
N TRP A 154 -25.71 -39.88 -13.05
CA TRP A 154 -25.88 -41.32 -13.04
C TRP A 154 -27.33 -41.67 -12.70
N MET A 155 -27.78 -42.82 -13.20
CA MET A 155 -29.17 -43.28 -13.11
C MET A 155 -30.03 -42.49 -14.09
N ASP A 156 -29.46 -41.44 -14.71
CA ASP A 156 -30.17 -40.65 -15.70
C ASP A 156 -29.55 -40.69 -17.09
N ASP A 157 -28.22 -40.83 -17.20
CA ASP A 157 -27.54 -40.79 -18.49
C ASP A 157 -26.93 -42.13 -18.85
N TYR A 158 -27.47 -43.24 -18.33
CA TYR A 158 -26.87 -44.55 -18.56
C TYR A 158 -26.84 -44.90 -20.04
N GLU A 159 -27.95 -44.66 -20.74
CA GLU A 159 -27.97 -44.88 -22.19
C GLU A 159 -27.03 -43.92 -22.90
N ALA A 160 -26.98 -42.67 -22.44
CA ALA A 160 -25.97 -41.74 -22.94
C ALA A 160 -24.57 -42.21 -22.56
N ARG A 161 -24.41 -42.71 -21.34
CA ARG A 161 -23.16 -43.36 -20.96
C ARG A 161 -22.91 -44.58 -21.82
N TRP A 162 -23.95 -45.35 -22.11
CA TRP A 162 -23.85 -46.43 -23.07
C TRP A 162 -23.61 -45.85 -24.46
N LEU A 163 -23.22 -46.72 -25.39
CA LEU A 163 -22.99 -46.35 -26.79
C LEU A 163 -21.72 -45.53 -26.94
N SER A 164 -21.13 -45.11 -25.81
CA SER A 164 -19.93 -44.29 -25.88
C SER A 164 -18.67 -45.15 -25.96
N TYR A 165 -18.57 -46.14 -25.07
CA TYR A 165 -17.39 -47.01 -25.06
C TYR A 165 -17.28 -47.82 -26.35
N MET A 166 -18.35 -48.50 -26.72
CA MET A 166 -18.44 -49.24 -27.96
C MET A 166 -18.83 -48.27 -29.06
N ASN A 167 -18.21 -48.44 -30.24
CA ASN A 167 -18.33 -47.60 -31.42
C ASN A 167 -17.58 -46.28 -31.24
N LYS A 168 -17.01 -46.03 -30.06
CA LYS A 168 -16.21 -44.83 -29.81
C LYS A 168 -16.99 -43.55 -30.08
N ALA A 169 -18.26 -43.52 -29.67
CA ALA A 169 -19.03 -42.27 -29.83
C ALA A 169 -18.24 -41.13 -29.20
N ARG A 170 -17.83 -41.30 -27.93
CA ARG A 170 -17.01 -40.28 -27.24
C ARG A 170 -15.52 -40.64 -27.39
N LYS A 171 -15.22 -41.86 -27.85
CA LYS A 171 -13.80 -42.31 -27.93
C LYS A 171 -13.27 -42.15 -29.35
N VAL A 172 -12.04 -42.62 -29.60
CA VAL A 172 -11.44 -42.54 -30.92
C VAL A 172 -10.66 -43.82 -31.17
N PRO A 173 -10.88 -44.52 -32.28
CA PRO A 173 -10.16 -45.77 -32.53
C PRO A 173 -8.66 -45.54 -32.70
N PHE A 174 -7.89 -46.55 -32.31
CA PHE A 174 -6.43 -46.50 -32.42
C PHE A 174 -5.93 -46.88 -33.81
N LYS A 175 -6.77 -47.50 -34.62
CA LYS A 175 -6.41 -48.03 -35.95
C LYS A 175 -5.42 -49.20 -35.86
N LEU A 176 -4.97 -49.57 -34.66
CA LEU A 176 -4.18 -50.77 -34.45
C LEU A 176 -4.92 -51.64 -33.44
N ARG A 177 -5.06 -52.93 -33.77
CA ARG A 177 -5.92 -53.81 -32.99
C ARG A 177 -5.43 -53.95 -31.55
N ILE A 178 -4.12 -54.17 -31.37
CA ILE A 178 -3.60 -54.43 -30.04
C ILE A 178 -3.70 -53.18 -29.17
N LEU A 179 -3.73 -51.99 -29.77
CA LEU A 179 -3.87 -50.77 -28.99
C LEU A 179 -5.33 -50.44 -28.71
N ASN A 180 -6.22 -50.69 -29.66
CA ASN A 180 -7.64 -50.48 -29.41
C ASN A 180 -8.18 -51.42 -28.35
N LYS A 181 -7.82 -52.70 -28.42
CA LYS A 181 -8.36 -53.67 -27.46
C LYS A 181 -7.93 -53.38 -26.03
N ILE A 182 -6.66 -53.01 -25.83
CA ILE A 182 -6.21 -52.70 -24.48
C ILE A 182 -6.82 -51.40 -23.98
N THR A 183 -7.27 -50.54 -24.89
CA THR A 183 -8.06 -49.37 -24.53
C THR A 183 -9.56 -49.61 -24.66
N LYS A 184 -9.96 -50.73 -25.25
CA LYS A 184 -11.37 -51.03 -25.49
C LYS A 184 -12.04 -49.91 -26.28
N GLY A 185 -11.31 -49.36 -27.24
CA GLY A 185 -11.86 -48.32 -28.10
C GLY A 185 -10.93 -47.16 -28.38
N GLY A 186 -10.09 -46.80 -27.40
CA GLY A 186 -9.09 -45.75 -27.66
C GLY A 186 -9.09 -44.65 -26.61
N ALA A 187 -8.74 -43.42 -27.00
CA ALA A 187 -8.66 -42.29 -26.05
C ALA A 187 -10.06 -41.77 -25.71
N GLU A 188 -10.17 -40.88 -24.72
CA GLU A 188 -11.50 -40.39 -24.27
C GLU A 188 -11.68 -38.92 -24.67
N THR A 189 -11.22 -38.53 -25.88
CA THR A 189 -11.43 -37.14 -26.39
C THR A 189 -11.00 -36.12 -25.33
N GLY A 190 -9.74 -36.17 -24.90
CA GLY A 190 -9.23 -35.22 -23.89
C GLY A 190 -8.20 -35.86 -22.97
N THR A 191 -8.04 -37.18 -23.05
CA THR A 191 -7.05 -37.91 -22.21
C THR A 191 -5.63 -37.53 -22.66
N LEU A 192 -4.68 -37.51 -21.72
CA LEU A 192 -3.26 -37.20 -22.06
C LEU A 192 -2.44 -38.49 -21.91
N ASN A 193 -1.69 -38.88 -22.95
CA ASN A 193 -0.93 -40.16 -22.91
C ASN A 193 0.56 -39.89 -23.16
N VAL A 194 1.44 -40.73 -22.60
CA VAL A 194 2.87 -40.53 -22.75
C VAL A 194 3.52 -41.85 -23.14
N LEU A 195 4.67 -41.72 -23.81
CA LEU A 195 5.51 -42.86 -24.16
C LEU A 195 6.81 -42.76 -23.37
N MET A 196 7.13 -43.79 -22.62
CA MET A 196 8.36 -43.86 -21.84
C MET A 196 9.43 -44.48 -22.72
N ALA A 197 10.36 -43.66 -23.18
CA ALA A 197 11.41 -44.10 -24.10
C ALA A 197 12.72 -44.24 -23.34
N GLY A 198 13.35 -45.39 -23.47
CA GLY A 198 14.64 -45.65 -22.89
C GLY A 198 15.77 -45.11 -23.74
N VAL A 199 16.99 -45.52 -23.40
CA VAL A 199 18.16 -45.10 -24.16
C VAL A 199 18.13 -45.74 -25.53
N ASN A 200 18.39 -44.94 -26.56
CA ASN A 200 18.40 -45.40 -27.95
C ASN A 200 17.06 -46.01 -28.33
N VAL A 201 15.99 -45.31 -27.97
CA VAL A 201 14.62 -45.72 -28.29
C VAL A 201 13.97 -44.72 -29.24
N GLY A 202 14.14 -43.44 -29.00
CA GLY A 202 13.53 -42.42 -29.84
C GLY A 202 12.11 -42.12 -29.44
N LYS A 203 11.74 -40.86 -29.60
CA LYS A 203 10.44 -40.37 -29.16
C LYS A 203 9.60 -39.79 -30.28
N SER A 204 10.20 -38.96 -31.14
CA SER A 204 9.43 -38.35 -32.23
C SER A 204 8.93 -39.41 -33.22
N LEU A 205 9.64 -40.53 -33.30
CA LEU A 205 9.25 -41.58 -34.24
C LEU A 205 7.87 -42.14 -33.91
N GLY A 206 7.65 -42.50 -32.65
CA GLY A 206 6.35 -43.02 -32.26
C GLY A 206 5.25 -41.98 -32.35
N LEU A 207 5.57 -40.74 -31.97
CA LEU A 207 4.59 -39.67 -32.07
C LEU A 207 4.16 -39.44 -33.51
N CYS A 208 5.12 -39.44 -34.45
CA CYS A 208 4.79 -39.29 -35.86
C CYS A 208 4.01 -40.49 -36.37
N SER A 209 4.36 -41.70 -35.93
CA SER A 209 3.62 -42.88 -36.36
C SER A 209 2.16 -42.78 -35.92
N LEU A 210 1.93 -42.40 -34.66
CA LEU A 210 0.56 -42.24 -34.18
C LEU A 210 -0.15 -41.11 -34.91
N ALA A 211 0.54 -40.01 -35.17
CA ALA A 211 -0.06 -38.90 -35.88
C ALA A 211 -0.50 -39.31 -37.27
N ALA A 212 0.34 -40.06 -37.98
CA ALA A 212 -0.03 -40.54 -39.31
C ALA A 212 -1.19 -41.53 -39.22
N ASP A 213 -1.17 -42.42 -38.22
CA ASP A 213 -2.25 -43.38 -38.08
C ASP A 213 -3.59 -42.70 -37.84
N TYR A 214 -3.60 -41.66 -37.00
CA TYR A 214 -4.84 -40.95 -36.73
C TYR A 214 -5.24 -40.05 -37.89
N LEU A 215 -4.27 -39.50 -38.62
CA LEU A 215 -4.60 -38.73 -39.81
C LEU A 215 -5.21 -39.60 -40.89
N GLN A 216 -4.77 -40.85 -41.00
CA GLN A 216 -5.37 -41.79 -41.95
C GLN A 216 -6.84 -42.03 -41.65
N LEU A 217 -7.29 -41.80 -40.43
CA LEU A 217 -8.68 -41.95 -40.05
C LEU A 217 -9.50 -40.69 -40.33
N GLY A 218 -8.95 -39.76 -41.11
CA GLY A 218 -9.65 -38.53 -41.41
C GLY A 218 -9.84 -37.62 -40.22
N HIS A 219 -8.85 -37.55 -39.33
CA HIS A 219 -8.91 -36.72 -38.14
C HIS A 219 -7.81 -35.65 -38.21
N ASN A 220 -8.16 -34.43 -37.84
CA ASN A 220 -7.19 -33.35 -37.82
C ASN A 220 -6.12 -33.59 -36.77
N VAL A 221 -4.86 -33.40 -37.14
CA VAL A 221 -3.72 -33.67 -36.28
C VAL A 221 -2.91 -32.39 -36.13
N LEU A 222 -2.53 -32.07 -34.89
CA LEU A 222 -1.72 -30.90 -34.58
C LEU A 222 -0.48 -31.36 -33.82
N TYR A 223 0.66 -31.40 -34.49
CA TYR A 223 1.93 -31.81 -33.90
C TYR A 223 2.77 -30.56 -33.66
N ILE A 224 3.26 -30.40 -32.43
CA ILE A 224 4.11 -29.27 -32.06
C ILE A 224 5.42 -29.83 -31.51
N SER A 225 6.53 -29.36 -32.07
CA SER A 225 7.85 -29.78 -31.61
C SER A 225 8.68 -28.55 -31.29
N MET A 226 9.34 -28.56 -30.14
CA MET A 226 10.15 -27.44 -29.69
C MET A 226 11.62 -27.57 -30.06
N GLU A 227 12.16 -28.78 -30.10
CA GLU A 227 13.52 -29.02 -30.52
C GLU A 227 13.66 -29.27 -32.01
N MET A 228 12.55 -29.42 -32.73
CA MET A 228 12.57 -29.75 -34.14
C MET A 228 11.70 -28.77 -34.92
N ALA A 229 12.14 -28.44 -36.13
CA ALA A 229 11.40 -27.53 -36.98
C ALA A 229 10.18 -28.24 -37.57
N GLU A 230 9.26 -27.43 -38.13
CA GLU A 230 8.09 -27.99 -38.77
C GLU A 230 8.47 -28.84 -39.97
N GLU A 231 9.49 -28.41 -40.73
CA GLU A 231 9.83 -29.11 -41.96
C GLU A 231 10.32 -30.52 -41.68
N VAL A 232 11.18 -30.69 -40.68
CA VAL A 232 11.74 -32.01 -40.40
C VAL A 232 10.65 -32.97 -39.94
N CYS A 233 9.80 -32.53 -39.01
CA CYS A 233 8.74 -33.38 -38.52
C CYS A 233 7.72 -33.71 -39.62
N ALA A 234 7.37 -32.71 -40.44
CA ALA A 234 6.46 -32.95 -41.54
C ALA A 234 7.06 -33.94 -42.54
N LYS A 235 8.37 -33.83 -42.79
CA LYS A 235 9.03 -34.76 -43.69
C LYS A 235 9.01 -36.18 -43.14
N ARG A 236 9.24 -36.33 -41.83
CA ARG A 236 9.13 -37.65 -41.21
C ARG A 236 7.71 -38.20 -41.33
N ILE A 237 6.71 -37.35 -41.10
CA ILE A 237 5.32 -37.78 -41.21
C ILE A 237 5.01 -38.23 -42.63
N ASP A 238 5.45 -37.46 -43.61
CA ASP A 238 5.17 -37.79 -45.01
C ASP A 238 5.96 -39.01 -45.45
N ALA A 239 7.12 -39.25 -44.84
CA ALA A 239 7.85 -40.48 -45.12
C ALA A 239 7.12 -41.69 -44.57
N ASN A 240 6.55 -41.57 -43.36
CA ASN A 240 5.74 -42.64 -42.82
C ASN A 240 4.50 -42.88 -43.69
N MET A 241 3.86 -41.80 -44.14
CA MET A 241 2.65 -41.92 -44.95
C MET A 241 2.95 -42.53 -46.32
N LEU A 242 3.98 -42.04 -46.99
CA LEU A 242 4.40 -42.55 -48.29
C LEU A 242 5.05 -43.93 -48.18
N ASP A 243 5.33 -44.40 -46.96
CA ASP A 243 5.99 -45.68 -46.75
C ASP A 243 7.34 -45.72 -47.45
N VAL A 244 8.09 -44.64 -47.35
CA VAL A 244 9.38 -44.50 -48.01
C VAL A 244 10.46 -44.35 -46.95
N SER A 245 11.68 -44.72 -47.33
CA SER A 245 12.80 -44.66 -46.41
C SER A 245 13.20 -43.21 -46.14
N LEU A 246 13.40 -42.89 -44.86
CA LEU A 246 13.81 -41.55 -44.48
C LEU A 246 15.26 -41.28 -44.85
N ASP A 247 16.11 -42.31 -44.84
CA ASP A 247 17.52 -42.13 -45.17
C ASP A 247 17.69 -41.68 -46.61
N ASP A 248 16.95 -42.30 -47.53
CA ASP A 248 17.04 -41.93 -48.94
C ASP A 248 16.63 -40.48 -49.15
N ILE A 249 15.58 -40.03 -48.45
CA ILE A 249 15.18 -38.64 -48.51
C ILE A 249 16.26 -37.73 -47.94
N ASP A 250 16.85 -38.12 -46.81
CA ASP A 250 17.88 -37.30 -46.19
C ASP A 250 19.13 -37.21 -47.06
N ASP A 251 19.37 -38.20 -47.92
CA ASP A 251 20.49 -38.12 -48.85
C ASP A 251 20.34 -36.93 -49.79
N GLY A 252 19.12 -36.67 -50.26
CA GLY A 252 18.85 -35.57 -51.15
C GLY A 252 18.01 -35.97 -52.35
N HIS A 253 17.55 -37.22 -52.35
CA HIS A 253 16.75 -37.72 -53.47
C HIS A 253 15.43 -36.98 -53.58
N ILE A 254 14.79 -36.72 -52.45
CA ILE A 254 13.53 -35.97 -52.40
C ILE A 254 13.88 -34.52 -52.08
N SER A 255 13.49 -33.60 -52.96
CA SER A 255 13.82 -32.19 -52.83
C SER A 255 12.66 -31.44 -52.23
N TYR A 256 12.85 -30.13 -52.04
CA TYR A 256 11.82 -29.29 -51.48
C TYR A 256 10.94 -28.73 -52.58
N ALA A 257 9.93 -27.96 -52.17
CA ALA A 257 8.95 -27.29 -53.03
C ALA A 257 8.07 -28.27 -53.81
N GLU A 258 8.16 -29.58 -53.54
CA GLU A 258 7.33 -30.55 -54.24
C GLU A 258 6.57 -31.42 -53.24
N TYR A 259 7.20 -31.69 -52.10
CA TYR A 259 6.56 -32.52 -51.08
C TYR A 259 5.32 -31.84 -50.52
N LYS A 260 5.40 -30.54 -50.26
CA LYS A 260 4.26 -29.82 -49.72
C LYS A 260 3.11 -29.77 -50.73
N GLY A 261 3.43 -29.69 -52.02
CA GLY A 261 2.39 -29.78 -53.03
C GLY A 261 1.71 -31.13 -53.04
N LYS A 262 2.49 -32.21 -52.89
CA LYS A 262 1.91 -33.54 -52.81
C LYS A 262 1.01 -33.67 -51.59
N MET A 263 1.41 -33.08 -50.47
CA MET A 263 0.57 -33.13 -49.27
C MET A 263 -0.68 -32.29 -49.43
N GLU A 264 -0.59 -31.16 -50.14
CA GLU A 264 -1.79 -30.39 -50.47
C GLU A 264 -2.74 -31.22 -51.32
N LYS A 265 -2.21 -31.93 -52.31
CA LYS A 265 -3.03 -32.80 -53.14
C LYS A 265 -3.67 -33.90 -52.30
N TRP A 266 -2.92 -34.46 -51.35
CA TRP A 266 -3.50 -35.44 -50.44
C TRP A 266 -4.62 -34.84 -49.61
N ARG A 267 -4.45 -33.58 -49.18
CA ARG A 267 -5.50 -32.90 -48.45
C ARG A 267 -6.74 -32.67 -49.29
N GLU A 268 -6.59 -32.60 -50.62
CA GLU A 268 -7.76 -32.53 -51.49
C GLU A 268 -8.57 -33.82 -51.46
N LYS A 269 -7.95 -34.94 -51.11
CA LYS A 269 -8.69 -36.18 -50.93
C LYS A 269 -9.64 -36.06 -49.74
N SER A 270 -10.82 -36.66 -49.87
CA SER A 270 -11.82 -36.56 -48.82
C SER A 270 -11.46 -37.42 -47.62
N THR A 271 -10.79 -38.55 -47.84
CA THR A 271 -10.50 -39.50 -46.77
C THR A 271 -9.17 -39.22 -46.09
N LEU A 272 -8.97 -37.99 -45.65
CA LEU A 272 -7.77 -37.63 -44.91
C LEU A 272 -8.01 -36.31 -44.19
N GLY A 273 -7.49 -36.19 -42.98
CA GLY A 273 -7.62 -34.99 -42.19
C GLY A 273 -6.56 -33.96 -42.53
N ARG A 274 -6.53 -32.90 -41.73
CA ARG A 274 -5.56 -31.83 -41.87
C ARG A 274 -4.47 -31.98 -40.83
N LEU A 275 -3.22 -32.02 -41.28
CA LEU A 275 -2.06 -32.19 -40.41
C LEU A 275 -1.27 -30.89 -40.38
N ILE A 276 -1.11 -30.33 -39.19
CA ILE A 276 -0.39 -29.07 -39.01
C ILE A 276 0.75 -29.32 -38.03
N VAL A 277 1.96 -28.97 -38.45
CA VAL A 277 3.17 -29.12 -37.63
C VAL A 277 3.72 -27.74 -37.33
N LYS A 278 3.97 -27.49 -36.04
CA LYS A 278 4.40 -26.18 -35.56
C LYS A 278 5.68 -26.32 -34.75
N GLN A 279 6.65 -25.45 -35.05
CA GLN A 279 7.90 -25.38 -34.32
C GLN A 279 7.87 -24.19 -33.37
N TYR A 280 8.38 -24.40 -32.16
CA TYR A 280 8.51 -23.35 -31.16
C TYR A 280 9.92 -23.40 -30.58
N PRO A 281 10.39 -22.29 -30.00
CA PRO A 281 11.71 -22.31 -29.35
C PRO A 281 11.76 -23.35 -28.23
N THR A 282 12.93 -23.97 -28.09
CA THR A 282 13.12 -24.97 -27.06
C THR A 282 12.94 -24.34 -25.68
N GLY A 283 12.08 -24.95 -24.86
CA GLY A 283 11.78 -24.42 -23.55
C GLY A 283 11.18 -23.03 -23.58
N GLY A 284 10.32 -22.74 -24.55
CA GLY A 284 9.76 -21.41 -24.67
C GLY A 284 8.33 -21.39 -25.16
N ALA A 285 7.61 -22.51 -25.04
CA ALA A 285 6.24 -22.63 -25.53
C ALA A 285 5.39 -23.21 -24.39
N ASP A 286 4.80 -22.32 -23.60
CA ASP A 286 3.96 -22.73 -22.49
C ASP A 286 2.57 -23.12 -23.00
N ALA A 287 1.70 -23.51 -22.06
CA ALA A 287 0.32 -23.91 -22.45
C ALA A 287 -0.41 -22.71 -23.07
N ASN A 288 -0.06 -21.50 -22.64
CA ASN A 288 -0.73 -20.27 -23.14
C ASN A 288 -0.50 -20.14 -24.65
N THR A 289 0.77 -20.10 -25.08
CA THR A 289 1.09 -19.98 -26.49
C THR A 289 0.25 -20.94 -27.31
N PHE A 290 0.02 -22.14 -26.78
CA PHE A 290 -0.80 -23.12 -27.48
C PHE A 290 -2.24 -22.65 -27.61
N ARG A 291 -2.78 -22.01 -26.57
CA ARG A 291 -4.13 -21.47 -26.66
C ARG A 291 -4.21 -20.40 -27.74
N SER A 292 -3.21 -19.52 -27.82
CA SER A 292 -3.18 -18.51 -28.87
C SER A 292 -3.10 -19.15 -30.24
N LEU A 293 -2.27 -20.18 -30.39
CA LEU A 293 -2.17 -20.86 -31.68
C LEU A 293 -3.49 -21.49 -32.07
N LEU A 294 -4.18 -22.12 -31.11
CA LEU A 294 -5.47 -22.72 -31.41
C LEU A 294 -6.50 -21.67 -31.79
N ASN A 295 -6.50 -20.54 -31.09
CA ASN A 295 -7.42 -19.46 -31.43
C ASN A 295 -7.15 -18.93 -32.84
N GLU A 296 -5.88 -18.76 -33.18
CA GLU A 296 -5.54 -18.28 -34.52
C GLU A 296 -5.95 -19.28 -35.60
N LEU A 297 -5.62 -20.56 -35.39
CA LEU A 297 -5.95 -21.59 -36.36
C LEU A 297 -7.44 -21.92 -36.38
N LYS A 298 -8.22 -21.42 -35.42
CA LYS A 298 -9.66 -21.51 -35.52
C LYS A 298 -10.28 -20.30 -36.20
N LEU A 299 -9.71 -19.11 -35.98
CA LEU A 299 -10.28 -17.88 -36.51
C LEU A 299 -9.75 -17.56 -37.90
N LYS A 300 -8.42 -17.46 -38.04
CA LYS A 300 -7.83 -17.03 -39.31
C LYS A 300 -8.02 -18.08 -40.39
N LYS A 301 -7.44 -19.26 -40.19
CA LYS A 301 -7.57 -20.39 -41.12
C LYS A 301 -8.28 -21.50 -40.36
N ASN A 302 -9.61 -21.45 -40.36
CA ASN A 302 -10.45 -22.28 -39.50
C ASN A 302 -9.99 -23.74 -39.51
N PHE A 303 -9.59 -24.23 -38.34
CA PHE A 303 -9.03 -25.56 -38.21
C PHE A 303 -9.23 -26.01 -36.77
N VAL A 304 -9.91 -27.13 -36.58
CA VAL A 304 -10.19 -27.68 -35.26
C VAL A 304 -9.43 -29.00 -35.14
N PRO A 305 -8.27 -29.02 -34.52
CA PRO A 305 -7.53 -30.27 -34.37
C PRO A 305 -8.16 -31.17 -33.31
N THR A 306 -7.96 -32.47 -33.50
CA THR A 306 -8.49 -33.48 -32.58
C THR A 306 -7.39 -34.15 -31.79
N ILE A 307 -6.34 -34.63 -32.46
CA ILE A 307 -5.20 -35.28 -31.83
C ILE A 307 -4.09 -34.26 -31.75
N ILE A 308 -3.69 -33.89 -30.54
CA ILE A 308 -2.63 -32.91 -30.32
C ILE A 308 -1.43 -33.63 -29.75
N ILE A 309 -0.30 -33.54 -30.43
CA ILE A 309 0.93 -34.24 -30.07
C ILE A 309 1.99 -33.22 -29.72
N VAL A 310 2.65 -33.42 -28.58
CA VAL A 310 3.73 -32.57 -28.13
C VAL A 310 4.96 -33.46 -27.90
N ASP A 311 6.08 -33.06 -28.47
CA ASP A 311 7.33 -33.80 -28.32
C ASP A 311 8.17 -33.21 -27.20
N TYR A 312 8.75 -34.09 -26.38
CA TYR A 312 9.61 -33.69 -25.26
C TYR A 312 8.85 -32.80 -24.27
N LEU A 313 7.88 -33.42 -23.62
CA LEU A 313 7.05 -32.71 -22.64
C LEU A 313 7.90 -32.09 -21.54
N GLY A 314 9.06 -32.69 -21.23
CA GLY A 314 9.84 -32.27 -20.07
C GLY A 314 10.39 -30.87 -20.17
N ILE A 315 10.42 -30.28 -21.36
CA ILE A 315 10.97 -28.94 -21.54
C ILE A 315 9.90 -28.01 -22.11
N CYS A 316 8.64 -28.28 -21.76
CA CYS A 316 7.51 -27.56 -22.32
C CYS A 316 7.33 -26.17 -21.73
N LYS A 317 8.30 -25.66 -20.97
CA LYS A 317 8.29 -24.28 -20.47
C LYS A 317 7.03 -24.03 -19.63
N SER A 318 7.01 -24.69 -18.47
CA SER A 318 5.91 -24.55 -17.52
C SER A 318 5.50 -23.09 -17.34
N CYS A 319 4.22 -22.81 -17.64
CA CYS A 319 3.69 -21.46 -17.59
C CYS A 319 3.51 -20.96 -16.17
N ARG A 320 3.03 -21.81 -15.25
CA ARG A 320 2.75 -21.36 -13.90
C ARG A 320 4.02 -21.08 -13.12
N ILE A 321 5.10 -21.85 -13.36
CA ILE A 321 6.33 -21.65 -12.62
C ILE A 321 6.96 -20.30 -12.96
N ARG A 322 6.92 -19.92 -14.24
CA ARG A 322 7.40 -18.64 -14.75
C ARG A 322 8.91 -18.46 -14.62
N VAL A 323 9.62 -19.46 -14.10
CA VAL A 323 11.07 -19.42 -14.00
C VAL A 323 11.58 -20.72 -14.62
N TYR A 324 12.22 -20.62 -15.78
CA TYR A 324 12.67 -21.82 -16.49
C TYR A 324 13.87 -22.44 -15.76
N SER A 325 13.88 -23.77 -15.70
CA SER A 325 14.98 -24.51 -15.10
C SER A 325 14.87 -25.96 -15.54
N GLU A 326 15.94 -26.51 -16.09
CA GLU A 326 15.94 -27.89 -16.57
C GLU A 326 16.29 -28.83 -15.42
N ASN A 327 15.35 -28.95 -14.49
CA ASN A 327 15.53 -29.83 -13.35
C ASN A 327 14.50 -30.96 -13.36
N SER A 328 14.55 -31.83 -12.36
CA SER A 328 13.71 -33.01 -12.30
C SER A 328 12.66 -32.86 -11.22
N TYR A 329 11.50 -33.47 -11.47
CA TYR A 329 10.39 -33.51 -10.51
C TYR A 329 9.84 -32.12 -10.22
N THR A 330 10.19 -31.14 -11.05
CA THR A 330 9.85 -29.76 -10.72
C THR A 330 8.86 -29.16 -11.71
N THR A 331 9.23 -29.14 -12.99
CA THR A 331 8.36 -28.53 -13.99
C THR A 331 7.42 -29.57 -14.60
N VAL A 332 7.84 -30.83 -14.60
CA VAL A 332 7.08 -31.87 -15.29
C VAL A 332 5.68 -32.00 -14.72
N LYS A 333 5.56 -31.92 -13.39
CA LYS A 333 4.28 -32.05 -12.73
C LYS A 333 3.29 -31.01 -13.24
N ALA A 334 3.65 -29.73 -13.07
CA ALA A 334 2.76 -28.65 -13.49
C ALA A 334 2.51 -28.69 -14.99
N ILE A 335 3.54 -29.02 -15.77
CA ILE A 335 3.39 -29.08 -17.23
C ILE A 335 2.33 -30.11 -17.59
N ALA A 336 2.44 -31.31 -17.03
CA ALA A 336 1.45 -32.35 -17.33
C ALA A 336 0.07 -31.94 -16.85
N GLU A 337 -0.01 -31.31 -15.68
CA GLU A 337 -1.30 -30.89 -15.15
C GLU A 337 -2.00 -29.93 -16.10
N GLU A 338 -1.31 -28.86 -16.49
CA GLU A 338 -1.95 -27.87 -17.35
C GLU A 338 -2.14 -28.40 -18.76
N LEU A 339 -1.29 -29.32 -19.22
CA LEU A 339 -1.49 -29.91 -20.53
C LEU A 339 -2.77 -30.74 -20.55
N ARG A 340 -3.00 -31.55 -19.51
CA ARG A 340 -4.24 -32.30 -19.45
C ARG A 340 -5.44 -31.37 -19.27
N ALA A 341 -5.26 -30.27 -18.53
CA ALA A 341 -6.34 -29.30 -18.40
C ALA A 341 -6.72 -28.72 -19.76
N LEU A 342 -5.71 -28.34 -20.55
CA LEU A 342 -5.97 -27.86 -21.90
C LEU A 342 -6.64 -28.94 -22.74
N ALA A 343 -6.16 -30.17 -22.63
CA ALA A 343 -6.68 -31.29 -23.39
C ALA A 343 -8.16 -31.51 -23.12
N VAL A 344 -8.55 -31.48 -21.84
CA VAL A 344 -9.94 -31.74 -21.48
C VAL A 344 -10.81 -30.53 -21.84
N GLU A 345 -10.30 -29.31 -21.62
CA GLU A 345 -11.11 -28.14 -21.90
C GLU A 345 -11.32 -27.97 -23.40
N THR A 346 -10.39 -28.47 -24.21
CA THR A 346 -10.56 -28.53 -25.66
C THR A 346 -11.19 -29.82 -26.13
N GLU A 347 -11.39 -30.78 -25.23
CA GLU A 347 -11.90 -32.11 -25.59
C GLU A 347 -11.00 -32.79 -26.60
N THR A 348 -9.71 -32.46 -26.57
CA THR A 348 -8.75 -32.99 -27.52
C THR A 348 -7.75 -33.87 -26.79
N VAL A 349 -7.43 -35.02 -27.39
CA VAL A 349 -6.52 -35.99 -26.78
C VAL A 349 -5.10 -35.54 -27.02
N LEU A 350 -4.33 -35.44 -25.94
CA LEU A 350 -2.94 -35.01 -25.99
C LEU A 350 -2.03 -36.22 -25.85
N TRP A 351 -1.00 -36.25 -26.68
CA TRP A 351 -0.02 -37.32 -26.71
C TRP A 351 1.37 -36.74 -26.56
N THR A 352 2.27 -37.54 -26.02
CA THR A 352 3.65 -37.11 -25.81
C THR A 352 4.51 -38.34 -25.53
N ALA A 353 5.79 -38.08 -25.27
CA ALA A 353 6.74 -39.13 -24.94
C ALA A 353 7.70 -38.58 -23.91
N ALA A 354 8.32 -39.48 -23.15
CA ALA A 354 9.20 -39.08 -22.06
C ALA A 354 10.31 -40.11 -21.90
N GLN A 355 11.38 -39.67 -21.23
CA GLN A 355 12.52 -40.53 -21.00
C GLN A 355 12.31 -41.39 -19.76
N VAL A 356 13.02 -42.51 -19.70
CA VAL A 356 13.05 -43.39 -18.53
C VAL A 356 14.06 -42.83 -17.53
N GLY A 357 14.10 -43.42 -16.34
CA GLY A 357 15.05 -42.97 -15.35
C GLY A 357 16.49 -43.20 -15.79
N LYS A 358 17.38 -42.34 -15.30
CA LYS A 358 18.79 -42.47 -15.64
C LYS A 358 19.41 -43.74 -15.08
N GLN A 359 18.99 -44.15 -13.88
CA GLN A 359 19.47 -45.41 -13.33
C GLN A 359 19.01 -46.60 -14.16
N ALA A 360 17.79 -46.55 -14.67
CA ALA A 360 17.26 -47.60 -15.53
C ALA A 360 17.44 -47.26 -17.00
N TRP A 361 18.69 -47.01 -17.37
CA TRP A 361 19.02 -46.78 -18.77
C TRP A 361 18.75 -48.03 -19.60
N ASP A 362 19.11 -49.20 -19.08
CA ASP A 362 18.79 -50.47 -19.71
C ASP A 362 17.38 -50.86 -19.28
N SER A 363 16.39 -50.35 -20.01
CA SER A 363 14.99 -50.56 -19.65
C SER A 363 14.49 -51.92 -20.11
N SER A 364 15.17 -52.98 -19.66
CA SER A 364 14.71 -54.34 -19.99
C SER A 364 13.35 -54.61 -19.39
N ASP A 365 13.11 -54.15 -18.16
CA ASP A 365 11.81 -54.27 -17.51
C ASP A 365 11.47 -52.89 -16.95
N VAL A 366 10.50 -52.22 -17.57
CA VAL A 366 10.15 -50.87 -17.15
C VAL A 366 9.24 -50.93 -15.94
N ASN A 367 9.63 -50.21 -14.88
CA ASN A 367 8.86 -50.13 -13.64
C ASN A 367 8.54 -48.67 -13.34
N MET A 368 7.54 -48.48 -12.47
CA MET A 368 7.16 -47.13 -12.06
C MET A 368 8.30 -46.44 -11.31
N SER A 369 9.00 -47.18 -10.44
CA SER A 369 10.11 -46.61 -9.70
C SER A 369 11.31 -46.28 -10.59
N ASP A 370 11.36 -46.81 -11.81
CA ASP A 370 12.48 -46.63 -12.72
C ASP A 370 12.23 -45.52 -13.72
N ILE A 371 11.43 -44.52 -13.36
CA ILE A 371 11.12 -43.41 -14.24
C ILE A 371 11.57 -42.12 -13.57
N ALA A 372 12.40 -41.35 -14.26
CA ALA A 372 12.84 -40.06 -13.76
C ALA A 372 11.68 -39.08 -13.71
N GLU A 373 11.83 -38.07 -12.87
CA GLU A 373 10.81 -37.03 -12.64
C GLU A 373 9.40 -37.61 -12.59
N SER A 374 9.26 -38.72 -11.85
CA SER A 374 7.96 -39.32 -11.64
C SER A 374 7.14 -38.50 -10.64
N ALA A 375 5.94 -38.99 -10.37
CA ALA A 375 4.94 -38.45 -9.46
C ALA A 375 4.29 -37.19 -10.02
N GLY A 376 4.77 -36.63 -11.12
CA GLY A 376 4.09 -35.54 -11.76
C GLY A 376 3.41 -36.04 -13.02
N LEU A 377 4.09 -36.95 -13.71
CA LEU A 377 3.63 -37.56 -14.94
C LEU A 377 2.53 -38.58 -14.67
N PRO A 378 2.74 -39.55 -13.76
CA PRO A 378 1.67 -40.55 -13.56
C PRO A 378 0.38 -39.96 -13.05
N ALA A 379 0.46 -38.83 -12.34
CA ALA A 379 -0.73 -38.25 -11.73
C ALA A 379 -1.75 -37.84 -12.79
N THR A 380 -1.29 -37.16 -13.84
CA THR A 380 -2.23 -36.64 -14.84
C THR A 380 -2.38 -37.58 -16.03
N ALA A 381 -1.30 -38.26 -16.43
CA ALA A 381 -1.34 -39.06 -17.64
C ALA A 381 -2.31 -40.23 -17.48
N ASP A 382 -2.73 -40.77 -18.62
CA ASP A 382 -3.80 -41.77 -18.64
C ASP A 382 -3.41 -43.10 -19.27
N PHE A 383 -2.54 -43.12 -20.27
CA PHE A 383 -2.12 -44.38 -20.88
C PHE A 383 -0.74 -44.80 -20.42
N MET A 384 0.21 -43.87 -20.36
CA MET A 384 1.54 -44.11 -19.79
C MET A 384 2.19 -45.36 -20.37
N LEU A 385 2.12 -45.48 -21.68
CA LEU A 385 2.76 -46.62 -22.34
C LEU A 385 4.27 -46.50 -22.25
N ALA A 386 4.94 -47.64 -22.21
CA ALA A 386 6.39 -47.70 -22.08
C ALA A 386 6.95 -48.56 -23.20
N VAL A 387 7.98 -48.05 -23.88
CA VAL A 387 8.60 -48.74 -25.00
C VAL A 387 9.90 -49.38 -24.52
N ILE A 388 10.07 -50.66 -24.79
CA ILE A 388 11.29 -51.40 -24.48
C ILE A 388 11.96 -51.78 -25.78
N GLU A 389 13.22 -51.37 -25.94
CA GLU A 389 14.01 -51.66 -27.11
C GLU A 389 15.36 -52.20 -26.68
N THR A 390 15.75 -53.34 -27.24
CA THR A 390 16.99 -54.00 -26.87
C THR A 390 17.76 -54.41 -28.13
N GLU A 391 18.91 -55.04 -27.93
CA GLU A 391 19.78 -55.41 -29.04
C GLU A 391 19.11 -56.44 -29.94
N GLU A 392 18.50 -57.47 -29.34
CA GLU A 392 17.76 -58.43 -30.14
C GLU A 392 16.54 -57.80 -30.79
N LEU A 393 15.88 -56.88 -30.09
CA LEU A 393 14.79 -56.12 -30.70
C LEU A 393 15.29 -55.26 -31.84
N ALA A 394 16.47 -54.65 -31.68
CA ALA A 394 17.07 -53.88 -32.77
C ALA A 394 17.34 -54.77 -33.98
N ALA A 395 17.87 -55.96 -33.75
CA ALA A 395 18.09 -56.89 -34.85
C ALA A 395 16.77 -57.35 -35.46
N ALA A 396 15.73 -57.51 -34.64
CA ALA A 396 14.44 -57.99 -35.10
C ALA A 396 13.54 -56.89 -35.63
N GLU A 397 13.97 -55.63 -35.55
CA GLU A 397 13.17 -54.48 -35.96
C GLU A 397 11.80 -54.49 -35.28
N GLN A 398 11.81 -54.81 -34.00
CA GLN A 398 10.61 -54.80 -33.18
C GLN A 398 10.91 -54.09 -31.87
N GLN A 399 9.85 -53.73 -31.16
CA GLN A 399 9.95 -53.17 -29.83
C GLN A 399 9.21 -54.07 -28.86
N LEU A 400 9.26 -53.70 -27.58
CA LEU A 400 8.65 -54.49 -26.50
C LEU A 400 7.74 -53.60 -25.66
N ILE A 401 6.82 -52.92 -26.34
CA ILE A 401 5.90 -51.97 -25.64
C ILE A 401 5.30 -52.63 -24.39
N LYS A 402 5.31 -51.93 -23.27
CA LYS A 402 4.69 -52.47 -22.02
C LYS A 402 3.52 -51.54 -21.64
N GLN A 403 2.34 -52.12 -21.40
CA GLN A 403 1.15 -51.29 -21.08
C GLN A 403 1.09 -51.04 -19.57
N ILE A 404 1.35 -49.81 -19.14
CA ILE A 404 1.37 -49.49 -17.68
C ILE A 404 0.49 -48.26 -17.44
N LYS A 405 -0.31 -48.28 -16.37
CA LYS A 405 -1.17 -47.12 -16.03
C LYS A 405 -2.04 -46.76 -17.23
N SER A 406 -2.68 -47.75 -17.85
CA SER A 406 -3.62 -47.48 -18.97
C SER A 406 -4.98 -47.08 -18.39
N ARG A 407 -5.44 -45.86 -18.63
CA ARG A 407 -6.70 -45.37 -17.99
C ARG A 407 -7.89 -45.60 -18.95
N TYR A 408 -7.98 -46.79 -19.55
CA TYR A 408 -9.13 -47.11 -20.39
C TYR A 408 -9.57 -48.55 -20.20
N GLY A 409 -8.66 -49.50 -20.39
CA GLY A 409 -9.01 -50.90 -20.57
C GLY A 409 -8.75 -51.82 -19.40
N ASP A 410 -7.64 -52.54 -19.43
CA ASP A 410 -7.25 -53.46 -18.37
C ASP A 410 -5.73 -53.58 -18.35
N LYS A 411 -5.17 -53.79 -17.17
CA LYS A 411 -3.75 -54.05 -17.01
C LYS A 411 -3.57 -55.51 -16.57
N ASN A 412 -2.73 -56.23 -17.30
CA ASN A 412 -2.58 -57.67 -17.09
C ASN A 412 -1.25 -58.09 -17.71
N LYS A 413 -1.03 -59.40 -17.82
CA LYS A 413 0.22 -59.90 -18.39
C LYS A 413 0.35 -59.59 -19.88
N TRP A 414 -0.74 -59.21 -20.55
CA TRP A 414 -0.67 -58.84 -21.94
C TRP A 414 0.10 -57.54 -22.18
N ASN A 415 0.40 -56.78 -21.12
CA ASN A 415 1.17 -55.56 -21.28
C ASN A 415 2.57 -55.86 -21.82
N LYS A 416 3.12 -57.02 -21.48
CA LYS A 416 4.44 -57.42 -21.95
C LYS A 416 4.32 -58.00 -23.36
N PHE A 417 4.02 -57.12 -24.30
CA PHE A 417 3.86 -57.49 -25.70
C PHE A 417 4.91 -56.79 -26.56
N LEU A 418 4.97 -57.20 -27.81
CA LEU A 418 5.88 -56.63 -28.80
C LEU A 418 5.09 -56.06 -29.98
N MET A 419 5.78 -55.33 -30.84
CA MET A 419 5.13 -54.71 -31.99
C MET A 419 6.15 -54.49 -33.10
N GLY A 420 5.65 -54.46 -34.33
CA GLY A 420 6.49 -54.31 -35.51
C GLY A 420 6.83 -52.86 -35.82
N VAL A 421 7.79 -52.30 -35.09
CA VAL A 421 8.22 -50.92 -35.31
C VAL A 421 9.42 -50.94 -36.24
N GLN A 422 9.25 -50.39 -37.44
CA GLN A 422 10.30 -50.35 -38.45
C GLN A 422 10.89 -48.95 -38.49
N LYS A 423 12.16 -48.83 -38.09
CA LYS A 423 12.82 -47.53 -38.08
C LYS A 423 13.15 -47.05 -39.49
N GLY A 424 13.52 -47.98 -40.38
CA GLY A 424 13.82 -47.59 -41.75
C GLY A 424 12.64 -46.95 -42.43
N ASN A 425 11.46 -47.57 -42.30
CA ASN A 425 10.23 -46.97 -42.78
C ASN A 425 9.55 -46.11 -41.72
N GLN A 426 9.99 -46.20 -40.46
CA GLN A 426 9.40 -45.43 -39.37
C GLN A 426 7.90 -45.68 -39.27
N LYS A 427 7.52 -46.95 -39.28
CA LYS A 427 6.13 -47.35 -39.35
C LYS A 427 5.81 -48.38 -38.26
N TRP A 428 4.62 -48.29 -37.71
CA TRP A 428 4.13 -49.24 -36.72
C TRP A 428 3.16 -50.22 -37.38
N VAL A 429 3.48 -51.51 -37.28
CA VAL A 429 2.64 -52.57 -37.79
C VAL A 429 2.44 -53.59 -36.68
N GLU A 430 1.33 -54.34 -36.78
CA GLU A 430 1.07 -55.39 -35.81
C GLU A 430 1.92 -56.62 -36.12
N ILE A 431 1.99 -57.53 -35.15
CA ILE A 431 2.72 -58.78 -35.28
C ILE A 431 1.74 -59.93 -35.05
N GLU A 432 1.73 -60.88 -35.97
CA GLU A 432 0.84 -62.04 -35.87
C GLU A 432 1.35 -63.02 -34.81
N MET B 1 -43.91 -2.49 17.97
CA MET B 1 -43.49 -3.24 19.15
C MET B 1 -42.03 -2.92 19.48
N VAL B 2 -41.50 -1.91 18.80
CA VAL B 2 -40.12 -1.51 19.03
C VAL B 2 -39.91 -1.09 20.48
N GLU B 3 -40.94 -0.52 21.10
CA GLU B 3 -40.84 -0.14 22.50
C GLU B 3 -40.59 -1.36 23.37
N ILE B 4 -41.34 -2.44 23.13
CA ILE B 4 -41.13 -3.67 23.89
C ILE B 4 -39.76 -4.26 23.55
N ILE B 5 -39.34 -4.12 22.29
CA ILE B 5 -38.03 -4.61 21.88
C ILE B 5 -36.94 -3.97 22.72
N LEU B 6 -36.97 -2.63 22.81
CA LEU B 6 -35.94 -1.92 23.57
C LEU B 6 -36.07 -2.20 25.06
N SER B 7 -37.30 -2.28 25.57
CA SER B 7 -37.49 -2.57 26.98
C SER B 7 -36.89 -3.91 27.36
N HIS B 8 -37.13 -4.94 26.55
CA HIS B 8 -36.57 -6.24 26.85
C HIS B 8 -35.08 -6.34 26.54
N LEU B 9 -34.58 -5.54 25.58
CA LEU B 9 -33.15 -5.47 25.37
C LEU B 9 -32.44 -4.93 26.60
N ILE B 10 -32.96 -3.85 27.17
CA ILE B 10 -32.34 -3.25 28.35
C ILE B 10 -32.57 -4.13 29.58
N PHE B 11 -33.73 -4.76 29.65
CA PHE B 11 -34.19 -5.39 30.88
C PHE B 11 -33.91 -6.89 30.95
N ASP B 12 -33.89 -7.58 29.82
CA ASP B 12 -33.72 -9.03 29.82
C ASP B 12 -32.40 -9.39 29.17
N GLN B 13 -31.55 -10.10 29.92
CA GLN B 13 -30.29 -10.58 29.37
C GLN B 13 -30.51 -11.68 28.35
N ALA B 14 -31.47 -12.57 28.61
CA ALA B 14 -31.75 -13.64 27.65
C ALA B 14 -32.29 -13.08 26.34
N TYR B 15 -33.25 -12.16 26.41
CA TYR B 15 -33.80 -11.56 25.21
C TYR B 15 -32.72 -10.81 24.43
N PHE B 16 -31.91 -10.03 25.15
CA PHE B 16 -30.81 -9.33 24.51
C PHE B 16 -29.87 -10.31 23.80
N SER B 17 -29.43 -11.34 24.54
CA SER B 17 -28.55 -12.35 23.96
C SER B 17 -29.17 -12.96 22.72
N LYS B 18 -30.48 -13.15 22.72
CA LYS B 18 -31.14 -13.77 21.59
C LYS B 18 -31.19 -12.85 20.38
N VAL B 19 -31.55 -11.58 20.57
CA VAL B 19 -31.98 -10.75 19.46
C VAL B 19 -30.94 -9.70 19.05
N TRP B 20 -30.09 -9.23 19.96
CA TRP B 20 -29.23 -8.09 19.65
C TRP B 20 -28.25 -8.35 18.50
N PRO B 21 -27.48 -9.44 18.48
CA PRO B 21 -26.47 -9.58 17.42
C PRO B 21 -27.05 -9.65 16.02
N TYR B 22 -28.34 -9.94 15.89
CA TYR B 22 -29.00 -10.08 14.60
C TYR B 22 -30.00 -8.97 14.36
N MET B 23 -29.66 -7.74 14.75
CA MET B 23 -30.53 -6.58 14.65
C MET B 23 -29.69 -5.35 14.36
N ASP B 24 -30.23 -4.45 13.54
CA ASP B 24 -29.49 -3.28 13.08
C ASP B 24 -30.27 -2.01 13.40
N SER B 25 -29.66 -0.88 13.05
CA SER B 25 -30.17 0.42 13.49
C SER B 25 -31.48 0.78 12.79
N GLU B 26 -31.55 0.61 11.47
CA GLU B 26 -32.68 1.08 10.69
C GLU B 26 -33.84 0.10 10.68
N TYR B 27 -33.89 -0.81 11.64
CA TYR B 27 -34.92 -1.84 11.69
C TYR B 27 -36.08 -1.49 12.60
N PHE B 28 -36.25 -0.21 12.95
CA PHE B 28 -37.28 0.21 13.90
C PHE B 28 -38.25 1.22 13.31
N GLU B 29 -37.77 2.41 12.98
CA GLU B 29 -38.65 3.50 12.58
C GLU B 29 -37.87 4.57 11.85
N SER B 30 -38.51 5.71 11.56
CA SER B 30 -37.84 6.84 10.92
C SER B 30 -37.78 8.05 11.84
N GLY B 31 -37.70 7.80 13.15
CA GLY B 31 -37.61 8.85 14.14
C GLY B 31 -36.73 8.47 15.32
N PRO B 32 -37.20 8.81 16.52
CA PRO B 32 -36.33 8.72 17.72
C PRO B 32 -35.77 7.34 18.01
N ALA B 33 -36.52 6.27 17.74
CA ALA B 33 -36.04 4.94 18.12
C ALA B 33 -34.70 4.61 17.48
N LYS B 34 -34.47 5.09 16.25
CA LYS B 34 -33.16 4.91 15.63
C LYS B 34 -32.08 5.58 16.47
N ASN B 35 -32.34 6.79 16.95
CA ASN B 35 -31.36 7.49 17.78
C ASN B 35 -31.11 6.73 19.08
N THR B 36 -32.18 6.21 19.70
CA THR B 36 -32.01 5.43 20.91
C THR B 36 -31.13 4.21 20.64
N PHE B 37 -31.40 3.51 19.54
CA PHE B 37 -30.59 2.35 19.20
C PHE B 37 -29.15 2.73 18.89
N LYS B 38 -28.95 3.93 18.32
CA LYS B 38 -27.59 4.41 18.11
C LYS B 38 -26.87 4.60 19.44
N LEU B 39 -27.58 5.18 20.42
CA LEU B 39 -27.00 5.33 21.75
C LEU B 39 -26.66 3.96 22.34
N ILE B 40 -27.57 3.01 22.19
CA ILE B 40 -27.34 1.67 22.72
C ILE B 40 -26.12 1.04 22.05
N LYS B 41 -26.03 1.16 20.71
CA LYS B 41 -24.91 0.62 19.97
C LYS B 41 -23.60 1.23 20.45
N SER B 42 -23.58 2.55 20.60
CA SER B 42 -22.37 3.22 21.05
C SER B 42 -21.95 2.73 22.43
N HIS B 43 -22.90 2.66 23.37
CA HIS B 43 -22.56 2.22 24.71
C HIS B 43 -22.08 0.77 24.70
N VAL B 44 -22.72 -0.07 23.89
CA VAL B 44 -22.34 -1.47 23.80
C VAL B 44 -20.91 -1.59 23.28
N ASN B 45 -20.63 -0.93 22.17
CA ASN B 45 -19.29 -0.97 21.61
C ASN B 45 -18.25 -0.39 22.56
N GLU B 46 -18.63 0.58 23.38
CA GLU B 46 -17.69 1.22 24.29
C GLU B 46 -17.45 0.41 25.56
N TYR B 47 -18.40 -0.41 25.98
CA TYR B 47 -18.27 -1.15 27.23
C TYR B 47 -18.53 -2.63 27.10
N HIS B 48 -19.23 -3.09 26.07
CA HIS B 48 -19.52 -4.50 25.88
C HIS B 48 -20.32 -5.07 27.05
N SER B 49 -21.11 -4.21 27.68
CA SER B 49 -21.98 -4.59 28.77
C SER B 49 -23.27 -3.80 28.63
N VAL B 50 -24.35 -4.35 29.19
CA VAL B 50 -25.65 -3.72 29.01
C VAL B 50 -25.66 -2.35 29.67
N PRO B 51 -25.94 -1.28 28.93
CA PRO B 51 -26.04 0.04 29.55
C PRO B 51 -27.20 0.09 30.54
N SER B 52 -26.98 0.82 31.63
CA SER B 52 -28.06 1.06 32.57
C SER B 52 -29.00 2.12 32.02
N ILE B 53 -30.19 2.19 32.63
CA ILE B 53 -31.13 3.24 32.26
C ILE B 53 -30.53 4.61 32.55
N ASN B 54 -29.93 4.78 33.72
CA ASN B 54 -29.25 6.03 34.03
C ASN B 54 -27.97 6.17 33.22
N ALA B 55 -27.27 5.06 33.00
CA ALA B 55 -26.11 5.10 32.10
C ALA B 55 -26.51 5.40 30.67
N LEU B 56 -27.80 5.32 30.34
CA LEU B 56 -28.31 5.65 29.03
C LEU B 56 -28.79 7.10 28.93
N ASN B 57 -29.76 7.49 29.75
CA ASN B 57 -30.40 8.80 29.62
C ASN B 57 -29.58 9.92 30.22
N VAL B 58 -28.59 9.60 31.05
CA VAL B 58 -27.80 10.65 31.70
C VAL B 58 -26.41 10.68 31.10
N ALA B 59 -25.70 9.54 31.15
CA ALA B 59 -24.39 9.47 30.54
C ALA B 59 -24.46 9.87 29.07
N LEU B 60 -25.46 9.36 28.37
CA LEU B 60 -25.79 9.84 27.04
C LEU B 60 -27.08 10.66 27.13
N GLU B 61 -27.58 11.07 25.97
CA GLU B 61 -28.81 11.85 25.85
C GLU B 61 -28.60 13.26 26.40
N ASN B 62 -27.41 13.54 26.91
CA ASN B 62 -27.06 14.87 27.37
C ASN B 62 -26.08 15.57 26.44
N SER B 63 -25.07 14.85 25.96
CA SER B 63 -24.20 15.32 24.88
C SER B 63 -24.76 14.72 23.59
N SER B 64 -25.78 15.37 23.06
CA SER B 64 -26.63 14.72 22.06
C SER B 64 -27.13 15.76 21.06
N PHE B 65 -28.14 15.37 20.29
CA PHE B 65 -28.71 16.11 19.19
C PHE B 65 -29.78 17.06 19.69
N THR B 66 -30.56 17.61 18.77
CA THR B 66 -31.44 18.72 19.06
C THR B 66 -32.62 18.29 19.94
N GLU B 67 -33.41 19.28 20.34
CA GLU B 67 -34.50 19.06 21.30
C GLU B 67 -35.69 18.34 20.67
N THR B 68 -36.03 18.65 19.42
CA THR B 68 -37.24 18.13 18.84
C THR B 68 -37.24 16.60 18.82
N GLU B 69 -36.06 15.98 18.79
CA GLU B 69 -35.94 14.54 18.95
C GLU B 69 -35.48 14.15 20.34
N TYR B 70 -34.87 15.08 21.08
CA TYR B 70 -34.56 14.85 22.48
C TYR B 70 -35.82 14.48 23.26
N SER B 71 -36.90 15.22 23.04
CA SER B 71 -38.16 14.94 23.73
C SER B 71 -38.69 13.56 23.37
N GLY B 72 -38.66 13.21 22.09
CA GLY B 72 -39.13 11.88 21.70
C GLY B 72 -38.31 10.77 22.30
N VAL B 73 -36.97 10.93 22.30
CA VAL B 73 -36.11 9.89 22.84
C VAL B 73 -36.33 9.75 24.35
N LYS B 74 -36.46 10.87 25.07
CA LYS B 74 -36.67 10.77 26.51
C LYS B 74 -38.03 10.19 26.83
N THR B 75 -39.05 10.49 26.02
CA THR B 75 -40.35 9.86 26.19
C THR B 75 -40.26 8.36 25.96
N LEU B 76 -39.52 7.95 24.93
CA LEU B 76 -39.34 6.53 24.66
C LEU B 76 -38.62 5.83 25.80
N ILE B 77 -37.55 6.44 26.31
CA ILE B 77 -36.80 5.84 27.41
C ILE B 77 -37.67 5.74 28.65
N SER B 78 -38.50 6.76 28.89
CA SER B 78 -39.48 6.67 29.96
C SER B 78 -40.42 5.50 29.75
N LYS B 79 -40.76 5.19 28.51
CA LYS B 79 -41.62 4.05 28.20
C LYS B 79 -40.79 2.79 27.98
N LEU B 80 -40.00 2.46 29.00
CA LEU B 80 -39.23 1.23 29.02
C LEU B 80 -39.51 0.50 30.32
N ALA B 81 -40.09 -0.70 30.22
CA ALA B 81 -40.49 -1.44 31.39
C ALA B 81 -40.51 -2.92 31.06
N ASP B 82 -40.24 -3.75 32.07
CA ASP B 82 -40.22 -5.19 31.85
C ASP B 82 -41.63 -5.76 31.78
N SER B 83 -41.87 -6.55 30.74
CA SER B 83 -43.13 -7.28 30.61
C SER B 83 -42.81 -8.76 30.79
N PRO B 84 -43.28 -9.38 31.87
CA PRO B 84 -42.92 -10.79 32.11
C PRO B 84 -43.66 -11.75 31.19
N GLU B 85 -42.91 -12.46 30.35
CA GLU B 85 -43.48 -13.50 29.51
C GLU B 85 -42.36 -14.44 29.07
N ASP B 86 -42.73 -15.42 28.25
CA ASP B 86 -41.82 -16.48 27.84
C ASP B 86 -40.77 -15.98 26.87
N HIS B 87 -39.61 -16.63 26.88
CA HIS B 87 -38.55 -16.34 25.91
C HIS B 87 -38.65 -17.25 24.69
N SER B 88 -39.85 -17.42 24.19
CA SER B 88 -40.07 -18.03 22.88
C SER B 88 -41.08 -17.25 22.04
N TRP B 89 -42.14 -16.74 22.66
CA TRP B 89 -43.13 -15.96 21.94
C TRP B 89 -42.58 -14.60 21.56
N LEU B 90 -41.86 -13.97 22.48
CA LEU B 90 -41.16 -12.74 22.14
C LEU B 90 -40.13 -12.99 21.04
N VAL B 91 -39.45 -14.13 21.09
CA VAL B 91 -38.50 -14.48 20.04
C VAL B 91 -39.18 -14.50 18.69
N LYS B 92 -40.34 -15.16 18.61
CA LYS B 92 -41.05 -15.27 17.34
C LYS B 92 -41.55 -13.90 16.88
N GLU B 93 -42.16 -13.13 17.77
CA GLU B 93 -42.66 -11.82 17.39
C GLU B 93 -41.55 -10.92 16.90
N THR B 94 -40.41 -10.93 17.59
CA THR B 94 -39.28 -10.12 17.19
C THR B 94 -38.68 -10.59 15.87
N GLU B 95 -38.60 -11.89 15.64
CA GLU B 95 -38.09 -12.37 14.36
C GLU B 95 -39.01 -11.94 13.22
N LYS B 96 -40.32 -12.05 13.42
CA LYS B 96 -41.26 -11.61 12.40
C LYS B 96 -41.13 -10.11 12.15
N TYR B 97 -41.04 -9.32 13.23
CA TYR B 97 -40.92 -7.88 13.07
C TYR B 97 -39.62 -7.49 12.38
N VAL B 98 -38.52 -8.17 12.72
CA VAL B 98 -37.23 -7.88 12.11
C VAL B 98 -37.27 -8.21 10.62
N GLN B 99 -37.84 -9.36 10.26
CA GLN B 99 -37.92 -9.71 8.85
C GLN B 99 -38.84 -8.77 8.09
N GLN B 100 -39.94 -8.36 8.72
CA GLN B 100 -40.85 -7.39 8.11
C GLN B 100 -40.15 -6.06 7.87
N ARG B 101 -39.38 -5.59 8.85
CA ARG B 101 -38.65 -4.35 8.69
C ARG B 101 -37.57 -4.48 7.63
N ALA B 102 -36.90 -5.62 7.58
CA ALA B 102 -35.87 -5.84 6.58
C ALA B 102 -36.46 -5.83 5.17
N MET B 103 -37.60 -6.50 4.98
CA MET B 103 -38.23 -6.48 3.67
C MET B 103 -38.78 -5.10 3.34
N PHE B 104 -39.26 -4.37 4.34
CA PHE B 104 -39.72 -3.00 4.10
C PHE B 104 -38.57 -2.10 3.63
N ASN B 105 -37.42 -2.21 4.30
CA ASN B 105 -36.27 -1.42 3.92
C ASN B 105 -35.75 -1.84 2.55
N ALA B 106 -35.79 -3.14 2.25
CA ALA B 106 -35.41 -3.59 0.91
C ALA B 106 -36.33 -3.02 -0.15
N THR B 107 -37.65 -2.99 0.12
CA THR B 107 -38.59 -2.40 -0.81
C THR B 107 -38.30 -0.93 -1.03
N SER B 108 -38.02 -0.20 0.05
CA SER B 108 -37.66 1.20 -0.09
C SER B 108 -36.38 1.37 -0.92
N LYS B 109 -35.40 0.50 -0.70
CA LYS B 109 -34.14 0.59 -1.42
C LYS B 109 -34.34 0.38 -2.91
N ILE B 110 -35.12 -0.64 -3.29
CA ILE B 110 -35.30 -0.91 -4.71
C ILE B 110 -36.24 0.13 -5.33
N ILE B 111 -37.13 0.72 -4.53
CA ILE B 111 -37.90 1.87 -5.00
C ILE B 111 -36.96 3.00 -5.37
N GLU B 112 -35.95 3.26 -4.52
CA GLU B 112 -34.94 4.25 -4.85
C GLU B 112 -34.20 3.87 -6.12
N ILE B 113 -33.86 2.59 -6.26
CA ILE B 113 -33.12 2.09 -7.43
C ILE B 113 -33.87 2.38 -8.71
N GLN B 114 -35.13 1.96 -8.79
CA GLN B 114 -35.86 2.12 -10.04
C GLN B 114 -36.28 3.57 -10.25
N THR B 115 -36.53 4.32 -9.18
CA THR B 115 -36.81 5.74 -9.36
C THR B 115 -35.61 6.46 -9.95
N ASN B 116 -34.41 6.13 -9.47
CA ASN B 116 -33.21 6.75 -10.00
C ASN B 116 -32.93 6.28 -11.43
N ALA B 117 -33.16 4.99 -11.69
CA ALA B 117 -32.98 4.50 -13.05
C ALA B 117 -33.97 5.16 -14.02
N GLU B 118 -35.17 5.49 -13.54
CA GLU B 118 -36.16 6.13 -14.39
C GLU B 118 -35.70 7.52 -14.80
N LEU B 119 -34.96 8.20 -13.92
CA LEU B 119 -34.39 9.49 -14.26
C LEU B 119 -33.39 9.35 -15.40
N PRO B 120 -33.37 10.30 -16.33
CA PRO B 120 -32.38 10.27 -17.41
C PRO B 120 -30.98 10.47 -16.88
N PRO B 121 -29.95 10.23 -17.69
CA PRO B 121 -28.57 10.35 -17.19
C PRO B 121 -28.19 11.74 -16.72
N GLU B 122 -26.94 11.88 -16.27
CA GLU B 122 -26.36 13.09 -15.67
C GLU B 122 -26.93 13.40 -14.29
N LYS B 123 -27.98 12.69 -13.86
CA LYS B 123 -28.49 12.77 -12.51
C LYS B 123 -28.83 11.37 -11.99
N ARG B 124 -28.27 10.35 -12.62
CA ARG B 124 -28.50 8.96 -12.23
C ARG B 124 -27.80 8.59 -10.93
N ASN B 125 -26.92 9.45 -10.42
CA ASN B 125 -26.28 9.25 -9.12
C ASN B 125 -25.54 7.90 -9.08
N LYS B 126 -24.46 7.85 -9.86
CA LYS B 126 -23.72 6.62 -10.08
C LYS B 126 -23.10 6.06 -8.81
N LYS B 127 -22.45 4.90 -8.92
CA LYS B 127 -21.99 4.12 -7.76
C LYS B 127 -23.18 3.77 -6.87
N MET B 128 -24.30 3.44 -7.52
CA MET B 128 -25.54 3.09 -6.87
C MET B 128 -26.08 1.89 -7.63
N PRO B 129 -26.51 0.84 -6.93
CA PRO B 129 -26.99 -0.35 -7.63
C PRO B 129 -28.17 -0.01 -8.54
N ASP B 130 -28.00 -0.29 -9.82
CA ASP B 130 -29.02 -0.04 -10.81
C ASP B 130 -30.05 -1.18 -10.79
N VAL B 131 -30.92 -1.22 -11.78
CA VAL B 131 -31.99 -2.21 -11.79
C VAL B 131 -31.42 -3.63 -11.90
N GLY B 132 -30.32 -3.80 -12.63
CA GLY B 132 -29.81 -5.13 -12.88
C GLY B 132 -29.44 -5.89 -11.62
N ALA B 133 -28.70 -5.24 -10.73
CA ALA B 133 -28.29 -5.88 -9.46
C ALA B 133 -29.27 -5.57 -8.33
N ILE B 134 -30.55 -5.78 -8.60
CA ILE B 134 -31.61 -5.73 -7.59
C ILE B 134 -31.88 -7.08 -6.92
N PRO B 135 -32.04 -8.18 -7.67
CA PRO B 135 -32.47 -9.43 -7.01
C PRO B 135 -31.55 -9.90 -5.91
N ASP B 136 -30.25 -9.62 -6.00
CA ASP B 136 -29.34 -10.00 -4.93
C ASP B 136 -29.66 -9.26 -3.64
N ILE B 137 -30.06 -7.98 -3.74
CA ILE B 137 -30.36 -7.20 -2.55
C ILE B 137 -31.52 -7.82 -1.77
N MET B 138 -32.62 -8.10 -2.45
CA MET B 138 -33.74 -8.70 -1.72
C MET B 138 -33.49 -10.17 -1.44
N ARG B 139 -32.59 -10.79 -2.19
CA ARG B 139 -32.18 -12.16 -1.89
C ARG B 139 -31.49 -12.23 -0.53
N GLN B 140 -30.59 -11.28 -0.28
CA GLN B 140 -29.98 -11.20 1.05
C GLN B 140 -30.97 -10.66 2.08
N ALA B 141 -31.92 -9.85 1.65
CA ALA B 141 -32.96 -9.37 2.56
C ALA B 141 -33.92 -10.49 2.96
N LEU B 142 -33.90 -11.61 2.22
CA LEU B 142 -34.64 -12.79 2.68
C LEU B 142 -33.95 -13.41 3.88
N SER B 143 -32.61 -13.41 3.89
CA SER B 143 -31.84 -14.07 4.96
C SER B 143 -31.63 -13.12 6.14
N ILE B 144 -32.74 -12.62 6.66
CA ILE B 144 -32.70 -11.78 7.85
C ILE B 144 -33.36 -12.56 8.99
N SER B 145 -33.27 -13.88 8.91
CA SER B 145 -33.69 -14.73 10.01
C SER B 145 -32.63 -14.71 11.10
N PHE B 146 -33.05 -15.11 12.30
CA PHE B 146 -32.13 -15.15 13.43
C PHE B 146 -31.39 -16.48 13.44
N ASP B 147 -30.06 -16.41 13.56
CA ASP B 147 -29.21 -17.60 13.59
C ASP B 147 -28.40 -17.57 14.89
N SER B 148 -28.99 -18.08 15.96
CA SER B 148 -28.34 -18.03 17.26
C SER B 148 -27.26 -19.08 17.34
N TYR B 149 -26.02 -18.63 17.59
CA TYR B 149 -24.91 -19.54 17.79
C TYR B 149 -24.11 -19.06 19.00
N VAL B 150 -23.50 -20.03 19.69
CA VAL B 150 -22.65 -19.76 20.85
C VAL B 150 -21.75 -20.97 21.04
N GLY B 151 -20.65 -20.76 21.74
CA GLY B 151 -19.80 -21.88 22.11
C GLY B 151 -20.56 -22.88 22.96
N HIS B 152 -20.41 -24.16 22.63
CA HIS B 152 -21.13 -25.21 23.31
C HIS B 152 -20.64 -25.35 24.75
N ASP B 153 -21.57 -25.66 25.66
CA ASP B 153 -21.28 -25.82 27.07
C ASP B 153 -21.17 -27.29 27.44
N TRP B 154 -20.05 -27.64 28.09
CA TRP B 154 -19.83 -29.04 28.47
C TRP B 154 -20.84 -29.50 29.51
N MET B 155 -20.99 -28.73 30.58
CA MET B 155 -21.86 -29.11 31.69
C MET B 155 -23.33 -28.95 31.35
N ASP B 156 -23.70 -27.86 30.68
CA ASP B 156 -25.11 -27.55 30.51
C ASP B 156 -25.77 -28.44 29.46
N ASP B 157 -25.07 -28.71 28.37
CA ASP B 157 -25.67 -29.34 27.19
C ASP B 157 -25.23 -30.79 27.02
N TYR B 158 -24.98 -31.49 28.13
CA TYR B 158 -24.52 -32.87 28.07
C TYR B 158 -25.60 -33.83 27.62
N GLU B 159 -26.87 -33.45 27.72
CA GLU B 159 -27.95 -34.36 27.35
C GLU B 159 -27.92 -34.68 25.86
N ALA B 160 -27.87 -33.64 25.02
CA ALA B 160 -27.74 -33.88 23.59
C ALA B 160 -26.43 -34.60 23.27
N ARG B 161 -25.41 -34.37 24.08
CA ARG B 161 -24.15 -35.09 23.89
C ARG B 161 -24.34 -36.58 24.10
N TRP B 162 -25.04 -36.98 25.16
CA TRP B 162 -25.35 -38.39 25.36
C TRP B 162 -26.23 -38.92 24.23
N LEU B 163 -27.16 -38.10 23.77
CA LEU B 163 -27.99 -38.50 22.62
C LEU B 163 -27.12 -38.82 21.43
N SER B 164 -26.14 -37.97 21.15
CA SER B 164 -25.20 -38.22 20.07
C SER B 164 -24.37 -39.48 20.32
N TYR B 165 -23.92 -39.67 21.56
CA TYR B 165 -23.10 -40.84 21.87
C TYR B 165 -23.86 -42.13 21.61
N MET B 166 -25.12 -42.19 22.05
CA MET B 166 -25.91 -43.41 21.84
C MET B 166 -26.33 -43.56 20.39
N ASN B 167 -26.76 -42.46 19.75
CA ASN B 167 -27.21 -42.53 18.37
C ASN B 167 -26.05 -42.63 17.40
N LYS B 168 -24.95 -41.91 17.67
CA LYS B 168 -23.84 -41.76 16.72
C LYS B 168 -24.33 -41.18 15.40
N ALA B 169 -25.44 -40.45 15.43
CA ALA B 169 -26.03 -39.90 14.21
C ALA B 169 -25.04 -38.99 13.49
N ARG B 170 -24.18 -38.31 14.25
CA ARG B 170 -23.11 -37.55 13.62
C ARG B 170 -22.17 -38.47 12.85
N LYS B 171 -21.93 -39.67 13.37
CA LYS B 171 -21.06 -40.64 12.70
C LYS B 171 -21.90 -41.42 11.70
N VAL B 172 -21.78 -41.07 10.42
CA VAL B 172 -22.57 -41.76 9.40
C VAL B 172 -22.01 -43.18 9.25
N PRO B 173 -22.83 -44.19 9.49
CA PRO B 173 -22.34 -45.57 9.37
C PRO B 173 -22.06 -45.92 7.93
N PHE B 174 -21.14 -46.87 7.76
CA PHE B 174 -20.84 -47.41 6.45
C PHE B 174 -21.73 -48.62 6.17
N LYS B 175 -21.58 -49.17 4.97
CA LYS B 175 -22.20 -50.44 4.62
C LYS B 175 -21.33 -51.63 5.01
N LEU B 176 -20.15 -51.36 5.56
CA LEU B 176 -19.18 -52.40 5.90
C LEU B 176 -18.95 -52.41 7.40
N ARG B 177 -18.99 -53.62 8.00
CA ARG B 177 -18.91 -53.75 9.45
C ARG B 177 -17.56 -53.30 9.99
N ILE B 178 -16.46 -53.63 9.29
CA ILE B 178 -15.14 -53.31 9.81
C ILE B 178 -14.97 -51.81 9.99
N LEU B 179 -15.42 -51.01 9.01
CA LEU B 179 -15.28 -49.57 9.12
C LEU B 179 -16.12 -49.00 10.26
N ASN B 180 -17.35 -49.47 10.42
CA ASN B 180 -18.17 -49.00 11.52
C ASN B 180 -17.55 -49.34 12.87
N LYS B 181 -17.03 -50.56 13.02
CA LYS B 181 -16.52 -50.96 14.33
C LYS B 181 -15.17 -50.32 14.64
N ILE B 182 -14.32 -50.08 13.65
CA ILE B 182 -13.07 -49.38 13.93
C ILE B 182 -13.31 -47.88 14.06
N THR B 183 -14.44 -47.38 13.54
CA THR B 183 -14.85 -46.00 13.74
C THR B 183 -15.93 -45.85 14.80
N LYS B 184 -16.41 -46.95 15.36
CA LYS B 184 -17.43 -46.92 16.42
C LYS B 184 -18.67 -46.18 15.94
N GLY B 185 -19.30 -46.71 14.89
CA GLY B 185 -20.54 -46.15 14.40
C GLY B 185 -20.39 -45.27 13.18
N GLY B 186 -19.20 -45.25 12.60
CA GLY B 186 -18.96 -44.43 11.43
C GLY B 186 -18.16 -43.19 11.73
N ALA B 187 -18.13 -42.29 10.75
CA ALA B 187 -17.29 -41.11 10.82
C ALA B 187 -18.13 -39.84 11.02
N GLU B 188 -17.58 -38.92 11.81
CA GLU B 188 -18.28 -37.68 12.13
C GLU B 188 -18.42 -36.80 10.89
N THR B 189 -19.44 -35.94 10.92
CA THR B 189 -19.82 -35.21 9.71
C THR B 189 -18.71 -34.28 9.23
N GLY B 190 -18.21 -33.43 10.12
CA GLY B 190 -17.22 -32.46 9.70
C GLY B 190 -15.80 -33.01 9.74
N THR B 191 -15.59 -34.16 9.11
CA THR B 191 -14.31 -34.83 9.20
C THR B 191 -13.69 -34.94 7.82
N LEU B 192 -12.37 -34.90 7.80
CA LEU B 192 -11.58 -35.08 6.58
C LEU B 192 -11.06 -36.51 6.64
N ASN B 193 -11.31 -37.28 5.60
CA ASN B 193 -10.90 -38.68 5.56
C ASN B 193 -10.12 -38.96 4.28
N VAL B 194 -9.15 -39.86 4.39
CA VAL B 194 -8.23 -40.07 3.28
C VAL B 194 -7.58 -41.44 3.41
N LEU B 195 -7.04 -41.93 2.31
CA LEU B 195 -6.26 -43.16 2.28
C LEU B 195 -4.81 -42.84 1.92
N MET B 196 -4.02 -43.90 1.71
CA MET B 196 -2.65 -43.74 1.21
C MET B 196 -2.26 -45.06 0.54
N ALA B 197 -2.24 -45.07 -0.79
CA ALA B 197 -2.01 -46.30 -1.54
C ALA B 197 -0.73 -46.29 -2.35
N GLY B 198 -0.55 -45.28 -3.20
CA GLY B 198 0.59 -45.25 -4.10
C GLY B 198 0.16 -45.33 -5.56
N VAL B 199 1.07 -45.75 -6.44
CA VAL B 199 0.80 -45.80 -7.87
C VAL B 199 0.06 -47.09 -8.17
N ASN B 200 -1.13 -46.96 -8.75
CA ASN B 200 -1.91 -48.09 -9.23
C ASN B 200 -2.17 -49.10 -8.10
N VAL B 201 -2.36 -48.59 -6.89
CA VAL B 201 -2.78 -49.43 -5.78
C VAL B 201 -4.25 -49.20 -5.41
N GLY B 202 -4.77 -47.99 -5.59
CA GLY B 202 -6.13 -47.65 -5.24
C GLY B 202 -6.46 -46.21 -5.56
N LYS B 203 -7.07 -45.51 -4.60
CA LYS B 203 -7.25 -44.06 -4.61
C LYS B 203 -8.31 -43.62 -5.61
N SER B 204 -8.78 -44.54 -6.40
CA SER B 204 -9.96 -44.35 -7.23
C SER B 204 -10.95 -45.48 -7.04
N LEU B 205 -10.47 -46.70 -6.88
CA LEU B 205 -11.35 -47.85 -6.70
C LEU B 205 -12.12 -47.75 -5.38
N GLY B 206 -11.42 -47.56 -4.27
CA GLY B 206 -12.10 -47.47 -2.99
C GLY B 206 -13.03 -46.29 -2.92
N LEU B 207 -12.68 -45.19 -3.59
CA LEU B 207 -13.54 -44.03 -3.62
C LEU B 207 -14.88 -44.35 -4.26
N CYS B 208 -14.85 -45.01 -5.41
CA CYS B 208 -16.10 -45.43 -6.04
C CYS B 208 -16.85 -46.42 -5.17
N SER B 209 -16.11 -47.31 -4.50
CA SER B 209 -16.76 -48.27 -3.61
C SER B 209 -17.54 -47.56 -2.51
N LEU B 210 -16.90 -46.63 -1.83
CA LEU B 210 -17.55 -45.91 -0.75
C LEU B 210 -18.70 -45.05 -1.28
N ALA B 211 -18.52 -44.44 -2.45
CA ALA B 211 -19.59 -43.65 -3.03
C ALA B 211 -20.81 -44.50 -3.30
N ALA B 212 -20.60 -45.69 -3.87
CA ALA B 212 -21.71 -46.60 -4.13
C ALA B 212 -22.38 -47.02 -2.83
N ASP B 213 -21.58 -47.35 -1.81
CA ASP B 213 -22.14 -47.76 -0.54
C ASP B 213 -22.98 -46.65 0.07
N TYR B 214 -22.48 -45.41 0.04
CA TYR B 214 -23.22 -44.30 0.59
C TYR B 214 -24.51 -44.05 -0.17
N LEU B 215 -24.46 -44.15 -1.49
CA LEU B 215 -25.68 -43.99 -2.28
C LEU B 215 -26.70 -45.07 -1.94
N GLN B 216 -26.23 -46.31 -1.80
CA GLN B 216 -27.12 -47.41 -1.41
C GLN B 216 -27.72 -47.18 -0.03
N LEU B 217 -27.05 -46.40 0.81
CA LEU B 217 -27.56 -46.06 2.12
C LEU B 217 -28.47 -44.84 2.11
N GLY B 218 -29.02 -44.49 0.95
CA GLY B 218 -29.91 -43.36 0.86
C GLY B 218 -29.28 -42.02 1.14
N HIS B 219 -28.06 -41.80 0.68
CA HIS B 219 -27.35 -40.55 0.94
C HIS B 219 -26.96 -39.87 -0.37
N ASN B 220 -26.98 -38.54 -0.37
CA ASN B 220 -26.56 -37.76 -1.52
C ASN B 220 -25.04 -37.79 -1.61
N VAL B 221 -24.52 -38.35 -2.69
CA VAL B 221 -23.09 -38.54 -2.89
C VAL B 221 -22.63 -37.56 -3.97
N LEU B 222 -21.50 -36.89 -3.72
CA LEU B 222 -20.93 -35.94 -4.66
C LEU B 222 -19.49 -36.36 -4.94
N TYR B 223 -19.27 -36.96 -6.11
CA TYR B 223 -17.95 -37.42 -6.54
C TYR B 223 -17.37 -36.40 -7.49
N ILE B 224 -16.16 -35.91 -7.18
CA ILE B 224 -15.47 -34.92 -8.00
C ILE B 224 -14.15 -35.53 -8.41
N SER B 225 -13.88 -35.52 -9.72
CA SER B 225 -12.69 -36.16 -10.27
C SER B 225 -11.82 -35.13 -10.99
N MET B 226 -10.52 -35.39 -10.97
CA MET B 226 -9.56 -34.62 -11.75
C MET B 226 -8.68 -35.50 -12.61
N GLU B 227 -8.68 -36.82 -12.38
CA GLU B 227 -7.84 -37.74 -13.12
C GLU B 227 -8.58 -38.44 -14.25
N MET B 228 -9.88 -38.66 -14.14
CA MET B 228 -10.63 -39.39 -15.14
C MET B 228 -12.01 -38.77 -15.28
N ALA B 229 -12.56 -38.86 -16.49
CA ALA B 229 -13.83 -38.23 -16.78
C ALA B 229 -14.95 -38.86 -15.95
N GLU B 230 -16.07 -38.13 -15.88
CA GLU B 230 -17.23 -38.61 -15.14
C GLU B 230 -17.69 -39.95 -15.67
N GLU B 231 -17.49 -40.20 -16.97
CA GLU B 231 -18.02 -41.41 -17.59
C GLU B 231 -17.28 -42.64 -17.11
N VAL B 232 -15.95 -42.56 -16.99
CA VAL B 232 -15.20 -43.68 -16.45
C VAL B 232 -15.61 -43.95 -15.00
N CYS B 233 -15.83 -42.87 -14.23
CA CYS B 233 -16.27 -43.02 -12.85
C CYS B 233 -17.62 -43.73 -12.80
N ALA B 234 -18.57 -43.32 -13.64
CA ALA B 234 -19.87 -43.95 -13.65
C ALA B 234 -19.79 -45.40 -14.10
N LYS B 235 -18.88 -45.70 -15.03
CA LYS B 235 -18.67 -47.09 -15.44
C LYS B 235 -18.17 -47.92 -14.28
N ARG B 236 -17.21 -47.40 -13.50
CA ARG B 236 -16.74 -48.11 -12.33
C ARG B 236 -17.87 -48.26 -11.30
N ILE B 237 -18.73 -47.25 -11.19
CA ILE B 237 -19.89 -47.33 -10.31
C ILE B 237 -20.79 -48.49 -10.72
N ASP B 238 -21.11 -48.56 -12.01
CA ASP B 238 -22.01 -49.60 -12.51
C ASP B 238 -21.38 -50.98 -12.32
N ALA B 239 -20.06 -51.06 -12.52
CA ALA B 239 -19.35 -52.31 -12.23
C ALA B 239 -19.47 -52.67 -10.76
N ASN B 240 -19.36 -51.67 -9.88
CA ASN B 240 -19.42 -51.94 -8.44
C ASN B 240 -20.78 -52.48 -8.03
N MET B 241 -21.86 -51.80 -8.43
CA MET B 241 -23.17 -52.13 -7.88
C MET B 241 -23.99 -53.07 -8.77
N LEU B 242 -23.85 -52.96 -10.09
CA LEU B 242 -24.63 -53.83 -10.97
C LEU B 242 -24.02 -55.21 -11.15
N ASP B 243 -23.05 -55.59 -10.33
CA ASP B 243 -22.43 -56.91 -10.34
C ASP B 243 -21.79 -57.26 -11.68
N VAL B 244 -21.53 -56.27 -12.52
CA VAL B 244 -21.01 -56.50 -13.85
C VAL B 244 -19.50 -56.27 -13.85
N SER B 245 -18.75 -57.19 -14.45
CA SER B 245 -17.32 -57.03 -14.58
C SER B 245 -17.00 -55.86 -15.49
N LEU B 246 -15.86 -55.21 -15.21
CA LEU B 246 -15.47 -54.03 -16.00
C LEU B 246 -15.26 -54.40 -17.46
N ASP B 247 -14.59 -55.52 -17.73
CA ASP B 247 -14.40 -55.97 -19.09
C ASP B 247 -15.71 -56.38 -19.75
N ASP B 248 -16.71 -56.78 -18.95
CA ASP B 248 -18.00 -57.20 -19.49
C ASP B 248 -18.91 -56.02 -19.82
N ILE B 249 -18.74 -54.88 -19.17
CA ILE B 249 -19.54 -53.70 -19.50
C ILE B 249 -19.20 -53.22 -20.91
N ASP B 250 -17.90 -53.08 -21.21
CA ASP B 250 -17.48 -52.65 -22.53
C ASP B 250 -17.46 -53.83 -23.49
N ASP B 251 -16.95 -53.58 -24.70
CA ASP B 251 -17.00 -54.52 -25.83
C ASP B 251 -18.33 -55.27 -25.86
N GLY B 252 -19.42 -54.51 -25.78
CA GLY B 252 -20.74 -55.12 -25.73
C GLY B 252 -20.85 -56.00 -24.50
N HIS B 253 -21.10 -57.29 -24.74
CA HIS B 253 -21.09 -58.36 -23.75
C HIS B 253 -22.24 -58.23 -22.76
N ILE B 254 -23.02 -57.16 -22.82
CA ILE B 254 -24.17 -56.94 -21.94
C ILE B 254 -25.19 -56.15 -22.76
N SER B 255 -26.37 -56.72 -22.95
CA SER B 255 -27.38 -56.06 -23.75
C SER B 255 -27.98 -54.88 -22.99
N TYR B 256 -28.54 -53.95 -23.76
CA TYR B 256 -29.24 -52.80 -23.18
C TYR B 256 -30.48 -53.21 -22.42
N ALA B 257 -31.02 -54.41 -22.71
CA ALA B 257 -32.20 -54.90 -21.99
C ALA B 257 -31.87 -54.97 -20.48
N GLU B 258 -31.00 -55.89 -20.09
CA GLU B 258 -30.58 -56.00 -18.67
C GLU B 258 -30.23 -54.60 -18.15
N TYR B 259 -29.50 -53.81 -18.94
CA TYR B 259 -29.09 -52.48 -18.52
C TYR B 259 -30.30 -51.69 -18.02
N LYS B 260 -31.35 -51.62 -18.85
CA LYS B 260 -32.56 -50.90 -18.47
C LYS B 260 -33.26 -51.58 -17.30
N GLY B 261 -33.25 -52.90 -17.26
CA GLY B 261 -33.87 -53.61 -16.15
C GLY B 261 -33.22 -53.26 -14.82
N LYS B 262 -31.89 -53.26 -14.77
CA LYS B 262 -31.19 -52.88 -13.56
C LYS B 262 -31.44 -51.42 -13.22
N MET B 263 -31.44 -50.53 -14.23
CA MET B 263 -31.73 -49.13 -13.96
C MET B 263 -33.10 -48.96 -13.34
N GLU B 264 -34.10 -49.65 -13.87
CA GLU B 264 -35.45 -49.58 -13.32
C GLU B 264 -35.49 -50.10 -11.89
N LYS B 265 -34.95 -51.32 -11.67
CA LYS B 265 -35.06 -51.94 -10.36
C LYS B 265 -34.32 -51.15 -9.30
N TRP B 266 -33.21 -50.51 -9.66
CA TRP B 266 -32.51 -49.66 -8.69
C TRP B 266 -33.24 -48.34 -8.48
N ARG B 267 -33.84 -47.78 -9.54
CA ARG B 267 -34.43 -46.45 -9.42
C ARG B 267 -35.71 -46.47 -8.60
N GLU B 268 -36.39 -47.60 -8.51
CA GLU B 268 -37.61 -47.67 -7.71
C GLU B 268 -37.35 -47.95 -6.24
N LYS B 269 -36.09 -48.14 -5.85
CA LYS B 269 -35.76 -48.33 -4.45
C LYS B 269 -35.72 -46.98 -3.74
N SER B 270 -36.53 -46.83 -2.68
CA SER B 270 -36.55 -45.57 -1.95
C SER B 270 -35.33 -45.38 -1.08
N THR B 271 -34.60 -46.45 -0.77
CA THR B 271 -33.39 -46.36 0.04
C THR B 271 -32.17 -46.09 -0.83
N LEU B 272 -32.22 -44.94 -1.51
CA LEU B 272 -31.15 -44.56 -2.44
C LEU B 272 -31.10 -43.05 -2.54
N GLY B 273 -29.91 -42.49 -2.38
CA GLY B 273 -29.71 -41.06 -2.48
C GLY B 273 -29.54 -40.61 -3.91
N ARG B 274 -29.07 -39.36 -4.05
CA ARG B 274 -28.80 -38.77 -5.36
C ARG B 274 -27.30 -38.63 -5.52
N LEU B 275 -26.79 -39.13 -6.63
CA LEU B 275 -25.35 -39.12 -6.92
C LEU B 275 -25.06 -38.12 -8.04
N ILE B 276 -24.07 -37.27 -7.81
CA ILE B 276 -23.62 -36.31 -8.82
C ILE B 276 -22.12 -36.43 -8.94
N VAL B 277 -21.63 -36.68 -10.15
CA VAL B 277 -20.20 -36.82 -10.43
C VAL B 277 -19.80 -35.74 -11.42
N LYS B 278 -18.72 -35.02 -11.11
CA LYS B 278 -18.24 -33.92 -11.94
C LYS B 278 -16.74 -34.05 -12.15
N GLN B 279 -16.30 -33.96 -13.40
CA GLN B 279 -14.90 -34.00 -13.75
C GLN B 279 -14.38 -32.58 -13.91
N TYR B 280 -13.18 -32.33 -13.38
CA TYR B 280 -12.61 -31.01 -13.46
C TYR B 280 -11.18 -31.08 -13.97
N PRO B 281 -10.70 -30.02 -14.61
CA PRO B 281 -9.33 -30.02 -15.14
C PRO B 281 -8.30 -30.17 -14.03
N THR B 282 -7.20 -30.84 -14.37
CA THR B 282 -6.11 -31.06 -13.41
C THR B 282 -5.56 -29.73 -12.95
N GLY B 283 -5.67 -29.45 -11.65
CA GLY B 283 -5.33 -28.13 -11.16
C GLY B 283 -6.23 -27.04 -11.68
N GLY B 284 -7.51 -27.34 -11.88
CA GLY B 284 -8.43 -26.37 -12.45
C GLY B 284 -9.69 -26.16 -11.63
N ALA B 285 -9.63 -26.49 -10.34
CA ALA B 285 -10.75 -26.27 -9.44
C ALA B 285 -10.21 -26.09 -8.02
N ASP B 286 -11.04 -25.52 -7.16
CA ASP B 286 -10.65 -25.21 -5.79
C ASP B 286 -11.90 -25.01 -4.96
N ALA B 287 -11.70 -24.55 -3.72
CA ALA B 287 -12.80 -24.42 -2.78
C ALA B 287 -13.83 -23.41 -3.25
N ASN B 288 -13.40 -22.29 -3.85
CA ASN B 288 -14.36 -21.34 -4.39
C ASN B 288 -15.21 -21.99 -5.49
N THR B 289 -14.56 -22.75 -6.37
CA THR B 289 -15.30 -23.47 -7.40
C THR B 289 -16.25 -24.48 -6.78
N PHE B 290 -15.81 -25.16 -5.72
CA PHE B 290 -16.67 -26.14 -5.07
C PHE B 290 -17.88 -25.47 -4.44
N ARG B 291 -17.68 -24.33 -3.77
CA ARG B 291 -18.79 -23.61 -3.16
C ARG B 291 -19.77 -23.13 -4.21
N SER B 292 -19.25 -22.59 -5.32
CA SER B 292 -20.13 -22.16 -6.40
C SER B 292 -20.91 -23.32 -6.97
N LEU B 293 -20.24 -24.46 -7.16
CA LEU B 293 -20.92 -25.64 -7.68
C LEU B 293 -22.02 -26.09 -6.75
N LEU B 294 -21.76 -26.09 -5.44
CA LEU B 294 -22.78 -26.50 -4.48
C LEU B 294 -23.95 -25.53 -4.48
N ASN B 295 -23.66 -24.24 -4.56
CA ASN B 295 -24.73 -23.26 -4.65
C ASN B 295 -25.58 -23.49 -5.90
N GLU B 296 -24.92 -23.77 -7.03
CA GLU B 296 -25.65 -24.05 -8.26
C GLU B 296 -26.50 -25.30 -8.13
N LEU B 297 -25.95 -26.34 -7.51
CA LEU B 297 -26.71 -27.57 -7.31
C LEU B 297 -27.95 -27.32 -6.47
N LYS B 298 -27.79 -26.59 -5.36
CA LYS B 298 -28.92 -26.29 -4.51
C LYS B 298 -29.97 -25.46 -5.24
N LEU B 299 -29.53 -24.47 -6.02
CA LEU B 299 -30.47 -23.62 -6.73
C LEU B 299 -31.21 -24.39 -7.81
N LYS B 300 -30.51 -25.21 -8.57
CA LYS B 300 -31.10 -25.86 -9.74
C LYS B 300 -31.88 -27.11 -9.35
N LYS B 301 -31.21 -28.10 -8.76
CA LYS B 301 -31.81 -29.40 -8.54
C LYS B 301 -32.07 -29.67 -7.07
N ASN B 302 -31.98 -28.64 -6.22
CA ASN B 302 -32.22 -28.77 -4.79
C ASN B 302 -31.39 -29.90 -4.19
N PHE B 303 -30.16 -30.02 -4.67
CA PHE B 303 -29.26 -31.10 -4.29
C PHE B 303 -28.32 -30.62 -3.21
N VAL B 304 -28.42 -31.21 -2.04
CA VAL B 304 -27.50 -30.97 -0.93
C VAL B 304 -26.73 -32.26 -0.66
N PRO B 305 -25.50 -32.36 -1.14
CA PRO B 305 -24.76 -33.61 -0.98
C PRO B 305 -24.51 -33.92 0.49
N THR B 306 -24.53 -35.22 0.79
CA THR B 306 -24.20 -35.69 2.13
C THR B 306 -22.73 -36.05 2.29
N ILE B 307 -22.13 -36.64 1.26
CA ILE B 307 -20.73 -37.03 1.28
C ILE B 307 -20.05 -36.39 0.08
N ILE B 308 -18.83 -35.91 0.28
CA ILE B 308 -18.02 -35.31 -0.77
C ILE B 308 -16.76 -36.15 -0.92
N ILE B 309 -16.49 -36.56 -2.16
CA ILE B 309 -15.38 -37.46 -2.45
C ILE B 309 -14.59 -36.83 -3.59
N VAL B 310 -13.45 -36.23 -3.27
CA VAL B 310 -12.58 -35.64 -4.28
C VAL B 310 -11.52 -36.67 -4.66
N ASP B 311 -11.30 -36.84 -5.96
CA ASP B 311 -10.46 -37.92 -6.45
C ASP B 311 -9.02 -37.82 -5.96
N TYR B 312 -8.44 -36.61 -5.95
CA TYR B 312 -7.09 -36.42 -5.45
C TYR B 312 -6.91 -34.96 -5.09
N LEU B 313 -6.21 -34.71 -3.99
CA LEU B 313 -6.08 -33.37 -3.43
C LEU B 313 -4.83 -32.63 -3.89
N GLY B 314 -3.72 -33.32 -4.08
CA GLY B 314 -2.48 -32.67 -4.47
C GLY B 314 -2.46 -32.18 -5.89
N ILE B 315 -3.51 -32.44 -6.66
CA ILE B 315 -3.60 -31.96 -8.04
C ILE B 315 -4.71 -30.92 -8.12
N CYS B 316 -5.08 -30.35 -6.99
CA CYS B 316 -6.11 -29.33 -6.91
C CYS B 316 -5.47 -27.97 -6.69
N LYS B 317 -6.26 -26.92 -6.90
CA LYS B 317 -5.78 -25.57 -6.67
C LYS B 317 -5.82 -25.25 -5.17
N SER B 318 -4.77 -24.56 -4.71
CA SER B 318 -4.62 -24.28 -3.28
C SER B 318 -5.77 -23.44 -2.75
N CYS B 319 -6.18 -22.41 -3.50
CA CYS B 319 -7.32 -21.55 -3.17
C CYS B 319 -7.02 -20.65 -1.98
N ARG B 320 -5.88 -20.88 -1.32
CA ARG B 320 -5.54 -20.05 -0.17
C ARG B 320 -4.37 -19.13 -0.50
N ILE B 321 -3.54 -19.52 -1.46
CA ILE B 321 -2.39 -18.72 -1.85
C ILE B 321 -2.32 -18.70 -3.38
N ARG B 322 -1.93 -17.54 -3.92
CA ARG B 322 -1.90 -17.39 -5.37
C ARG B 322 -0.59 -17.87 -5.97
N VAL B 323 0.51 -17.77 -5.23
CA VAL B 323 1.76 -18.33 -5.71
C VAL B 323 1.62 -19.84 -5.81
N TYR B 324 2.24 -20.43 -6.82
CA TYR B 324 2.07 -21.83 -7.15
C TYR B 324 3.33 -22.61 -6.81
N SER B 325 3.16 -23.70 -6.07
CA SER B 325 4.24 -24.64 -5.75
C SER B 325 5.44 -23.93 -5.13
N GLU B 326 5.22 -23.31 -3.97
CA GLU B 326 6.32 -22.69 -3.26
C GLU B 326 7.35 -23.72 -2.84
N ASN B 327 6.90 -24.83 -2.25
CA ASN B 327 7.77 -25.93 -1.88
C ASN B 327 7.20 -27.30 -2.21
N SER B 328 6.02 -27.37 -2.83
CA SER B 328 5.33 -28.57 -3.29
C SER B 328 4.66 -29.35 -2.16
N TYR B 329 4.85 -28.96 -0.90
CA TYR B 329 4.17 -29.66 0.19
C TYR B 329 3.34 -28.73 1.05
N THR B 330 3.83 -27.53 1.36
CA THR B 330 3.02 -26.59 2.11
C THR B 330 1.78 -26.19 1.32
N THR B 331 1.87 -26.22 -0.01
CA THR B 331 0.68 -26.04 -0.83
C THR B 331 -0.32 -27.14 -0.55
N VAL B 332 0.16 -28.37 -0.45
CA VAL B 332 -0.70 -29.49 -0.11
C VAL B 332 -1.26 -29.32 1.30
N LYS B 333 -0.45 -28.79 2.21
CA LYS B 333 -0.95 -28.54 3.56
C LYS B 333 -2.09 -27.54 3.54
N ALA B 334 -1.94 -26.45 2.79
CA ALA B 334 -3.01 -25.48 2.66
C ALA B 334 -4.23 -26.10 2.00
N ILE B 335 -4.01 -26.98 1.03
CA ILE B 335 -5.10 -27.70 0.39
C ILE B 335 -5.88 -28.48 1.43
N ALA B 336 -5.17 -29.24 2.27
CA ALA B 336 -5.83 -30.03 3.29
C ALA B 336 -6.60 -29.14 4.26
N GLU B 337 -5.98 -28.03 4.66
CA GLU B 337 -6.65 -27.11 5.57
C GLU B 337 -7.94 -26.58 4.97
N GLU B 338 -7.88 -26.12 3.72
CA GLU B 338 -9.05 -25.55 3.07
C GLU B 338 -10.14 -26.60 2.88
N LEU B 339 -9.75 -27.81 2.49
CA LEU B 339 -10.73 -28.87 2.32
C LEU B 339 -11.40 -29.21 3.63
N ARG B 340 -10.63 -29.28 4.72
CA ARG B 340 -11.23 -29.58 6.02
C ARG B 340 -12.17 -28.47 6.46
N ALA B 341 -11.79 -27.21 6.20
CA ALA B 341 -12.67 -26.10 6.52
C ALA B 341 -13.97 -26.20 5.74
N LEU B 342 -13.87 -26.55 4.45
CA LEU B 342 -15.07 -26.76 3.65
C LEU B 342 -15.93 -27.87 4.22
N ALA B 343 -15.31 -29.00 4.57
CA ALA B 343 -16.08 -30.12 5.08
C ALA B 343 -16.79 -29.78 6.38
N VAL B 344 -16.10 -29.09 7.29
CA VAL B 344 -16.75 -28.73 8.54
C VAL B 344 -17.83 -27.69 8.32
N GLU B 345 -17.62 -26.72 7.42
CA GLU B 345 -18.62 -25.70 7.18
C GLU B 345 -19.83 -26.23 6.41
N THR B 346 -19.69 -27.39 5.78
CA THR B 346 -20.78 -27.98 5.03
C THR B 346 -21.41 -29.18 5.72
N GLU B 347 -20.90 -29.57 6.88
CA GLU B 347 -21.38 -30.75 7.60
C GLU B 347 -21.29 -31.99 6.73
N THR B 348 -20.23 -32.07 5.94
CA THR B 348 -20.09 -33.12 4.93
C THR B 348 -18.85 -33.95 5.20
N VAL B 349 -19.00 -35.27 5.19
CA VAL B 349 -17.86 -36.16 5.29
C VAL B 349 -17.12 -36.16 3.95
N LEU B 350 -15.83 -35.92 4.00
CA LEU B 350 -15.03 -35.77 2.79
C LEU B 350 -13.97 -36.85 2.72
N TRP B 351 -13.69 -37.28 1.49
CA TRP B 351 -12.71 -38.33 1.23
C TRP B 351 -11.80 -37.93 0.08
N THR B 352 -10.55 -38.40 0.14
CA THR B 352 -9.57 -38.16 -0.91
C THR B 352 -8.59 -39.32 -0.96
N ALA B 353 -7.47 -39.09 -1.63
CA ALA B 353 -6.54 -40.16 -2.00
C ALA B 353 -5.24 -40.13 -1.22
N ALA B 354 -4.52 -39.00 -1.23
CA ALA B 354 -3.28 -38.83 -0.46
C ALA B 354 -2.24 -39.90 -0.84
N GLN B 355 -1.74 -39.77 -2.06
CA GLN B 355 -0.75 -40.69 -2.59
C GLN B 355 0.47 -40.83 -1.69
N VAL B 356 1.20 -41.92 -1.85
CA VAL B 356 2.33 -42.23 -0.99
C VAL B 356 3.63 -41.80 -1.69
N GLY B 357 4.73 -41.86 -0.95
CA GLY B 357 6.02 -41.44 -1.47
C GLY B 357 6.72 -42.51 -2.30
N LYS B 358 7.93 -42.16 -2.74
CA LYS B 358 8.73 -43.07 -3.57
C LYS B 358 9.17 -44.29 -2.79
N GLN B 359 9.63 -44.10 -1.55
CA GLN B 359 10.23 -45.20 -0.79
C GLN B 359 9.22 -46.28 -0.42
N ALA B 360 7.92 -45.98 -0.48
CA ALA B 360 6.90 -46.96 -0.13
C ALA B 360 6.49 -47.86 -1.29
N TRP B 361 6.96 -47.59 -2.50
CA TRP B 361 6.65 -48.45 -3.63
C TRP B 361 7.35 -49.79 -3.48
N ASP B 362 6.62 -50.87 -3.76
CA ASP B 362 7.14 -52.24 -3.64
C ASP B 362 7.68 -52.50 -2.23
N SER B 363 6.97 -51.99 -1.22
CA SER B 363 7.36 -52.13 0.17
C SER B 363 6.37 -53.04 0.89
N SER B 364 6.90 -53.98 1.67
CA SER B 364 6.05 -54.90 2.40
C SER B 364 5.19 -54.16 3.43
N ASP B 365 5.78 -53.21 4.14
CA ASP B 365 5.07 -52.40 5.10
C ASP B 365 5.30 -50.92 4.80
N VAL B 366 4.24 -50.13 4.94
CA VAL B 366 4.31 -48.69 4.77
C VAL B 366 4.11 -48.06 6.15
N ASN B 367 5.09 -47.26 6.58
CA ASN B 367 5.06 -46.66 7.90
C ASN B 367 4.43 -45.27 7.84
N MET B 368 4.34 -44.63 9.00
CA MET B 368 3.78 -43.29 9.07
C MET B 368 4.68 -42.29 8.36
N SER B 369 5.98 -42.57 8.29
CA SER B 369 6.92 -41.68 7.62
C SER B 369 6.93 -41.83 6.11
N ASP B 370 6.22 -42.81 5.56
CA ASP B 370 6.15 -42.98 4.10
C ASP B 370 5.20 -42.00 3.45
N ILE B 371 4.55 -41.13 4.24
CA ILE B 371 3.65 -40.11 3.72
C ILE B 371 4.44 -39.14 2.84
N ALA B 372 3.73 -38.41 1.98
CA ALA B 372 4.37 -37.47 1.07
C ALA B 372 5.04 -36.34 1.85
N GLU B 373 5.68 -35.45 1.09
CA GLU B 373 6.45 -34.36 1.69
C GLU B 373 5.61 -33.52 2.63
N SER B 374 4.31 -33.40 2.36
CA SER B 374 3.44 -32.61 3.22
C SER B 374 3.01 -33.45 4.42
N ALA B 375 3.71 -33.27 5.53
CA ALA B 375 3.39 -33.95 6.77
C ALA B 375 2.33 -33.21 7.58
N GLY B 376 1.98 -31.99 7.19
CA GLY B 376 0.88 -31.31 7.85
C GLY B 376 -0.46 -31.97 7.58
N LEU B 377 -0.63 -32.50 6.36
CA LEU B 377 -1.86 -33.23 6.05
C LEU B 377 -2.09 -34.40 7.00
N PRO B 378 -1.10 -35.23 7.33
CA PRO B 378 -1.31 -36.23 8.38
C PRO B 378 -1.87 -35.64 9.66
N ALA B 379 -1.42 -34.47 10.07
CA ALA B 379 -2.04 -33.79 11.20
C ALA B 379 -3.44 -33.31 10.88
N THR B 380 -3.74 -33.04 9.61
CA THR B 380 -5.01 -32.47 9.22
C THR B 380 -6.09 -33.51 9.04
N ALA B 381 -5.80 -34.58 8.30
CA ALA B 381 -6.80 -35.57 7.93
C ALA B 381 -7.13 -36.46 9.11
N ASP B 382 -8.31 -37.08 9.05
CA ASP B 382 -8.79 -38.01 10.06
C ASP B 382 -8.99 -39.38 9.44
N PHE B 383 -8.62 -40.42 10.18
CA PHE B 383 -8.82 -41.81 9.78
C PHE B 383 -8.15 -42.09 8.43
N MET B 384 -6.82 -41.99 8.44
CA MET B 384 -6.04 -42.35 7.27
C MET B 384 -6.01 -43.86 7.10
N LEU B 385 -5.85 -44.30 5.86
CA LEU B 385 -5.79 -45.72 5.54
C LEU B 385 -4.64 -45.99 4.58
N ALA B 386 -4.13 -47.21 4.60
CA ALA B 386 -3.00 -47.61 3.76
C ALA B 386 -3.22 -49.04 3.28
N VAL B 387 -3.45 -49.19 1.98
CA VAL B 387 -3.61 -50.52 1.37
C VAL B 387 -2.25 -50.99 0.89
N ILE B 388 -1.91 -52.24 1.21
CA ILE B 388 -0.57 -52.77 0.93
C ILE B 388 -0.66 -53.99 0.02
N GLU B 389 -1.59 -53.97 -0.93
CA GLU B 389 -1.70 -55.07 -1.88
C GLU B 389 -0.55 -54.97 -2.88
N THR B 390 0.63 -55.47 -2.52
CA THR B 390 1.80 -55.37 -3.39
C THR B 390 1.84 -56.49 -4.42
N GLU B 391 2.03 -57.73 -3.97
CA GLU B 391 2.09 -58.85 -4.91
C GLU B 391 1.24 -60.04 -4.49
N GLU B 392 1.22 -60.38 -3.21
CA GLU B 392 0.56 -61.59 -2.76
C GLU B 392 -0.91 -61.36 -2.43
N LEU B 393 -1.23 -60.19 -1.89
CA LEU B 393 -2.63 -59.83 -1.71
C LEU B 393 -3.33 -59.68 -3.06
N ALA B 394 -2.59 -59.26 -4.09
CA ALA B 394 -3.15 -59.24 -5.44
C ALA B 394 -3.47 -60.65 -5.91
N ALA B 395 -2.57 -61.61 -5.61
CA ALA B 395 -2.86 -63.00 -5.93
C ALA B 395 -4.07 -63.50 -5.14
N ALA B 396 -4.18 -63.08 -3.89
CA ALA B 396 -5.33 -63.43 -3.05
C ALA B 396 -6.51 -62.49 -3.26
N GLU B 397 -6.37 -61.47 -4.10
CA GLU B 397 -7.42 -60.47 -4.33
C GLU B 397 -7.87 -59.84 -3.02
N GLN B 398 -6.88 -59.39 -2.25
CA GLN B 398 -7.10 -58.84 -0.92
C GLN B 398 -6.36 -57.52 -0.80
N GLN B 399 -6.70 -56.75 0.23
CA GLN B 399 -6.00 -55.51 0.52
C GLN B 399 -5.82 -55.38 2.02
N LEU B 400 -4.57 -55.35 2.47
CA LEU B 400 -4.25 -55.15 3.88
C LEU B 400 -4.24 -53.66 4.16
N ILE B 401 -4.98 -53.25 5.19
CA ILE B 401 -5.15 -51.85 5.54
C ILE B 401 -4.61 -51.64 6.94
N LYS B 402 -3.74 -50.65 7.10
CA LYS B 402 -3.02 -50.43 8.36
C LYS B 402 -3.72 -49.46 9.29
N GLN B 403 -4.62 -48.61 8.77
CA GLN B 403 -5.48 -47.74 9.58
C GLN B 403 -4.65 -46.86 10.51
N ILE B 404 -3.87 -45.98 9.90
CA ILE B 404 -3.04 -45.04 10.63
C ILE B 404 -3.78 -43.72 10.76
N LYS B 405 -3.32 -42.87 11.67
CA LYS B 405 -3.95 -41.58 11.95
C LYS B 405 -5.43 -41.78 12.29
N SER B 406 -5.66 -42.52 13.37
CA SER B 406 -6.99 -42.86 13.81
C SER B 406 -7.52 -41.77 14.73
N ARG B 407 -8.43 -40.95 14.20
CA ARG B 407 -9.02 -39.87 14.97
C ARG B 407 -10.11 -40.34 15.91
N TYR B 408 -10.93 -41.31 15.51
CA TYR B 408 -12.07 -41.70 16.32
C TYR B 408 -11.68 -42.63 17.46
N GLY B 409 -10.64 -43.45 17.27
CA GLY B 409 -10.27 -44.39 18.31
C GLY B 409 -8.78 -44.72 18.37
N ASP B 410 -8.46 -45.81 19.05
CA ASP B 410 -7.09 -46.26 19.20
C ASP B 410 -6.59 -46.82 17.88
N LYS B 411 -5.33 -46.53 17.54
CA LYS B 411 -4.81 -46.94 16.25
C LYS B 411 -4.49 -48.43 16.20
N ASN B 412 -3.95 -48.98 17.30
CA ASN B 412 -3.43 -50.34 17.28
C ASN B 412 -4.47 -51.39 17.63
N LYS B 413 -5.73 -51.01 17.86
CA LYS B 413 -6.75 -51.96 18.27
C LYS B 413 -6.96 -53.04 17.22
N TRP B 414 -7.18 -52.64 15.98
CA TRP B 414 -7.44 -53.55 14.86
C TRP B 414 -6.58 -53.12 13.68
N ASN B 415 -5.28 -52.94 13.95
CA ASN B 415 -4.34 -52.30 13.03
C ASN B 415 -4.49 -52.77 11.59
N LYS B 416 -4.35 -54.07 11.35
CA LYS B 416 -4.34 -54.56 9.95
C LYS B 416 -5.62 -55.36 9.64
N PHE B 417 -6.53 -54.78 8.85
CA PHE B 417 -7.73 -55.52 8.42
C PHE B 417 -7.62 -55.78 6.91
N LEU B 418 -7.59 -57.05 6.51
CA LEU B 418 -7.39 -57.38 5.07
C LEU B 418 -8.72 -57.20 4.32
N MET B 419 -9.00 -55.96 3.88
CA MET B 419 -10.25 -55.68 3.12
C MET B 419 -10.27 -56.58 1.88
N GLY B 420 -11.34 -57.34 1.69
CA GLY B 420 -11.45 -58.25 0.54
C GLY B 420 -11.73 -57.50 -0.75
N VAL B 421 -10.67 -56.98 -1.39
CA VAL B 421 -10.85 -56.23 -2.64
C VAL B 421 -11.29 -57.15 -3.76
N GLN B 422 -11.79 -56.56 -4.84
CA GLN B 422 -12.15 -57.28 -6.05
C GLN B 422 -12.13 -56.30 -7.21
N LYS B 423 -11.17 -56.48 -8.11
CA LYS B 423 -11.00 -55.56 -9.23
C LYS B 423 -12.06 -55.76 -10.30
N GLY B 424 -12.40 -57.02 -10.59
CA GLY B 424 -13.35 -57.29 -11.66
C GLY B 424 -14.70 -56.64 -11.40
N ASN B 425 -15.23 -56.78 -10.19
CA ASN B 425 -16.45 -56.08 -9.84
C ASN B 425 -16.19 -54.65 -9.40
N GLN B 426 -14.93 -54.26 -9.23
CA GLN B 426 -14.56 -52.90 -8.82
C GLN B 426 -15.22 -52.53 -7.49
N LYS B 427 -14.85 -53.27 -6.45
CA LYS B 427 -15.36 -52.98 -5.11
C LYS B 427 -14.54 -53.75 -4.09
N TRP B 428 -15.03 -53.77 -2.85
CA TRP B 428 -14.44 -54.55 -1.79
C TRP B 428 -15.53 -55.04 -0.85
N VAL B 429 -15.27 -56.17 -0.19
CA VAL B 429 -16.19 -56.79 0.74
C VAL B 429 -15.40 -57.36 1.91
N GLU B 430 -16.13 -57.75 2.95
CA GLU B 430 -15.53 -58.35 4.13
C GLU B 430 -15.03 -59.76 3.80
N ILE B 431 -14.10 -60.23 4.64
CA ILE B 431 -13.51 -61.56 4.48
C ILE B 431 -14.00 -62.51 5.57
N GLU B 432 -15.06 -62.13 6.29
CA GLU B 432 -15.61 -62.96 7.35
C GLU B 432 -16.29 -64.19 6.80
N MET C 1 -24.91 15.20 36.46
CA MET C 1 -24.59 13.95 37.13
C MET C 1 -24.55 14.15 38.64
N VAL C 2 -24.94 15.34 39.08
CA VAL C 2 -24.93 15.66 40.50
C VAL C 2 -25.87 14.72 41.26
N GLU C 3 -27.01 14.37 40.64
CA GLU C 3 -27.88 13.37 41.22
C GLU C 3 -27.12 12.07 41.44
N ILE C 4 -26.45 11.58 40.38
CA ILE C 4 -25.70 10.33 40.47
C ILE C 4 -24.56 10.47 41.47
N ILE C 5 -23.84 11.59 41.42
CA ILE C 5 -22.69 11.77 42.29
C ILE C 5 -23.12 11.73 43.74
N LEU C 6 -24.17 12.49 44.09
CA LEU C 6 -24.62 12.52 45.48
C LEU C 6 -25.19 11.18 45.91
N SER C 7 -25.93 10.51 45.01
CA SER C 7 -26.47 9.20 45.34
C SER C 7 -25.36 8.22 45.67
N HIS C 8 -24.32 8.16 44.83
CA HIS C 8 -23.23 7.25 45.06
C HIS C 8 -22.35 7.63 46.24
N LEU C 9 -22.19 8.93 46.49
CA LEU C 9 -21.49 9.34 47.71
C LEU C 9 -22.24 8.87 48.95
N ILE C 10 -23.57 9.01 48.94
CA ILE C 10 -24.36 8.54 50.07
C ILE C 10 -24.37 7.02 50.14
N PHE C 11 -24.60 6.36 49.01
CA PHE C 11 -24.85 4.93 48.99
C PHE C 11 -23.56 4.12 48.80
N ASP C 12 -22.85 4.35 47.70
CA ASP C 12 -21.64 3.60 47.43
C ASP C 12 -20.51 4.05 48.34
N GLN C 13 -19.80 3.08 48.92
CA GLN C 13 -18.70 3.35 49.84
C GLN C 13 -17.36 3.47 49.12
N ALA C 14 -17.04 2.53 48.23
CA ALA C 14 -15.82 2.65 47.44
C ALA C 14 -15.82 3.91 46.60
N TYR C 15 -17.01 4.37 46.21
CA TYR C 15 -17.12 5.64 45.50
C TYR C 15 -16.64 6.80 46.37
N PHE C 16 -17.10 6.87 47.62
CA PHE C 16 -16.62 7.89 48.54
C PHE C 16 -15.13 7.73 48.83
N SER C 17 -14.69 6.49 49.03
CA SER C 17 -13.31 6.25 49.42
C SER C 17 -12.33 6.58 48.30
N LYS C 18 -12.72 6.34 47.05
CA LYS C 18 -11.81 6.49 45.93
C LYS C 18 -11.31 7.93 45.83
N VAL C 19 -12.22 8.86 45.56
CA VAL C 19 -11.84 10.26 45.52
C VAL C 19 -12.80 11.08 46.37
N TRP C 20 -12.51 11.17 47.66
CA TRP C 20 -13.28 12.08 48.51
C TRP C 20 -12.66 13.47 48.53
N PRO C 21 -11.35 13.62 48.76
CA PRO C 21 -10.77 14.97 48.72
C PRO C 21 -10.91 15.62 47.36
N TYR C 22 -11.17 14.83 46.33
CA TYR C 22 -11.38 15.37 44.99
C TYR C 22 -12.81 15.85 44.86
N MET C 23 -13.27 16.60 45.85
CA MET C 23 -14.65 17.09 45.91
C MET C 23 -14.65 18.40 46.68
N ASP C 24 -15.05 19.48 46.01
CA ASP C 24 -15.09 20.80 46.60
C ASP C 24 -16.52 21.33 46.56
N SER C 25 -16.83 22.20 47.51
CA SER C 25 -18.17 22.78 47.57
C SER C 25 -18.53 23.52 46.29
N GLU C 26 -17.55 24.11 45.62
CA GLU C 26 -17.79 24.85 44.39
C GLU C 26 -17.82 23.95 43.16
N TYR C 27 -17.57 22.65 43.31
CA TYR C 27 -17.66 21.71 42.20
C TYR C 27 -19.09 21.46 41.76
N PHE C 28 -20.07 21.75 42.61
CA PHE C 28 -21.38 21.14 42.40
C PHE C 28 -22.37 22.10 41.75
N GLU C 29 -22.66 23.23 42.40
CA GLU C 29 -23.70 24.14 41.96
C GLU C 29 -23.72 25.37 42.85
N SER C 30 -24.26 26.48 42.34
CA SER C 30 -24.47 27.65 43.18
C SER C 30 -25.74 27.54 44.02
N GLY C 31 -26.52 26.48 43.85
CA GLY C 31 -27.81 26.37 44.50
C GLY C 31 -27.90 25.24 45.50
N PRO C 32 -29.00 24.49 45.47
CA PRO C 32 -29.26 23.48 46.51
C PRO C 32 -28.23 22.35 46.54
N ALA C 33 -27.59 22.09 45.40
CA ALA C 33 -26.56 21.04 45.38
C ALA C 33 -25.41 21.42 46.29
N LYS C 34 -25.01 22.69 46.26
CA LYS C 34 -23.96 23.15 47.17
C LYS C 34 -24.37 22.97 48.62
N ASN C 35 -25.61 23.32 48.96
CA ASN C 35 -26.06 23.18 50.34
C ASN C 35 -26.08 21.72 50.77
N THR C 36 -26.60 20.84 49.92
CA THR C 36 -26.67 19.43 50.26
C THR C 36 -25.28 18.83 50.41
N PHE C 37 -24.36 19.16 49.51
CA PHE C 37 -23.01 18.65 49.67
C PHE C 37 -22.29 19.30 50.85
N LYS C 38 -22.68 20.52 51.21
CA LYS C 38 -22.19 21.12 52.44
C LYS C 38 -22.61 20.30 53.64
N LEU C 39 -23.87 19.87 53.66
CA LEU C 39 -24.35 18.97 54.70
C LEU C 39 -23.57 17.66 54.68
N ILE C 40 -23.29 17.16 53.48
CA ILE C 40 -22.53 15.91 53.33
C ILE C 40 -21.16 16.06 53.99
N LYS C 41 -20.43 17.11 53.63
CA LYS C 41 -19.10 17.32 54.18
C LYS C 41 -19.16 17.60 55.67
N SER C 42 -20.21 18.30 56.12
CA SER C 42 -20.37 18.56 57.55
C SER C 42 -20.53 17.26 58.32
N HIS C 43 -21.36 16.35 57.82
CA HIS C 43 -21.54 15.08 58.50
C HIS C 43 -20.28 14.22 58.41
N VAL C 44 -19.56 14.32 57.28
CA VAL C 44 -18.31 13.58 57.14
C VAL C 44 -17.29 14.06 58.16
N ASN C 45 -17.18 15.38 58.34
CA ASN C 45 -16.19 15.91 59.27
C ASN C 45 -16.60 15.72 60.72
N GLU C 46 -17.86 15.99 61.05
CA GLU C 46 -18.33 15.78 62.42
C GLU C 46 -18.27 14.30 62.79
N TYR C 47 -18.67 13.44 61.87
CA TYR C 47 -18.69 12.00 62.08
C TYR C 47 -17.91 11.33 60.96
N HIS C 48 -16.81 10.65 61.32
CA HIS C 48 -15.99 9.97 60.33
C HIS C 48 -16.67 8.68 59.87
N SER C 49 -17.86 8.86 59.32
CA SER C 49 -18.72 7.77 58.88
C SER C 49 -19.61 8.27 57.76
N VAL C 50 -20.18 7.33 57.02
CA VAL C 50 -21.10 7.67 55.93
C VAL C 50 -22.48 7.94 56.54
N PRO C 51 -23.01 9.15 56.40
CA PRO C 51 -24.33 9.45 56.96
C PRO C 51 -25.43 8.67 56.25
N SER C 52 -26.48 8.39 57.00
CA SER C 52 -27.71 7.87 56.44
C SER C 52 -28.56 9.05 55.98
N ILE C 53 -29.62 8.73 55.22
CA ILE C 53 -30.52 9.77 54.76
C ILE C 53 -31.14 10.50 55.96
N ASN C 54 -31.52 9.74 56.98
CA ASN C 54 -32.07 10.34 58.20
C ASN C 54 -31.06 11.26 58.87
N ALA C 55 -29.79 10.85 58.90
CA ALA C 55 -28.77 11.67 59.55
C ALA C 55 -28.65 13.03 58.87
N LEU C 56 -28.60 13.05 57.54
CA LEU C 56 -28.50 14.33 56.84
C LEU C 56 -29.79 15.12 56.94
N ASN C 57 -30.94 14.43 57.00
CA ASN C 57 -32.20 15.13 57.21
C ASN C 57 -32.20 15.84 58.56
N VAL C 58 -31.72 15.16 59.60
CA VAL C 58 -31.60 15.77 60.92
C VAL C 58 -30.63 16.95 60.87
N ALA C 59 -29.51 16.78 60.17
CA ALA C 59 -28.53 17.87 60.06
C ALA C 59 -29.14 19.08 59.40
N LEU C 60 -29.88 18.88 58.31
CA LEU C 60 -30.55 19.98 57.63
C LEU C 60 -31.61 20.62 58.53
N GLU C 61 -32.30 19.79 59.32
CA GLU C 61 -33.33 20.30 60.21
C GLU C 61 -32.73 21.22 61.27
N ASN C 62 -31.69 20.76 61.96
CA ASN C 62 -31.07 21.60 62.99
C ASN C 62 -30.25 22.73 62.37
N SER C 63 -29.45 22.44 61.36
CA SER C 63 -28.65 23.44 60.68
C SER C 63 -29.47 23.96 59.51
N SER C 64 -30.42 24.83 59.82
CA SER C 64 -31.37 25.35 58.84
C SER C 64 -30.96 26.75 58.41
N PHE C 65 -31.76 27.32 57.52
CA PHE C 65 -31.56 28.68 57.03
C PHE C 65 -32.92 29.23 56.64
N THR C 66 -32.90 30.30 55.84
CA THR C 66 -34.15 30.88 55.35
C THR C 66 -34.91 29.86 54.49
N GLU C 67 -36.23 29.95 54.55
CA GLU C 67 -37.10 28.93 53.98
C GLU C 67 -37.10 28.91 52.45
N THR C 68 -36.60 29.96 51.80
CA THR C 68 -36.67 30.01 50.34
C THR C 68 -35.86 28.89 49.69
N GLU C 69 -34.67 28.61 50.20
CA GLU C 69 -33.88 27.47 49.74
C GLU C 69 -34.02 26.27 50.66
N TYR C 70 -34.68 26.43 51.81
CA TYR C 70 -34.94 25.28 52.68
C TYR C 70 -35.78 24.24 51.97
N SER C 71 -36.78 24.69 51.21
CA SER C 71 -37.55 23.78 50.37
C SER C 71 -36.65 23.11 49.34
N GLY C 72 -35.75 23.88 48.71
CA GLY C 72 -34.88 23.30 47.71
C GLY C 72 -33.94 22.26 48.30
N VAL C 73 -33.35 22.56 49.46
CA VAL C 73 -32.41 21.62 50.06
C VAL C 73 -33.14 20.39 50.58
N LYS C 74 -34.35 20.57 51.12
CA LYS C 74 -35.08 19.41 51.64
C LYS C 74 -35.58 18.52 50.50
N THR C 75 -36.00 19.11 49.38
CA THR C 75 -36.45 18.30 48.26
C THR C 75 -35.28 17.68 47.50
N LEU C 76 -34.11 18.32 47.55
CA LEU C 76 -32.96 17.77 46.84
C LEU C 76 -32.56 16.42 47.41
N ILE C 77 -32.59 16.27 48.73
CA ILE C 77 -32.35 14.97 49.36
C ILE C 77 -33.71 14.28 49.38
N SER C 78 -34.12 13.82 48.20
CA SER C 78 -35.30 12.97 48.08
C SER C 78 -35.16 11.94 46.96
N LYS C 79 -34.01 11.87 46.28
CA LYS C 79 -33.87 11.07 45.07
C LYS C 79 -32.67 10.15 45.08
N LEU C 80 -31.73 10.34 46.00
CA LEU C 80 -30.50 9.55 46.02
C LEU C 80 -30.84 8.09 46.28
N ALA C 81 -30.30 7.19 45.45
CA ALA C 81 -30.61 5.78 45.53
C ALA C 81 -29.33 4.96 45.44
N ASP C 82 -29.51 3.64 45.53
CA ASP C 82 -28.42 2.68 45.35
C ASP C 82 -27.83 2.82 43.95
N SER C 83 -28.63 2.50 42.93
CA SER C 83 -28.26 2.67 41.53
C SER C 83 -26.91 2.01 41.20
N PRO C 84 -26.85 0.68 41.17
CA PRO C 84 -25.55 0.00 41.00
C PRO C 84 -24.99 0.10 39.59
N GLU C 85 -24.33 1.23 39.29
CA GLU C 85 -23.74 1.50 37.98
C GLU C 85 -22.27 1.04 37.94
N ASP C 86 -21.58 1.50 36.90
CA ASP C 86 -20.16 1.21 36.74
C ASP C 86 -19.31 2.22 37.51
N HIS C 87 -18.37 1.69 38.31
CA HIS C 87 -17.49 2.55 39.10
C HIS C 87 -16.53 3.33 38.23
N SER C 88 -15.90 2.65 37.26
CA SER C 88 -14.93 3.31 36.38
C SER C 88 -15.61 4.39 35.55
N TRP C 89 -16.77 4.07 34.99
CA TRP C 89 -17.54 5.08 34.26
C TRP C 89 -17.89 6.24 35.17
N LEU C 90 -18.29 5.94 36.41
CA LEU C 90 -18.64 6.98 37.37
C LEU C 90 -17.48 7.94 37.59
N VAL C 91 -16.30 7.40 37.90
CA VAL C 91 -15.17 8.25 38.24
C VAL C 91 -14.71 9.02 37.01
N LYS C 92 -14.76 8.41 35.84
CA LYS C 92 -14.39 9.12 34.62
C LYS C 92 -15.31 10.31 34.39
N GLU C 93 -16.62 10.08 34.48
CA GLU C 93 -17.57 11.17 34.26
C GLU C 93 -17.42 12.25 35.31
N THR C 94 -17.23 11.86 36.56
CA THR C 94 -17.07 12.85 37.62
C THR C 94 -15.81 13.69 37.40
N GLU C 95 -14.71 13.04 37.01
CA GLU C 95 -13.49 13.79 36.70
C GLU C 95 -13.71 14.76 35.57
N LYS C 96 -14.40 14.31 34.51
CA LYS C 96 -14.70 15.21 33.40
C LYS C 96 -15.52 16.40 33.87
N TYR C 97 -16.57 16.15 34.65
CA TYR C 97 -17.43 17.22 35.12
C TYR C 97 -16.68 18.19 36.02
N VAL C 98 -15.84 17.66 36.91
CA VAL C 98 -15.08 18.51 37.82
C VAL C 98 -14.08 19.35 37.04
N GLN C 99 -13.49 18.79 35.99
CA GLN C 99 -12.62 19.58 35.13
C GLN C 99 -13.40 20.70 34.45
N GLN C 100 -14.62 20.39 33.99
CA GLN C 100 -15.47 21.44 33.44
C GLN C 100 -15.68 22.56 34.45
N ARG C 101 -16.02 22.19 35.69
CA ARG C 101 -16.31 23.19 36.71
C ARG C 101 -15.09 24.01 37.06
N ALA C 102 -13.92 23.36 37.14
CA ALA C 102 -12.69 24.08 37.41
C ALA C 102 -12.39 25.08 36.30
N MET C 103 -12.58 24.66 35.05
CA MET C 103 -12.42 25.58 33.93
C MET C 103 -13.39 26.74 34.05
N PHE C 104 -14.64 26.47 34.40
CA PHE C 104 -15.63 27.53 34.56
C PHE C 104 -15.20 28.52 35.63
N ASN C 105 -14.74 28.02 36.77
CA ASN C 105 -14.39 28.90 37.88
C ASN C 105 -13.17 29.73 37.55
N ALA C 106 -12.13 29.10 36.99
CA ALA C 106 -10.94 29.86 36.61
C ALA C 106 -11.29 30.91 35.57
N THR C 107 -12.13 30.54 34.60
CA THR C 107 -12.56 31.49 33.58
C THR C 107 -13.27 32.68 34.22
N SER C 108 -14.26 32.41 35.07
CA SER C 108 -15.03 33.50 35.66
C SER C 108 -14.16 34.39 36.54
N LYS C 109 -13.23 33.80 37.27
CA LYS C 109 -12.33 34.60 38.10
C LYS C 109 -11.44 35.48 37.23
N ILE C 110 -10.93 34.94 36.13
CA ILE C 110 -10.16 35.75 35.20
C ILE C 110 -11.02 36.87 34.63
N ILE C 111 -12.30 36.58 34.38
CA ILE C 111 -13.23 37.60 33.90
C ILE C 111 -13.33 38.73 34.91
N GLU C 112 -13.49 38.37 36.19
CA GLU C 112 -13.61 39.38 37.23
C GLU C 112 -12.33 40.21 37.34
N ILE C 113 -11.18 39.54 37.27
CA ILE C 113 -9.91 40.25 37.38
C ILE C 113 -9.74 41.22 36.23
N GLN C 114 -10.03 40.79 35.01
CA GLN C 114 -9.92 41.68 33.86
C GLN C 114 -10.93 42.82 33.94
N THR C 115 -12.15 42.52 34.42
CA THR C 115 -13.17 43.54 34.55
C THR C 115 -12.73 44.62 35.53
N ASN C 116 -12.13 44.21 36.66
CA ASN C 116 -11.56 45.19 37.57
C ASN C 116 -10.41 45.93 36.91
N ALA C 117 -9.61 45.23 36.11
CA ALA C 117 -8.58 45.90 35.32
C ALA C 117 -9.21 46.86 34.32
N GLU C 118 -10.34 46.48 33.75
CA GLU C 118 -11.10 47.33 32.83
C GLU C 118 -11.97 48.30 33.64
N LEU C 119 -11.31 49.00 34.56
CA LEU C 119 -11.98 49.90 35.48
C LEU C 119 -10.94 50.88 35.99
N PRO C 120 -11.35 52.10 36.36
CA PRO C 120 -10.39 53.06 36.92
C PRO C 120 -9.66 52.47 38.11
N PRO C 121 -8.33 52.58 38.14
CA PRO C 121 -7.56 51.97 39.23
C PRO C 121 -7.97 52.47 40.60
N GLU C 122 -8.36 53.74 40.73
CA GLU C 122 -8.89 54.23 41.99
C GLU C 122 -10.16 53.48 42.37
N LYS C 123 -11.03 53.23 41.41
CA LYS C 123 -12.27 52.48 41.65
C LYS C 123 -12.03 50.99 41.38
N ARG C 124 -11.13 50.43 42.18
CA ARG C 124 -10.84 49.00 42.12
C ARG C 124 -10.72 48.44 43.52
N ASN C 125 -11.32 47.28 43.73
CA ASN C 125 -11.25 46.60 45.02
C ASN C 125 -9.88 45.93 45.15
N LYS C 126 -9.06 46.44 46.05
CA LYS C 126 -7.71 45.93 46.27
C LYS C 126 -7.73 44.48 46.72
N LYS C 127 -8.84 44.03 47.29
CA LYS C 127 -8.93 42.67 47.79
C LYS C 127 -8.78 41.64 46.67
N MET C 128 -9.33 41.95 45.50
CA MET C 128 -9.29 41.02 44.38
C MET C 128 -7.86 40.79 43.92
N PRO C 129 -7.48 39.56 43.59
CA PRO C 129 -6.17 39.33 42.97
C PRO C 129 -6.06 40.09 41.66
N ASP C 130 -4.85 40.56 41.37
CA ASP C 130 -4.62 41.43 40.23
C ASP C 130 -4.41 40.61 38.95
N VAL C 131 -4.09 41.30 37.86
CA VAL C 131 -3.99 40.67 36.55
C VAL C 131 -2.83 39.68 36.52
N GLY C 132 -1.76 39.96 37.26
CA GLY C 132 -0.65 39.04 37.31
C GLY C 132 -0.99 37.67 37.86
N ALA C 133 -2.07 37.56 38.62
CA ALA C 133 -2.54 36.26 39.11
C ALA C 133 -3.35 35.50 38.07
N ILE C 134 -3.68 36.13 36.94
CA ILE C 134 -4.50 35.47 35.93
C ILE C 134 -3.82 34.23 35.34
N PRO C 135 -2.53 34.26 34.96
CA PRO C 135 -1.96 33.06 34.32
C PRO C 135 -1.93 31.84 35.22
N ASP C 136 -1.54 32.00 36.48
CA ASP C 136 -1.27 30.86 37.34
C ASP C 136 -2.53 30.02 37.58
N ILE C 137 -3.67 30.68 37.80
CA ILE C 137 -4.91 29.93 37.98
C ILE C 137 -5.22 29.13 36.73
N MET C 138 -4.86 29.67 35.56
CA MET C 138 -4.95 28.89 34.33
C MET C 138 -4.22 27.57 34.49
N ARG C 139 -2.95 27.62 34.92
CA ARG C 139 -2.26 26.39 35.26
C ARG C 139 -3.01 25.61 36.32
N GLN C 140 -3.46 26.29 37.37
CA GLN C 140 -4.28 25.64 38.38
C GLN C 140 -5.55 25.06 37.77
N ALA C 141 -6.08 25.71 36.74
CA ALA C 141 -7.23 25.16 36.04
C ALA C 141 -6.90 23.85 35.33
N LEU C 142 -5.72 23.76 34.71
CA LEU C 142 -5.36 22.55 33.97
C LEU C 142 -4.74 21.50 34.85
N SER C 143 -4.07 21.91 35.93
CA SER C 143 -3.49 20.95 36.86
C SER C 143 -4.53 20.39 37.82
N ILE C 144 -5.64 19.91 37.25
CA ILE C 144 -6.72 19.31 38.02
C ILE C 144 -7.25 18.10 37.26
N SER C 145 -6.92 16.91 37.72
CA SER C 145 -7.39 15.68 37.11
C SER C 145 -7.25 14.54 38.10
N PHE C 146 -7.91 13.42 37.80
CA PHE C 146 -7.79 12.24 38.64
C PHE C 146 -6.49 11.51 38.37
N ASP C 147 -5.95 10.89 39.41
CA ASP C 147 -4.69 10.15 39.26
C ASP C 147 -4.94 8.85 38.51
N SER C 148 -4.46 8.79 37.27
CA SER C 148 -4.55 7.56 36.51
C SER C 148 -3.61 6.51 37.06
N TYR C 149 -2.57 6.93 37.79
CA TYR C 149 -1.57 6.03 38.36
C TYR C 149 -0.94 5.15 37.29
N VAL C 150 -0.70 5.74 36.11
CA VAL C 150 -0.13 4.99 35.01
C VAL C 150 1.31 4.61 35.33
N GLY C 151 1.70 3.40 34.95
CA GLY C 151 3.03 2.91 35.22
C GLY C 151 3.24 2.56 36.68
N HIS C 152 4.33 1.86 36.96
CA HIS C 152 4.71 1.49 38.32
C HIS C 152 6.07 2.10 38.63
N ASP C 153 6.17 2.78 39.77
CA ASP C 153 7.46 3.27 40.23
C ASP C 153 8.08 2.30 41.21
N TRP C 154 9.35 1.98 41.00
CA TRP C 154 9.99 1.01 41.88
C TRP C 154 10.11 1.50 43.31
N MET C 155 10.16 2.81 43.53
CA MET C 155 10.47 3.33 44.85
C MET C 155 9.23 3.52 45.71
N ASP C 156 8.34 4.43 45.35
CA ASP C 156 7.23 4.78 46.23
C ASP C 156 6.09 3.77 46.17
N ASP C 157 6.20 2.74 45.33
CA ASP C 157 5.17 1.72 45.22
C ASP C 157 5.54 0.44 45.94
N TYR C 158 6.45 0.54 46.92
CA TYR C 158 6.84 -0.65 47.68
C TYR C 158 5.67 -1.19 48.49
N GLU C 159 4.80 -0.31 48.98
CA GLU C 159 3.56 -0.73 49.61
C GLU C 159 2.65 -1.36 48.57
N ALA C 160 1.86 -2.35 49.02
CA ALA C 160 1.00 -3.18 48.18
C ALA C 160 1.78 -4.03 47.18
N ARG C 161 3.11 -3.96 47.22
CA ARG C 161 3.96 -4.74 46.33
C ARG C 161 4.45 -5.98 47.06
N TRP C 162 4.80 -5.82 48.34
CA TRP C 162 5.06 -6.98 49.19
C TRP C 162 3.83 -7.86 49.30
N LEU C 163 2.64 -7.30 49.11
CA LEU C 163 1.43 -8.08 48.96
C LEU C 163 1.44 -8.93 47.71
N SER C 164 2.44 -8.75 46.85
CA SER C 164 2.59 -9.55 45.65
C SER C 164 3.77 -10.51 45.75
N TYR C 165 4.65 -10.34 46.73
CA TYR C 165 5.84 -11.17 46.79
C TYR C 165 5.72 -12.22 47.89
N MET C 166 5.42 -11.80 49.12
CA MET C 166 5.21 -12.75 50.20
C MET C 166 4.03 -13.66 49.88
N ASN C 167 2.89 -13.08 49.56
CA ASN C 167 1.74 -13.80 49.03
C ASN C 167 1.82 -13.66 47.52
N LYS C 168 1.77 -14.79 46.81
CA LYS C 168 1.97 -14.77 45.37
C LYS C 168 0.93 -13.91 44.67
N ALA C 169 -0.31 -13.92 45.18
CA ALA C 169 -1.45 -13.33 44.46
C ALA C 169 -1.52 -13.90 43.05
N ARG C 170 -1.02 -15.13 42.90
CA ARG C 170 -1.05 -15.81 41.61
C ARG C 170 -2.48 -16.16 41.25
N LYS C 171 -3.03 -15.40 40.30
CA LYS C 171 -4.48 -15.37 40.14
C LYS C 171 -5.04 -16.73 39.76
N VAL C 172 -4.22 -17.61 39.19
CA VAL C 172 -4.63 -18.96 38.84
C VAL C 172 -3.50 -19.94 39.11
N PRO C 173 -3.67 -20.92 40.00
CA PRO C 173 -2.71 -22.02 40.10
C PRO C 173 -3.08 -23.18 39.19
N PHE C 174 -2.29 -24.25 39.21
CA PHE C 174 -2.57 -25.40 38.37
C PHE C 174 -3.14 -26.55 39.17
N LYS C 175 -3.13 -26.43 40.49
CA LYS C 175 -3.62 -27.43 41.43
C LYS C 175 -2.70 -28.64 41.49
N LEU C 176 -1.66 -28.70 40.66
CA LEU C 176 -0.77 -29.84 40.60
C LEU C 176 0.61 -29.43 41.10
N ARG C 177 1.27 -30.35 41.80
CA ARG C 177 2.52 -30.02 42.47
C ARG C 177 3.59 -29.58 41.48
N ILE C 178 3.70 -30.30 40.36
CA ILE C 178 4.75 -30.00 39.39
C ILE C 178 4.59 -28.57 38.85
N LEU C 179 3.38 -28.26 38.38
CA LEU C 179 3.18 -26.99 37.67
C LEU C 179 3.22 -25.81 38.63
N ASN C 180 2.56 -25.94 39.77
CA ASN C 180 2.61 -24.87 40.77
C ASN C 180 4.03 -24.66 41.27
N LYS C 181 4.76 -25.76 41.52
CA LYS C 181 6.12 -25.65 42.03
C LYS C 181 7.04 -24.98 41.02
N ILE C 182 6.95 -25.37 39.75
CA ILE C 182 7.80 -24.75 38.74
C ILE C 182 7.39 -23.29 38.53
N THR C 183 6.09 -23.01 38.59
CA THR C 183 5.56 -21.67 38.37
C THR C 183 5.42 -20.87 39.66
N LYS C 184 5.81 -21.44 40.79
CA LYS C 184 5.71 -20.76 42.09
C LYS C 184 4.29 -20.29 42.37
N GLY C 185 3.33 -21.16 42.09
CA GLY C 185 1.96 -20.85 42.41
C GLY C 185 1.03 -20.69 41.22
N GLY C 186 1.60 -20.58 40.01
CA GLY C 186 0.78 -20.47 38.83
C GLY C 186 1.35 -19.46 37.86
N ALA C 187 0.56 -19.13 36.85
CA ALA C 187 0.98 -18.23 35.79
C ALA C 187 0.64 -16.78 36.14
N GLU C 188 0.93 -15.89 35.20
CA GLU C 188 0.89 -14.45 35.43
C GLU C 188 -0.20 -13.78 34.60
N THR C 189 -1.39 -14.39 34.56
CA THR C 189 -2.64 -13.81 34.04
C THR C 189 -2.45 -12.95 32.79
N GLY C 190 -1.96 -13.57 31.72
CA GLY C 190 -1.71 -12.82 30.50
C GLY C 190 -0.47 -13.30 29.79
N THR C 191 0.20 -14.29 30.37
CA THR C 191 1.38 -14.90 29.77
C THR C 191 0.95 -15.85 28.66
N LEU C 192 1.94 -16.44 28.02
CA LEU C 192 1.72 -17.35 26.92
C LEU C 192 2.32 -18.70 27.29
N ASN C 193 1.51 -19.75 27.21
CA ASN C 193 1.92 -21.09 27.59
C ASN C 193 1.50 -22.08 26.52
N VAL C 194 2.43 -22.95 26.13
CA VAL C 194 2.24 -23.84 24.99
C VAL C 194 2.86 -25.20 25.30
N LEU C 195 2.21 -26.26 24.80
CA LEU C 195 2.72 -27.61 24.85
C LEU C 195 3.18 -28.00 23.45
N MET C 196 4.46 -28.36 23.31
CA MET C 196 5.02 -28.83 22.06
C MET C 196 5.12 -30.35 22.08
N ALA C 197 4.74 -30.98 20.97
CA ALA C 197 4.78 -32.44 20.87
C ALA C 197 4.64 -32.84 19.41
N GLY C 198 4.64 -34.15 19.19
CA GLY C 198 4.54 -34.71 17.86
C GLY C 198 3.09 -34.92 17.42
N VAL C 199 2.92 -35.88 16.51
CA VAL C 199 1.60 -36.13 15.94
C VAL C 199 0.74 -36.85 16.96
N ASN C 200 -0.36 -36.20 17.38
CA ASN C 200 -1.39 -36.81 18.20
C ASN C 200 -0.80 -37.50 19.43
N VAL C 201 -0.18 -36.69 20.29
CA VAL C 201 0.41 -37.20 21.52
C VAL C 201 -0.47 -36.97 22.73
N GLY C 202 -1.62 -36.34 22.59
CA GLY C 202 -2.45 -36.05 23.75
C GLY C 202 -2.40 -34.58 24.08
N LYS C 203 -1.97 -33.78 23.12
CA LYS C 203 -1.87 -32.31 23.34
C LYS C 203 -3.26 -31.79 23.72
N SER C 204 -4.25 -31.98 22.86
CA SER C 204 -5.64 -31.57 23.21
C SER C 204 -6.06 -32.29 24.49
N LEU C 205 -5.62 -33.53 24.68
CA LEU C 205 -5.93 -34.20 25.94
C LEU C 205 -5.38 -33.42 27.12
N GLY C 206 -4.14 -32.94 27.01
CA GLY C 206 -3.59 -32.11 28.06
C GLY C 206 -4.38 -30.81 28.23
N LEU C 207 -4.80 -30.22 27.11
CA LEU C 207 -5.61 -29.02 27.17
C LEU C 207 -6.91 -29.27 27.93
N CYS C 208 -7.58 -30.36 27.60
CA CYS C 208 -8.81 -30.70 28.30
C CYS C 208 -8.57 -30.97 29.78
N SER C 209 -7.48 -31.67 30.10
CA SER C 209 -7.15 -31.94 31.50
C SER C 209 -6.97 -30.65 32.27
N LEU C 210 -6.19 -29.72 31.71
CA LEU C 210 -5.98 -28.45 32.38
C LEU C 210 -7.27 -27.66 32.49
N ALA C 211 -8.11 -27.72 31.45
CA ALA C 211 -9.39 -27.03 31.50
C ALA C 211 -10.26 -27.56 32.63
N ALA C 212 -10.32 -28.88 32.77
CA ALA C 212 -11.08 -29.48 33.84
C ALA C 212 -10.51 -29.10 35.20
N ASP C 213 -9.18 -29.10 35.33
CA ASP C 213 -8.56 -28.71 36.59
C ASP C 213 -8.91 -27.28 36.95
N TYR C 214 -8.86 -26.38 35.97
CA TYR C 214 -9.25 -24.99 36.22
C TYR C 214 -10.71 -24.91 36.62
N LEU C 215 -11.57 -25.66 35.93
CA LEU C 215 -13.00 -25.62 36.26
C LEU C 215 -13.23 -26.06 37.69
N GLN C 216 -12.49 -27.08 38.14
CA GLN C 216 -12.54 -27.45 39.56
C GLN C 216 -12.26 -26.25 40.45
N LEU C 217 -11.31 -25.41 40.06
CA LEU C 217 -10.92 -24.27 40.88
C LEU C 217 -11.66 -22.99 40.49
N GLY C 218 -12.98 -23.08 40.36
CA GLY C 218 -13.81 -21.89 40.19
C GLY C 218 -13.37 -20.96 39.09
N HIS C 219 -13.07 -21.49 37.91
CA HIS C 219 -12.47 -20.71 36.84
C HIS C 219 -13.36 -20.69 35.61
N ASN C 220 -13.47 -19.52 34.98
CA ASN C 220 -14.16 -19.39 33.71
C ASN C 220 -13.17 -19.64 32.58
N VAL C 221 -13.54 -20.55 31.68
CA VAL C 221 -12.64 -21.05 30.65
C VAL C 221 -13.22 -20.73 29.28
N LEU C 222 -12.39 -20.17 28.41
CA LEU C 222 -12.75 -19.93 27.01
C LEU C 222 -11.97 -20.93 26.17
N TYR C 223 -12.61 -22.05 25.84
CA TYR C 223 -11.96 -23.13 25.10
C TYR C 223 -12.26 -22.97 23.61
N ILE C 224 -11.20 -22.96 22.80
CA ILE C 224 -11.37 -22.80 21.32
C ILE C 224 -10.81 -24.05 20.62
N SER C 225 -11.67 -24.78 19.90
CA SER C 225 -11.21 -26.01 19.20
C SER C 225 -10.91 -25.69 17.73
N MET C 226 -9.69 -25.97 17.28
CA MET C 226 -9.32 -25.71 15.87
C MET C 226 -9.33 -27.05 15.11
N GLU C 227 -9.49 -28.16 15.82
CA GLU C 227 -9.51 -29.47 15.17
C GLU C 227 -10.85 -30.17 15.34
N MET C 228 -11.33 -30.29 16.57
CA MET C 228 -12.46 -31.14 16.88
C MET C 228 -13.72 -30.31 17.09
N ALA C 229 -14.86 -30.98 17.01
CA ALA C 229 -16.13 -30.35 17.34
C ALA C 229 -16.18 -30.04 18.83
N GLU C 230 -16.94 -29.00 19.17
CA GLU C 230 -17.13 -28.66 20.57
C GLU C 230 -17.64 -29.86 21.35
N GLU C 231 -18.48 -30.67 20.73
CA GLU C 231 -19.05 -31.83 21.39
C GLU C 231 -17.99 -32.88 21.67
N VAL C 232 -17.04 -33.05 20.75
CA VAL C 232 -15.96 -34.01 20.97
C VAL C 232 -15.12 -33.60 22.18
N CYS C 233 -14.77 -32.31 22.23
CA CYS C 233 -14.01 -31.81 23.35
C CYS C 233 -14.78 -31.98 24.66
N ALA C 234 -16.08 -31.71 24.64
CA ALA C 234 -16.88 -31.90 25.84
C ALA C 234 -16.95 -33.38 26.22
N LYS C 235 -16.95 -34.27 25.23
CA LYS C 235 -16.91 -35.70 25.51
C LYS C 235 -15.63 -36.08 26.23
N ARG C 236 -14.51 -35.53 25.77
CA ARG C 236 -13.24 -35.79 26.45
C ARG C 236 -13.22 -35.18 27.84
N ILE C 237 -13.87 -34.02 28.00
CA ILE C 237 -14.00 -33.42 29.33
C ILE C 237 -14.85 -34.31 30.22
N ASP C 238 -15.87 -34.96 29.66
CA ASP C 238 -16.63 -35.95 30.40
C ASP C 238 -15.76 -37.12 30.81
N ALA C 239 -14.93 -37.60 29.87
CA ALA C 239 -14.00 -38.68 30.18
C ALA C 239 -13.10 -38.32 31.35
N ASN C 240 -12.67 -37.06 31.43
CA ASN C 240 -11.85 -36.65 32.56
C ASN C 240 -12.70 -36.49 33.82
N MET C 241 -13.70 -35.63 33.78
CA MET C 241 -14.49 -35.28 34.96
C MET C 241 -15.24 -36.48 35.51
N LEU C 242 -16.01 -37.16 34.67
CA LEU C 242 -16.71 -38.35 35.12
C LEU C 242 -15.77 -39.51 35.38
N ASP C 243 -14.60 -39.49 34.75
CA ASP C 243 -13.51 -40.40 35.05
C ASP C 243 -13.97 -41.85 34.93
N VAL C 244 -14.51 -42.19 33.77
CA VAL C 244 -14.98 -43.55 33.54
C VAL C 244 -14.15 -44.24 32.46
N SER C 245 -14.30 -43.80 31.21
CA SER C 245 -13.52 -44.26 30.07
C SER C 245 -14.00 -43.54 28.84
N LEU C 246 -13.20 -43.62 27.77
CA LEU C 246 -13.67 -43.21 26.46
C LEU C 246 -14.66 -44.20 25.87
N ASP C 247 -14.53 -45.47 26.21
CA ASP C 247 -15.39 -46.51 25.66
C ASP C 247 -16.77 -46.49 26.28
N ASP C 248 -16.88 -46.04 27.54
CA ASP C 248 -18.17 -46.08 28.22
C ASP C 248 -19.19 -45.16 27.56
N ILE C 249 -18.77 -43.95 27.17
CA ILE C 249 -19.72 -42.97 26.66
C ILE C 249 -20.27 -43.40 25.31
N ASP C 250 -19.41 -43.79 24.39
CA ASP C 250 -19.82 -44.14 23.04
C ASP C 250 -20.30 -45.59 22.92
N ASP C 251 -20.05 -46.42 23.93
CA ASP C 251 -20.53 -47.79 23.92
C ASP C 251 -21.77 -47.99 24.79
N GLY C 252 -22.32 -46.92 25.35
CA GLY C 252 -23.51 -47.01 26.16
C GLY C 252 -23.31 -47.65 27.51
N HIS C 253 -22.06 -47.87 27.93
CA HIS C 253 -21.81 -48.49 29.22
C HIS C 253 -22.33 -47.63 30.36
N ILE C 254 -22.42 -46.31 30.14
CA ILE C 254 -23.07 -45.45 31.11
C ILE C 254 -24.56 -45.68 31.07
N SER C 255 -25.16 -45.89 32.25
CA SER C 255 -26.58 -46.19 32.35
C SER C 255 -27.45 -44.96 32.13
N TYR C 256 -26.86 -43.79 31.90
CA TYR C 256 -27.51 -42.51 31.64
C TYR C 256 -28.13 -41.92 32.91
N ALA C 257 -28.15 -42.68 34.01
CA ALA C 257 -28.57 -42.16 35.31
C ALA C 257 -27.37 -41.75 36.15
N GLU C 258 -26.33 -42.60 36.19
CA GLU C 258 -25.07 -42.18 36.77
C GLU C 258 -24.52 -40.96 36.06
N TYR C 259 -24.84 -40.80 34.77
CA TYR C 259 -24.52 -39.57 34.07
C TYR C 259 -25.20 -38.39 34.73
N LYS C 260 -26.53 -38.47 34.90
CA LYS C 260 -27.27 -37.37 35.50
C LYS C 260 -26.91 -37.20 36.97
N GLY C 261 -26.70 -38.31 37.68
CA GLY C 261 -26.30 -38.21 39.07
C GLY C 261 -24.97 -37.52 39.25
N LYS C 262 -23.97 -37.92 38.45
CA LYS C 262 -22.66 -37.28 38.50
C LYS C 262 -22.77 -35.80 38.13
N MET C 263 -23.57 -35.49 37.10
CA MET C 263 -23.68 -34.10 36.67
C MET C 263 -24.33 -33.24 37.76
N GLU C 264 -25.38 -33.73 38.40
CA GLU C 264 -25.99 -32.97 39.48
C GLU C 264 -25.06 -32.87 40.69
N LYS C 265 -24.28 -33.92 40.96
CA LYS C 265 -23.31 -33.86 42.03
C LYS C 265 -22.25 -32.80 41.77
N TRP C 266 -21.79 -32.70 40.52
CA TRP C 266 -20.89 -31.61 40.18
C TRP C 266 -21.60 -30.25 40.23
N ARG C 267 -22.89 -30.24 39.92
CA ARG C 267 -23.64 -28.99 39.97
C ARG C 267 -23.72 -28.43 41.38
N GLU C 268 -23.97 -29.30 42.37
CA GLU C 268 -24.05 -28.83 43.74
C GLU C 268 -22.71 -28.32 44.25
N LYS C 269 -21.61 -28.71 43.60
CA LYS C 269 -20.29 -28.17 43.93
C LYS C 269 -20.26 -26.69 43.59
N SER C 270 -20.19 -25.84 44.61
CA SER C 270 -20.08 -24.40 44.37
C SER C 270 -18.69 -24.02 43.87
N THR C 271 -17.71 -24.91 44.00
CA THR C 271 -16.33 -24.61 43.60
C THR C 271 -16.11 -24.75 42.10
N LEU C 272 -17.04 -25.34 41.37
CA LEU C 272 -16.83 -25.57 39.95
C LEU C 272 -16.87 -24.27 39.17
N GLY C 273 -16.04 -24.18 38.12
CA GLY C 273 -16.04 -23.05 37.24
C GLY C 273 -17.03 -23.19 36.09
N ARG C 274 -16.90 -22.30 35.12
CA ARG C 274 -17.74 -22.30 33.93
C ARG C 274 -16.87 -22.46 32.70
N LEU C 275 -17.18 -23.46 31.88
CA LEU C 275 -16.42 -23.76 30.67
C LEU C 275 -17.31 -23.61 29.45
N ILE C 276 -16.80 -22.93 28.44
CA ILE C 276 -17.46 -22.79 27.15
C ILE C 276 -16.46 -23.16 26.07
N VAL C 277 -16.90 -24.01 25.13
CA VAL C 277 -16.03 -24.54 24.09
C VAL C 277 -16.63 -24.13 22.75
N LYS C 278 -15.81 -23.50 21.91
CA LYS C 278 -16.26 -23.05 20.60
C LYS C 278 -15.29 -23.55 19.55
N GLN C 279 -15.83 -23.91 18.38
CA GLN C 279 -15.03 -24.37 17.27
C GLN C 279 -15.22 -23.45 16.07
N TYR C 280 -14.13 -23.19 15.37
CA TYR C 280 -14.15 -22.34 14.19
C TYR C 280 -13.39 -23.02 13.06
N PRO C 281 -13.63 -22.62 11.82
CA PRO C 281 -12.92 -23.23 10.69
C PRO C 281 -11.42 -23.09 10.84
N THR C 282 -10.72 -24.16 10.45
CA THR C 282 -9.26 -24.20 10.56
C THR C 282 -8.64 -23.08 9.75
N GLY C 283 -7.68 -22.37 10.33
CA GLY C 283 -7.10 -21.21 9.67
C GLY C 283 -8.05 -20.05 9.53
N GLY C 284 -9.12 -20.01 10.33
CA GLY C 284 -10.09 -18.94 10.25
C GLY C 284 -10.38 -18.32 11.60
N ALA C 285 -9.41 -18.33 12.49
CA ALA C 285 -9.56 -17.76 13.82
C ALA C 285 -8.44 -16.78 14.08
N ASP C 286 -8.80 -15.54 14.39
CA ASP C 286 -7.86 -14.49 14.72
C ASP C 286 -8.33 -13.73 15.94
N ALA C 287 -7.49 -12.82 16.42
CA ALA C 287 -7.79 -12.08 17.64
C ALA C 287 -9.03 -11.21 17.51
N ASN C 288 -9.34 -10.72 16.31
CA ASN C 288 -10.49 -9.83 16.16
C ASN C 288 -11.78 -10.56 16.51
N THR C 289 -12.02 -11.72 15.91
CA THR C 289 -13.21 -12.48 16.26
C THR C 289 -13.13 -13.04 17.67
N PHE C 290 -11.92 -13.22 18.22
CA PHE C 290 -11.80 -13.59 19.62
C PHE C 290 -12.35 -12.50 20.53
N ARG C 291 -11.95 -11.25 20.27
CA ARG C 291 -12.46 -10.12 21.05
C ARG C 291 -13.96 -9.99 20.87
N SER C 292 -14.44 -10.14 19.63
CA SER C 292 -15.88 -10.04 19.39
C SER C 292 -16.62 -11.14 20.15
N LEU C 293 -16.08 -12.35 20.14
CA LEU C 293 -16.69 -13.45 20.87
C LEU C 293 -16.73 -13.16 22.36
N LEU C 294 -15.63 -12.65 22.92
CA LEU C 294 -15.63 -12.29 24.33
C LEU C 294 -16.71 -11.25 24.63
N ASN C 295 -16.76 -10.20 23.82
CA ASN C 295 -17.71 -9.11 24.07
C ASN C 295 -19.14 -9.61 24.01
N GLU C 296 -19.47 -10.39 22.98
CA GLU C 296 -20.83 -10.90 22.87
C GLU C 296 -21.15 -11.89 23.97
N LEU C 297 -20.19 -12.72 24.37
CA LEU C 297 -20.40 -13.62 25.50
C LEU C 297 -20.78 -12.84 26.74
N LYS C 298 -20.01 -11.80 27.07
CA LYS C 298 -20.37 -10.95 28.20
C LYS C 298 -21.75 -10.36 28.03
N LEU C 299 -22.12 -10.02 26.80
CA LEU C 299 -23.46 -9.52 26.50
C LEU C 299 -24.50 -10.61 26.37
N LYS C 300 -24.08 -11.88 26.26
CA LYS C 300 -25.01 -12.98 26.24
C LYS C 300 -24.98 -13.82 27.50
N LYS C 301 -23.96 -13.68 28.35
CA LYS C 301 -23.88 -14.40 29.61
C LYS C 301 -22.84 -13.70 30.47
N ASN C 302 -23.08 -13.71 31.79
CA ASN C 302 -22.14 -13.11 32.72
C ASN C 302 -20.90 -14.01 32.79
N PHE C 303 -20.15 -14.02 31.70
CA PHE C 303 -18.98 -14.89 31.54
C PHE C 303 -17.79 -14.01 31.17
N VAL C 304 -16.78 -14.01 32.04
CA VAL C 304 -15.47 -13.44 31.74
C VAL C 304 -14.46 -14.55 31.92
N PRO C 305 -13.85 -15.07 30.86
CA PRO C 305 -13.01 -16.27 30.99
C PRO C 305 -11.76 -16.00 31.81
N THR C 306 -11.61 -16.75 32.89
CA THR C 306 -10.40 -16.70 33.70
C THR C 306 -9.17 -17.19 32.94
N ILE C 307 -9.33 -18.23 32.12
CA ILE C 307 -8.25 -18.74 31.30
C ILE C 307 -8.78 -18.88 29.87
N ILE C 308 -7.91 -18.72 28.89
CA ILE C 308 -8.27 -18.88 27.49
C ILE C 308 -7.38 -19.96 26.90
N ILE C 309 -8.02 -20.98 26.29
CA ILE C 309 -7.25 -22.13 25.72
C ILE C 309 -7.43 -22.15 24.21
N VAL C 310 -6.36 -22.50 23.47
CA VAL C 310 -6.46 -22.62 21.99
C VAL C 310 -5.99 -24.03 21.59
N ASP C 311 -6.78 -24.73 20.77
CA ASP C 311 -6.43 -26.12 20.40
C ASP C 311 -5.04 -26.14 19.75
N TYR C 312 -4.78 -25.22 18.82
CA TYR C 312 -3.47 -25.19 18.13
C TYR C 312 -3.19 -23.78 17.61
N LEU C 313 -2.03 -23.22 17.96
CA LEU C 313 -1.65 -21.85 17.50
C LEU C 313 -1.23 -21.93 16.03
N GLY C 314 -0.65 -23.05 15.61
CA GLY C 314 -0.14 -23.20 14.23
C GLY C 314 -1.23 -23.26 13.17
N ILE C 315 -2.46 -23.64 13.53
CA ILE C 315 -3.46 -23.78 12.48
C ILE C 315 -4.50 -22.67 12.58
N CYS C 316 -4.16 -21.57 13.22
CA CYS C 316 -5.07 -20.46 13.37
C CYS C 316 -4.94 -19.50 12.19
N LYS C 317 -5.48 -18.30 12.35
CA LYS C 317 -5.50 -17.28 11.30
C LYS C 317 -4.88 -15.99 11.83
N SER C 318 -3.96 -15.44 11.04
CA SER C 318 -3.34 -14.17 11.39
C SER C 318 -4.30 -13.01 11.13
N CYS C 319 -4.44 -12.14 12.12
CA CYS C 319 -5.29 -10.95 11.97
C CYS C 319 -4.57 -9.80 11.30
N ARG C 320 -3.23 -9.85 11.28
CA ARG C 320 -2.43 -8.80 10.61
C ARG C 320 -1.82 -9.37 9.34
N ILE C 321 -0.95 -10.37 9.47
CA ILE C 321 -0.32 -11.02 8.28
C ILE C 321 -1.44 -11.66 7.45
N ARG C 322 -1.30 -11.65 6.13
CA ARG C 322 -2.30 -12.29 5.23
C ARG C 322 -2.11 -13.81 5.29
N VAL C 323 -2.88 -14.56 4.50
CA VAL C 323 -2.75 -16.04 4.47
C VAL C 323 -1.26 -16.38 4.33
N TYR C 324 -0.75 -17.28 5.18
CA TYR C 324 0.68 -17.68 5.12
C TYR C 324 1.19 -17.55 3.68
N SER C 325 2.09 -16.58 3.45
CA SER C 325 2.63 -16.37 2.08
C SER C 325 4.15 -16.13 2.15
N GLU C 326 4.57 -15.06 2.83
CA GLU C 326 6.01 -14.72 2.92
C GLU C 326 6.76 -15.89 3.57
N ASN C 327 6.30 -16.36 4.72
CA ASN C 327 6.96 -17.49 5.42
C ASN C 327 6.13 -17.90 6.65
N SER C 328 6.04 -19.19 6.95
CA SER C 328 5.34 -19.64 8.17
C SER C 328 6.06 -19.04 9.38
N TYR C 329 7.40 -19.04 9.35
CA TYR C 329 8.18 -18.39 10.44
C TYR C 329 7.57 -17.01 10.69
N THR C 330 7.18 -16.33 9.62
CA THR C 330 6.63 -14.95 9.75
C THR C 330 5.21 -15.01 10.33
N THR C 331 4.44 -16.02 9.94
CA THR C 331 3.02 -16.12 10.40
C THR C 331 2.97 -16.58 11.86
N VAL C 332 3.50 -17.77 12.15
CA VAL C 332 3.38 -18.30 13.50
C VAL C 332 3.81 -17.26 14.52
N LYS C 333 4.92 -16.56 14.23
CA LYS C 333 5.38 -15.52 15.14
C LYS C 333 4.33 -14.43 15.32
N ALA C 334 3.78 -13.94 14.22
CA ALA C 334 2.81 -12.86 14.29
C ALA C 334 1.57 -13.28 15.04
N ILE C 335 1.07 -14.49 14.78
CA ILE C 335 -0.11 -14.98 15.46
C ILE C 335 0.17 -15.13 16.94
N ALA C 336 1.33 -15.67 17.29
CA ALA C 336 1.69 -15.82 18.69
C ALA C 336 1.72 -14.48 19.40
N GLU C 337 2.33 -13.49 18.77
CA GLU C 337 2.43 -12.18 19.41
C GLU C 337 1.05 -11.54 19.54
N GLU C 338 0.23 -11.65 18.50
CA GLU C 338 -1.11 -11.07 18.56
C GLU C 338 -1.94 -11.70 19.66
N LEU C 339 -1.86 -13.03 19.79
CA LEU C 339 -2.62 -13.70 20.83
C LEU C 339 -2.10 -13.36 22.21
N ARG C 340 -0.77 -13.27 22.37
CA ARG C 340 -0.22 -12.88 23.66
C ARG C 340 -0.65 -11.48 24.04
N ALA C 341 -0.65 -10.57 23.06
CA ALA C 341 -1.09 -9.21 23.33
C ALA C 341 -2.55 -9.19 23.75
N LEU C 342 -3.40 -9.94 23.06
CA LEU C 342 -4.80 -10.01 23.44
C LEU C 342 -4.94 -10.56 24.85
N ALA C 343 -4.21 -11.63 25.17
CA ALA C 343 -4.32 -12.27 26.47
C ALA C 343 -3.89 -11.31 27.58
N VAL C 344 -2.78 -10.62 27.38
CA VAL C 344 -2.31 -9.70 28.41
C VAL C 344 -3.25 -8.50 28.52
N GLU C 345 -3.90 -8.13 27.42
CA GLU C 345 -4.90 -7.07 27.48
C GLU C 345 -6.09 -7.48 28.33
N THR C 346 -6.53 -8.73 28.17
CA THR C 346 -7.69 -9.21 28.91
C THR C 346 -7.34 -9.64 30.33
N GLU C 347 -6.07 -9.62 30.71
CA GLU C 347 -5.62 -10.09 32.02
C GLU C 347 -6.02 -11.54 32.23
N THR C 348 -5.76 -12.36 31.22
CA THR C 348 -6.19 -13.76 31.21
C THR C 348 -5.04 -14.63 30.73
N VAL C 349 -4.78 -15.73 31.42
CA VAL C 349 -3.72 -16.63 31.04
C VAL C 349 -4.11 -17.37 29.77
N LEU C 350 -3.18 -17.42 28.82
CA LEU C 350 -3.38 -18.06 27.53
C LEU C 350 -2.62 -19.37 27.49
N TRP C 351 -3.32 -20.46 27.18
CA TRP C 351 -2.72 -21.77 27.00
C TRP C 351 -2.97 -22.26 25.58
N THR C 352 -1.99 -22.97 25.04
CA THR C 352 -2.05 -23.47 23.68
C THR C 352 -1.10 -24.66 23.55
N ALA C 353 -0.98 -25.16 22.33
CA ALA C 353 -0.10 -26.28 22.02
C ALA C 353 0.56 -26.04 20.67
N ALA C 354 1.68 -26.73 20.46
CA ALA C 354 2.47 -26.57 19.23
C ALA C 354 2.97 -27.94 18.78
N GLN C 355 3.44 -28.00 17.53
CA GLN C 355 3.93 -29.23 16.94
C GLN C 355 5.44 -29.21 16.76
N VAL C 356 6.10 -30.30 17.15
CA VAL C 356 7.53 -30.44 16.97
C VAL C 356 7.79 -30.92 15.55
N GLY C 357 9.05 -30.78 15.13
CA GLY C 357 9.42 -31.16 13.78
C GLY C 357 9.28 -32.64 13.52
N LYS C 358 9.25 -32.98 12.23
CA LYS C 358 9.11 -34.38 11.83
C LYS C 358 10.29 -35.23 12.29
N GLN C 359 11.46 -34.63 12.50
CA GLN C 359 12.61 -35.35 13.02
C GLN C 359 12.48 -35.71 14.49
N ALA C 360 11.57 -35.06 15.22
CA ALA C 360 11.41 -35.28 16.64
C ALA C 360 10.22 -36.18 16.98
N TRP C 361 9.52 -36.68 15.97
CA TRP C 361 8.37 -37.56 16.22
C TRP C 361 8.79 -38.86 16.88
N ASP C 362 9.95 -39.38 16.52
CA ASP C 362 10.47 -40.63 17.07
C ASP C 362 11.68 -40.37 17.96
N SER C 363 11.71 -39.19 18.59
CA SER C 363 12.81 -38.79 19.45
C SER C 363 12.36 -38.81 20.91
N SER C 364 13.04 -39.64 21.71
CA SER C 364 12.76 -39.67 23.14
C SER C 364 13.24 -38.40 23.83
N ASP C 365 14.12 -37.64 23.18
CA ASP C 365 14.55 -36.34 23.66
C ASP C 365 14.18 -35.30 22.60
N VAL C 366 13.42 -34.28 23.01
CA VAL C 366 12.98 -33.22 22.12
C VAL C 366 13.69 -31.94 22.57
N ASN C 367 14.46 -31.35 21.67
CA ASN C 367 15.22 -30.16 21.99
C ASN C 367 14.41 -28.90 21.66
N MET C 368 14.98 -27.74 21.96
CA MET C 368 14.31 -26.47 21.70
C MET C 368 14.11 -26.25 20.21
N SER C 369 15.11 -26.60 19.40
CA SER C 369 15.03 -26.41 17.95
C SER C 369 14.08 -27.41 17.28
N ASP C 370 13.69 -28.47 17.99
CA ASP C 370 12.77 -29.48 17.43
C ASP C 370 11.35 -28.90 17.43
N ILE C 371 11.12 -27.99 16.49
CA ILE C 371 9.87 -27.26 16.38
C ILE C 371 9.44 -27.25 14.92
N ALA C 372 8.22 -27.72 14.65
CA ALA C 372 7.61 -27.60 13.33
C ALA C 372 6.76 -26.34 13.23
N GLU C 373 7.36 -25.21 13.55
CA GLU C 373 6.71 -23.90 13.58
C GLU C 373 7.75 -22.85 13.21
N SER C 374 7.46 -21.58 13.52
CA SER C 374 8.33 -20.48 13.13
C SER C 374 9.73 -20.58 13.75
N ALA C 375 9.83 -21.18 14.94
CA ALA C 375 11.02 -21.29 15.77
C ALA C 375 11.38 -19.95 16.42
N GLY C 376 10.66 -18.86 16.11
CA GLY C 376 10.68 -17.69 16.96
C GLY C 376 9.63 -17.74 18.05
N LEU C 377 8.62 -18.59 17.88
CA LEU C 377 7.66 -18.84 18.95
C LEU C 377 8.34 -19.28 20.24
N PRO C 378 9.34 -20.17 20.22
CA PRO C 378 10.10 -20.40 21.45
C PRO C 378 10.71 -19.14 22.02
N ALA C 379 11.14 -18.20 21.19
CA ALA C 379 11.54 -16.90 21.69
C ALA C 379 10.34 -16.09 22.21
N THR C 380 9.12 -16.48 21.85
CA THR C 380 7.92 -15.78 22.27
C THR C 380 7.30 -16.32 23.54
N ALA C 381 7.24 -17.65 23.70
CA ALA C 381 6.43 -18.25 24.75
C ALA C 381 6.94 -17.88 26.14
N ASP C 382 6.02 -17.90 27.09
CA ASP C 382 6.37 -17.70 28.49
C ASP C 382 6.51 -19.01 29.27
N PHE C 383 5.80 -20.06 28.86
CA PHE C 383 5.86 -21.35 29.52
C PHE C 383 5.70 -22.45 28.46
N MET C 384 6.82 -23.00 28.03
CA MET C 384 6.80 -24.02 26.98
C MET C 384 7.10 -25.38 27.60
N LEU C 385 6.07 -26.20 27.73
CA LEU C 385 6.34 -27.57 28.12
C LEU C 385 6.36 -28.48 26.89
N ALA C 386 6.99 -29.63 27.05
CA ALA C 386 7.17 -30.59 25.97
C ALA C 386 6.65 -31.94 26.43
N VAL C 387 5.82 -32.56 25.59
CA VAL C 387 5.23 -33.86 25.87
C VAL C 387 6.01 -34.92 25.08
N ILE C 388 6.68 -35.81 25.81
CA ILE C 388 7.48 -36.87 25.20
C ILE C 388 6.91 -38.21 25.62
N GLU C 389 6.50 -39.01 24.65
CA GLU C 389 5.96 -40.33 24.89
C GLU C 389 6.65 -41.32 23.97
N THR C 390 7.06 -42.46 24.51
CA THR C 390 7.74 -43.49 23.74
C THR C 390 7.14 -44.85 24.08
N GLU C 391 7.71 -45.89 23.46
CA GLU C 391 7.18 -47.24 23.65
C GLU C 391 7.23 -47.65 25.12
N GLU C 392 8.36 -47.47 25.78
CA GLU C 392 8.46 -47.78 27.19
C GLU C 392 7.68 -46.81 28.06
N LEU C 393 7.34 -45.63 27.55
CA LEU C 393 6.48 -44.70 28.27
C LEU C 393 5.01 -44.98 28.01
N ALA C 394 4.64 -45.19 26.75
CA ALA C 394 3.25 -45.52 26.43
C ALA C 394 2.83 -46.83 27.09
N ALA C 395 3.68 -47.84 27.01
CA ALA C 395 3.37 -49.12 27.66
C ALA C 395 3.27 -48.95 29.16
N ALA C 396 4.10 -48.08 29.74
CA ALA C 396 4.06 -47.80 31.17
C ALA C 396 2.97 -46.81 31.55
N GLU C 397 2.18 -46.35 30.59
CA GLU C 397 1.14 -45.35 30.84
C GLU C 397 1.75 -44.11 31.49
N GLN C 398 2.76 -43.56 30.81
CA GLN C 398 3.52 -42.45 31.33
C GLN C 398 4.08 -41.63 30.18
N GLN C 399 4.53 -40.43 30.48
CA GLN C 399 5.20 -39.56 29.54
C GLN C 399 6.42 -38.91 30.18
N LEU C 400 7.02 -37.98 29.47
CA LEU C 400 8.29 -37.38 29.88
C LEU C 400 8.21 -35.86 29.88
N ILE C 401 7.21 -35.31 30.59
CA ILE C 401 6.97 -33.87 30.58
C ILE C 401 8.25 -33.12 30.87
N LYS C 402 8.64 -32.26 29.94
CA LYS C 402 9.90 -31.54 30.00
C LYS C 402 9.63 -30.04 29.90
N GLN C 403 10.61 -29.24 30.32
CA GLN C 403 10.45 -27.79 30.41
C GLN C 403 11.41 -27.09 29.47
N ILE C 404 10.97 -25.96 28.91
CA ILE C 404 11.83 -25.06 28.15
C ILE C 404 11.18 -23.67 28.17
N LYS C 405 12.02 -22.64 28.21
CA LYS C 405 11.56 -21.25 28.23
C LYS C 405 10.63 -20.99 29.41
N SER C 406 11.21 -21.15 30.59
CA SER C 406 10.49 -20.96 31.85
C SER C 406 10.66 -19.52 32.31
N ARG C 407 9.66 -18.69 32.02
CA ARG C 407 9.69 -17.29 32.41
C ARG C 407 9.23 -17.08 33.84
N TYR C 408 9.09 -18.15 34.62
CA TYR C 408 8.79 -18.04 36.04
C TYR C 408 9.95 -18.48 36.92
N GLY C 409 10.90 -19.23 36.39
CA GLY C 409 12.00 -19.72 37.18
C GLY C 409 12.98 -20.48 36.32
N ASP C 410 13.98 -21.04 36.97
CA ASP C 410 15.01 -21.79 36.26
C ASP C 410 14.41 -23.08 35.68
N LYS C 411 14.79 -23.38 34.44
CA LYS C 411 14.38 -24.62 33.79
C LYS C 411 15.43 -25.71 33.96
N ASN C 412 15.85 -25.94 35.20
CA ASN C 412 16.92 -26.89 35.50
C ASN C 412 16.58 -27.64 36.78
N LYS C 413 17.20 -28.82 36.92
CA LYS C 413 17.11 -29.68 38.10
C LYS C 413 15.70 -30.25 38.27
N TRP C 414 14.76 -29.81 37.43
CA TRP C 414 13.38 -30.24 37.49
C TRP C 414 12.83 -30.57 36.11
N ASN C 415 13.71 -30.71 35.11
CA ASN C 415 13.30 -30.85 33.73
C ASN C 415 12.91 -32.27 33.36
N LYS C 416 13.28 -33.27 34.16
CA LYS C 416 13.10 -34.67 33.81
C LYS C 416 11.81 -35.27 34.37
N PHE C 417 10.80 -34.45 34.62
CA PHE C 417 9.59 -34.92 35.28
C PHE C 417 8.76 -35.79 34.36
N LEU C 418 7.89 -36.60 34.96
CA LEU C 418 7.07 -37.56 34.24
C LEU C 418 5.70 -37.64 34.91
N MET C 419 4.67 -37.73 34.09
CA MET C 419 3.28 -37.67 34.56
C MET C 419 2.44 -38.68 33.78
N GLY C 420 1.59 -39.40 34.49
CA GLY C 420 0.73 -40.37 33.85
C GLY C 420 -0.39 -39.70 33.07
N VAL C 421 -0.75 -40.33 31.95
CA VAL C 421 -1.68 -39.75 30.99
C VAL C 421 -2.78 -40.79 30.74
N GLN C 422 -3.83 -40.75 31.56
CA GLN C 422 -4.91 -41.72 31.42
C GLN C 422 -5.66 -41.43 30.14
N LYS C 423 -5.29 -42.13 29.07
CA LYS C 423 -5.92 -41.94 27.78
C LYS C 423 -7.38 -42.37 27.81
N GLY C 424 -7.67 -43.51 28.44
CA GLY C 424 -9.04 -43.94 28.56
C GLY C 424 -9.90 -42.96 29.34
N ASN C 425 -9.38 -42.46 30.45
CA ASN C 425 -10.08 -41.44 31.22
C ASN C 425 -9.68 -40.03 30.81
N GLN C 426 -8.72 -39.89 29.90
CA GLN C 426 -8.34 -38.58 29.36
C GLN C 426 -8.02 -37.59 30.47
N LYS C 427 -6.98 -37.89 31.24
CA LYS C 427 -6.60 -36.98 32.33
C LYS C 427 -5.12 -37.10 32.65
N TRP C 428 -4.63 -36.12 33.40
CA TRP C 428 -3.25 -36.08 33.84
C TRP C 428 -3.18 -36.44 35.32
N VAL C 429 -2.21 -37.28 35.68
CA VAL C 429 -2.04 -37.70 37.06
C VAL C 429 -0.58 -37.56 37.45
N GLU C 430 -0.34 -36.89 38.56
CA GLU C 430 1.01 -36.75 39.09
C GLU C 430 1.49 -38.09 39.65
N ILE C 431 2.80 -38.33 39.57
CA ILE C 431 3.38 -39.61 39.93
C ILE C 431 4.26 -39.41 41.14
N GLU C 432 4.08 -40.26 42.16
CA GLU C 432 4.86 -40.20 43.38
C GLU C 432 5.69 -41.46 43.56
N MET D 1 6.43 49.11 24.58
CA MET D 1 7.81 49.01 24.12
C MET D 1 7.88 48.40 22.72
N VAL D 2 6.71 48.26 22.09
CA VAL D 2 6.64 47.66 20.77
C VAL D 2 7.51 48.44 19.79
N GLU D 3 7.58 49.76 19.96
CA GLU D 3 8.48 50.57 19.17
C GLU D 3 9.92 50.14 19.38
N ILE D 4 10.28 49.88 20.64
CA ILE D 4 11.62 49.39 20.95
C ILE D 4 11.85 48.04 20.28
N ILE D 5 10.85 47.17 20.31
CA ILE D 5 10.98 45.86 19.69
C ILE D 5 11.29 46.01 18.20
N LEU D 6 10.50 46.84 17.52
CA LEU D 6 10.70 47.04 16.09
C LEU D 6 12.06 47.64 15.80
N SER D 7 12.46 48.65 16.58
CA SER D 7 13.74 49.31 16.34
C SER D 7 14.89 48.33 16.53
N HIS D 8 14.83 47.52 17.57
CA HIS D 8 15.91 46.58 17.82
C HIS D 8 15.90 45.41 16.85
N LEU D 9 14.74 45.06 16.30
CA LEU D 9 14.74 44.15 15.18
C LEU D 9 15.43 44.78 13.97
N ILE D 10 15.13 46.04 13.71
CA ILE D 10 15.58 46.66 12.46
C ILE D 10 17.06 46.96 12.50
N PHE D 11 17.48 47.77 13.46
CA PHE D 11 18.85 48.27 13.52
C PHE D 11 19.82 47.32 14.19
N ASP D 12 19.33 46.36 14.98
CA ASP D 12 20.20 45.40 15.66
C ASP D 12 20.03 44.02 15.05
N GLN D 13 21.13 43.46 14.59
CA GLN D 13 21.13 42.12 14.00
C GLN D 13 20.95 41.03 15.03
N ALA D 14 21.65 41.12 16.16
CA ALA D 14 21.55 40.09 17.18
C ALA D 14 20.15 40.04 17.79
N TYR D 15 19.50 41.21 17.92
CA TYR D 15 18.17 41.22 18.50
C TYR D 15 17.19 40.43 17.66
N PHE D 16 17.13 40.74 16.37
CA PHE D 16 16.29 39.95 15.47
C PHE D 16 16.75 38.50 15.45
N SER D 17 18.06 38.28 15.58
CA SER D 17 18.59 36.91 15.59
C SER D 17 18.02 36.12 16.75
N LYS D 18 17.82 36.77 17.89
CA LYS D 18 17.38 36.06 19.08
C LYS D 18 16.00 35.46 18.88
N VAL D 19 14.98 36.30 18.73
CA VAL D 19 13.59 35.85 18.64
C VAL D 19 12.95 36.52 17.42
N TRP D 20 13.07 35.89 16.27
CA TRP D 20 12.14 36.13 15.18
C TRP D 20 10.89 35.25 15.25
N PRO D 21 11.03 33.92 15.44
CA PRO D 21 9.85 33.05 15.27
C PRO D 21 8.70 33.39 16.20
N TYR D 22 8.97 33.81 17.42
CA TYR D 22 7.91 34.14 18.36
C TYR D 22 7.38 35.56 18.16
N MET D 23 7.63 36.14 16.99
CA MET D 23 7.07 37.42 16.62
C MET D 23 5.90 37.17 15.68
N ASP D 24 4.71 37.59 16.07
CA ASP D 24 3.51 37.43 15.28
C ASP D 24 2.62 38.65 15.44
N SER D 25 1.97 39.05 14.35
CA SER D 25 1.27 40.33 14.27
C SER D 25 0.24 40.52 15.38
N GLU D 26 -0.38 39.45 15.86
CA GLU D 26 -1.38 39.58 16.90
C GLU D 26 -0.78 39.80 18.27
N TYR D 27 0.52 40.09 18.33
CA TYR D 27 1.19 40.36 19.59
C TYR D 27 1.35 41.85 19.85
N PHE D 28 0.87 42.72 18.94
CA PHE D 28 1.23 44.13 19.00
C PHE D 28 0.04 45.05 19.17
N GLU D 29 -0.89 45.07 18.21
CA GLU D 29 -1.96 46.06 18.23
C GLU D 29 -2.99 45.75 17.15
N SER D 30 -4.11 46.46 17.16
CA SER D 30 -5.07 46.43 16.08
C SER D 30 -4.80 47.51 15.05
N GLY D 31 -3.73 48.27 15.20
CA GLY D 31 -3.43 49.36 14.31
C GLY D 31 -2.00 49.35 13.78
N PRO D 32 -1.32 50.48 13.93
CA PRO D 32 -0.05 50.68 13.21
C PRO D 32 1.01 49.62 13.50
N ALA D 33 1.13 49.18 14.75
CA ALA D 33 2.15 48.19 15.07
C ALA D 33 1.93 46.90 14.31
N LYS D 34 0.68 46.43 14.28
CA LYS D 34 0.37 45.22 13.53
C LYS D 34 0.65 45.40 12.05
N ASN D 35 0.26 46.54 11.48
CA ASN D 35 0.44 46.75 10.05
C ASN D 35 1.92 46.80 9.69
N THR D 36 2.72 47.51 10.48
CA THR D 36 4.14 47.58 10.17
C THR D 36 4.81 46.23 10.37
N PHE D 37 4.41 45.46 11.38
CA PHE D 37 4.97 44.13 11.52
C PHE D 37 4.58 43.26 10.34
N LYS D 38 3.35 43.38 9.87
CA LYS D 38 2.92 42.62 8.69
C LYS D 38 3.78 42.96 7.49
N LEU D 39 4.02 44.25 7.28
CA LEU D 39 4.88 44.68 6.18
C LEU D 39 6.27 44.08 6.34
N ILE D 40 6.81 44.15 7.56
CA ILE D 40 8.16 43.66 7.82
C ILE D 40 8.24 42.16 7.56
N LYS D 41 7.26 41.41 8.04
CA LYS D 41 7.28 39.97 7.88
C LYS D 41 7.07 39.58 6.42
N SER D 42 6.26 40.34 5.70
CA SER D 42 6.14 40.12 4.26
C SER D 42 7.48 40.31 3.58
N HIS D 43 8.20 41.36 3.93
CA HIS D 43 9.56 41.53 3.43
C HIS D 43 10.43 40.35 3.83
N VAL D 44 10.26 39.88 5.06
CA VAL D 44 11.06 38.79 5.59
C VAL D 44 10.91 37.55 4.71
N ASN D 45 9.66 37.22 4.38
CA ASN D 45 9.40 36.03 3.60
C ASN D 45 9.58 36.27 2.10
N GLU D 46 9.65 37.52 1.67
CA GLU D 46 9.78 37.81 0.26
C GLU D 46 11.22 37.93 -0.19
N TYR D 47 12.08 38.46 0.67
CA TYR D 47 13.46 38.72 0.32
C TYR D 47 14.45 37.99 1.21
N HIS D 48 14.00 37.40 2.32
CA HIS D 48 14.83 36.59 3.20
C HIS D 48 15.99 37.40 3.77
N SER D 49 15.70 38.66 4.11
CA SER D 49 16.76 39.50 4.65
C SER D 49 16.17 40.57 5.53
N VAL D 50 17.05 41.28 6.23
CA VAL D 50 16.62 42.41 7.06
C VAL D 50 16.31 43.60 6.18
N PRO D 51 15.11 44.17 6.24
CA PRO D 51 14.82 45.36 5.45
C PRO D 51 15.51 46.59 6.03
N SER D 52 16.01 47.43 5.12
CA SER D 52 16.54 48.72 5.53
C SER D 52 15.39 49.71 5.66
N ILE D 53 15.68 50.84 6.31
CA ILE D 53 14.67 51.89 6.44
C ILE D 53 14.20 52.32 5.06
N ASN D 54 15.14 52.46 4.12
CA ASN D 54 14.78 52.76 2.75
C ASN D 54 13.89 51.67 2.17
N ALA D 55 14.22 50.41 2.43
CA ALA D 55 13.37 49.31 1.98
C ALA D 55 11.99 49.40 2.61
N LEU D 56 11.94 49.80 3.89
CA LEU D 56 10.65 49.98 4.54
C LEU D 56 9.82 51.04 3.83
N ASN D 57 10.45 52.17 3.49
CA ASN D 57 9.74 53.21 2.76
C ASN D 57 9.28 52.71 1.40
N VAL D 58 10.14 51.96 0.72
CA VAL D 58 9.81 51.44 -0.61
C VAL D 58 8.57 50.57 -0.53
N ALA D 59 8.56 49.61 0.40
CA ALA D 59 7.37 48.79 0.58
C ALA D 59 6.18 49.63 0.99
N LEU D 60 6.41 50.68 1.76
CA LEU D 60 5.34 51.56 2.21
C LEU D 60 4.65 52.23 1.03
N GLU D 61 5.43 52.63 0.03
CA GLU D 61 4.84 53.27 -1.14
C GLU D 61 3.95 52.29 -1.90
N ASN D 62 4.40 51.06 -2.06
CA ASN D 62 3.60 50.02 -2.72
C ASN D 62 2.68 49.34 -1.72
N SER D 63 1.86 50.13 -1.04
CA SER D 63 0.93 49.63 -0.04
C SER D 63 -0.49 49.58 -0.61
N SER D 64 -1.39 48.97 0.17
CA SER D 64 -2.79 48.89 -0.19
C SER D 64 -3.70 49.60 0.79
N PHE D 65 -3.28 49.78 2.04
CA PHE D 65 -4.12 50.39 3.05
C PHE D 65 -4.30 51.89 2.78
N THR D 66 -5.33 52.46 3.41
CA THR D 66 -5.72 53.83 3.14
C THR D 66 -4.85 54.81 3.92
N GLU D 67 -5.29 56.07 3.98
CA GLU D 67 -4.40 57.17 4.34
C GLU D 67 -4.03 57.18 5.82
N THR D 68 -4.99 56.95 6.71
CA THR D 68 -4.76 57.17 8.13
C THR D 68 -3.65 56.27 8.66
N GLU D 69 -3.79 54.96 8.43
CA GLU D 69 -2.74 54.03 8.85
C GLU D 69 -1.47 54.21 8.02
N TYR D 70 -1.59 54.68 6.78
CA TYR D 70 -0.40 54.99 5.99
C TYR D 70 0.45 56.04 6.71
N SER D 71 -0.19 57.13 7.15
CA SER D 71 0.51 58.17 7.88
C SER D 71 1.01 57.65 9.22
N GLY D 72 0.20 56.82 9.89
CA GLY D 72 0.66 56.25 11.15
C GLY D 72 1.94 55.44 10.98
N VAL D 73 1.98 54.60 9.94
CA VAL D 73 3.17 53.80 9.68
C VAL D 73 4.33 54.69 9.27
N LYS D 74 4.05 55.76 8.53
CA LYS D 74 5.11 56.69 8.17
C LYS D 74 5.73 57.31 9.42
N THR D 75 4.90 57.72 10.36
CA THR D 75 5.40 58.24 11.63
C THR D 75 6.18 57.18 12.38
N LEU D 76 5.66 55.95 12.41
CA LEU D 76 6.33 54.87 13.14
C LEU D 76 7.72 54.60 12.58
N ILE D 77 7.83 54.52 11.25
CA ILE D 77 9.13 54.34 10.63
C ILE D 77 10.02 55.53 10.90
N SER D 78 9.43 56.74 10.93
CA SER D 78 10.18 57.89 11.38
C SER D 78 10.61 57.72 12.84
N LYS D 79 9.70 57.21 13.68
CA LYS D 79 10.05 56.91 15.06
C LYS D 79 11.08 55.80 15.18
N LEU D 80 11.27 55.02 14.13
CA LEU D 80 12.21 53.90 14.15
C LEU D 80 13.63 54.43 14.25
N ALA D 81 14.21 54.33 15.44
CA ALA D 81 15.56 54.83 15.70
C ALA D 81 16.30 53.86 16.61
N ASP D 82 17.59 53.69 16.36
CA ASP D 82 18.39 52.76 17.14
C ASP D 82 18.78 53.37 18.49
N SER D 83 18.75 52.54 19.53
CA SER D 83 19.15 52.96 20.86
C SER D 83 20.10 51.95 21.46
N PRO D 84 21.03 52.38 22.29
CA PRO D 84 22.00 51.45 22.91
C PRO D 84 21.39 50.79 24.14
N GLU D 85 21.35 49.45 24.13
CA GLU D 85 20.88 48.69 25.28
C GLU D 85 21.76 47.45 25.39
N ASP D 86 21.34 46.50 26.22
CA ASP D 86 22.11 45.31 26.52
C ASP D 86 21.51 44.11 25.81
N HIS D 87 22.31 43.06 25.69
CA HIS D 87 21.89 41.82 25.04
C HIS D 87 21.02 40.95 25.94
N SER D 88 20.78 41.36 27.17
CA SER D 88 20.06 40.50 28.11
C SER D 88 18.71 41.05 28.55
N TRP D 89 18.68 42.29 29.03
CA TRP D 89 17.45 42.86 29.56
C TRP D 89 16.39 43.00 28.47
N LEU D 90 16.81 43.31 27.25
CA LEU D 90 15.87 43.38 26.14
C LEU D 90 15.16 42.04 25.95
N VAL D 91 15.90 40.94 26.07
CA VAL D 91 15.28 39.62 25.93
C VAL D 91 14.21 39.44 26.98
N LYS D 92 14.51 39.79 28.23
CA LYS D 92 13.55 39.61 29.31
C LYS D 92 12.30 40.44 29.09
N GLU D 93 12.50 41.70 28.69
CA GLU D 93 11.34 42.60 28.44
C GLU D 93 10.50 42.07 27.27
N THR D 94 11.15 41.75 26.15
CA THR D 94 10.39 41.31 24.95
C THR D 94 9.56 40.07 25.29
N GLU D 95 10.16 39.11 26.00
CA GLU D 95 9.43 37.86 26.37
C GLU D 95 8.29 38.22 27.31
N LYS D 96 8.58 38.92 28.42
CA LYS D 96 7.51 39.36 29.31
C LYS D 96 6.34 39.90 28.51
N TYR D 97 6.61 40.81 27.57
CA TYR D 97 5.53 41.39 26.80
C TYR D 97 4.84 40.36 25.93
N VAL D 98 5.61 39.41 25.37
CA VAL D 98 5.03 38.37 24.54
C VAL D 98 4.06 37.53 25.37
N GLN D 99 4.50 37.10 26.56
CA GLN D 99 3.64 36.31 27.42
C GLN D 99 2.39 37.09 27.81
N GLN D 100 2.57 38.36 28.17
CA GLN D 100 1.45 39.19 28.58
C GLN D 100 0.43 39.32 27.46
N ARG D 101 0.89 39.61 26.25
CA ARG D 101 -0.03 39.82 25.14
C ARG D 101 -0.69 38.52 24.72
N ALA D 102 0.05 37.41 24.75
CA ALA D 102 -0.55 36.12 24.43
C ALA D 102 -1.65 35.78 25.41
N MET D 103 -1.40 35.99 26.70
CA MET D 103 -2.44 35.75 27.70
C MET D 103 -3.62 36.69 27.49
N PHE D 104 -3.35 37.94 27.14
CA PHE D 104 -4.42 38.89 26.89
C PHE D 104 -5.30 38.43 25.73
N ASN D 105 -4.68 37.99 24.64
CA ASN D 105 -5.43 37.51 23.49
C ASN D 105 -6.24 36.27 23.84
N ALA D 106 -5.62 35.33 24.57
CA ALA D 106 -6.31 34.11 24.93
C ALA D 106 -7.52 34.41 25.80
N THR D 107 -7.35 35.31 26.78
CA THR D 107 -8.46 35.62 27.67
C THR D 107 -9.54 36.41 26.95
N SER D 108 -9.15 37.26 26.00
CA SER D 108 -10.14 38.02 25.20
C SER D 108 -11.03 37.02 24.45
N LYS D 109 -10.40 36.08 23.73
CA LYS D 109 -11.17 35.06 22.96
C LYS D 109 -12.03 34.25 23.93
N ILE D 110 -11.51 33.94 25.11
CA ILE D 110 -12.28 33.15 26.12
C ILE D 110 -13.58 33.88 26.43
N ILE D 111 -13.50 35.19 26.67
CA ILE D 111 -14.72 36.00 26.98
C ILE D 111 -15.68 35.87 25.81
N GLU D 112 -15.18 35.99 24.58
CA GLU D 112 -16.04 35.90 23.37
C GLU D 112 -16.74 34.54 23.35
N ILE D 113 -15.98 33.46 23.54
CA ILE D 113 -16.55 32.08 23.50
C ILE D 113 -17.61 31.96 24.62
N GLN D 114 -17.27 32.43 25.82
CA GLN D 114 -18.21 32.34 26.97
C GLN D 114 -19.50 33.09 26.62
N THR D 115 -19.37 34.33 26.14
CA THR D 115 -20.56 35.15 25.77
C THR D 115 -21.41 34.36 24.78
N ASN D 116 -20.80 33.86 23.71
CA ASN D 116 -21.55 33.11 22.67
C ASN D 116 -22.29 31.94 23.33
N ALA D 117 -21.61 31.21 24.21
CA ALA D 117 -22.22 30.03 24.87
C ALA D 117 -23.36 30.46 25.79
N GLU D 118 -23.31 31.70 26.29
CA GLU D 118 -24.35 32.18 27.25
C GLU D 118 -25.63 32.54 26.48
N LEU D 119 -25.50 32.99 25.23
CA LEU D 119 -26.66 33.41 24.47
C LEU D 119 -27.64 32.25 24.27
N PRO D 120 -28.92 32.55 24.06
CA PRO D 120 -29.90 31.50 23.76
C PRO D 120 -29.57 30.81 22.46
N PRO D 121 -30.14 29.62 22.22
CA PRO D 121 -29.76 28.87 21.01
C PRO D 121 -29.97 29.64 19.71
N GLU D 122 -31.01 30.46 19.63
CA GLU D 122 -31.23 31.25 18.43
C GLU D 122 -30.25 32.41 18.33
N LYS D 123 -29.94 33.04 19.46
CA LYS D 123 -29.11 34.25 19.41
C LYS D 123 -27.64 33.92 19.18
N ARG D 124 -27.17 32.77 19.65
CA ARG D 124 -25.76 32.43 19.51
C ARG D 124 -25.43 32.04 18.07
N ASN D 125 -24.15 31.87 17.80
CA ASN D 125 -23.65 31.62 16.46
C ASN D 125 -22.67 30.46 16.47
N LYS D 126 -22.54 29.82 15.31
CA LYS D 126 -21.49 28.83 15.09
C LYS D 126 -20.16 29.47 14.74
N LYS D 127 -20.13 30.79 14.57
CA LYS D 127 -18.87 31.47 14.29
C LYS D 127 -17.86 31.29 15.42
N MET D 128 -18.33 31.43 16.66
CA MET D 128 -17.46 31.25 17.82
C MET D 128 -17.67 29.85 18.37
N PRO D 129 -16.64 29.01 18.43
CA PRO D 129 -16.82 27.62 18.85
C PRO D 129 -17.34 27.52 20.28
N ASP D 130 -17.76 26.31 20.66
CA ASP D 130 -18.37 26.12 22.01
C ASP D 130 -17.33 26.29 23.12
N VAL D 131 -17.72 26.06 24.37
CA VAL D 131 -16.80 26.22 25.54
C VAL D 131 -15.63 25.23 25.40
N GLY D 132 -15.80 24.18 24.61
CA GLY D 132 -14.70 23.22 24.38
C GLY D 132 -13.45 23.94 23.94
N ALA D 133 -13.61 25.09 23.27
CA ALA D 133 -12.45 25.90 22.83
C ALA D 133 -11.77 26.56 24.02
N ILE D 134 -12.49 26.75 25.13
CA ILE D 134 -11.91 27.50 26.28
C ILE D 134 -10.62 26.82 26.77
N PRO D 135 -10.59 25.49 27.03
CA PRO D 135 -9.39 24.84 27.55
C PRO D 135 -8.22 24.76 26.54
N ASP D 136 -8.53 24.42 25.28
CA ASP D 136 -7.43 24.23 24.29
C ASP D 136 -6.70 25.55 24.04
N ILE D 137 -7.44 26.65 23.86
CA ILE D 137 -6.79 27.95 23.55
C ILE D 137 -5.93 28.35 24.75
N MET D 138 -6.41 28.08 25.97
CA MET D 138 -5.66 28.48 27.20
C MET D 138 -4.31 27.78 27.23
N ARG D 139 -4.28 26.48 26.97
CA ARG D 139 -3.00 25.71 27.02
C ARG D 139 -2.08 26.22 25.89
N GLN D 140 -2.64 26.52 24.72
CA GLN D 140 -1.84 27.08 23.61
C GLN D 140 -1.07 28.30 24.11
N ALA D 141 -1.78 29.31 24.63
CA ALA D 141 -1.14 30.51 25.14
C ALA D 141 -0.01 30.17 26.10
N LEU D 142 -0.03 28.99 26.69
CA LEU D 142 1.00 28.56 27.64
C LEU D 142 1.98 27.56 27.04
N SER D 143 1.88 27.26 25.74
CA SER D 143 2.78 26.31 25.10
C SER D 143 3.82 26.99 24.21
N ILE D 144 4.01 28.29 24.36
CA ILE D 144 4.99 29.02 23.56
C ILE D 144 6.38 28.76 24.12
N SER D 145 7.29 28.34 23.24
CA SER D 145 8.59 27.86 23.71
C SER D 145 9.51 29.00 24.12
N PHE D 146 9.35 30.16 23.47
CA PHE D 146 10.20 31.34 23.76
C PHE D 146 11.68 30.99 23.54
N ASP D 147 11.95 29.75 23.08
CA ASP D 147 13.35 29.31 22.88
C ASP D 147 13.50 28.62 21.53
N SER D 148 14.47 29.05 20.72
CA SER D 148 14.71 28.42 19.39
C SER D 148 16.21 28.39 19.09
N TYR D 149 16.64 27.47 18.22
CA TYR D 149 18.08 27.37 17.84
C TYR D 149 18.22 27.55 16.33
N VAL D 150 19.46 27.71 15.84
CA VAL D 150 19.67 27.95 14.42
C VAL D 150 20.73 27.00 13.87
N GLY D 151 21.62 26.53 14.73
CA GLY D 151 22.73 25.71 14.28
C GLY D 151 24.03 26.11 14.92
N HIS D 152 25.06 25.28 14.76
CA HIS D 152 26.34 25.50 15.40
C HIS D 152 27.38 25.89 14.35
N ASP D 153 27.66 27.20 14.27
CA ASP D 153 28.77 27.70 13.48
C ASP D 153 30.09 27.23 14.07
N TRP D 154 30.94 26.64 13.23
CA TRP D 154 32.21 26.10 13.73
C TRP D 154 33.11 27.20 14.24
N MET D 155 33.20 28.32 13.53
CA MET D 155 34.02 29.44 13.99
C MET D 155 33.34 30.32 15.01
N ASP D 156 32.06 30.62 14.83
CA ASP D 156 31.37 31.56 15.70
C ASP D 156 30.99 30.98 17.05
N ASP D 157 30.95 29.67 17.18
CA ASP D 157 30.45 29.01 18.39
C ASP D 157 31.50 28.06 18.96
N TYR D 158 32.73 28.55 19.08
CA TYR D 158 33.81 27.76 19.65
C TYR D 158 33.94 27.92 21.15
N GLU D 159 33.36 28.98 21.72
CA GLU D 159 33.44 29.20 23.16
C GLU D 159 32.71 28.09 23.92
N ALA D 160 31.40 27.96 23.69
CA ALA D 160 30.65 26.89 24.33
C ALA D 160 31.15 25.53 23.87
N ARG D 161 31.75 25.46 22.67
CA ARG D 161 32.30 24.19 22.19
C ARG D 161 33.46 23.73 23.07
N TRP D 162 34.40 24.63 23.37
CA TRP D 162 35.46 24.28 24.30
C TRP D 162 34.91 24.07 25.70
N LEU D 163 33.88 24.83 26.07
CA LEU D 163 33.23 24.62 27.36
C LEU D 163 32.73 23.18 27.48
N SER D 164 32.13 22.66 26.42
CA SER D 164 31.74 21.26 26.37
C SER D 164 32.95 20.35 26.41
N TYR D 165 33.99 20.68 25.64
CA TYR D 165 35.16 19.82 25.53
C TYR D 165 35.82 19.59 26.88
N MET D 166 35.96 20.65 27.67
CA MET D 166 36.46 20.49 29.03
C MET D 166 35.40 19.87 29.93
N ASN D 167 34.14 20.29 29.75
CA ASN D 167 33.07 19.84 30.62
C ASN D 167 32.66 18.41 30.32
N LYS D 168 32.60 18.05 29.04
CA LYS D 168 32.06 16.76 28.60
C LYS D 168 30.64 16.55 29.10
N ALA D 169 29.84 17.62 29.07
CA ALA D 169 28.44 17.51 29.44
C ALA D 169 27.68 16.70 28.40
N ARG D 170 26.45 16.32 28.77
CA ARG D 170 25.47 15.56 28.02
C ARG D 170 25.88 14.11 27.82
N LYS D 171 27.07 13.70 28.28
CA LYS D 171 27.48 12.30 28.23
C LYS D 171 27.40 11.74 29.64
N VAL D 172 26.26 11.13 29.98
CA VAL D 172 26.03 10.66 31.35
C VAL D 172 26.82 9.40 31.61
N PRO D 173 27.70 9.39 32.61
CA PRO D 173 28.52 8.21 32.86
C PRO D 173 27.72 7.05 33.44
N PHE D 174 28.28 5.86 33.32
CA PHE D 174 27.71 4.67 33.93
C PHE D 174 28.19 4.52 35.37
N LYS D 175 27.63 3.52 36.06
CA LYS D 175 28.12 3.16 37.37
C LYS D 175 29.21 2.10 37.32
N LEU D 176 29.59 1.64 36.14
CA LEU D 176 30.64 0.66 35.97
C LEU D 176 31.75 1.26 35.13
N ARG D 177 32.98 1.19 35.64
CA ARG D 177 34.07 1.98 35.08
C ARG D 177 34.51 1.49 33.71
N ILE D 178 34.39 0.18 33.45
CA ILE D 178 34.81 -0.36 32.15
C ILE D 178 34.01 0.28 31.03
N LEU D 179 32.70 0.40 31.20
CA LEU D 179 31.86 1.02 30.18
C LEU D 179 32.20 2.49 30.00
N ASN D 180 32.44 3.21 31.10
CA ASN D 180 32.80 4.62 30.98
C ASN D 180 34.12 4.80 30.23
N LYS D 181 35.11 3.97 30.53
CA LYS D 181 36.42 4.12 29.87
C LYS D 181 36.39 3.67 28.42
N ILE D 182 35.59 2.66 28.07
CA ILE D 182 35.46 2.32 26.65
C ILE D 182 34.61 3.33 25.89
N THR D 183 33.70 4.03 26.57
CA THR D 183 32.97 5.13 25.98
C THR D 183 33.68 6.46 26.14
N LYS D 184 34.66 6.53 27.04
CA LYS D 184 35.52 7.68 27.27
C LYS D 184 34.79 8.84 27.95
N GLY D 185 33.46 8.80 27.98
CA GLY D 185 32.72 9.86 28.65
C GLY D 185 31.40 9.43 29.24
N GLY D 186 31.11 8.13 29.22
CA GLY D 186 29.77 7.69 29.51
C GLY D 186 28.90 7.68 28.27
N ALA D 187 27.63 8.05 28.45
CA ALA D 187 26.64 7.94 27.38
C ALA D 187 26.03 9.30 27.06
N GLU D 188 25.97 9.61 25.76
CA GLU D 188 25.41 10.87 25.30
C GLU D 188 23.89 10.84 25.37
N THR D 189 23.26 12.01 25.36
CA THR D 189 21.83 12.07 25.57
C THR D 189 21.07 11.57 24.35
N GLY D 190 21.23 12.24 23.22
CA GLY D 190 20.56 11.80 22.00
C GLY D 190 21.23 10.58 21.41
N THR D 191 21.28 9.48 22.16
CA THR D 191 21.90 8.25 21.68
C THR D 191 21.00 7.05 21.92
N LEU D 192 21.12 6.07 21.01
CA LEU D 192 20.37 4.84 21.08
C LEU D 192 21.36 3.68 21.01
N ASN D 193 21.34 2.82 22.03
CA ASN D 193 22.30 1.74 22.15
C ASN D 193 21.59 0.42 22.40
N VAL D 194 22.10 -0.64 21.80
CA VAL D 194 21.42 -1.93 21.78
C VAL D 194 22.36 -3.02 22.26
N LEU D 195 21.77 -4.06 22.85
CA LEU D 195 22.49 -5.24 23.29
C LEU D 195 21.95 -6.47 22.58
N MET D 196 22.86 -7.35 22.18
CA MET D 196 22.51 -8.60 21.51
C MET D 196 23.06 -9.75 22.36
N ALA D 197 22.16 -10.48 23.01
CA ALA D 197 22.55 -11.65 23.80
C ALA D 197 21.93 -12.93 23.27
N GLY D 198 20.65 -12.92 22.93
CA GLY D 198 19.99 -14.10 22.39
C GLY D 198 18.66 -14.39 23.04
N VAL D 199 18.43 -15.63 23.45
CA VAL D 199 17.23 -16.01 24.18
C VAL D 199 17.64 -16.41 25.58
N ASN D 200 17.15 -15.66 26.57
CA ASN D 200 17.49 -15.90 27.97
C ASN D 200 19.00 -15.94 28.18
N VAL D 201 19.70 -14.99 27.56
CA VAL D 201 21.14 -14.89 27.68
C VAL D 201 21.55 -13.70 28.56
N GLY D 202 20.62 -13.05 29.24
CA GLY D 202 20.97 -12.01 30.18
C GLY D 202 20.46 -10.64 29.76
N LYS D 203 19.61 -10.61 28.74
CA LYS D 203 19.14 -9.30 28.20
C LYS D 203 18.44 -8.50 29.29
N SER D 204 17.25 -8.95 29.71
CA SER D 204 16.47 -8.18 30.67
C SER D 204 17.26 -7.92 31.95
N LEU D 205 18.12 -8.86 32.35
CA LEU D 205 18.96 -8.64 33.52
C LEU D 205 19.85 -7.43 33.34
N GLY D 206 20.56 -7.35 32.21
CA GLY D 206 21.40 -6.20 31.95
C GLY D 206 20.59 -4.92 31.85
N LEU D 207 19.43 -4.98 31.21
CA LEU D 207 18.58 -3.80 31.08
C LEU D 207 18.21 -3.23 32.44
N CYS D 208 17.65 -4.08 33.30
CA CYS D 208 17.24 -3.62 34.63
C CYS D 208 18.45 -3.19 35.46
N SER D 209 19.57 -3.89 35.32
CA SER D 209 20.77 -3.53 36.08
C SER D 209 21.23 -2.13 35.71
N LEU D 210 21.31 -1.84 34.42
CA LEU D 210 21.71 -0.50 33.99
C LEU D 210 20.68 0.53 34.40
N ALA D 211 19.39 0.17 34.34
CA ALA D 211 18.35 1.07 34.81
C ALA D 211 18.58 1.46 36.26
N ALA D 212 18.86 0.47 37.10
CA ALA D 212 19.14 0.73 38.51
C ALA D 212 20.40 1.57 38.67
N ASP D 213 21.43 1.28 37.87
CA ASP D 213 22.66 2.05 37.95
C ASP D 213 22.41 3.52 37.69
N TYR D 214 21.73 3.83 36.58
CA TYR D 214 21.46 5.22 36.27
C TYR D 214 20.51 5.86 37.27
N LEU D 215 19.54 5.08 37.78
CA LEU D 215 18.64 5.61 38.78
C LEU D 215 19.39 6.01 40.05
N GLN D 216 20.37 5.21 40.44
CA GLN D 216 21.20 5.58 41.57
C GLN D 216 21.94 6.89 41.33
N LEU D 217 22.14 7.26 40.07
CA LEU D 217 22.81 8.52 39.78
C LEU D 217 21.81 9.68 39.65
N GLY D 218 20.90 9.75 40.61
CA GLY D 218 19.98 10.89 40.68
C GLY D 218 19.31 11.22 39.37
N HIS D 219 18.86 10.21 38.63
CA HIS D 219 18.41 10.38 37.26
C HIS D 219 16.97 9.92 37.09
N ASN D 220 16.24 10.62 36.22
CA ASN D 220 14.88 10.22 35.88
C ASN D 220 14.92 9.14 34.81
N VAL D 221 14.63 7.90 35.20
CA VAL D 221 14.74 6.73 34.34
C VAL D 221 13.36 6.34 33.86
N LEU D 222 13.26 5.93 32.59
CA LEU D 222 12.03 5.38 32.03
C LEU D 222 12.33 4.00 31.47
N TYR D 223 11.77 2.97 32.11
CA TYR D 223 11.98 1.58 31.70
C TYR D 223 10.66 1.05 31.16
N ILE D 224 10.44 1.22 29.87
CA ILE D 224 9.25 0.71 29.19
C ILE D 224 9.60 -0.67 28.67
N SER D 225 9.02 -1.69 29.29
CA SER D 225 9.23 -3.07 28.88
C SER D 225 7.91 -3.61 28.31
N MET D 226 7.99 -4.25 27.14
CA MET D 226 6.78 -4.82 26.52
C MET D 226 6.76 -6.33 26.80
N GLU D 227 7.87 -7.01 26.51
CA GLU D 227 7.95 -8.49 26.69
C GLU D 227 7.89 -8.84 28.18
N MET D 228 8.30 -7.91 29.04
CA MET D 228 8.32 -8.18 30.51
C MET D 228 7.31 -7.25 31.21
N ALA D 229 6.58 -7.79 32.19
CA ALA D 229 5.58 -6.97 32.94
C ALA D 229 6.31 -6.00 33.88
N GLU D 230 5.69 -4.86 34.17
CA GLU D 230 6.33 -3.84 35.05
C GLU D 230 6.62 -4.46 36.42
N GLU D 231 5.67 -5.24 36.96
CA GLU D 231 5.84 -5.83 38.31
C GLU D 231 7.04 -6.78 38.30
N VAL D 232 7.18 -7.58 37.25
CA VAL D 232 8.32 -8.52 37.14
C VAL D 232 9.61 -7.70 37.17
N CYS D 233 9.67 -6.64 36.35
CA CYS D 233 10.85 -5.79 36.32
C CYS D 233 11.01 -5.04 37.63
N ALA D 234 9.90 -4.69 38.28
CA ALA D 234 9.99 -4.08 39.61
C ALA D 234 10.68 -5.03 40.58
N LYS D 235 10.34 -6.31 40.51
CA LYS D 235 10.99 -7.33 41.32
C LYS D 235 12.47 -7.46 40.97
N ARG D 236 12.80 -7.40 39.68
CA ARG D 236 14.20 -7.46 39.27
C ARG D 236 14.98 -6.30 39.84
N ILE D 237 14.39 -5.10 39.81
CA ILE D 237 15.04 -3.93 40.39
C ILE D 237 15.14 -4.07 41.90
N ASP D 238 14.13 -4.67 42.53
CA ASP D 238 14.23 -4.98 43.95
C ASP D 238 15.46 -5.84 44.21
N ALA D 239 15.65 -6.88 43.39
CA ALA D 239 16.79 -7.77 43.56
C ALA D 239 18.11 -7.03 43.37
N ASN D 240 18.18 -6.16 42.36
CA ASN D 240 19.43 -5.46 42.08
C ASN D 240 19.74 -4.44 43.17
N MET D 241 18.76 -3.62 43.56
CA MET D 241 18.99 -2.52 44.48
C MET D 241 19.03 -2.99 45.92
N LEU D 242 17.94 -3.58 46.40
CA LEU D 242 17.89 -4.11 47.76
C LEU D 242 18.93 -5.19 47.98
N ASP D 243 19.37 -5.84 46.91
CA ASP D 243 20.43 -6.84 46.96
C ASP D 243 20.12 -7.93 47.98
N VAL D 244 18.92 -8.47 47.86
CA VAL D 244 18.53 -9.57 48.75
C VAL D 244 18.57 -10.88 47.97
N SER D 245 17.62 -11.07 47.06
CA SER D 245 17.59 -12.21 46.16
C SER D 245 16.38 -12.07 45.23
N LEU D 246 16.36 -12.89 44.19
CA LEU D 246 15.17 -13.10 43.39
C LEU D 246 14.38 -14.33 43.83
N ASP D 247 15.08 -15.39 44.21
CA ASP D 247 14.48 -16.61 44.71
C ASP D 247 13.92 -16.45 46.11
N ASP D 248 14.23 -15.33 46.78
CA ASP D 248 13.65 -15.02 48.08
C ASP D 248 12.47 -14.07 47.99
N ILE D 249 12.29 -13.38 46.86
CA ILE D 249 11.08 -12.58 46.68
C ILE D 249 9.86 -13.47 46.72
N ASP D 250 9.91 -14.58 45.99
CA ASP D 250 8.98 -15.68 46.16
C ASP D 250 9.47 -16.56 47.30
N ASP D 251 8.54 -17.24 47.98
CA ASP D 251 8.87 -18.02 49.15
C ASP D 251 9.69 -17.17 50.12
N GLY D 252 9.06 -16.09 50.57
CA GLY D 252 9.75 -14.99 51.20
C GLY D 252 10.62 -15.37 52.38
N HIS D 253 11.93 -15.33 52.16
CA HIS D 253 12.92 -15.59 53.20
C HIS D 253 13.29 -14.32 53.94
N ILE D 254 12.65 -13.21 53.60
CA ILE D 254 12.95 -11.90 54.16
C ILE D 254 11.66 -11.32 54.72
N SER D 255 11.74 -10.68 55.87
CA SER D 255 10.57 -10.08 56.49
C SER D 255 10.17 -8.82 55.75
N TYR D 256 8.87 -8.52 55.79
CA TYR D 256 8.40 -7.21 55.35
C TYR D 256 9.04 -6.10 56.15
N ALA D 257 9.36 -6.36 57.42
CA ALA D 257 9.95 -5.33 58.27
C ALA D 257 11.30 -4.87 57.74
N GLU D 258 12.21 -5.82 57.49
CA GLU D 258 13.54 -5.45 57.01
C GLU D 258 13.50 -4.90 55.60
N TYR D 259 12.61 -5.44 54.76
CA TYR D 259 12.40 -4.88 53.43
C TYR D 259 11.99 -3.43 53.52
N LYS D 260 11.02 -3.12 54.38
CA LYS D 260 10.59 -1.73 54.56
C LYS D 260 11.71 -0.88 55.12
N GLY D 261 12.50 -1.42 56.05
CA GLY D 261 13.58 -0.65 56.63
C GLY D 261 14.63 -0.26 55.61
N LYS D 262 15.05 -1.22 54.78
CA LYS D 262 16.02 -0.89 53.74
C LYS D 262 15.40 0.02 52.69
N MET D 263 14.09 -0.11 52.45
CA MET D 263 13.43 0.81 51.53
C MET D 263 13.51 2.24 52.05
N GLU D 264 13.23 2.44 53.34
CA GLU D 264 13.35 3.78 53.90
C GLU D 264 14.79 4.27 53.90
N LYS D 265 15.73 3.39 54.21
CA LYS D 265 17.14 3.79 54.22
C LYS D 265 17.64 4.12 52.82
N TRP D 266 17.03 3.58 51.78
CA TRP D 266 17.33 4.07 50.43
C TRP D 266 16.56 5.35 50.12
N ARG D 267 15.38 5.53 50.72
CA ARG D 267 14.57 6.70 50.41
C ARG D 267 15.21 8.00 50.91
N GLU D 268 16.02 7.91 51.96
CA GLU D 268 16.63 9.12 52.50
C GLU D 268 17.72 9.69 51.61
N LYS D 269 18.36 8.85 50.80
CA LYS D 269 19.44 9.32 49.93
C LYS D 269 18.88 10.20 48.83
N SER D 270 19.28 11.46 48.80
CA SER D 270 18.88 12.34 47.72
C SER D 270 19.57 11.99 46.40
N THR D 271 20.64 11.20 46.46
CA THR D 271 21.37 10.76 45.27
C THR D 271 20.64 9.61 44.59
N LEU D 272 19.42 9.88 44.13
CA LEU D 272 18.60 8.89 43.45
C LEU D 272 17.49 9.61 42.72
N GLY D 273 17.25 9.22 41.46
CA GLY D 273 16.21 9.82 40.66
C GLY D 273 14.88 9.12 40.84
N ARG D 274 13.99 9.35 39.87
CA ARG D 274 12.69 8.71 39.82
C ARG D 274 12.61 7.82 38.59
N LEU D 275 12.18 6.57 38.78
CA LEU D 275 12.01 5.62 37.69
C LEU D 275 10.63 5.00 37.77
N ILE D 276 9.89 5.04 36.67
CA ILE D 276 8.57 4.43 36.56
C ILE D 276 8.63 3.47 35.37
N VAL D 277 8.09 2.27 35.56
CA VAL D 277 8.10 1.23 34.54
C VAL D 277 6.71 1.14 33.93
N LYS D 278 6.64 1.12 32.61
CA LYS D 278 5.38 1.02 31.88
C LYS D 278 5.44 -0.18 30.94
N GLN D 279 4.31 -0.83 30.73
CA GLN D 279 4.22 -1.99 29.86
C GLN D 279 3.10 -1.83 28.86
N TYR D 280 3.30 -2.36 27.66
CA TYR D 280 2.27 -2.33 26.64
C TYR D 280 2.25 -3.63 25.86
N PRO D 281 1.12 -3.97 25.24
CA PRO D 281 1.05 -5.18 24.44
C PRO D 281 2.00 -5.13 23.24
N THR D 282 2.50 -6.30 22.87
CA THR D 282 3.49 -6.41 21.81
C THR D 282 2.97 -5.81 20.50
N GLY D 283 3.80 -5.01 19.85
CA GLY D 283 3.45 -4.40 18.57
C GLY D 283 2.28 -3.43 18.67
N GLY D 284 2.01 -2.94 19.87
CA GLY D 284 0.91 -2.01 20.07
C GLY D 284 1.40 -0.71 20.66
N ALA D 285 2.72 -0.54 20.68
CA ALA D 285 3.35 0.66 21.20
C ALA D 285 4.06 1.38 20.07
N ASP D 286 3.94 2.70 20.05
CA ASP D 286 4.49 3.53 19.00
C ASP D 286 5.17 4.75 19.60
N ALA D 287 5.92 5.47 18.76
CA ALA D 287 6.61 6.67 19.22
C ALA D 287 5.62 7.73 19.67
N ASN D 288 4.50 7.87 18.97
CA ASN D 288 3.49 8.84 19.38
C ASN D 288 2.93 8.50 20.76
N THR D 289 2.72 7.21 21.02
CA THR D 289 2.29 6.80 22.35
C THR D 289 3.32 7.19 23.40
N PHE D 290 4.60 7.00 23.09
CA PHE D 290 5.64 7.36 24.04
C PHE D 290 5.66 8.86 24.29
N ARG D 291 5.50 9.65 23.22
CA ARG D 291 5.49 11.11 23.37
C ARG D 291 4.31 11.55 24.22
N SER D 292 3.13 10.99 23.99
CA SER D 292 1.97 11.34 24.80
C SER D 292 2.18 10.92 26.24
N LEU D 293 2.84 9.77 26.46
CA LEU D 293 3.19 9.35 27.80
C LEU D 293 4.07 10.40 28.48
N LEU D 294 5.07 10.89 27.75
CA LEU D 294 5.93 11.93 28.32
C LEU D 294 5.13 13.19 28.64
N ASN D 295 4.21 13.56 27.74
CA ASN D 295 3.40 14.75 27.95
C ASN D 295 2.59 14.64 29.23
N GLU D 296 1.90 13.52 29.41
CA GLU D 296 1.08 13.36 30.60
C GLU D 296 1.91 13.17 31.85
N LEU D 297 3.11 12.58 31.72
CA LEU D 297 4.03 12.54 32.85
C LEU D 297 4.39 13.93 33.32
N LYS D 298 4.75 14.80 32.38
CA LYS D 298 5.11 16.16 32.76
C LYS D 298 3.90 16.93 33.27
N LEU D 299 2.72 16.67 32.70
CA LEU D 299 1.53 17.41 33.10
C LEU D 299 1.06 17.00 34.48
N LYS D 300 0.73 15.72 34.66
CA LYS D 300 0.13 15.28 35.91
C LYS D 300 1.20 14.90 36.93
N LYS D 301 2.09 13.97 36.57
CA LYS D 301 3.10 13.49 37.50
C LYS D 301 4.36 14.34 37.47
N ASN D 302 4.37 15.42 36.70
CA ASN D 302 5.49 16.35 36.60
C ASN D 302 6.82 15.61 36.51
N PHE D 303 6.87 14.65 35.60
CA PHE D 303 8.02 13.78 35.45
C PHE D 303 8.54 13.85 34.03
N VAL D 304 9.85 13.96 33.89
CA VAL D 304 10.50 13.94 32.58
C VAL D 304 11.74 13.06 32.65
N PRO D 305 11.74 11.92 32.00
CA PRO D 305 12.87 10.99 32.10
C PRO D 305 14.05 11.45 31.24
N THR D 306 15.18 10.75 31.42
CA THR D 306 16.38 11.04 30.66
C THR D 306 17.11 9.82 30.14
N ILE D 307 16.83 8.62 30.66
CA ILE D 307 17.55 7.41 30.26
C ILE D 307 16.56 6.38 29.78
N ILE D 308 15.54 6.84 29.04
CA ILE D 308 14.42 6.01 28.58
C ILE D 308 14.90 4.66 28.05
N ILE D 309 14.27 3.59 28.53
CA ILE D 309 14.65 2.22 28.21
C ILE D 309 13.47 1.53 27.53
N VAL D 310 13.74 0.88 26.40
CA VAL D 310 12.74 0.09 25.69
C VAL D 310 13.24 -1.35 25.59
N ASP D 311 12.42 -2.28 26.07
CA ASP D 311 12.77 -3.71 26.04
C ASP D 311 12.37 -4.30 24.70
N TYR D 312 13.38 -4.72 23.92
CA TYR D 312 13.14 -5.38 22.64
C TYR D 312 12.29 -4.49 21.74
N LEU D 313 12.91 -3.37 21.34
CA LEU D 313 12.26 -2.41 20.45
C LEU D 313 11.51 -3.08 19.31
N GLY D 314 11.97 -4.27 18.89
CA GLY D 314 11.38 -5.00 17.78
C GLY D 314 9.95 -5.43 17.96
N ILE D 315 9.32 -5.17 19.11
CA ILE D 315 7.92 -5.51 19.29
C ILE D 315 7.10 -4.25 19.53
N CYS D 316 7.56 -3.13 19.00
CA CYS D 316 6.77 -1.91 18.95
C CYS D 316 6.03 -1.87 17.62
N LYS D 317 5.43 -0.73 17.31
CA LYS D 317 4.84 -0.52 15.99
C LYS D 317 5.26 0.84 15.46
N SER D 318 5.49 0.90 14.15
CA SER D 318 6.07 2.08 13.52
C SER D 318 5.15 3.29 13.55
N CYS D 319 3.84 3.07 13.56
CA CYS D 319 2.79 4.09 13.50
C CYS D 319 2.77 4.81 12.15
N ARG D 320 3.72 4.51 11.26
CA ARG D 320 3.72 5.04 9.91
C ARG D 320 3.41 3.98 8.87
N ILE D 321 4.19 2.91 8.85
CA ILE D 321 3.94 1.78 7.95
C ILE D 321 2.61 1.16 8.31
N ARG D 322 1.87 0.71 7.29
CA ARG D 322 0.61 0.04 7.54
C ARG D 322 0.89 -1.35 8.10
N VAL D 323 -0.16 -2.05 8.52
CA VAL D 323 -0.03 -3.19 9.42
C VAL D 323 0.77 -4.29 8.73
N TYR D 324 2.02 -4.48 9.15
CA TYR D 324 2.87 -5.56 8.66
C TYR D 324 2.89 -5.61 7.13
N SER D 325 2.92 -4.42 6.52
CA SER D 325 2.87 -4.34 5.07
C SER D 325 4.11 -4.97 4.44
N GLU D 326 5.17 -5.16 5.23
CA GLU D 326 6.42 -5.73 4.76
C GLU D 326 6.93 -6.74 5.77
N ASN D 327 8.18 -7.17 5.58
CA ASN D 327 8.82 -8.13 6.46
C ASN D 327 9.32 -7.41 7.71
N SER D 328 10.15 -8.11 8.50
CA SER D 328 10.67 -7.53 9.72
C SER D 328 11.62 -6.37 9.44
N TYR D 329 12.43 -6.48 8.38
CA TYR D 329 13.52 -5.53 8.16
C TYR D 329 13.02 -4.10 8.14
N THR D 330 12.01 -3.83 7.31
CA THR D 330 11.56 -2.46 7.09
C THR D 330 11.01 -1.84 8.36
N THR D 331 10.06 -2.52 9.00
CA THR D 331 9.44 -1.95 10.19
C THR D 331 10.44 -1.82 11.32
N VAL D 332 11.38 -2.76 11.44
CA VAL D 332 12.39 -2.68 12.47
C VAL D 332 13.25 -1.44 12.27
N LYS D 333 13.74 -1.23 11.05
CA LYS D 333 14.55 -0.06 10.79
C LYS D 333 13.76 1.22 11.04
N ALA D 334 12.50 1.24 10.61
CA ALA D 334 11.67 2.43 10.78
C ALA D 334 11.45 2.75 12.25
N ILE D 335 11.16 1.73 13.05
CA ILE D 335 10.96 1.94 14.48
C ILE D 335 12.25 2.43 15.12
N ALA D 336 13.39 1.87 14.71
CA ALA D 336 14.68 2.35 15.21
C ALA D 336 14.84 3.84 14.91
N GLU D 337 14.56 4.24 13.68
CA GLU D 337 14.67 5.65 13.32
C GLU D 337 13.73 6.52 14.15
N GLU D 338 12.47 6.10 14.29
CA GLU D 338 11.48 6.91 15.01
C GLU D 338 11.88 7.10 16.47
N LEU D 339 12.29 6.01 17.12
CA LEU D 339 12.63 6.12 18.54
C LEU D 339 13.91 6.91 18.74
N ARG D 340 14.90 6.74 17.85
CA ARG D 340 16.09 7.57 17.97
C ARG D 340 15.78 9.04 17.74
N ALA D 341 14.87 9.34 16.80
CA ALA D 341 14.46 10.72 16.59
C ALA D 341 13.78 11.29 17.82
N LEU D 342 12.90 10.50 18.45
CA LEU D 342 12.29 10.97 19.69
C LEU D 342 13.35 11.21 20.77
N ALA D 343 14.29 10.28 20.90
CA ALA D 343 15.31 10.41 21.94
C ALA D 343 16.15 11.66 21.75
N VAL D 344 16.58 11.91 20.51
CA VAL D 344 17.34 13.13 20.25
C VAL D 344 16.47 14.37 20.38
N GLU D 345 15.16 14.20 20.15
CA GLU D 345 14.22 15.36 20.26
C GLU D 345 13.98 15.63 21.75
N THR D 346 14.19 14.62 22.60
CA THR D 346 14.01 14.79 24.06
C THR D 346 15.37 14.68 24.76
N GLU D 347 16.44 14.47 23.97
CA GLU D 347 17.80 14.29 24.55
C GLU D 347 17.72 13.26 25.69
N THR D 348 16.99 12.16 25.46
CA THR D 348 16.86 11.09 26.49
C THR D 348 17.67 9.87 26.05
N VAL D 349 18.54 9.37 26.93
CA VAL D 349 19.35 8.20 26.59
C VAL D 349 18.44 7.03 26.29
N LEU D 350 18.66 6.37 25.16
CA LEU D 350 17.81 5.29 24.70
C LEU D 350 18.59 3.99 24.68
N TRP D 351 18.02 2.95 25.27
CA TRP D 351 18.63 1.63 25.26
C TRP D 351 17.61 0.57 24.90
N THR D 352 18.07 -0.48 24.23
CA THR D 352 17.22 -1.60 23.87
C THR D 352 18.05 -2.84 23.62
N ALA D 353 17.36 -3.93 23.33
CA ALA D 353 17.98 -5.20 23.01
C ALA D 353 17.41 -5.71 21.69
N ALA D 354 18.27 -6.36 20.92
CA ALA D 354 17.89 -6.90 19.62
C ALA D 354 18.10 -8.40 19.59
N GLN D 355 17.29 -9.08 18.79
CA GLN D 355 17.37 -10.53 18.70
C GLN D 355 18.57 -10.94 17.85
N VAL D 356 19.00 -12.18 18.03
CA VAL D 356 20.11 -12.76 17.30
C VAL D 356 19.58 -13.98 16.57
N GLY D 357 19.95 -14.12 15.29
CA GLY D 357 19.47 -15.21 14.48
C GLY D 357 19.88 -16.55 15.05
N LYS D 358 19.13 -17.58 14.68
CA LYS D 358 19.37 -18.93 15.21
C LYS D 358 20.72 -19.48 14.77
N GLN D 359 21.32 -18.93 13.71
CA GLN D 359 22.63 -19.38 13.28
C GLN D 359 23.69 -19.11 14.33
N ALA D 360 23.62 -17.95 15.00
CA ALA D 360 24.57 -17.59 16.04
C ALA D 360 24.14 -18.04 17.42
N TRP D 361 22.98 -18.70 17.54
CA TRP D 361 22.58 -19.24 18.82
C TRP D 361 23.54 -20.34 19.26
N ASP D 362 23.87 -20.34 20.55
CA ASP D 362 24.78 -21.31 21.13
C ASP D 362 26.15 -21.29 20.45
N SER D 363 26.63 -20.09 20.14
CA SER D 363 27.93 -19.89 19.50
C SER D 363 28.80 -19.02 20.39
N SER D 364 30.10 -19.34 20.44
CA SER D 364 31.01 -18.61 21.30
C SER D 364 31.28 -17.18 20.83
N ASP D 365 30.99 -16.86 19.57
CA ASP D 365 31.19 -15.51 19.05
C ASP D 365 29.96 -15.11 18.24
N VAL D 366 29.62 -13.82 18.32
CA VAL D 366 28.49 -13.25 17.60
C VAL D 366 28.99 -12.07 16.79
N ASN D 367 28.60 -12.00 15.52
CA ASN D 367 29.01 -10.93 14.63
C ASN D 367 27.85 -9.96 14.40
N MET D 368 28.16 -8.88 13.68
CA MET D 368 27.13 -7.93 13.28
C MET D 368 26.11 -8.57 12.35
N SER D 369 26.59 -9.37 11.38
CA SER D 369 25.70 -10.04 10.45
C SER D 369 24.81 -11.07 11.15
N ASP D 370 25.14 -11.45 12.38
CA ASP D 370 24.32 -12.38 13.15
C ASP D 370 23.05 -11.73 13.68
N ILE D 371 22.76 -10.48 13.30
CA ILE D 371 21.52 -9.85 13.69
C ILE D 371 20.34 -10.62 13.08
N ALA D 372 19.25 -10.68 13.83
CA ALA D 372 18.12 -11.54 13.43
C ALA D 372 17.18 -10.82 12.46
N GLU D 373 16.72 -9.63 12.83
CA GLU D 373 15.58 -9.01 12.14
C GLU D 373 15.98 -8.10 10.99
N SER D 374 16.97 -7.24 11.15
CA SER D 374 17.21 -6.21 10.14
C SER D 374 18.66 -5.75 10.21
N ALA D 375 19.10 -5.11 9.12
CA ALA D 375 20.42 -4.51 9.03
C ALA D 375 20.39 -2.99 9.04
N GLY D 376 19.26 -2.38 8.69
CA GLY D 376 19.14 -0.94 8.82
C GLY D 376 19.22 -0.49 10.26
N LEU D 377 18.71 -1.31 11.18
CA LEU D 377 18.83 -1.00 12.61
C LEU D 377 20.28 -0.92 13.08
N PRO D 378 21.16 -1.87 12.73
CA PRO D 378 22.58 -1.66 13.07
C PRO D 378 23.15 -0.36 12.53
N ALA D 379 22.72 0.06 11.34
CA ALA D 379 23.13 1.37 10.84
C ALA D 379 22.59 2.50 11.71
N THR D 380 21.34 2.41 12.13
CA THR D 380 20.74 3.42 12.99
C THR D 380 21.30 3.41 14.41
N ALA D 381 21.85 2.29 14.85
CA ALA D 381 22.23 2.11 16.24
C ALA D 381 23.56 2.78 16.56
N ASP D 382 23.73 3.10 17.84
CA ASP D 382 24.97 3.66 18.36
C ASP D 382 25.46 2.77 19.49
N PHE D 383 26.72 2.33 19.40
CA PHE D 383 27.36 1.57 20.47
C PHE D 383 26.54 0.32 20.80
N MET D 384 26.47 -0.57 19.82
CA MET D 384 25.92 -1.89 20.07
C MET D 384 26.93 -2.74 20.82
N LEU D 385 26.43 -3.54 21.76
CA LEU D 385 27.26 -4.47 22.51
C LEU D 385 26.67 -5.87 22.43
N ALA D 386 27.56 -6.86 22.39
CA ALA D 386 27.16 -8.27 22.28
C ALA D 386 27.52 -8.97 23.57
N VAL D 387 26.52 -9.63 24.17
CA VAL D 387 26.71 -10.38 25.40
C VAL D 387 26.60 -11.86 25.05
N ILE D 388 27.62 -12.63 25.39
CA ILE D 388 27.70 -14.04 25.06
C ILE D 388 27.80 -14.82 26.36
N GLU D 389 27.01 -15.89 26.47
CA GLU D 389 27.05 -16.78 27.63
C GLU D 389 27.32 -18.19 27.15
N THR D 390 28.39 -18.79 27.66
CA THR D 390 28.82 -20.13 27.31
C THR D 390 28.62 -21.04 28.51
N GLU D 391 28.55 -22.35 28.26
CA GLU D 391 28.41 -23.31 29.35
C GLU D 391 29.51 -23.11 30.38
N GLU D 392 30.76 -23.03 29.92
CA GLU D 392 31.84 -22.65 30.82
C GLU D 392 31.63 -21.24 31.36
N LEU D 393 31.24 -20.31 30.49
CA LEU D 393 31.05 -18.92 30.93
C LEU D 393 29.90 -18.81 31.91
N ALA D 394 28.79 -19.52 31.66
CA ALA D 394 27.70 -19.54 32.62
C ALA D 394 28.13 -20.18 33.93
N ALA D 395 28.91 -21.27 33.86
CA ALA D 395 29.43 -21.90 35.07
C ALA D 395 30.36 -20.96 35.82
N ALA D 396 30.96 -20.00 35.12
CA ALA D 396 31.74 -18.95 35.76
C ALA D 396 30.87 -17.81 36.25
N GLU D 397 29.56 -17.89 36.06
CA GLU D 397 28.61 -16.86 36.48
C GLU D 397 28.98 -15.50 35.87
N GLN D 398 29.42 -15.57 34.61
CA GLN D 398 29.89 -14.41 33.90
C GLN D 398 29.39 -14.46 32.47
N GLN D 399 29.61 -13.36 31.75
CA GLN D 399 29.33 -13.29 30.33
C GLN D 399 30.43 -12.49 29.66
N LEU D 400 30.63 -12.74 28.38
CA LEU D 400 31.64 -12.04 27.59
C LEU D 400 30.98 -10.91 26.82
N ILE D 401 31.53 -9.71 26.95
CA ILE D 401 30.99 -8.53 26.28
C ILE D 401 31.96 -8.13 25.19
N LYS D 402 31.44 -8.01 23.97
CA LYS D 402 32.20 -7.71 22.78
C LYS D 402 31.60 -6.49 22.10
N GLN D 403 32.45 -5.74 21.40
CA GLN D 403 32.04 -4.58 20.64
C GLN D 403 31.86 -4.98 19.18
N ILE D 404 30.64 -4.80 18.67
CA ILE D 404 30.32 -5.05 17.27
C ILE D 404 30.03 -3.75 16.54
N LYS D 405 29.49 -2.75 17.25
CA LYS D 405 29.20 -1.44 16.69
C LYS D 405 29.72 -0.39 17.69
N SER D 406 30.72 0.37 17.27
CA SER D 406 31.23 1.45 18.12
C SER D 406 30.86 2.80 17.54
N ARG D 407 30.69 3.80 18.40
CA ARG D 407 30.43 5.15 17.93
C ARG D 407 31.30 6.16 18.66
N TYR D 408 31.68 5.85 19.89
CA TYR D 408 32.42 6.79 20.71
C TYR D 408 33.92 6.64 20.51
N GLY D 409 34.32 5.65 19.73
CA GLY D 409 35.74 5.47 19.48
C GLY D 409 36.03 4.18 18.76
N ASP D 410 37.29 3.77 18.86
CA ASP D 410 37.73 2.54 18.23
C ASP D 410 37.01 1.34 18.83
N LYS D 411 36.60 0.41 17.97
CA LYS D 411 35.96 -0.81 18.42
C LYS D 411 36.97 -1.82 18.97
N ASN D 412 38.15 -1.87 18.38
CA ASN D 412 39.16 -2.88 18.73
C ASN D 412 40.01 -2.48 19.93
N LYS D 413 39.65 -1.39 20.62
CA LYS D 413 40.47 -0.94 21.74
C LYS D 413 40.48 -1.97 22.85
N TRP D 414 39.30 -2.35 23.35
CA TRP D 414 39.15 -3.45 24.29
C TRP D 414 37.94 -4.26 23.82
N ASN D 415 38.20 -5.23 22.95
CA ASN D 415 37.09 -5.97 22.33
C ASN D 415 36.39 -6.89 23.33
N LYS D 416 37.15 -7.66 24.10
CA LYS D 416 36.59 -8.69 24.97
C LYS D 416 36.67 -8.20 26.41
N PHE D 417 35.55 -8.25 27.13
CA PHE D 417 35.55 -7.97 28.57
C PHE D 417 34.37 -8.68 29.22
N LEU D 418 34.55 -9.08 30.48
CA LEU D 418 33.60 -9.96 31.14
C LEU D 418 32.75 -9.21 32.15
N MET D 419 31.51 -9.70 32.34
CA MET D 419 30.58 -9.20 33.34
C MET D 419 30.27 -10.33 34.32
N GLY D 420 30.38 -10.04 35.61
CA GLY D 420 29.97 -10.97 36.64
C GLY D 420 28.48 -10.99 36.84
N VAL D 421 27.76 -11.52 35.85
CA VAL D 421 26.31 -11.50 35.89
C VAL D 421 25.81 -12.43 37.00
N GLN D 422 24.94 -11.91 37.85
CA GLN D 422 24.30 -12.68 38.91
C GLN D 422 22.85 -12.88 38.52
N LYS D 423 22.54 -14.08 38.03
CA LYS D 423 21.14 -14.42 37.74
C LYS D 423 20.31 -14.37 39.01
N GLY D 424 20.91 -14.75 40.14
CA GLY D 424 20.19 -14.69 41.40
C GLY D 424 19.91 -13.28 41.85
N ASN D 425 20.85 -12.36 41.66
CA ASN D 425 20.69 -11.01 42.17
C ASN D 425 20.37 -9.98 41.10
N GLN D 426 20.33 -10.39 39.83
CA GLN D 426 19.99 -9.49 38.73
C GLN D 426 20.93 -8.28 38.69
N LYS D 427 22.23 -8.56 38.57
CA LYS D 427 23.22 -7.49 38.54
C LYS D 427 24.51 -8.02 37.94
N TRP D 428 25.05 -7.30 36.97
CA TRP D 428 26.36 -7.59 36.42
C TRP D 428 27.33 -6.53 36.88
N VAL D 429 28.57 -6.93 37.16
CA VAL D 429 29.59 -6.04 37.68
C VAL D 429 30.90 -6.29 36.95
N GLU D 430 31.81 -5.34 37.05
CA GLU D 430 33.13 -5.49 36.45
C GLU D 430 33.91 -6.58 37.16
N ILE D 431 34.86 -7.17 36.45
CA ILE D 431 35.68 -8.24 37.02
C ILE D 431 36.88 -7.70 37.77
N GLU D 432 37.06 -6.38 37.83
CA GLU D 432 38.21 -5.80 38.52
C GLU D 432 37.82 -5.32 39.91
N MET E 1 11.39 56.14 -5.27
CA MET E 1 12.57 55.28 -5.23
C MET E 1 13.60 55.75 -6.23
N VAL E 2 13.22 56.77 -7.01
CA VAL E 2 14.10 57.27 -8.07
C VAL E 2 15.44 57.68 -7.49
N GLU E 3 15.42 58.34 -6.34
CA GLU E 3 16.66 58.69 -5.66
C GLU E 3 17.48 57.46 -5.36
N ILE E 4 16.82 56.36 -4.99
CA ILE E 4 17.53 55.14 -4.64
C ILE E 4 18.28 54.59 -5.83
N ILE E 5 17.59 54.45 -6.97
CA ILE E 5 18.23 53.89 -8.16
C ILE E 5 19.33 54.82 -8.65
N LEU E 6 19.08 56.13 -8.60
CA LEU E 6 20.11 57.08 -9.01
C LEU E 6 21.35 56.95 -8.14
N SER E 7 21.15 56.89 -6.82
CA SER E 7 22.28 56.81 -5.90
C SER E 7 23.03 55.50 -6.08
N HIS E 8 22.30 54.42 -6.34
CA HIS E 8 22.96 53.13 -6.56
C HIS E 8 23.74 53.10 -7.87
N LEU E 9 23.20 53.69 -8.93
CA LEU E 9 23.98 53.79 -10.17
C LEU E 9 25.22 54.64 -9.95
N ILE E 10 25.09 55.74 -9.21
CA ILE E 10 26.23 56.62 -8.99
C ILE E 10 27.29 55.94 -8.14
N PHE E 11 26.89 55.26 -7.07
CA PHE E 11 27.81 54.74 -6.08
C PHE E 11 28.11 53.26 -6.25
N ASP E 12 27.10 52.44 -6.50
CA ASP E 12 27.30 50.99 -6.55
C ASP E 12 27.80 50.60 -7.93
N GLN E 13 29.11 50.35 -8.02
CA GLN E 13 29.68 49.86 -9.27
C GLN E 13 29.13 48.48 -9.62
N ALA E 14 28.89 47.65 -8.61
CA ALA E 14 28.28 46.34 -8.86
C ALA E 14 26.91 46.51 -9.52
N TYR E 15 26.14 47.49 -9.06
CA TYR E 15 24.86 47.80 -9.70
C TYR E 15 25.06 48.77 -10.86
N PHE E 16 25.98 48.41 -11.73
CA PHE E 16 26.06 49.02 -13.05
C PHE E 16 26.29 48.01 -14.16
N SER E 17 26.87 46.85 -13.86
CA SER E 17 27.08 45.80 -14.85
C SER E 17 25.88 44.89 -15.00
N LYS E 18 25.03 44.77 -13.97
CA LYS E 18 23.84 43.94 -14.05
C LYS E 18 22.90 44.50 -15.11
N VAL E 19 22.32 45.67 -14.86
CA VAL E 19 21.39 46.30 -15.79
C VAL E 19 21.76 47.79 -15.88
N TRP E 20 22.65 48.11 -16.79
CA TRP E 20 22.67 49.45 -17.38
C TRP E 20 21.75 49.56 -18.59
N PRO E 21 21.76 48.61 -19.53
CA PRO E 21 21.03 48.83 -20.80
C PRO E 21 19.56 49.17 -20.63
N TYR E 22 18.89 48.57 -19.65
CA TYR E 22 17.47 48.84 -19.49
C TYR E 22 17.21 50.11 -18.70
N MET E 23 17.85 51.20 -19.09
CA MET E 23 17.59 52.51 -18.52
C MET E 23 17.17 53.43 -19.64
N ASP E 24 16.01 54.07 -19.48
CA ASP E 24 15.48 54.93 -20.52
C ASP E 24 15.00 56.23 -19.88
N SER E 25 15.16 57.32 -20.63
CA SER E 25 14.79 58.64 -20.11
C SER E 25 13.31 58.72 -19.77
N GLU E 26 12.46 58.17 -20.64
CA GLU E 26 11.03 58.19 -20.38
C GLU E 26 10.63 57.26 -19.24
N TYR E 27 11.52 56.38 -18.79
CA TYR E 27 11.24 55.62 -17.58
C TYR E 27 11.07 56.53 -16.38
N PHE E 28 11.91 57.55 -16.26
CA PHE E 28 12.13 58.20 -14.97
C PHE E 28 10.94 59.03 -14.50
N GLU E 29 10.64 60.11 -15.22
CA GLU E 29 9.62 61.04 -14.77
C GLU E 29 9.51 62.15 -15.80
N SER E 30 8.44 62.94 -15.67
CA SER E 30 8.34 64.22 -16.35
C SER E 30 9.11 65.32 -15.63
N GLY E 31 9.62 65.05 -14.44
CA GLY E 31 10.26 66.07 -13.64
C GLY E 31 11.77 66.07 -13.78
N PRO E 32 12.46 66.60 -12.78
CA PRO E 32 13.93 66.69 -12.84
C PRO E 32 14.63 65.34 -12.88
N ALA E 33 13.92 64.25 -12.56
CA ALA E 33 14.56 62.94 -12.57
C ALA E 33 15.07 62.58 -13.96
N LYS E 34 14.24 62.79 -14.98
CA LYS E 34 14.70 62.51 -16.34
C LYS E 34 15.82 63.47 -16.75
N ASN E 35 15.80 64.71 -16.26
CA ASN E 35 16.87 65.63 -16.57
C ASN E 35 18.19 65.15 -15.98
N THR E 36 18.17 64.70 -14.72
CA THR E 36 19.37 64.15 -14.11
C THR E 36 19.84 62.91 -14.83
N PHE E 37 18.90 62.05 -15.23
CA PHE E 37 19.29 60.87 -16.00
C PHE E 37 19.91 61.26 -17.32
N LYS E 38 19.37 62.29 -17.98
CA LYS E 38 19.98 62.76 -19.22
C LYS E 38 21.39 63.27 -18.98
N LEU E 39 21.60 64.00 -17.89
CA LEU E 39 22.93 64.49 -17.57
C LEU E 39 23.90 63.33 -17.37
N ILE E 40 23.53 62.36 -16.54
CA ILE E 40 24.44 61.26 -16.24
C ILE E 40 24.64 60.38 -17.46
N LYS E 41 23.60 60.17 -18.26
CA LYS E 41 23.72 59.39 -19.49
C LYS E 41 24.64 60.09 -20.48
N SER E 42 24.53 61.41 -20.59
CA SER E 42 25.44 62.17 -21.44
C SER E 42 26.88 62.02 -20.96
N HIS E 43 27.09 62.07 -19.65
CA HIS E 43 28.42 61.87 -19.11
C HIS E 43 28.94 60.47 -19.42
N VAL E 44 28.08 59.47 -19.32
CA VAL E 44 28.47 58.10 -19.67
C VAL E 44 28.83 58.03 -21.15
N ASN E 45 28.06 58.71 -22.01
CA ASN E 45 28.33 58.67 -23.43
C ASN E 45 29.67 59.32 -23.77
N GLU E 46 29.88 60.53 -23.26
CA GLU E 46 31.15 61.26 -23.54
C GLU E 46 32.32 60.50 -22.88
N TYR E 47 32.17 60.15 -21.60
CA TYR E 47 33.22 59.36 -20.90
C TYR E 47 32.60 58.04 -20.43
N HIS E 48 33.22 56.91 -20.80
CA HIS E 48 32.64 55.59 -20.44
C HIS E 48 33.01 55.27 -19.00
N SER E 49 32.56 56.11 -18.06
CA SER E 49 32.83 55.89 -16.61
C SER E 49 31.74 56.57 -15.80
N VAL E 50 31.56 56.16 -14.53
CA VAL E 50 30.52 56.77 -13.66
C VAL E 50 31.00 58.15 -13.20
N PRO E 51 30.33 59.25 -13.61
CA PRO E 51 30.69 60.59 -13.14
C PRO E 51 30.45 60.73 -11.65
N SER E 52 31.29 61.54 -11.01
CA SER E 52 31.18 61.76 -9.57
C SER E 52 30.19 62.88 -9.29
N ILE E 53 29.90 63.10 -8.01
CA ILE E 53 28.91 64.14 -7.61
C ILE E 53 29.39 65.50 -8.13
N ASN E 54 30.68 65.80 -7.95
CA ASN E 54 31.23 67.08 -8.48
C ASN E 54 31.02 67.08 -10.01
N ALA E 55 31.37 65.98 -10.67
CA ALA E 55 31.14 65.87 -12.13
C ALA E 55 29.64 66.05 -12.40
N LEU E 56 28.79 65.67 -11.44
CA LEU E 56 27.36 65.79 -11.65
C LEU E 56 26.91 67.24 -11.60
N ASN E 57 27.33 67.98 -10.57
CA ASN E 57 26.97 69.39 -10.53
C ASN E 57 27.71 70.18 -11.60
N VAL E 58 28.87 69.71 -12.04
CA VAL E 58 29.55 70.34 -13.15
C VAL E 58 28.71 70.24 -14.42
N ALA E 59 28.15 69.06 -14.68
CA ALA E 59 27.25 68.91 -15.82
C ALA E 59 25.98 69.73 -15.64
N LEU E 60 25.48 69.80 -14.40
CA LEU E 60 24.27 70.57 -14.14
C LEU E 60 24.48 72.05 -14.47
N GLU E 61 25.55 72.63 -13.94
CA GLU E 61 25.85 74.05 -14.22
C GLU E 61 26.28 74.20 -15.68
N ASN E 62 27.00 73.21 -16.21
CA ASN E 62 27.44 73.25 -17.63
C ASN E 62 26.20 73.30 -18.53
N SER E 63 25.24 72.41 -18.29
CA SER E 63 23.99 72.39 -19.10
C SER E 63 23.07 73.53 -18.63
N SER E 64 22.47 74.26 -19.58
CA SER E 64 21.62 75.42 -19.19
C SER E 64 20.14 75.03 -19.23
N PHE E 65 19.39 75.34 -18.16
CA PHE E 65 17.94 75.06 -18.13
C PHE E 65 17.22 76.20 -17.42
N THR E 66 15.93 75.99 -17.09
CA THR E 66 15.18 77.02 -16.39
C THR E 66 15.60 77.06 -14.93
N GLU E 67 15.34 78.20 -14.29
CA GLU E 67 15.67 78.33 -12.87
C GLU E 67 14.94 77.30 -12.03
N THR E 68 13.66 77.05 -12.34
CA THR E 68 12.92 76.02 -11.63
C THR E 68 13.55 74.65 -11.81
N GLU E 69 13.88 74.31 -13.06
CA GLU E 69 14.53 73.02 -13.32
C GLU E 69 15.95 73.00 -12.78
N TYR E 70 16.65 74.13 -12.84
CA TYR E 70 17.99 74.20 -12.24
C TYR E 70 17.92 73.86 -10.76
N SER E 71 17.00 74.50 -10.04
CA SER E 71 16.85 74.23 -8.60
C SER E 71 16.40 72.79 -8.36
N GLY E 72 15.49 72.28 -9.19
CA GLY E 72 15.04 70.91 -9.02
C GLY E 72 16.17 69.91 -9.16
N VAL E 73 16.97 70.07 -10.21
CA VAL E 73 18.12 69.15 -10.44
C VAL E 73 19.12 69.35 -9.31
N LYS E 74 19.28 70.60 -8.84
CA LYS E 74 20.22 70.90 -7.74
C LYS E 74 19.83 70.09 -6.50
N THR E 75 18.54 70.00 -6.20
CA THR E 75 18.06 69.23 -5.02
C THR E 75 18.34 67.74 -5.24
N LEU E 76 18.07 67.24 -6.45
CA LEU E 76 18.23 65.78 -6.73
C LEU E 76 19.70 65.38 -6.55
N ILE E 77 20.63 66.15 -7.13
CA ILE E 77 22.08 65.81 -7.04
C ILE E 77 22.52 65.88 -5.58
N SER E 78 21.77 66.58 -4.73
CA SER E 78 22.14 66.74 -3.30
C SER E 78 21.62 65.56 -2.48
N LYS E 79 21.13 64.51 -3.14
CA LYS E 79 20.53 63.36 -2.40
C LYS E 79 21.09 62.03 -2.95
N LEU E 80 22.35 61.72 -2.64
CA LEU E 80 22.98 60.47 -3.14
C LEU E 80 24.05 59.98 -2.16
N ALA E 81 23.85 58.81 -1.54
CA ALA E 81 24.85 58.23 -0.66
C ALA E 81 25.03 56.77 -1.03
N ASP E 82 26.00 56.12 -0.37
CA ASP E 82 26.26 54.71 -0.65
C ASP E 82 25.05 53.85 -0.27
N SER E 83 24.76 53.77 1.04
CA SER E 83 23.64 52.99 1.58
C SER E 83 23.59 51.58 0.99
N PRO E 84 24.48 50.68 1.41
CA PRO E 84 24.60 49.39 0.73
C PRO E 84 23.50 48.41 1.09
N GLU E 85 22.33 48.52 0.45
CA GLU E 85 21.25 47.57 0.69
C GLU E 85 21.48 46.28 -0.10
N ASP E 86 20.47 45.43 -0.13
CA ASP E 86 20.60 44.13 -0.76
C ASP E 86 20.73 44.27 -2.27
N HIS E 87 21.61 43.44 -2.83
CA HIS E 87 21.77 43.39 -4.28
C HIS E 87 20.52 42.82 -4.96
N SER E 88 20.06 41.66 -4.50
CA SER E 88 18.89 41.03 -5.11
C SER E 88 17.65 41.88 -4.90
N TRP E 89 17.47 42.40 -3.69
CA TRP E 89 16.32 43.27 -3.44
C TRP E 89 16.38 44.51 -4.30
N LEU E 90 17.56 45.11 -4.43
CA LEU E 90 17.70 46.29 -5.30
C LEU E 90 17.29 45.97 -6.73
N VAL E 91 17.82 44.87 -7.28
CA VAL E 91 17.55 44.58 -8.68
C VAL E 91 16.06 44.25 -8.89
N LYS E 92 15.46 43.54 -7.93
CA LYS E 92 14.05 43.22 -8.08
C LYS E 92 13.17 44.46 -7.97
N GLU E 93 13.47 45.34 -7.02
CA GLU E 93 12.69 46.57 -6.90
C GLU E 93 12.83 47.43 -8.14
N THR E 94 14.04 47.50 -8.70
CA THR E 94 14.23 48.25 -9.93
C THR E 94 13.46 47.63 -11.08
N GLU E 95 13.43 46.30 -11.15
CA GLU E 95 12.65 45.62 -12.18
C GLU E 95 11.16 45.97 -12.04
N LYS E 96 10.67 45.95 -10.81
CA LYS E 96 9.26 46.28 -10.56
C LYS E 96 8.96 47.72 -10.98
N TYR E 97 9.84 48.65 -10.61
CA TYR E 97 9.63 50.04 -10.97
C TYR E 97 9.67 50.24 -12.48
N VAL E 98 10.60 49.57 -13.15
CA VAL E 98 10.69 49.67 -14.60
C VAL E 98 9.43 49.13 -15.26
N GLN E 99 8.93 47.99 -14.77
CA GLN E 99 7.69 47.45 -15.30
C GLN E 99 6.53 48.42 -15.07
N GLN E 100 6.47 49.02 -13.89
CA GLN E 100 5.43 49.98 -13.58
C GLN E 100 5.47 51.17 -14.52
N ARG E 101 6.65 51.72 -14.76
CA ARG E 101 6.76 52.87 -15.65
C ARG E 101 6.51 52.48 -17.10
N ALA E 102 6.91 51.27 -17.49
CA ALA E 102 6.60 50.79 -18.84
C ALA E 102 5.10 50.72 -19.06
N MET E 103 4.37 50.15 -18.09
CA MET E 103 2.92 50.12 -18.21
C MET E 103 2.33 51.53 -18.17
N PHE E 104 2.92 52.41 -17.37
CA PHE E 104 2.41 53.78 -17.28
C PHE E 104 2.52 54.49 -18.62
N ASN E 105 3.69 54.43 -19.26
CA ASN E 105 3.85 55.10 -20.53
C ASN E 105 3.06 54.39 -21.63
N ALA E 106 2.91 53.07 -21.54
CA ALA E 106 2.04 52.36 -22.48
C ALA E 106 0.61 52.86 -22.37
N THR E 107 0.13 53.04 -21.14
CA THR E 107 -1.21 53.58 -20.93
C THR E 107 -1.33 54.98 -21.50
N SER E 108 -0.31 55.81 -21.28
CA SER E 108 -0.32 57.16 -21.86
C SER E 108 -0.42 57.08 -23.39
N LYS E 109 0.38 56.22 -24.00
CA LYS E 109 0.37 56.10 -25.46
C LYS E 109 -1.00 55.66 -25.96
N ILE E 110 -1.59 54.65 -25.32
CA ILE E 110 -2.85 54.13 -25.84
C ILE E 110 -3.98 55.14 -25.63
N ILE E 111 -3.99 55.83 -24.49
CA ILE E 111 -5.04 56.82 -24.29
C ILE E 111 -4.89 57.96 -25.27
N GLU E 112 -3.66 58.41 -25.54
CA GLU E 112 -3.50 59.53 -26.46
C GLU E 112 -3.84 59.13 -27.89
N ILE E 113 -3.46 57.92 -28.31
CA ILE E 113 -3.82 57.49 -29.67
C ILE E 113 -5.33 57.29 -29.78
N GLN E 114 -5.97 56.78 -28.73
CA GLN E 114 -7.42 56.63 -28.76
C GLN E 114 -8.10 57.98 -28.87
N THR E 115 -7.64 58.97 -28.12
CA THR E 115 -8.20 60.31 -28.23
C THR E 115 -7.99 60.88 -29.63
N ASN E 116 -6.79 60.66 -30.19
CA ASN E 116 -6.51 61.12 -31.55
C ASN E 116 -7.26 60.31 -32.60
N ALA E 117 -7.87 59.19 -32.22
CA ALA E 117 -8.55 58.36 -33.21
C ALA E 117 -9.88 58.96 -33.64
N GLU E 118 -10.67 59.48 -32.70
CA GLU E 118 -12.03 59.88 -33.01
C GLU E 118 -12.12 61.14 -33.88
N LEU E 119 -11.13 62.02 -33.80
CA LEU E 119 -11.23 63.29 -34.50
C LEU E 119 -11.13 63.08 -36.02
N PRO E 120 -11.63 64.02 -36.80
CA PRO E 120 -11.66 63.82 -38.25
C PRO E 120 -10.26 63.67 -38.82
N PRO E 121 -10.14 63.06 -40.00
CA PRO E 121 -8.80 62.82 -40.57
C PRO E 121 -7.99 64.09 -40.79
N GLU E 122 -8.65 65.22 -41.04
CA GLU E 122 -7.92 66.48 -41.18
C GLU E 122 -7.20 66.84 -39.88
N LYS E 123 -7.85 66.62 -38.74
CA LYS E 123 -7.23 66.84 -37.44
C LYS E 123 -6.24 65.75 -37.07
N ARG E 124 -6.26 64.62 -37.78
CA ARG E 124 -5.33 63.54 -37.48
C ARG E 124 -3.90 63.95 -37.80
N ASN E 125 -2.96 63.37 -37.06
CA ASN E 125 -1.54 63.56 -37.30
C ASN E 125 -0.99 62.33 -38.01
N LYS E 126 -0.27 62.55 -39.10
CA LYS E 126 0.37 61.43 -39.79
C LYS E 126 1.41 60.73 -38.92
N LYS E 127 1.93 61.43 -37.91
CA LYS E 127 2.95 60.83 -37.04
C LYS E 127 2.39 59.67 -36.24
N MET E 128 1.19 59.81 -35.69
CA MET E 128 0.63 58.76 -34.84
C MET E 128 0.30 57.53 -35.67
N PRO E 129 0.68 56.34 -35.24
CA PRO E 129 0.29 55.13 -35.96
C PRO E 129 -1.20 54.86 -35.80
N ASP E 130 -1.72 54.03 -36.70
CA ASP E 130 -3.12 53.67 -36.66
C ASP E 130 -3.43 52.86 -35.42
N VAL E 131 -4.72 52.73 -35.12
CA VAL E 131 -5.17 52.04 -33.92
C VAL E 131 -4.81 50.56 -33.96
N GLY E 132 -4.49 50.03 -35.14
CA GLY E 132 -4.09 48.64 -35.25
C GLY E 132 -2.66 48.35 -34.84
N ALA E 133 -1.87 49.37 -34.51
CA ALA E 133 -0.48 49.19 -34.13
C ALA E 133 -0.30 49.10 -32.62
N ILE E 134 -1.39 48.95 -31.86
CA ILE E 134 -1.34 48.82 -30.41
C ILE E 134 -0.62 47.55 -29.95
N PRO E 135 -0.89 46.36 -30.50
CA PRO E 135 -0.46 45.14 -29.77
C PRO E 135 1.04 44.99 -29.66
N ASP E 136 1.77 45.11 -30.76
CA ASP E 136 3.22 44.94 -30.71
C ASP E 136 3.84 45.89 -29.70
N ILE E 137 3.44 47.16 -29.73
CA ILE E 137 3.90 48.09 -28.72
C ILE E 137 3.57 47.57 -27.32
N MET E 138 2.30 47.21 -27.10
CA MET E 138 1.93 46.59 -25.84
C MET E 138 2.77 45.34 -25.61
N ARG E 139 2.97 44.54 -26.66
CA ARG E 139 3.87 43.40 -26.55
C ARG E 139 5.26 43.85 -26.10
N GLN E 140 5.84 44.84 -26.80
CA GLN E 140 7.14 45.32 -26.39
C GLN E 140 7.05 46.06 -25.06
N ALA E 141 5.85 46.52 -24.69
CA ALA E 141 5.66 47.03 -23.34
C ALA E 141 5.78 45.91 -22.32
N LEU E 142 5.19 44.76 -22.60
CA LEU E 142 5.22 43.65 -21.65
C LEU E 142 6.42 42.73 -21.87
N SER E 143 7.16 42.93 -22.96
CA SER E 143 8.38 42.19 -23.20
C SER E 143 9.53 42.66 -22.32
N ILE E 144 9.32 43.73 -21.56
CA ILE E 144 10.37 44.32 -20.73
C ILE E 144 10.66 43.41 -19.55
N SER E 145 11.84 42.82 -19.52
CA SER E 145 12.30 42.04 -18.39
C SER E 145 13.81 41.99 -18.43
N PHE E 146 14.41 41.58 -17.31
CA PHE E 146 15.86 41.61 -17.21
C PHE E 146 16.48 40.24 -17.47
N ASP E 147 15.88 39.18 -16.91
CA ASP E 147 16.42 37.84 -17.08
C ASP E 147 16.32 37.38 -18.54
N SER E 148 17.26 36.54 -18.94
CA SER E 148 17.24 35.92 -20.26
C SER E 148 16.41 34.65 -20.21
N TYR E 149 15.12 34.82 -19.95
CA TYR E 149 14.20 33.69 -19.87
C TYR E 149 14.10 32.95 -21.19
N VAL E 150 14.52 33.57 -22.29
CA VAL E 150 14.65 32.84 -23.55
C VAL E 150 15.59 31.66 -23.37
N GLY E 151 16.59 31.81 -22.52
CA GLY E 151 17.58 30.79 -22.30
C GLY E 151 18.75 30.97 -23.25
N HIS E 152 19.58 29.93 -23.33
CA HIS E 152 20.76 29.99 -24.17
C HIS E 152 20.36 30.09 -25.64
N ASP E 153 21.18 30.83 -26.40
CA ASP E 153 21.01 30.99 -27.84
C ASP E 153 22.33 30.54 -28.48
N TRP E 154 22.35 29.30 -28.97
CA TRP E 154 23.56 28.77 -29.56
C TRP E 154 23.91 29.52 -30.84
N MET E 155 25.22 29.66 -31.08
CA MET E 155 25.82 30.38 -32.20
C MET E 155 25.71 31.89 -32.06
N ASP E 156 24.97 32.39 -31.08
CA ASP E 156 24.83 33.83 -30.88
C ASP E 156 25.49 34.34 -29.62
N ASP E 157 25.39 33.61 -28.50
CA ASP E 157 26.04 33.99 -27.26
C ASP E 157 27.35 33.24 -27.08
N TYR E 158 27.93 32.76 -28.19
CA TYR E 158 29.12 31.91 -28.10
C TYR E 158 30.28 32.63 -27.45
N GLU E 159 30.28 33.96 -27.47
CA GLU E 159 31.31 34.73 -26.79
C GLU E 159 31.30 34.46 -25.29
N ALA E 160 30.12 34.53 -24.67
CA ALA E 160 30.00 34.33 -23.24
C ALA E 160 30.43 32.93 -22.82
N ARG E 161 29.94 31.92 -23.52
CA ARG E 161 30.34 30.57 -23.17
C ARG E 161 31.80 30.28 -23.50
N TRP E 162 32.36 30.98 -24.49
CA TRP E 162 33.80 30.89 -24.72
C TRP E 162 34.57 31.44 -23.52
N LEU E 163 34.15 32.61 -23.03
CA LEU E 163 34.77 33.15 -21.83
C LEU E 163 34.62 32.19 -20.67
N SER E 164 33.48 31.50 -20.60
CA SER E 164 33.28 30.48 -19.58
C SER E 164 34.30 29.36 -19.72
N TYR E 165 34.45 28.83 -20.93
CA TYR E 165 35.42 27.76 -21.17
C TYR E 165 36.83 28.23 -20.86
N MET E 166 37.16 29.44 -21.31
CA MET E 166 38.44 30.04 -20.93
C MET E 166 38.52 30.17 -19.42
N ASN E 167 39.69 29.86 -18.88
CA ASN E 167 39.92 29.83 -17.43
C ASN E 167 38.95 28.81 -16.86
N LYS E 168 38.16 29.15 -15.85
CA LYS E 168 37.19 28.24 -15.26
C LYS E 168 35.80 28.88 -15.32
N ALA E 169 34.80 28.07 -15.66
CA ALA E 169 33.42 28.52 -15.65
C ALA E 169 32.86 28.42 -14.23
N ARG E 170 31.53 28.53 -14.14
CA ARG E 170 30.86 28.39 -12.85
C ARG E 170 31.20 27.03 -12.23
N LYS E 171 31.96 27.06 -11.15
CA LYS E 171 32.51 25.84 -10.57
C LYS E 171 33.13 26.21 -9.22
N VAL E 172 33.54 25.16 -8.49
CA VAL E 172 34.22 25.36 -7.21
C VAL E 172 35.41 24.42 -7.13
N PRO E 173 36.62 24.94 -6.93
CA PRO E 173 37.77 24.07 -6.73
C PRO E 173 37.60 23.21 -5.49
N PHE E 174 38.17 22.01 -5.55
CA PHE E 174 38.10 21.07 -4.45
C PHE E 174 39.22 21.24 -3.43
N LYS E 175 40.12 22.19 -3.65
CA LYS E 175 41.30 22.43 -2.83
C LYS E 175 42.30 21.28 -2.91
N LEU E 176 42.00 20.23 -3.66
CA LEU E 176 42.91 19.11 -3.88
C LEU E 176 43.16 18.95 -5.36
N ARG E 177 44.42 18.73 -5.73
CA ARG E 177 44.79 18.71 -7.13
C ARG E 177 44.10 17.59 -7.89
N ILE E 178 44.03 16.40 -7.29
CA ILE E 178 43.51 15.24 -7.99
C ILE E 178 42.01 15.36 -8.23
N LEU E 179 41.27 15.86 -7.25
CA LEU E 179 39.83 16.04 -7.42
C LEU E 179 39.52 17.05 -8.51
N ASN E 180 40.22 18.19 -8.49
CA ASN E 180 40.04 19.16 -9.54
C ASN E 180 40.45 18.59 -10.89
N LYS E 181 41.51 17.77 -10.91
CA LYS E 181 41.94 17.13 -12.14
C LYS E 181 40.83 16.26 -12.73
N ILE E 182 40.24 15.39 -11.91
CA ILE E 182 39.20 14.50 -12.40
C ILE E 182 37.90 15.23 -12.67
N THR E 183 37.74 16.45 -12.14
CA THR E 183 36.65 17.31 -12.57
C THR E 183 37.06 18.31 -13.63
N LYS E 184 38.35 18.64 -13.72
CA LYS E 184 38.93 19.54 -14.70
C LYS E 184 38.55 20.99 -14.41
N GLY E 185 37.60 21.19 -13.50
CA GLY E 185 37.25 22.53 -13.04
C GLY E 185 36.75 22.55 -11.62
N GLY E 186 36.85 21.43 -10.92
CA GLY E 186 36.12 21.27 -9.70
C GLY E 186 34.66 20.97 -9.98
N ALA E 187 33.84 21.08 -8.95
CA ALA E 187 32.42 20.77 -9.08
C ALA E 187 31.66 21.99 -9.56
N GLU E 188 30.62 21.75 -10.37
CA GLU E 188 29.82 22.83 -10.90
C GLU E 188 28.69 23.21 -9.95
N THR E 189 28.34 24.49 -9.98
CA THR E 189 27.24 24.97 -9.17
C THR E 189 25.93 24.37 -9.63
N GLY E 190 25.04 24.12 -8.68
CA GLY E 190 23.73 23.56 -8.99
C GLY E 190 23.72 22.07 -9.25
N THR E 191 24.86 21.40 -9.17
CA THR E 191 24.97 19.98 -9.47
C THR E 191 24.78 19.15 -8.22
N LEU E 192 24.25 17.94 -8.40
CA LEU E 192 23.97 17.04 -7.29
C LEU E 192 25.04 15.97 -7.24
N ASN E 193 25.83 15.97 -6.16
CA ASN E 193 26.95 15.07 -6.00
C ASN E 193 26.79 14.23 -4.74
N VAL E 194 27.09 12.94 -4.85
CA VAL E 194 26.92 12.01 -3.75
C VAL E 194 28.24 11.28 -3.53
N LEU E 195 28.49 10.91 -2.28
CA LEU E 195 29.67 10.16 -1.90
C LEU E 195 29.18 8.95 -1.11
N MET E 196 28.78 7.91 -1.83
CA MET E 196 28.33 6.69 -1.18
C MET E 196 29.53 5.94 -0.62
N ALA E 197 29.32 5.28 0.52
CA ALA E 197 30.36 4.48 1.15
C ALA E 197 29.68 3.54 2.14
N GLY E 198 30.44 2.58 2.65
CA GLY E 198 29.90 1.63 3.59
C GLY E 198 29.66 2.24 4.96
N VAL E 199 28.92 1.51 5.78
CA VAL E 199 28.58 2.00 7.11
C VAL E 199 29.87 2.17 7.91
N ASN E 200 30.10 3.38 8.39
CA ASN E 200 31.31 3.69 9.17
C ASN E 200 32.58 3.34 8.38
N VAL E 201 32.78 4.01 7.25
CA VAL E 201 33.94 3.71 6.41
C VAL E 201 34.75 4.97 6.15
N GLY E 202 34.18 5.91 5.41
CA GLY E 202 34.85 7.17 5.15
C GLY E 202 33.88 8.33 5.02
N LYS E 203 32.62 8.08 5.37
CA LYS E 203 31.55 9.00 4.98
C LYS E 203 31.63 10.33 5.70
N SER E 204 31.40 10.34 7.01
CA SER E 204 31.40 11.59 7.76
C SER E 204 32.74 12.28 7.69
N LEU E 205 33.83 11.51 7.72
CA LEU E 205 35.17 12.10 7.59
C LEU E 205 35.32 12.82 6.26
N GLY E 206 34.85 12.18 5.17
CA GLY E 206 34.92 12.84 3.88
C GLY E 206 34.08 14.09 3.81
N LEU E 207 32.87 14.04 4.37
CA LEU E 207 32.02 15.23 4.40
C LEU E 207 32.72 16.37 5.13
N CYS E 208 33.29 16.08 6.29
CA CYS E 208 33.98 17.11 7.05
C CYS E 208 35.20 17.64 6.29
N SER E 209 35.94 16.74 5.63
CA SER E 209 37.10 17.18 4.87
C SER E 209 36.70 18.13 3.76
N LEU E 210 35.64 17.78 3.03
CA LEU E 210 35.19 18.64 1.94
C LEU E 210 34.68 19.98 2.47
N ALA E 211 33.94 19.94 3.58
CA ALA E 211 33.46 21.18 4.17
C ALA E 211 34.62 22.07 4.60
N ALA E 212 35.65 21.47 5.20
CA ALA E 212 36.81 22.24 5.62
C ALA E 212 37.53 22.86 4.43
N ASP E 213 37.68 22.09 3.35
CA ASP E 213 38.33 22.63 2.15
C ASP E 213 37.53 23.80 1.59
N TYR E 214 36.21 23.67 1.51
CA TYR E 214 35.40 24.72 0.91
C TYR E 214 35.36 25.96 1.81
N LEU E 215 35.41 25.77 3.13
CA LEU E 215 35.49 26.92 4.01
C LEU E 215 36.83 27.62 3.89
N GLN E 216 37.92 26.85 3.82
CA GLN E 216 39.24 27.43 3.62
C GLN E 216 39.32 28.16 2.29
N LEU E 217 38.52 27.73 1.30
CA LEU E 217 38.44 28.43 0.03
C LEU E 217 37.56 29.67 0.10
N GLY E 218 37.03 30.00 1.27
CA GLY E 218 36.23 31.19 1.46
C GLY E 218 34.77 31.02 1.15
N HIS E 219 34.34 29.81 0.78
CA HIS E 219 32.95 29.60 0.45
C HIS E 219 32.10 29.52 1.71
N ASN E 220 30.80 29.74 1.52
CA ASN E 220 29.82 29.58 2.59
C ASN E 220 29.31 28.15 2.60
N VAL E 221 29.54 27.45 3.71
CA VAL E 221 29.26 26.03 3.82
C VAL E 221 28.12 25.83 4.81
N LEU E 222 27.16 24.97 4.46
CA LEU E 222 26.02 24.63 5.29
C LEU E 222 25.97 23.12 5.44
N TYR E 223 26.26 22.63 6.64
CA TYR E 223 26.32 21.21 6.93
C TYR E 223 25.06 20.80 7.69
N ILE E 224 24.06 20.31 6.97
CA ILE E 224 22.82 19.82 7.56
C ILE E 224 23.01 18.32 7.76
N SER E 225 22.92 17.87 9.01
CA SER E 225 23.15 16.47 9.34
C SER E 225 21.95 15.88 10.07
N MET E 226 21.56 14.67 9.69
CA MET E 226 20.59 13.90 10.43
C MET E 226 21.23 13.06 11.52
N GLU E 227 22.52 12.79 11.42
CA GLU E 227 23.25 12.11 12.47
C GLU E 227 23.47 13.09 13.62
N MET E 228 24.17 12.65 14.66
CA MET E 228 24.54 13.56 15.72
C MET E 228 25.47 14.64 15.17
N ALA E 229 25.19 15.89 15.50
CA ALA E 229 25.90 17.01 14.88
C ALA E 229 25.85 18.21 15.80
N GLU E 230 26.45 19.30 15.32
CA GLU E 230 26.59 20.59 16.00
C GLU E 230 27.61 20.48 17.12
N GLU E 231 28.00 19.24 17.43
CA GLU E 231 29.08 18.95 18.36
C GLU E 231 29.96 17.81 17.91
N VAL E 232 29.48 16.95 17.02
CA VAL E 232 30.22 15.76 16.60
C VAL E 232 31.04 16.03 15.35
N CYS E 233 30.36 16.38 14.26
CA CYS E 233 31.08 16.88 13.10
C CYS E 233 31.84 18.16 13.42
N ALA E 234 31.34 18.94 14.38
CA ALA E 234 32.06 20.14 14.80
C ALA E 234 33.45 19.78 15.32
N LYS E 235 33.54 18.72 16.12
CA LYS E 235 34.84 18.25 16.59
C LYS E 235 35.70 17.78 15.42
N ARG E 236 35.09 17.14 14.43
CA ARG E 236 35.86 16.71 13.27
C ARG E 236 36.41 17.89 12.50
N ILE E 237 35.65 18.99 12.42
CA ILE E 237 36.16 20.19 11.77
C ILE E 237 37.26 20.81 12.61
N ASP E 238 37.14 20.72 13.93
CA ASP E 238 38.25 21.15 14.79
C ASP E 238 39.50 20.34 14.48
N ALA E 239 39.36 19.03 14.32
CA ALA E 239 40.50 18.18 14.01
C ALA E 239 41.11 18.51 12.66
N ASN E 240 40.27 18.73 11.65
CA ASN E 240 40.78 19.02 10.32
C ASN E 240 41.47 20.38 10.27
N MET E 241 40.82 21.39 10.85
CA MET E 241 41.34 22.76 10.80
C MET E 241 42.41 22.99 11.86
N LEU E 242 42.03 22.84 13.13
CA LEU E 242 42.97 23.13 14.21
C LEU E 242 44.08 22.10 14.32
N ASP E 243 43.99 21.02 13.54
CA ASP E 243 45.00 19.96 13.53
C ASP E 243 45.14 19.35 14.93
N VAL E 244 44.02 19.18 15.62
CA VAL E 244 44.00 18.63 16.97
C VAL E 244 43.24 17.31 16.92
N SER E 245 43.92 16.22 17.27
CA SER E 245 43.29 14.91 17.21
C SER E 245 42.14 14.82 18.23
N LEU E 246 41.11 14.06 17.85
CA LEU E 246 39.89 14.02 18.65
C LEU E 246 40.16 13.52 20.05
N ASP E 247 41.04 12.53 20.19
CA ASP E 247 41.37 12.01 21.51
C ASP E 247 41.94 13.10 22.40
N ASP E 248 42.78 13.97 21.83
CA ASP E 248 43.32 15.09 22.59
C ASP E 248 42.20 16.02 23.05
N ILE E 249 41.22 16.27 22.17
CA ILE E 249 40.09 17.10 22.54
C ILE E 249 39.31 16.48 23.69
N ASP E 250 39.08 15.17 23.62
CA ASP E 250 38.34 14.50 24.68
C ASP E 250 39.09 14.55 25.99
N ASP E 251 40.41 14.35 25.94
CA ASP E 251 41.24 14.32 27.13
C ASP E 251 41.67 15.70 27.61
N GLY E 252 41.28 16.75 26.89
CA GLY E 252 41.67 18.09 27.30
C GLY E 252 43.15 18.38 27.22
N HIS E 253 43.83 17.85 26.20
CA HIS E 253 45.25 18.17 26.03
C HIS E 253 45.45 19.66 25.79
N ILE E 254 44.57 20.28 25.00
CA ILE E 254 44.65 21.72 24.76
C ILE E 254 44.37 22.47 26.06
N SER E 255 45.03 23.60 26.23
CA SER E 255 44.86 24.44 27.41
C SER E 255 43.91 25.61 27.18
N TYR E 256 43.22 25.64 26.05
CA TYR E 256 42.26 26.69 25.69
C TYR E 256 43.00 27.98 25.33
N ALA E 257 44.31 27.99 25.54
CA ALA E 257 45.10 29.13 25.11
C ALA E 257 45.44 29.02 23.62
N GLU E 258 46.09 27.94 23.23
CA GLU E 258 46.35 27.68 21.82
C GLU E 258 45.07 27.49 21.02
N TYR E 259 44.02 26.95 21.64
CA TYR E 259 42.72 26.86 20.99
C TYR E 259 42.21 28.25 20.60
N LYS E 260 42.20 29.17 21.57
CA LYS E 260 41.77 30.54 21.30
C LYS E 260 42.69 31.20 20.28
N GLY E 261 43.99 30.95 20.39
CA GLY E 261 44.93 31.53 19.44
C GLY E 261 44.66 31.09 18.02
N LYS E 262 44.46 29.79 17.81
CA LYS E 262 44.16 29.28 16.49
C LYS E 262 42.83 29.82 15.97
N MET E 263 41.81 29.87 16.84
CA MET E 263 40.51 30.37 16.40
C MET E 263 40.59 31.81 15.95
N GLU E 264 41.24 32.66 16.76
CA GLU E 264 41.37 34.06 16.37
C GLU E 264 42.30 34.23 15.19
N LYS E 265 43.29 33.35 15.05
CA LYS E 265 44.17 33.39 13.88
C LYS E 265 43.39 33.13 12.61
N TRP E 266 42.54 32.10 12.62
CA TRP E 266 41.70 31.84 11.45
C TRP E 266 40.69 32.96 11.25
N ARG E 267 40.25 33.60 12.34
CA ARG E 267 39.44 34.80 12.20
C ARG E 267 40.22 35.90 11.50
N GLU E 268 41.53 35.97 11.72
CA GLU E 268 42.36 36.95 11.03
C GLU E 268 42.41 36.70 9.53
N LYS E 269 42.46 35.44 9.12
CA LYS E 269 42.50 35.12 7.70
C LYS E 269 41.23 35.62 7.01
N SER E 270 41.41 36.34 5.91
CA SER E 270 40.28 36.80 5.11
C SER E 270 39.82 35.76 4.10
N THR E 271 40.55 34.67 3.95
CA THR E 271 40.22 33.63 2.98
C THR E 271 39.29 32.57 3.55
N LEU E 272 38.66 32.84 4.68
CA LEU E 272 37.78 31.90 5.35
C LEU E 272 36.33 32.28 5.12
N GLY E 273 35.50 31.31 4.78
CA GLY E 273 34.09 31.51 4.57
C GLY E 273 33.29 31.41 5.86
N ARG E 274 32.01 31.12 5.71
CA ARG E 274 31.12 30.94 6.84
C ARG E 274 30.51 29.54 6.78
N LEU E 275 30.57 28.83 7.90
CA LEU E 275 30.07 27.46 7.99
C LEU E 275 29.04 27.38 9.11
N ILE E 276 27.84 26.95 8.76
CA ILE E 276 26.77 26.73 9.73
C ILE E 276 26.42 25.25 9.73
N VAL E 277 26.48 24.64 10.90
CA VAL E 277 26.18 23.21 11.06
C VAL E 277 24.86 23.09 11.80
N LYS E 278 23.89 22.44 11.17
CA LYS E 278 22.55 22.31 11.71
C LYS E 278 22.15 20.85 11.74
N GLN E 279 21.53 20.43 12.85
CA GLN E 279 21.09 19.06 13.07
C GLN E 279 19.57 19.02 13.12
N TYR E 280 18.99 18.05 12.41
CA TYR E 280 17.54 17.96 12.39
C TYR E 280 17.07 16.54 12.64
N PRO E 281 15.85 16.37 13.16
CA PRO E 281 15.36 15.03 13.49
C PRO E 281 15.32 14.12 12.28
N THR E 282 15.61 12.84 12.52
CA THR E 282 15.57 11.82 11.48
C THR E 282 14.15 11.66 10.97
N GLY E 283 13.94 11.93 9.68
CA GLY E 283 12.65 11.75 9.06
C GLY E 283 11.73 12.94 9.10
N GLY E 284 12.23 14.14 9.39
CA GLY E 284 11.38 15.31 9.43
C GLY E 284 11.99 16.58 8.87
N ALA E 285 12.89 16.45 7.89
CA ALA E 285 13.55 17.61 7.30
C ALA E 285 13.38 17.54 5.78
N ASP E 286 12.25 18.06 5.30
CA ASP E 286 11.94 17.99 3.88
C ASP E 286 12.68 19.09 3.11
N ALA E 287 12.58 19.04 1.79
CA ALA E 287 13.22 20.08 0.95
C ALA E 287 12.54 21.42 1.22
N ASN E 288 11.23 21.40 1.52
CA ASN E 288 10.50 22.65 1.84
C ASN E 288 11.11 23.25 3.11
N THR E 289 11.38 22.42 4.12
CA THR E 289 12.04 22.91 5.36
C THR E 289 13.43 23.41 4.97
N PHE E 290 14.10 22.71 4.06
CA PHE E 290 15.43 23.12 3.62
C PHE E 290 15.43 24.54 3.09
N ARG E 291 14.46 24.86 2.22
CA ARG E 291 14.38 26.21 1.69
C ARG E 291 14.09 27.22 2.79
N SER E 292 13.21 26.87 3.73
CA SER E 292 12.95 27.74 4.87
C SER E 292 14.20 27.93 5.71
N LEU E 293 15.01 26.87 5.85
CA LEU E 293 16.28 26.98 6.56
C LEU E 293 17.21 27.95 5.86
N LEU E 294 17.28 27.87 4.53
CA LEU E 294 18.07 28.83 3.78
C LEU E 294 17.58 30.25 4.02
N ASN E 295 16.26 30.43 4.02
CA ASN E 295 15.70 31.75 4.25
C ASN E 295 16.06 32.27 5.63
N GLU E 296 15.98 31.41 6.64
CA GLU E 296 16.32 31.83 8.00
C GLU E 296 17.81 32.15 8.12
N LEU E 297 18.66 31.36 7.47
CA LEU E 297 20.08 31.65 7.45
C LEU E 297 20.37 33.01 6.84
N LYS E 298 19.69 33.32 5.73
CA LYS E 298 19.87 34.62 5.09
C LYS E 298 19.23 35.75 5.88
N LEU E 299 18.24 35.43 6.72
CA LEU E 299 17.54 36.45 7.49
C LEU E 299 18.28 36.81 8.77
N LYS E 300 18.38 35.86 9.69
CA LYS E 300 19.05 36.13 10.97
C LYS E 300 20.52 36.44 10.74
N LYS E 301 21.15 35.73 9.82
CA LYS E 301 22.58 35.90 9.58
C LYS E 301 22.78 36.44 8.17
N ASN E 302 23.94 37.08 7.98
CA ASN E 302 24.35 37.51 6.66
C ASN E 302 24.98 36.35 5.90
N PHE E 303 24.24 35.25 5.80
CA PHE E 303 24.77 33.98 5.31
C PHE E 303 23.93 33.48 4.15
N VAL E 304 24.58 33.26 3.01
CA VAL E 304 24.01 32.52 1.89
C VAL E 304 24.99 31.43 1.50
N PRO E 305 24.64 30.17 1.73
CA PRO E 305 25.62 29.09 1.56
C PRO E 305 26.05 28.94 0.12
N THR E 306 27.32 28.61 -0.06
CA THR E 306 27.86 28.24 -1.36
C THR E 306 27.88 26.73 -1.57
N ILE E 307 28.09 25.97 -0.50
CA ILE E 307 28.07 24.52 -0.53
C ILE E 307 27.11 24.05 0.56
N ILE E 308 26.43 22.94 0.31
CA ILE E 308 25.52 22.34 1.28
C ILE E 308 25.82 20.84 1.35
N ILE E 309 25.85 20.29 2.57
CA ILE E 309 26.21 18.85 2.74
C ILE E 309 25.03 18.09 3.36
N VAL E 310 24.87 16.81 2.99
CA VAL E 310 23.79 15.96 3.57
C VAL E 310 24.42 14.68 4.10
N ASP E 311 23.91 14.15 5.22
CA ASP E 311 24.51 12.93 5.84
C ASP E 311 23.55 11.74 5.71
N TYR E 312 24.08 10.57 5.32
CA TYR E 312 23.26 9.34 5.17
C TYR E 312 22.29 9.49 3.99
N LEU E 313 21.55 10.60 3.94
CA LEU E 313 20.61 10.87 2.81
C LEU E 313 19.35 10.03 2.98
N GLY E 314 18.32 10.25 2.14
CA GLY E 314 17.06 9.50 2.24
C GLY E 314 16.27 9.86 3.49
N ILE E 315 16.82 10.75 4.32
CA ILE E 315 16.16 11.11 5.62
C ILE E 315 15.27 12.35 5.40
N CYS E 316 15.26 12.90 4.19
CA CYS E 316 14.50 14.16 3.93
C CYS E 316 13.00 13.96 4.19
N LYS E 317 12.49 12.73 4.06
CA LYS E 317 11.06 12.50 4.22
C LYS E 317 10.27 13.45 3.30
N SER E 318 10.48 13.27 1.99
CA SER E 318 9.87 14.15 1.01
C SER E 318 8.35 14.06 1.07
N CYS E 319 7.71 15.24 1.09
CA CYS E 319 6.26 15.29 1.20
C CYS E 319 5.56 14.82 -0.06
N ARG E 320 6.29 14.65 -1.16
CA ARG E 320 5.69 14.24 -2.42
C ARG E 320 4.99 12.89 -2.28
N ILE E 321 5.56 12.00 -1.47
CA ILE E 321 4.98 10.69 -1.21
C ILE E 321 4.60 10.61 0.27
N ARG E 322 3.34 10.28 0.54
CA ARG E 322 2.86 10.27 1.92
C ARG E 322 3.34 9.04 2.68
N VAL E 323 3.47 7.91 2.00
CA VAL E 323 3.80 6.66 2.65
C VAL E 323 5.18 6.20 2.19
N TYR E 324 5.82 5.38 3.01
CA TYR E 324 7.08 4.78 2.64
C TYR E 324 6.91 3.92 1.39
N SER E 325 7.77 4.15 0.40
CA SER E 325 7.75 3.31 -0.79
C SER E 325 8.38 1.96 -0.50
N GLU E 326 7.82 0.91 -1.11
CA GLU E 326 8.23 -0.47 -0.81
C GLU E 326 9.74 -0.64 -0.86
N ASN E 327 10.35 -0.41 -2.03
CA ASN E 327 11.80 -0.42 -2.15
C ASN E 327 12.39 0.97 -1.99
N SER E 328 11.59 1.92 -1.51
CA SER E 328 11.97 3.32 -1.36
C SER E 328 12.35 3.96 -2.68
N TYR E 329 11.97 3.34 -3.80
CA TYR E 329 12.40 3.85 -5.10
C TYR E 329 11.86 5.24 -5.34
N THR E 330 10.54 5.40 -5.28
CA THR E 330 9.93 6.68 -5.54
C THR E 330 10.39 7.73 -4.55
N THR E 331 10.42 7.38 -3.26
CA THR E 331 10.77 8.35 -2.24
C THR E 331 12.22 8.80 -2.35
N VAL E 332 13.15 7.84 -2.46
CA VAL E 332 14.56 8.20 -2.53
C VAL E 332 14.85 8.98 -3.79
N LYS E 333 14.32 8.53 -4.93
CA LYS E 333 14.55 9.27 -6.17
C LYS E 333 13.95 10.66 -6.10
N ALA E 334 12.76 10.80 -5.50
CA ALA E 334 12.16 12.11 -5.34
C ALA E 334 13.03 13.02 -4.48
N ILE E 335 13.59 12.46 -3.41
CA ILE E 335 14.48 13.25 -2.55
C ILE E 335 15.69 13.71 -3.34
N ALA E 336 16.30 12.80 -4.10
CA ALA E 336 17.48 13.16 -4.88
C ALA E 336 17.16 14.24 -5.90
N GLU E 337 16.03 14.08 -6.60
CA GLU E 337 15.63 15.06 -7.60
C GLU E 337 15.36 16.42 -6.97
N GLU E 338 14.69 16.43 -5.82
CA GLU E 338 14.42 17.69 -5.14
C GLU E 338 15.73 18.36 -4.70
N LEU E 339 16.68 17.56 -4.22
CA LEU E 339 17.97 18.11 -3.84
C LEU E 339 18.64 18.77 -5.04
N ARG E 340 18.69 18.06 -6.17
CA ARG E 340 19.32 18.62 -7.35
C ARG E 340 18.60 19.86 -7.85
N ALA E 341 17.26 19.85 -7.84
CA ALA E 341 16.50 20.99 -8.30
C ALA E 341 16.71 22.20 -7.39
N LEU E 342 16.75 21.98 -6.08
CA LEU E 342 17.03 23.07 -5.16
C LEU E 342 18.43 23.61 -5.38
N ALA E 343 19.40 22.73 -5.62
CA ALA E 343 20.76 23.18 -5.89
C ALA E 343 20.80 24.04 -7.16
N VAL E 344 20.09 23.62 -8.19
CA VAL E 344 20.00 24.41 -9.41
C VAL E 344 19.38 25.77 -9.12
N GLU E 345 18.28 25.78 -8.38
CA GLU E 345 17.60 27.03 -8.06
C GLU E 345 18.51 27.96 -7.29
N THR E 346 19.39 27.41 -6.46
CA THR E 346 20.36 28.20 -5.72
C THR E 346 21.70 28.30 -6.41
N GLU E 347 21.92 27.55 -7.49
CA GLU E 347 23.22 27.51 -8.17
C GLU E 347 24.33 27.20 -7.18
N THR E 348 24.13 26.12 -6.43
CA THR E 348 25.01 25.78 -5.32
C THR E 348 25.50 24.35 -5.44
N VAL E 349 26.63 24.08 -4.80
CA VAL E 349 27.22 22.75 -4.79
C VAL E 349 26.61 21.94 -3.66
N LEU E 350 25.94 20.85 -4.01
CA LEU E 350 25.25 20.01 -3.03
C LEU E 350 25.96 18.66 -2.97
N TRP E 351 26.31 18.25 -1.76
CA TRP E 351 26.96 16.97 -1.53
C TRP E 351 26.15 16.14 -0.54
N THR E 352 26.22 14.83 -0.72
CA THR E 352 25.58 13.90 0.20
C THR E 352 26.29 12.55 0.09
N ALA E 353 25.79 11.59 0.86
CA ALA E 353 26.38 10.26 0.95
C ALA E 353 25.27 9.22 0.92
N ALA E 354 25.41 8.25 0.01
CA ALA E 354 24.42 7.21 -0.15
C ALA E 354 24.83 5.96 0.63
N GLN E 355 23.89 5.03 0.74
CA GLN E 355 24.12 3.80 1.48
C GLN E 355 24.42 2.64 0.55
N VAL E 356 25.25 1.72 1.02
CA VAL E 356 25.67 0.56 0.27
C VAL E 356 25.00 -0.66 0.88
N GLY E 357 24.44 -1.52 0.03
CA GLY E 357 23.66 -2.66 0.51
C GLY E 357 24.52 -3.68 1.22
N LYS E 358 23.82 -4.59 1.90
CA LYS E 358 24.50 -5.65 2.66
C LYS E 358 25.37 -6.52 1.77
N GLN E 359 25.06 -6.61 0.48
CA GLN E 359 25.83 -7.43 -0.44
C GLN E 359 27.27 -6.95 -0.59
N ALA E 360 27.52 -5.64 -0.44
CA ALA E 360 28.85 -5.10 -0.58
C ALA E 360 29.39 -4.53 0.73
N TRP E 361 28.81 -4.93 1.86
CA TRP E 361 29.30 -4.47 3.16
C TRP E 361 30.72 -4.94 3.43
N ASP E 362 31.14 -6.04 2.84
CA ASP E 362 32.49 -6.55 3.00
C ASP E 362 33.17 -6.84 1.67
N SER E 363 32.56 -6.45 0.55
CA SER E 363 33.18 -6.67 -0.75
C SER E 363 34.34 -5.72 -0.96
N SER E 364 35.46 -6.26 -1.47
CA SER E 364 36.65 -5.45 -1.72
C SER E 364 36.44 -4.40 -2.80
N ASP E 365 35.46 -4.58 -3.68
CA ASP E 365 35.10 -3.59 -4.68
C ASP E 365 33.58 -3.47 -4.70
N VAL E 366 33.10 -2.25 -4.92
CA VAL E 366 31.67 -1.95 -4.90
C VAL E 366 31.25 -1.56 -6.31
N ASN E 367 30.23 -2.23 -6.82
CA ASN E 367 29.67 -1.89 -8.11
C ASN E 367 28.58 -0.83 -7.95
N MET E 368 28.16 -0.27 -9.08
CA MET E 368 27.07 0.71 -9.05
C MET E 368 25.77 0.07 -8.60
N SER E 369 25.54 -1.19 -8.94
CA SER E 369 24.38 -1.92 -8.47
C SER E 369 24.42 -2.20 -6.98
N ASP E 370 25.57 -2.03 -6.33
CA ASP E 370 25.70 -2.25 -4.90
C ASP E 370 25.16 -1.03 -4.13
N ILE E 371 23.88 -0.74 -4.31
CA ILE E 371 23.25 0.44 -3.73
C ILE E 371 22.14 0.00 -2.77
N ALA E 372 22.30 0.30 -1.49
CA ALA E 372 21.25 0.04 -0.52
C ALA E 372 20.01 0.90 -0.77
N GLU E 373 20.22 2.14 -1.23
CA GLU E 373 19.12 3.03 -1.57
C GLU E 373 18.56 2.64 -2.93
N SER E 374 17.73 3.51 -3.49
CA SER E 374 17.03 3.20 -4.72
C SER E 374 17.94 3.29 -5.94
N ALA E 375 17.59 2.54 -6.99
CA ALA E 375 18.35 2.58 -8.24
C ALA E 375 18.19 3.90 -8.97
N GLY E 376 17.06 4.58 -8.80
CA GLY E 376 16.90 5.88 -9.42
C GLY E 376 17.78 6.96 -8.83
N LEU E 377 18.26 6.76 -7.60
CA LEU E 377 19.22 7.71 -7.04
C LEU E 377 20.49 7.77 -7.86
N PRO E 378 21.14 6.64 -8.24
CA PRO E 378 22.27 6.75 -9.17
C PRO E 378 21.82 6.95 -10.61
N ALA E 379 20.83 7.82 -10.78
CA ALA E 379 20.52 8.40 -12.06
C ALA E 379 20.36 9.91 -12.00
N THR E 380 19.88 10.45 -10.90
CA THR E 380 19.86 11.89 -10.73
C THR E 380 21.21 12.43 -10.30
N ALA E 381 22.15 11.56 -9.97
CA ALA E 381 23.46 11.99 -9.50
C ALA E 381 24.25 12.63 -10.64
N ASP E 382 25.23 13.44 -10.26
CA ASP E 382 26.09 14.10 -11.23
C ASP E 382 27.53 13.71 -10.97
N PHE E 383 27.84 13.36 -9.73
CA PHE E 383 29.18 12.93 -9.34
C PHE E 383 29.07 11.95 -8.18
N MET E 384 29.16 10.66 -8.50
CA MET E 384 29.02 9.61 -7.49
C MET E 384 30.39 9.06 -7.14
N LEU E 385 30.91 9.53 -6.02
CA LEU E 385 32.12 8.94 -5.47
C LEU E 385 31.77 7.79 -4.55
N ALA E 386 32.69 6.82 -4.48
CA ALA E 386 32.55 5.67 -3.60
C ALA E 386 33.90 5.34 -2.99
N VAL E 387 33.94 5.18 -1.67
CA VAL E 387 35.16 4.83 -0.97
C VAL E 387 34.96 3.46 -0.34
N ILE E 388 36.06 2.72 -0.23
CA ILE E 388 36.08 1.41 0.41
C ILE E 388 37.27 1.37 1.35
N GLU E 389 37.06 0.86 2.56
CA GLU E 389 38.14 0.68 3.51
C GLU E 389 38.24 -0.79 3.87
N THR E 390 39.40 -1.37 3.60
CA THR E 390 39.68 -2.77 3.91
C THR E 390 40.70 -2.83 5.05
N GLU E 391 40.99 -4.06 5.47
CA GLU E 391 42.02 -4.24 6.51
C GLU E 391 43.36 -3.74 6.04
N GLU E 392 43.73 -4.01 4.78
CA GLU E 392 44.93 -3.42 4.22
C GLU E 392 44.86 -1.90 4.20
N LEU E 393 43.73 -1.36 3.75
CA LEU E 393 43.58 0.09 3.67
C LEU E 393 43.60 0.71 5.05
N ALA E 394 42.99 0.05 6.03
CA ALA E 394 43.10 0.51 7.41
C ALA E 394 44.54 0.49 7.88
N ALA E 395 45.27 -0.58 7.53
CA ALA E 395 46.68 -0.67 7.91
C ALA E 395 47.48 0.46 7.26
N ALA E 396 47.18 0.78 6.01
CA ALA E 396 47.78 1.93 5.35
C ALA E 396 47.11 3.25 5.73
N GLU E 397 46.01 3.20 6.49
CA GLU E 397 45.22 4.38 6.84
C GLU E 397 44.84 5.17 5.58
N GLN E 398 44.46 4.42 4.56
CA GLN E 398 44.10 4.99 3.27
C GLN E 398 42.76 4.42 2.84
N GLN E 399 42.34 4.76 1.63
CA GLN E 399 41.13 4.19 1.04
C GLN E 399 41.37 4.01 -0.44
N LEU E 400 40.36 3.48 -1.13
CA LEU E 400 40.41 3.14 -2.54
C LEU E 400 39.25 3.80 -3.27
N ILE E 401 39.09 5.10 -3.07
CA ILE E 401 38.03 5.91 -3.65
C ILE E 401 37.87 5.58 -5.14
N LYS E 402 36.63 5.35 -5.57
CA LYS E 402 36.33 5.00 -6.95
C LYS E 402 35.26 5.94 -7.48
N GLN E 403 35.47 6.43 -8.70
CA GLN E 403 34.56 7.37 -9.33
C GLN E 403 33.49 6.64 -10.12
N ILE E 404 32.25 7.09 -10.00
CA ILE E 404 31.15 6.62 -10.81
C ILE E 404 30.22 7.78 -11.07
N LYS E 405 29.35 7.65 -12.08
CA LYS E 405 28.44 8.72 -12.49
C LYS E 405 29.22 9.99 -12.81
N SER E 406 30.25 9.82 -13.64
CA SER E 406 31.18 10.90 -13.96
C SER E 406 30.53 11.79 -15.02
N ARG E 407 29.65 12.69 -14.57
CA ARG E 407 29.09 13.67 -15.47
C ARG E 407 30.09 14.74 -15.84
N TYR E 408 30.98 15.12 -14.93
CA TYR E 408 31.95 16.16 -15.20
C TYR E 408 32.93 15.75 -16.29
N GLY E 409 33.46 14.53 -16.21
CA GLY E 409 34.45 14.05 -17.14
C GLY E 409 34.14 12.63 -17.58
N ASP E 410 35.20 11.92 -17.95
CA ASP E 410 35.10 10.51 -18.32
C ASP E 410 35.34 9.66 -17.07
N LYS E 411 34.58 8.58 -16.94
CA LYS E 411 34.71 7.69 -15.80
C LYS E 411 35.76 6.62 -16.09
N ASN E 412 36.95 7.03 -16.55
CA ASN E 412 37.99 6.08 -16.88
C ASN E 412 39.34 6.75 -16.68
N LYS E 413 40.37 5.92 -16.49
CA LYS E 413 41.79 6.23 -16.34
C LYS E 413 42.07 7.05 -15.06
N TRP E 414 41.08 7.29 -14.21
CA TRP E 414 41.33 7.96 -12.94
C TRP E 414 40.68 7.27 -11.75
N ASN E 415 39.93 6.19 -11.96
CA ASN E 415 39.15 5.60 -10.87
C ASN E 415 40.05 4.90 -9.85
N LYS E 416 41.30 4.62 -10.19
CA LYS E 416 42.20 3.89 -9.32
C LYS E 416 43.06 4.88 -8.54
N PHE E 417 42.39 5.65 -7.68
CA PHE E 417 43.06 6.68 -6.90
C PHE E 417 42.81 6.46 -5.42
N LEU E 418 43.81 6.82 -4.62
CA LEU E 418 43.81 6.55 -3.19
C LEU E 418 44.11 7.83 -2.43
N MET E 419 43.57 7.91 -1.22
CA MET E 419 43.73 9.08 -0.36
C MET E 419 44.21 8.65 1.01
N GLY E 420 45.12 9.45 1.57
CA GLY E 420 45.59 9.23 2.93
C GLY E 420 44.61 9.74 3.96
N VAL E 421 43.48 9.06 4.09
CA VAL E 421 42.43 9.45 5.04
C VAL E 421 42.97 9.38 6.46
N GLN E 422 42.86 10.48 7.20
CA GLN E 422 43.42 10.58 8.54
C GLN E 422 42.31 10.32 9.56
N LYS E 423 42.35 9.14 10.18
CA LYS E 423 41.39 8.79 11.22
C LYS E 423 41.56 9.60 12.49
N GLY E 424 42.71 10.23 12.69
CA GLY E 424 42.95 11.00 13.88
C GLY E 424 42.60 12.47 13.72
N ASN E 425 42.76 13.00 12.50
CA ASN E 425 42.53 14.42 12.26
C ASN E 425 41.31 14.68 11.38
N GLN E 426 40.61 13.65 10.92
CA GLN E 426 39.39 13.81 10.11
C GLN E 426 39.67 14.65 8.86
N LYS E 427 40.53 14.12 8.00
CA LYS E 427 40.87 14.83 6.77
C LYS E 427 41.38 13.84 5.74
N TRP E 428 41.39 14.29 4.48
CA TRP E 428 41.93 13.52 3.37
C TRP E 428 43.28 14.07 2.96
N VAL E 429 44.27 13.18 2.83
CA VAL E 429 45.60 13.59 2.42
C VAL E 429 45.97 12.88 1.13
N GLU E 430 45.71 13.51 -0.01
CA GLU E 430 46.08 12.94 -1.29
C GLU E 430 47.60 12.90 -1.42
N ILE E 431 48.11 11.79 -1.95
CA ILE E 431 49.55 11.66 -2.15
C ILE E 431 50.00 12.59 -3.27
N GLU E 432 51.17 13.21 -3.08
CA GLU E 432 51.71 14.13 -4.06
C GLU E 432 52.43 13.39 -5.18
N MET F 1 -17.69 41.67 -40.74
CA MET F 1 -17.95 40.36 -41.34
C MET F 1 -18.69 39.47 -40.34
N VAL F 2 -19.86 39.94 -39.89
CA VAL F 2 -20.71 39.17 -38.99
C VAL F 2 -21.70 38.31 -39.77
N GLU F 3 -22.22 38.82 -40.88
CA GLU F 3 -23.18 38.07 -41.68
C GLU F 3 -22.57 36.76 -42.20
N ILE F 4 -21.34 36.83 -42.71
CA ILE F 4 -20.69 35.63 -43.23
C ILE F 4 -20.47 34.61 -42.12
N ILE F 5 -20.01 35.07 -40.95
CA ILE F 5 -19.77 34.15 -39.84
C ILE F 5 -21.07 33.51 -39.38
N LEU F 6 -22.13 34.31 -39.24
CA LEU F 6 -23.41 33.77 -38.80
C LEU F 6 -23.95 32.77 -39.81
N SER F 7 -23.85 33.08 -41.10
CA SER F 7 -24.30 32.16 -42.13
C SER F 7 -23.50 30.86 -42.11
N HIS F 8 -22.19 30.96 -41.94
CA HIS F 8 -21.36 29.77 -41.87
C HIS F 8 -21.61 28.96 -40.61
N LEU F 9 -22.08 29.60 -39.54
CA LEU F 9 -22.49 28.86 -38.36
C LEU F 9 -23.83 28.17 -38.55
N ILE F 10 -24.76 28.82 -39.25
CA ILE F 10 -26.12 28.31 -39.39
C ILE F 10 -26.19 27.23 -40.46
N PHE F 11 -25.87 27.56 -41.71
CA PHE F 11 -26.06 26.64 -42.82
C PHE F 11 -24.91 25.65 -42.98
N ASP F 12 -23.77 25.90 -42.34
CA ASP F 12 -22.60 25.04 -42.48
C ASP F 12 -22.26 24.41 -41.13
N GLN F 13 -22.03 23.11 -41.13
CA GLN F 13 -21.70 22.38 -39.92
C GLN F 13 -20.21 22.33 -39.64
N ALA F 14 -19.39 22.23 -40.69
CA ALA F 14 -17.95 22.20 -40.50
C ALA F 14 -17.43 23.50 -39.89
N TYR F 15 -17.94 24.64 -40.38
CA TYR F 15 -17.53 25.92 -39.83
C TYR F 15 -17.95 26.05 -38.37
N PHE F 16 -19.20 25.66 -38.07
CA PHE F 16 -19.69 25.77 -36.70
C PHE F 16 -18.89 24.87 -35.76
N SER F 17 -18.58 23.65 -36.19
CA SER F 17 -17.78 22.74 -35.39
C SER F 17 -16.32 23.18 -35.29
N LYS F 18 -15.85 24.00 -36.23
CA LYS F 18 -14.46 24.46 -36.17
C LYS F 18 -14.23 25.34 -34.95
N VAL F 19 -15.09 26.34 -34.73
CA VAL F 19 -14.94 27.28 -33.62
C VAL F 19 -16.31 27.38 -32.93
N TRP F 20 -16.55 26.53 -31.95
CA TRP F 20 -17.63 26.78 -31.01
C TRP F 20 -17.21 27.65 -29.82
N PRO F 21 -16.09 27.38 -29.14
CA PRO F 21 -15.82 28.08 -27.88
C PRO F 21 -15.28 29.50 -28.04
N TYR F 22 -14.66 29.83 -29.18
CA TYR F 22 -14.04 31.13 -29.36
C TYR F 22 -15.02 32.18 -29.87
N MET F 23 -16.32 31.97 -29.66
CA MET F 23 -17.35 32.96 -29.96
C MET F 23 -18.11 33.28 -28.69
N ASP F 24 -18.39 34.56 -28.47
CA ASP F 24 -19.04 35.00 -27.25
C ASP F 24 -20.09 36.05 -27.58
N SER F 25 -21.08 36.16 -26.71
CA SER F 25 -22.12 37.18 -26.88
C SER F 25 -21.55 38.59 -26.76
N GLU F 26 -20.54 38.77 -25.91
CA GLU F 26 -19.88 40.06 -25.76
C GLU F 26 -18.92 40.38 -26.89
N TYR F 27 -18.95 39.59 -27.97
CA TYR F 27 -18.11 39.87 -29.12
C TYR F 27 -18.80 40.83 -30.08
N PHE F 28 -19.96 40.44 -30.61
CA PHE F 28 -20.64 41.27 -31.56
C PHE F 28 -21.08 42.59 -30.92
N GLU F 29 -21.01 43.65 -31.72
CA GLU F 29 -21.31 44.99 -31.24
C GLU F 29 -22.79 45.11 -30.88
N SER F 30 -23.16 46.28 -30.35
CA SER F 30 -24.46 46.48 -29.75
C SER F 30 -25.61 46.40 -30.75
N GLY F 31 -25.34 46.37 -32.04
CA GLY F 31 -26.38 46.28 -33.04
C GLY F 31 -27.08 44.94 -33.04
N PRO F 32 -27.81 44.64 -34.12
CA PRO F 32 -28.55 43.37 -34.19
C PRO F 32 -27.66 42.15 -34.13
N ALA F 33 -26.36 42.30 -34.40
CA ALA F 33 -25.46 41.15 -34.38
C ALA F 33 -25.41 40.52 -33.00
N LYS F 34 -25.33 41.33 -31.95
CA LYS F 34 -25.27 40.78 -30.59
C LYS F 34 -26.55 40.03 -30.24
N ASN F 35 -27.71 40.59 -30.59
CA ASN F 35 -28.97 39.91 -30.29
C ASN F 35 -29.10 38.61 -31.08
N THR F 36 -28.66 38.63 -32.34
CA THR F 36 -28.66 37.40 -33.14
C THR F 36 -27.75 36.36 -32.53
N PHE F 37 -26.58 36.78 -32.05
CA PHE F 37 -25.67 35.85 -31.38
C PHE F 37 -26.30 35.29 -30.11
N LYS F 38 -26.98 36.14 -29.34
CA LYS F 38 -27.63 35.67 -28.13
C LYS F 38 -28.69 34.63 -28.45
N LEU F 39 -29.50 34.88 -29.49
CA LEU F 39 -30.52 33.91 -29.88
C LEU F 39 -29.88 32.61 -30.36
N ILE F 40 -28.80 32.70 -31.15
CA ILE F 40 -28.13 31.50 -31.64
C ILE F 40 -27.56 30.70 -30.48
N LYS F 41 -26.91 31.38 -29.54
CA LYS F 41 -26.34 30.71 -28.38
C LYS F 41 -27.42 30.05 -27.53
N SER F 42 -28.53 30.75 -27.31
CA SER F 42 -29.62 30.17 -26.55
C SER F 42 -30.20 28.95 -27.25
N HIS F 43 -30.34 29.01 -28.57
CA HIS F 43 -30.83 27.86 -29.32
C HIS F 43 -29.86 26.69 -29.24
N VAL F 44 -28.56 26.96 -29.33
CA VAL F 44 -27.56 25.89 -29.23
C VAL F 44 -27.63 25.24 -27.85
N ASN F 45 -27.73 26.06 -26.80
CA ASN F 45 -27.83 25.52 -25.44
C ASN F 45 -29.11 24.74 -25.23
N GLU F 46 -30.23 25.22 -25.76
CA GLU F 46 -31.53 24.60 -25.51
C GLU F 46 -31.76 23.34 -26.32
N TYR F 47 -31.20 23.25 -27.53
CA TYR F 47 -31.50 22.13 -28.42
C TYR F 47 -30.27 21.33 -28.81
N HIS F 48 -29.06 21.78 -28.46
CA HIS F 48 -27.83 21.05 -28.74
C HIS F 48 -27.68 20.72 -30.22
N SER F 49 -28.18 21.62 -31.07
CA SER F 49 -28.12 21.43 -32.51
C SER F 49 -27.92 22.79 -33.16
N VAL F 50 -27.39 22.75 -34.39
CA VAL F 50 -27.14 23.97 -35.13
C VAL F 50 -28.48 24.61 -35.49
N PRO F 51 -28.73 25.84 -35.06
CA PRO F 51 -30.02 26.48 -35.38
C PRO F 51 -30.16 26.72 -36.88
N SER F 52 -31.40 26.69 -37.34
CA SER F 52 -31.74 27.05 -38.70
C SER F 52 -32.47 28.39 -38.70
N ILE F 53 -32.65 28.94 -39.90
CA ILE F 53 -33.34 30.22 -40.02
C ILE F 53 -34.77 30.12 -39.49
N ASN F 54 -35.47 29.05 -39.87
CA ASN F 54 -36.82 28.83 -39.34
C ASN F 54 -36.79 28.62 -37.83
N ALA F 55 -35.83 27.84 -37.34
CA ALA F 55 -35.72 27.63 -35.90
C ALA F 55 -35.37 28.94 -35.19
N LEU F 56 -34.50 29.75 -35.78
CA LEU F 56 -34.14 31.02 -35.19
C LEU F 56 -35.32 31.98 -35.15
N ASN F 57 -36.16 31.97 -36.19
CA ASN F 57 -37.26 32.91 -36.30
C ASN F 57 -38.58 32.39 -35.73
N VAL F 58 -38.62 31.14 -35.27
CA VAL F 58 -39.87 30.57 -34.76
C VAL F 58 -39.71 30.17 -33.30
N ALA F 59 -38.79 29.25 -33.03
CA ALA F 59 -38.55 28.83 -31.65
C ALA F 59 -38.06 29.99 -30.78
N LEU F 60 -37.37 30.95 -31.38
CA LEU F 60 -36.93 32.14 -30.66
C LEU F 60 -37.27 33.39 -31.46
N GLU F 61 -36.90 34.55 -30.95
CA GLU F 61 -37.11 35.87 -31.54
C GLU F 61 -38.57 36.27 -31.58
N ASN F 62 -39.49 35.39 -31.16
CA ASN F 62 -40.90 35.72 -31.10
C ASN F 62 -41.38 36.01 -29.68
N SER F 63 -40.52 35.81 -28.69
CA SER F 63 -40.74 36.14 -27.29
C SER F 63 -39.58 36.99 -26.79
N SER F 64 -39.26 38.03 -27.56
CA SER F 64 -37.96 38.70 -27.45
C SER F 64 -38.17 40.20 -27.48
N PHE F 65 -37.09 40.92 -27.80
CA PHE F 65 -36.99 42.37 -27.65
C PHE F 65 -38.02 43.14 -28.47
N THR F 66 -38.03 44.47 -28.29
CA THR F 66 -38.99 45.32 -28.96
C THR F 66 -38.67 45.42 -30.45
N GLU F 67 -39.58 46.05 -31.20
CA GLU F 67 -39.50 46.05 -32.65
C GLU F 67 -38.29 46.81 -33.18
N THR F 68 -37.84 47.84 -32.46
CA THR F 68 -36.79 48.72 -32.98
C THR F 68 -35.53 47.96 -33.33
N GLU F 69 -35.15 46.95 -32.54
CA GLU F 69 -34.05 46.09 -32.89
C GLU F 69 -34.48 44.71 -33.37
N TYR F 70 -35.72 44.32 -33.12
CA TYR F 70 -36.23 43.07 -33.68
C TYR F 70 -36.24 43.12 -35.20
N SER F 71 -36.59 44.27 -35.77
CA SER F 71 -36.55 44.42 -37.23
C SER F 71 -35.14 44.21 -37.76
N GLY F 72 -34.15 44.83 -37.11
CA GLY F 72 -32.77 44.65 -37.54
C GLY F 72 -32.30 43.21 -37.40
N VAL F 73 -32.66 42.56 -36.29
CA VAL F 73 -32.27 41.17 -36.08
C VAL F 73 -32.90 40.28 -37.15
N LYS F 74 -34.18 40.49 -37.44
CA LYS F 74 -34.85 39.67 -38.44
C LYS F 74 -34.27 39.91 -39.83
N THR F 75 -33.93 41.16 -40.16
CA THR F 75 -33.29 41.43 -41.43
C THR F 75 -31.93 40.75 -41.52
N LEU F 76 -31.16 40.78 -40.43
CA LEU F 76 -29.87 40.10 -40.43
C LEU F 76 -30.03 38.60 -40.62
N ILE F 77 -31.00 38.00 -39.94
CA ILE F 77 -31.25 36.57 -40.10
C ILE F 77 -31.66 36.25 -41.53
N SER F 78 -32.52 37.09 -42.11
CA SER F 78 -32.94 36.88 -43.50
C SER F 78 -31.79 37.01 -44.48
N LYS F 79 -30.89 37.96 -44.27
CA LYS F 79 -29.75 38.17 -45.16
C LYS F 79 -28.71 37.07 -45.03
N LEU F 80 -28.84 36.19 -44.04
CA LEU F 80 -27.93 35.07 -43.91
C LEU F 80 -28.04 34.16 -45.12
N ALA F 81 -26.90 33.77 -45.67
CA ALA F 81 -26.87 32.90 -46.84
C ALA F 81 -25.53 32.18 -46.87
N ASP F 82 -25.58 30.87 -47.09
CA ASP F 82 -24.38 30.04 -47.11
C ASP F 82 -23.62 30.32 -48.40
N SER F 83 -22.60 31.16 -48.31
CA SER F 83 -21.74 31.39 -49.45
C SER F 83 -20.88 30.16 -49.70
N PRO F 84 -20.92 29.57 -50.90
CA PRO F 84 -20.07 28.42 -51.18
C PRO F 84 -18.60 28.79 -51.19
N GLU F 85 -17.87 28.33 -50.17
CA GLU F 85 -16.49 28.76 -49.96
C GLU F 85 -15.68 27.53 -49.51
N ASP F 86 -14.46 27.79 -49.07
CA ASP F 86 -13.58 26.76 -48.53
C ASP F 86 -13.46 26.93 -47.02
N HIS F 87 -13.07 25.85 -46.35
CA HIS F 87 -12.97 25.81 -44.89
C HIS F 87 -11.53 26.07 -44.43
N SER F 88 -10.80 26.84 -45.23
CA SER F 88 -9.40 27.15 -44.94
C SER F 88 -9.09 28.63 -44.98
N TRP F 89 -10.03 29.46 -45.42
CA TRP F 89 -9.85 30.89 -45.48
C TRP F 89 -10.80 31.66 -44.58
N LEU F 90 -12.04 31.18 -44.44
CA LEU F 90 -13.00 31.81 -43.53
C LEU F 90 -12.56 31.65 -42.08
N VAL F 91 -11.90 30.53 -41.76
CA VAL F 91 -11.49 30.29 -40.38
C VAL F 91 -10.48 31.35 -39.94
N LYS F 92 -9.45 31.56 -40.78
CA LYS F 92 -8.40 32.56 -40.44
C LYS F 92 -9.05 33.94 -40.30
N GLU F 93 -9.98 34.26 -41.21
CA GLU F 93 -10.66 35.58 -41.16
C GLU F 93 -11.37 35.71 -39.81
N THR F 94 -12.03 34.63 -39.36
CA THR F 94 -12.75 34.66 -38.06
C THR F 94 -11.77 35.01 -36.95
N GLU F 95 -10.64 34.29 -36.87
CA GLU F 95 -9.66 34.53 -35.78
C GLU F 95 -9.11 35.95 -35.88
N LYS F 96 -8.65 36.36 -37.06
CA LYS F 96 -8.03 37.71 -37.21
C LYS F 96 -9.07 38.76 -36.81
N TYR F 97 -10.33 38.56 -37.21
CA TYR F 97 -11.40 39.50 -36.81
C TYR F 97 -11.56 39.43 -35.29
N VAL F 98 -11.73 38.23 -34.74
CA VAL F 98 -11.86 38.06 -33.30
C VAL F 98 -10.72 38.76 -32.59
N GLN F 99 -9.50 38.58 -33.09
CA GLN F 99 -8.34 39.24 -32.47
C GLN F 99 -8.50 40.75 -32.49
N GLN F 100 -8.81 41.33 -33.65
CA GLN F 100 -8.93 42.78 -33.76
C GLN F 100 -10.04 43.31 -32.88
N ARG F 101 -11.22 42.69 -32.93
CA ARG F 101 -12.36 43.18 -32.17
C ARG F 101 -12.13 43.02 -30.67
N ALA F 102 -11.50 41.91 -30.24
CA ALA F 102 -11.18 41.73 -28.84
C ALA F 102 -10.17 42.76 -28.37
N MET F 103 -9.18 43.08 -29.21
CA MET F 103 -8.23 44.13 -28.86
C MET F 103 -8.94 45.48 -28.72
N PHE F 104 -9.86 45.77 -29.64
CA PHE F 104 -10.61 47.03 -29.55
C PHE F 104 -11.43 47.09 -28.25
N ASN F 105 -12.12 46.00 -27.93
CA ASN F 105 -12.94 45.97 -26.72
C ASN F 105 -12.08 46.10 -25.47
N ALA F 106 -10.94 45.39 -25.45
CA ALA F 106 -10.04 45.47 -24.30
C ALA F 106 -9.49 46.88 -24.14
N THR F 107 -9.13 47.53 -25.25
CA THR F 107 -8.66 48.91 -25.18
C THR F 107 -9.74 49.83 -24.63
N SER F 108 -10.98 49.68 -25.11
CA SER F 108 -12.07 50.51 -24.60
C SER F 108 -12.25 50.29 -23.10
N LYS F 109 -12.22 49.03 -22.68
CA LYS F 109 -12.41 48.70 -21.27
C LYS F 109 -11.30 49.28 -20.41
N ILE F 110 -10.04 49.12 -20.83
CA ILE F 110 -8.94 49.62 -20.01
C ILE F 110 -8.93 51.14 -19.99
N ILE F 111 -9.32 51.78 -21.10
CA ILE F 111 -9.43 53.24 -21.11
C ILE F 111 -10.49 53.70 -20.13
N GLU F 112 -11.65 53.04 -20.13
CA GLU F 112 -12.70 53.41 -19.17
C GLU F 112 -12.24 53.21 -17.74
N ILE F 113 -11.54 52.10 -17.48
CA ILE F 113 -11.05 51.84 -16.12
C ILE F 113 -10.04 52.89 -15.70
N GLN F 114 -9.11 53.23 -16.58
CA GLN F 114 -8.11 54.26 -16.27
C GLN F 114 -8.78 55.60 -16.03
N THR F 115 -9.77 55.95 -16.85
CA THR F 115 -10.49 57.21 -16.66
C THR F 115 -11.20 57.23 -15.32
N ASN F 116 -11.82 56.11 -14.93
CA ASN F 116 -12.49 56.06 -13.65
C ASN F 116 -11.50 56.06 -12.48
N ALA F 117 -10.29 55.56 -12.69
CA ALA F 117 -9.27 55.54 -11.64
C ALA F 117 -8.51 56.87 -11.59
N GLU F 118 -9.28 57.97 -11.63
CA GLU F 118 -8.73 59.30 -11.44
C GLU F 118 -9.58 60.14 -10.50
N LEU F 119 -10.79 59.71 -10.16
CA LEU F 119 -11.68 60.50 -9.34
C LEU F 119 -11.18 60.57 -7.91
N PRO F 120 -11.55 61.63 -7.19
CA PRO F 120 -11.23 61.71 -5.76
C PRO F 120 -11.94 60.61 -4.99
N PRO F 121 -11.49 60.30 -3.78
CA PRO F 121 -12.12 59.23 -3.01
C PRO F 121 -13.60 59.51 -2.77
N GLU F 122 -14.36 58.43 -2.63
CA GLU F 122 -15.81 58.40 -2.45
C GLU F 122 -16.57 58.79 -3.71
N LYS F 123 -15.88 58.93 -4.85
CA LYS F 123 -16.53 59.26 -6.11
C LYS F 123 -16.39 58.18 -7.17
N ARG F 124 -15.25 57.50 -7.22
CA ARG F 124 -15.05 56.45 -8.21
C ARG F 124 -15.85 55.20 -7.84
N ASN F 125 -15.98 54.30 -8.80
CA ASN F 125 -16.73 53.07 -8.60
C ASN F 125 -15.95 52.13 -7.68
N LYS F 126 -16.54 50.98 -7.37
CA LYS F 126 -15.99 50.04 -6.41
C LYS F 126 -15.61 48.74 -7.10
N LYS F 127 -14.63 48.04 -6.51
CA LYS F 127 -14.17 46.73 -6.99
C LYS F 127 -13.75 46.79 -8.46
N MET F 128 -13.03 47.87 -8.78
CA MET F 128 -12.51 48.03 -10.12
C MET F 128 -11.08 47.52 -10.19
N PRO F 129 -10.68 46.91 -11.31
CA PRO F 129 -9.26 46.61 -11.50
C PRO F 129 -8.45 47.90 -11.50
N ASP F 130 -7.27 47.85 -10.90
CA ASP F 130 -6.44 49.04 -10.79
C ASP F 130 -5.67 49.27 -12.07
N VAL F 131 -4.98 50.41 -12.12
CA VAL F 131 -4.14 50.73 -13.27
C VAL F 131 -3.07 49.65 -13.45
N GLY F 132 -2.51 49.17 -12.34
CA GLY F 132 -1.57 48.06 -12.40
C GLY F 132 -2.17 46.77 -12.93
N ALA F 133 -3.49 46.64 -12.91
CA ALA F 133 -4.17 45.50 -13.50
C ALA F 133 -4.38 45.65 -15.00
N ILE F 134 -4.05 46.82 -15.56
CA ILE F 134 -4.21 47.02 -17.00
C ILE F 134 -3.38 46.05 -17.82
N PRO F 135 -2.08 45.80 -17.51
CA PRO F 135 -1.32 44.85 -18.34
C PRO F 135 -1.93 43.46 -18.39
N ASP F 136 -2.26 42.90 -17.22
CA ASP F 136 -2.74 41.53 -17.16
C ASP F 136 -4.00 41.35 -17.99
N ILE F 137 -4.97 42.25 -17.85
CA ILE F 137 -6.16 42.19 -18.70
C ILE F 137 -5.76 42.45 -20.15
N MET F 138 -4.83 43.38 -20.37
CA MET F 138 -4.24 43.53 -21.70
C MET F 138 -3.58 42.23 -22.12
N ARG F 139 -2.94 41.53 -21.18
CA ARG F 139 -2.47 40.18 -21.45
C ARG F 139 -3.58 39.31 -22.01
N GLN F 140 -4.76 39.35 -21.36
CA GLN F 140 -5.89 38.57 -21.86
C GLN F 140 -6.25 38.97 -23.28
N ALA F 141 -6.08 40.25 -23.62
CA ALA F 141 -6.37 40.70 -24.98
C ALA F 141 -5.55 39.92 -26.00
N LEU F 142 -4.31 39.58 -25.66
CA LEU F 142 -3.48 38.79 -26.56
C LEU F 142 -3.70 37.29 -26.39
N SER F 143 -4.35 36.86 -25.31
CA SER F 143 -4.47 35.44 -25.02
C SER F 143 -5.34 34.70 -26.01
N ILE F 144 -6.15 35.40 -26.80
CA ILE F 144 -7.05 34.75 -27.75
C ILE F 144 -6.27 34.48 -29.03
N SER F 145 -6.02 33.19 -29.29
CA SER F 145 -5.36 32.78 -30.52
C SER F 145 -5.99 31.51 -31.11
N PHE F 146 -7.20 31.15 -30.66
CA PHE F 146 -7.90 29.96 -31.12
C PHE F 146 -7.08 28.69 -30.88
N ASP F 147 -6.27 28.70 -29.82
CA ASP F 147 -5.35 27.63 -29.46
C ASP F 147 -5.44 27.38 -27.96
N SER F 148 -6.68 27.17 -27.48
CA SER F 148 -6.90 26.99 -26.04
C SER F 148 -6.07 25.84 -25.49
N TYR F 149 -6.17 24.66 -26.10
CA TYR F 149 -5.45 23.44 -25.73
C TYR F 149 -5.82 22.93 -24.34
N VAL F 150 -6.72 23.60 -23.62
CA VAL F 150 -7.12 23.13 -22.29
C VAL F 150 -7.82 21.79 -22.40
N GLY F 151 -8.71 21.63 -23.37
CA GLY F 151 -9.32 20.35 -23.63
C GLY F 151 -8.37 19.45 -24.38
N HIS F 152 -7.16 19.25 -23.85
CA HIS F 152 -6.21 18.35 -24.49
C HIS F 152 -6.81 16.96 -24.64
N ASP F 153 -7.30 16.40 -23.54
CA ASP F 153 -8.25 15.28 -23.54
C ASP F 153 -7.91 14.19 -24.56
N TRP F 154 -6.75 13.56 -24.43
CA TRP F 154 -6.37 12.52 -25.38
C TRP F 154 -7.40 11.40 -25.40
N MET F 155 -8.08 11.19 -24.27
CA MET F 155 -9.21 10.26 -24.25
C MET F 155 -10.36 10.78 -25.10
N ASP F 156 -10.76 12.04 -24.87
CA ASP F 156 -11.93 12.59 -25.56
C ASP F 156 -11.65 12.83 -27.04
N ASP F 157 -10.48 13.37 -27.36
CA ASP F 157 -10.13 13.67 -28.75
C ASP F 157 -8.62 13.52 -28.90
N TYR F 158 -8.10 14.06 -30.01
CA TYR F 158 -6.67 14.04 -30.33
C TYR F 158 -6.17 12.62 -30.59
N GLU F 159 -7.07 11.65 -30.66
CA GLU F 159 -6.76 10.37 -31.27
C GLU F 159 -7.21 10.30 -32.72
N ALA F 160 -8.43 10.75 -32.99
CA ALA F 160 -8.92 10.80 -34.37
C ALA F 160 -8.10 11.77 -35.21
N ARG F 161 -7.81 12.95 -34.69
CA ARG F 161 -6.98 13.88 -35.44
C ARG F 161 -5.53 13.42 -35.52
N TRP F 162 -5.07 12.63 -34.54
CA TRP F 162 -3.75 12.04 -34.64
C TRP F 162 -3.65 11.15 -35.86
N LEU F 163 -4.62 10.25 -36.04
CA LEU F 163 -4.66 9.43 -37.25
C LEU F 163 -4.85 10.29 -38.49
N SER F 164 -5.72 11.30 -38.40
CA SER F 164 -5.98 12.16 -39.55
C SER F 164 -4.75 12.94 -39.96
N TYR F 165 -3.77 13.09 -39.06
CA TYR F 165 -2.54 13.77 -39.44
C TYR F 165 -1.47 12.80 -39.95
N MET F 166 -1.53 11.53 -39.56
CA MET F 166 -0.54 10.57 -40.02
C MET F 166 -0.48 10.48 -41.54
N ASN F 167 -1.59 10.72 -42.22
CA ASN F 167 -1.59 10.84 -43.68
C ASN F 167 -0.93 12.14 -44.11
N LYS F 168 -1.29 13.26 -43.47
CA LYS F 168 -0.72 14.56 -43.81
C LYS F 168 0.48 14.87 -42.92
N ALA F 169 1.43 13.95 -42.84
CA ALA F 169 2.63 14.14 -42.04
C ALA F 169 3.84 14.04 -42.95
N ARG F 170 4.71 15.05 -42.90
CA ARG F 170 5.82 15.16 -43.83
C ARG F 170 7.03 14.39 -43.29
N LYS F 171 7.48 13.42 -44.06
CA LYS F 171 8.62 12.59 -43.67
C LYS F 171 9.90 13.39 -43.85
N VAL F 172 10.26 14.18 -42.86
CA VAL F 172 11.50 14.97 -42.89
C VAL F 172 12.65 13.98 -42.86
N PRO F 173 13.79 14.28 -43.48
CA PRO F 173 14.82 13.27 -43.65
C PRO F 173 15.74 13.18 -42.44
N PHE F 174 16.72 12.30 -42.55
CA PHE F 174 17.79 12.20 -41.56
C PHE F 174 19.05 12.87 -42.09
N LYS F 175 20.15 12.67 -41.37
CA LYS F 175 21.46 13.11 -41.82
C LYS F 175 22.43 11.96 -42.05
N LEU F 176 22.29 10.86 -41.32
CA LEU F 176 23.11 9.67 -41.52
C LEU F 176 22.37 8.68 -42.41
N ARG F 177 23.11 8.08 -43.35
CA ARG F 177 22.49 7.22 -44.35
C ARG F 177 21.83 6.00 -43.73
N ILE F 178 22.47 5.39 -42.72
CA ILE F 178 21.87 4.24 -42.04
C ILE F 178 20.53 4.62 -41.44
N LEU F 179 20.47 5.79 -40.81
CA LEU F 179 19.20 6.29 -40.26
C LEU F 179 18.16 6.46 -41.34
N ASN F 180 18.52 7.04 -42.49
CA ASN F 180 17.56 7.20 -43.56
C ASN F 180 17.03 5.86 -44.03
N LYS F 181 17.90 4.88 -44.18
CA LYS F 181 17.44 3.55 -44.60
C LYS F 181 17.13 2.66 -43.40
N ILE F 182 16.35 3.19 -42.46
CA ILE F 182 15.67 2.40 -41.45
C ILE F 182 14.22 2.80 -41.50
N THR F 183 13.97 4.03 -41.95
CA THR F 183 12.63 4.54 -42.17
C THR F 183 12.34 4.81 -43.63
N LYS F 184 13.36 4.79 -44.48
CA LYS F 184 13.27 4.94 -45.94
C LYS F 184 12.95 6.37 -46.35
N GLY F 185 12.51 7.20 -45.41
CA GLY F 185 12.21 8.58 -45.75
C GLY F 185 12.56 9.57 -44.66
N GLY F 186 13.23 9.11 -43.62
CA GLY F 186 13.56 10.00 -42.52
C GLY F 186 12.57 9.91 -41.39
N ALA F 187 11.80 10.98 -41.16
CA ALA F 187 10.88 11.00 -40.03
C ALA F 187 9.72 11.92 -40.33
N GLU F 188 8.52 11.46 -40.00
CA GLU F 188 7.32 12.27 -40.21
C GLU F 188 7.25 13.41 -39.21
N THR F 189 6.44 14.41 -39.56
CA THR F 189 6.39 15.64 -38.77
C THR F 189 5.65 15.41 -37.45
N GLY F 190 4.37 15.04 -37.52
CA GLY F 190 3.62 14.79 -36.31
C GLY F 190 3.87 13.44 -35.72
N THR F 191 5.09 13.21 -35.23
CA THR F 191 5.46 11.94 -34.62
C THR F 191 6.28 12.18 -33.36
N LEU F 192 6.34 11.14 -32.53
CA LEU F 192 7.14 11.14 -31.31
C LEU F 192 8.08 9.95 -31.37
N ASN F 193 9.37 10.20 -31.18
CA ASN F 193 10.37 9.15 -31.21
C ASN F 193 11.01 9.00 -29.83
N VAL F 194 11.52 7.79 -29.58
CA VAL F 194 12.13 7.45 -28.30
C VAL F 194 13.51 6.88 -28.56
N LEU F 195 14.49 7.29 -27.75
CA LEU F 195 15.84 6.75 -27.85
C LEU F 195 16.34 6.39 -26.44
N MET F 196 16.18 5.13 -26.08
CA MET F 196 16.65 4.63 -24.80
C MET F 196 18.14 4.29 -24.87
N ALA F 197 18.84 4.54 -23.80
CA ALA F 197 20.24 4.14 -23.70
C ALA F 197 20.54 3.37 -22.42
N GLY F 198 19.91 3.74 -21.31
CA GLY F 198 20.22 3.14 -20.03
C GLY F 198 20.70 4.19 -19.04
N VAL F 199 21.91 4.01 -18.52
CA VAL F 199 22.51 4.97 -17.60
C VAL F 199 23.92 5.28 -18.09
N ASN F 200 24.17 6.55 -18.42
CA ASN F 200 25.50 7.02 -18.84
C ASN F 200 25.99 6.28 -20.07
N VAL F 201 25.15 6.22 -21.10
CA VAL F 201 25.48 5.51 -22.33
C VAL F 201 25.44 6.43 -23.56
N GLY F 202 25.58 7.74 -23.35
CA GLY F 202 25.56 8.67 -24.45
C GLY F 202 24.18 9.06 -24.93
N LYS F 203 23.14 8.86 -24.12
CA LYS F 203 21.79 9.27 -24.48
C LYS F 203 21.71 10.76 -24.78
N SER F 204 22.22 11.58 -23.86
CA SER F 204 22.30 13.01 -24.10
C SER F 204 23.22 13.29 -25.29
N LEU F 205 24.29 12.50 -25.42
CA LEU F 205 25.19 12.61 -26.56
C LEU F 205 24.42 12.39 -27.86
N GLY F 206 23.57 11.37 -27.89
CA GLY F 206 22.78 11.08 -29.07
C GLY F 206 21.78 12.17 -29.40
N LEU F 207 21.09 12.68 -28.39
CA LEU F 207 20.16 13.78 -28.62
C LEU F 207 20.88 15.01 -29.16
N CYS F 208 22.04 15.34 -28.58
CA CYS F 208 22.81 16.47 -29.10
C CYS F 208 23.29 16.23 -30.52
N SER F 209 23.71 15.00 -30.82
CA SER F 209 24.17 14.69 -32.17
C SER F 209 23.05 14.86 -33.17
N LEU F 210 21.86 14.35 -32.85
CA LEU F 210 20.71 14.51 -33.74
C LEU F 210 20.34 15.98 -33.90
N ALA F 211 20.36 16.73 -32.79
CA ALA F 211 20.03 18.15 -32.87
C ALA F 211 21.02 18.89 -33.75
N ALA F 212 22.31 18.58 -33.60
CA ALA F 212 23.33 19.22 -34.43
C ALA F 212 23.15 18.87 -35.89
N ASP F 213 22.85 17.60 -36.18
CA ASP F 213 22.65 17.18 -37.56
C ASP F 213 21.45 17.90 -38.19
N TYR F 214 20.34 18.00 -37.44
CA TYR F 214 19.16 18.66 -37.99
C TYR F 214 19.36 20.17 -38.11
N LEU F 215 20.16 20.75 -37.20
CA LEU F 215 20.54 22.15 -37.35
C LEU F 215 21.34 22.36 -38.64
N GLN F 216 22.29 21.46 -38.90
CA GLN F 216 23.00 21.45 -40.17
C GLN F 216 22.07 21.24 -41.35
N LEU F 217 20.94 20.57 -41.14
CA LEU F 217 19.94 20.36 -42.19
C LEU F 217 18.98 21.52 -42.31
N GLY F 218 19.35 22.69 -41.79
CA GLY F 218 18.56 23.89 -41.99
C GLY F 218 17.29 23.97 -41.18
N HIS F 219 17.04 23.03 -40.30
CA HIS F 219 15.83 23.05 -39.49
C HIS F 219 16.05 23.83 -38.20
N ASN F 220 14.96 24.34 -37.65
CA ASN F 220 15.01 25.03 -36.36
C ASN F 220 14.88 24.00 -35.23
N VAL F 221 15.82 24.02 -34.31
CA VAL F 221 15.92 23.00 -33.27
C VAL F 221 15.75 23.66 -31.91
N LEU F 222 14.96 23.02 -31.05
CA LEU F 222 14.75 23.47 -29.67
C LEU F 222 15.12 22.32 -28.73
N TYR F 223 16.15 22.54 -27.91
CA TYR F 223 16.59 21.52 -26.96
C TYR F 223 16.21 21.98 -25.56
N ILE F 224 15.23 21.29 -24.97
CA ILE F 224 14.72 21.63 -23.64
C ILE F 224 15.42 20.70 -22.66
N SER F 225 16.32 21.28 -21.85
CA SER F 225 17.09 20.46 -20.88
C SER F 225 16.53 20.65 -19.46
N MET F 226 15.71 19.70 -19.01
CA MET F 226 15.15 19.77 -17.62
C MET F 226 16.24 19.36 -16.63
N GLU F 227 17.39 18.93 -17.14
CA GLU F 227 18.50 18.46 -16.25
C GLU F 227 19.83 19.01 -16.77
N MET F 228 20.94 18.67 -16.11
CA MET F 228 22.29 19.11 -16.57
C MET F 228 22.29 20.64 -16.73
N ALA F 229 22.95 21.14 -17.78
CA ALA F 229 23.01 22.60 -18.03
C ALA F 229 22.90 22.87 -19.54
N GLU F 230 22.05 23.83 -19.92
CA GLU F 230 21.90 24.18 -21.36
C GLU F 230 23.27 24.60 -21.91
N GLU F 231 24.15 25.11 -21.04
CA GLU F 231 25.48 25.51 -21.48
C GLU F 231 26.34 24.30 -21.82
N VAL F 232 26.20 23.23 -21.03
CA VAL F 232 26.92 22.00 -21.35
C VAL F 232 26.40 21.40 -22.66
N CYS F 233 25.09 21.47 -22.88
CA CYS F 233 24.54 21.04 -24.15
C CYS F 233 25.09 21.88 -25.30
N ALA F 234 25.21 23.18 -25.08
CA ALA F 234 25.80 24.05 -26.10
C ALA F 234 27.26 23.67 -26.37
N LYS F 235 28.00 23.35 -25.32
CA LYS F 235 29.38 22.90 -25.50
C LYS F 235 29.44 21.61 -26.29
N ARG F 236 28.51 20.69 -26.00
CA ARG F 236 28.41 19.46 -26.78
C ARG F 236 28.12 19.76 -28.24
N ILE F 237 27.22 20.71 -28.51
CA ILE F 237 26.90 21.07 -29.88
C ILE F 237 28.11 21.66 -30.57
N ASP F 238 28.85 22.52 -29.87
CA ASP F 238 30.07 23.07 -30.43
C ASP F 238 31.06 21.99 -30.78
N ALA F 239 31.29 21.05 -29.85
CA ALA F 239 32.24 19.97 -30.11
C ALA F 239 31.81 19.12 -31.29
N ASN F 240 30.51 18.81 -31.36
CA ASN F 240 30.00 17.99 -32.46
C ASN F 240 30.14 18.71 -33.79
N MET F 241 29.86 20.01 -33.81
CA MET F 241 29.84 20.78 -35.05
C MET F 241 31.20 21.40 -35.38
N LEU F 242 31.88 21.97 -34.38
CA LEU F 242 33.17 22.60 -34.66
C LEU F 242 34.30 21.58 -34.66
N ASP F 243 34.00 20.31 -34.38
CA ASP F 243 34.90 19.17 -34.41
C ASP F 243 35.91 19.22 -33.26
N VAL F 244 35.88 20.24 -32.39
CA VAL F 244 36.80 20.30 -31.27
C VAL F 244 36.45 19.23 -30.25
N SER F 245 37.45 18.81 -29.48
CA SER F 245 37.23 17.86 -28.42
C SER F 245 36.79 18.57 -27.14
N LEU F 246 35.81 17.97 -26.44
CA LEU F 246 35.34 18.54 -25.19
C LEU F 246 36.46 18.60 -24.15
N ASP F 247 37.33 17.58 -24.14
CA ASP F 247 38.48 17.62 -23.26
C ASP F 247 39.38 18.81 -23.56
N ASP F 248 39.43 19.23 -24.83
CA ASP F 248 40.21 20.41 -25.18
C ASP F 248 39.50 21.68 -24.72
N ILE F 249 38.17 21.67 -24.70
CA ILE F 249 37.43 22.84 -24.25
C ILE F 249 37.69 23.11 -22.78
N ASP F 250 37.62 22.07 -21.95
CA ASP F 250 38.09 22.18 -20.58
C ASP F 250 39.60 22.41 -20.59
N ASP F 251 40.05 23.37 -19.78
CA ASP F 251 41.42 23.86 -19.88
C ASP F 251 41.70 24.25 -21.33
N GLY F 252 40.92 25.21 -21.82
CA GLY F 252 40.83 25.50 -23.23
C GLY F 252 42.14 25.69 -23.96
N HIS F 253 42.44 24.76 -24.86
CA HIS F 253 43.61 24.86 -25.72
C HIS F 253 43.33 25.58 -27.03
N ILE F 254 42.06 25.71 -27.41
CA ILE F 254 41.70 26.44 -28.62
C ILE F 254 41.88 27.93 -28.35
N SER F 255 42.40 28.65 -29.35
CA SER F 255 42.50 30.09 -29.27
C SER F 255 41.14 30.72 -29.60
N TYR F 256 40.90 31.91 -29.03
CA TYR F 256 39.69 32.63 -29.38
C TYR F 256 39.67 33.00 -30.86
N ALA F 257 40.85 33.15 -31.48
CA ALA F 257 40.89 33.36 -32.91
C ALA F 257 40.29 32.17 -33.66
N GLU F 258 40.71 30.95 -33.30
CA GLU F 258 40.17 29.77 -33.95
C GLU F 258 38.67 29.63 -33.68
N TYR F 259 38.26 29.85 -32.42
CA TYR F 259 36.86 29.73 -32.06
C TYR F 259 36.01 30.71 -32.84
N LYS F 260 36.42 31.98 -32.86
CA LYS F 260 35.67 33.01 -33.58
C LYS F 260 35.65 32.71 -35.08
N GLY F 261 36.78 32.27 -35.63
CA GLY F 261 36.81 31.96 -37.06
C GLY F 261 35.88 30.84 -37.44
N LYS F 262 35.88 29.76 -36.67
CA LYS F 262 34.96 28.66 -36.94
C LYS F 262 33.52 29.11 -36.76
N MET F 263 33.25 29.92 -35.74
CA MET F 263 31.89 30.38 -35.52
C MET F 263 31.41 31.23 -36.69
N GLU F 264 32.26 32.09 -37.22
CA GLU F 264 31.86 32.93 -38.34
C GLU F 264 31.75 32.12 -39.63
N LYS F 265 32.65 31.16 -39.84
CA LYS F 265 32.55 30.32 -41.03
C LYS F 265 31.30 29.46 -40.98
N TRP F 266 30.80 29.17 -39.80
CA TRP F 266 29.50 28.50 -39.70
C TRP F 266 28.34 29.49 -39.83
N ARG F 267 28.53 30.73 -39.39
CA ARG F 267 27.47 31.73 -39.49
C ARG F 267 27.13 32.04 -40.95
N GLU F 268 28.15 32.19 -41.79
CA GLU F 268 27.96 32.57 -43.18
C GLU F 268 27.20 31.53 -43.98
N LYS F 269 27.26 30.25 -43.59
CA LYS F 269 26.60 29.18 -44.33
C LYS F 269 25.09 29.26 -44.11
N SER F 270 24.36 29.59 -45.17
CA SER F 270 22.90 29.61 -45.08
C SER F 270 22.31 28.22 -44.94
N THR F 271 23.12 27.18 -45.15
CA THR F 271 22.71 25.80 -44.94
C THR F 271 22.73 25.44 -43.46
N LEU F 272 22.06 26.26 -42.65
CA LEU F 272 22.09 26.13 -41.20
C LEU F 272 20.83 26.75 -40.63
N GLY F 273 20.07 25.97 -39.86
CA GLY F 273 18.85 26.48 -39.26
C GLY F 273 19.11 27.34 -38.04
N ARG F 274 18.23 27.27 -37.05
CA ARG F 274 18.38 27.99 -35.80
C ARG F 274 18.27 27.03 -34.63
N LEU F 275 19.24 27.07 -33.74
CA LEU F 275 19.28 26.20 -32.56
C LEU F 275 19.13 27.03 -31.30
N ILE F 276 18.14 26.69 -30.48
CA ILE F 276 17.94 27.31 -29.18
C ILE F 276 17.93 26.20 -28.14
N VAL F 277 18.77 26.35 -27.11
CA VAL F 277 18.81 25.41 -26.00
C VAL F 277 18.32 26.13 -24.76
N LYS F 278 17.19 25.68 -24.22
CA LYS F 278 16.57 26.29 -23.06
C LYS F 278 16.56 25.29 -21.92
N GLN F 279 16.99 25.73 -20.74
CA GLN F 279 17.12 24.87 -19.58
C GLN F 279 15.97 25.11 -18.62
N TYR F 280 15.41 24.01 -18.12
CA TYR F 280 14.28 24.07 -17.20
C TYR F 280 14.54 23.21 -15.97
N PRO F 281 13.86 23.48 -14.87
CA PRO F 281 14.12 22.71 -13.65
C PRO F 281 13.67 21.26 -13.77
N THR F 282 14.30 20.42 -12.95
CA THR F 282 13.93 19.01 -12.88
C THR F 282 12.49 18.87 -12.39
N GLY F 283 11.64 18.30 -13.23
CA GLY F 283 10.23 18.18 -12.91
C GLY F 283 9.55 19.51 -12.64
N GLY F 284 9.90 20.53 -13.43
CA GLY F 284 9.37 21.87 -13.21
C GLY F 284 8.75 22.50 -14.43
N ALA F 285 8.41 21.69 -15.43
CA ALA F 285 7.78 22.18 -16.65
C ALA F 285 6.89 21.10 -17.23
N ASP F 286 6.04 21.49 -18.17
CA ASP F 286 5.11 20.57 -18.79
C ASP F 286 4.83 21.03 -20.22
N ALA F 287 3.83 20.41 -20.84
CA ALA F 287 3.47 20.74 -22.21
C ALA F 287 3.02 22.20 -22.32
N ASN F 288 2.19 22.67 -21.38
CA ASN F 288 1.69 24.04 -21.47
C ASN F 288 2.82 25.04 -21.23
N THR F 289 3.80 24.70 -20.40
CA THR F 289 4.97 25.55 -20.27
C THR F 289 5.69 25.67 -21.60
N PHE F 290 5.84 24.55 -22.32
CA PHE F 290 6.49 24.59 -23.62
C PHE F 290 5.66 25.38 -24.62
N ARG F 291 4.32 25.31 -24.51
CA ARG F 291 3.45 26.09 -25.37
C ARG F 291 3.64 27.58 -25.13
N SER F 292 3.70 27.99 -23.87
CA SER F 292 3.95 29.39 -23.54
C SER F 292 5.33 29.82 -24.04
N LEU F 293 6.32 28.93 -23.90
CA LEU F 293 7.65 29.20 -24.43
C LEU F 293 7.62 29.43 -25.93
N LEU F 294 6.88 28.58 -26.64
CA LEU F 294 6.76 28.72 -28.09
C LEU F 294 6.06 30.03 -28.44
N ASN F 295 5.03 30.40 -27.69
CA ASN F 295 4.34 31.65 -27.93
C ASN F 295 5.27 32.83 -27.77
N GLU F 296 6.06 32.84 -26.69
CA GLU F 296 6.99 33.94 -26.46
C GLU F 296 8.07 33.97 -27.54
N LEU F 297 8.58 32.81 -27.94
CA LEU F 297 9.58 32.76 -29.00
C LEU F 297 9.02 33.30 -30.30
N LYS F 298 7.79 32.91 -30.63
CA LYS F 298 7.16 33.35 -31.91
C LYS F 298 6.97 34.88 -31.85
N LEU F 299 6.46 35.39 -30.73
CA LEU F 299 6.19 36.85 -30.61
C LEU F 299 7.50 37.64 -30.66
N LYS F 300 8.57 37.12 -30.04
CA LYS F 300 9.84 37.91 -29.97
C LYS F 300 10.96 37.19 -30.73
N LYS F 301 11.31 35.97 -30.33
CA LYS F 301 12.44 35.24 -30.97
C LYS F 301 12.11 34.92 -32.43
N ASN F 302 10.84 35.08 -32.83
CA ASN F 302 10.44 34.71 -34.22
C ASN F 302 11.07 33.35 -34.52
N PHE F 303 10.97 32.40 -33.59
CA PHE F 303 11.59 31.09 -33.77
C PHE F 303 10.52 30.03 -33.85
N VAL F 304 10.51 29.27 -34.95
CA VAL F 304 9.56 28.18 -35.12
C VAL F 304 10.34 26.88 -35.18
N PRO F 305 10.45 26.16 -34.06
CA PRO F 305 11.28 24.95 -34.04
C PRO F 305 10.72 23.87 -34.95
N THR F 306 11.59 22.93 -35.26
CA THR F 306 11.22 21.79 -36.10
C THR F 306 11.65 20.50 -35.42
N ILE F 307 12.69 20.58 -34.59
CA ILE F 307 13.36 19.41 -34.03
C ILE F 307 13.35 19.48 -32.50
N ILE F 308 12.25 19.94 -31.91
CA ILE F 308 12.15 20.02 -30.46
C ILE F 308 12.60 18.71 -29.83
N ILE F 309 13.55 18.79 -28.91
CA ILE F 309 14.10 17.63 -28.21
C ILE F 309 13.80 17.77 -26.72
N VAL F 310 13.23 16.73 -26.13
CA VAL F 310 13.00 16.67 -24.69
C VAL F 310 13.85 15.55 -24.12
N ASP F 311 14.70 15.88 -23.16
CA ASP F 311 15.65 14.93 -22.60
C ASP F 311 15.16 14.43 -21.25
N TYR F 312 15.22 13.11 -21.06
CA TYR F 312 14.75 12.43 -19.85
C TYR F 312 13.27 12.75 -19.59
N LEU F 313 12.45 12.28 -20.53
CA LEU F 313 11.01 12.50 -20.51
C LEU F 313 10.38 12.07 -19.19
N GLY F 314 10.89 10.99 -18.59
CA GLY F 314 10.32 10.49 -17.37
C GLY F 314 10.29 11.53 -16.26
N ILE F 315 11.19 12.51 -16.33
CA ILE F 315 11.20 13.61 -15.38
C ILE F 315 10.37 14.72 -16.01
N CYS F 316 9.07 14.67 -15.77
CA CYS F 316 8.13 15.65 -16.32
C CYS F 316 6.86 15.63 -15.47
N LYS F 317 6.24 16.79 -15.32
CA LYS F 317 4.95 16.85 -14.64
C LYS F 317 3.85 16.34 -15.56
N SER F 318 2.75 15.92 -14.95
CA SER F 318 1.69 15.26 -15.72
C SER F 318 0.93 16.21 -16.64
N CYS F 319 0.65 17.43 -16.17
CA CYS F 319 0.00 18.50 -16.94
C CYS F 319 -1.49 18.21 -17.14
N ARG F 320 -1.94 17.04 -16.72
CA ARG F 320 -3.34 16.69 -16.78
C ARG F 320 -3.88 16.15 -15.47
N ILE F 321 -3.04 15.47 -14.68
CA ILE F 321 -3.44 14.99 -13.37
C ILE F 321 -2.51 15.57 -12.33
N ARG F 322 -2.93 15.51 -11.07
CA ARG F 322 -2.13 16.01 -9.97
C ARG F 322 -0.93 15.09 -9.72
N VAL F 323 0.10 15.66 -9.11
CA VAL F 323 1.40 14.99 -9.03
C VAL F 323 1.30 13.75 -8.15
N TYR F 324 1.83 12.63 -8.65
CA TYR F 324 1.90 11.38 -7.91
C TYR F 324 0.53 10.92 -7.43
N SER F 325 -0.52 11.51 -8.01
CA SER F 325 -1.88 11.10 -7.72
C SER F 325 -2.28 9.84 -8.48
N GLU F 326 -1.44 9.40 -9.40
CA GLU F 326 -1.61 8.15 -10.14
C GLU F 326 -0.31 7.36 -10.10
N ASN F 327 -0.29 6.25 -10.85
CA ASN F 327 0.88 5.39 -10.88
C ASN F 327 1.88 5.91 -11.92
N SER F 328 3.06 5.26 -11.93
CA SER F 328 4.11 5.66 -12.85
C SER F 328 3.69 5.45 -14.30
N TYR F 329 3.10 4.30 -14.60
CA TYR F 329 2.68 3.99 -15.97
C TYR F 329 1.68 5.02 -16.47
N THR F 330 0.69 5.35 -15.64
CA THR F 330 -0.36 6.27 -16.05
C THR F 330 0.20 7.64 -16.40
N THR F 331 1.02 8.20 -15.53
CA THR F 331 1.57 9.54 -15.78
C THR F 331 2.54 9.52 -16.96
N VAL F 332 3.34 8.47 -17.09
CA VAL F 332 4.28 8.40 -18.22
C VAL F 332 3.50 8.33 -19.53
N LYS F 333 2.46 7.52 -19.60
CA LYS F 333 1.66 7.47 -20.82
C LYS F 333 0.97 8.81 -21.06
N ALA F 334 0.50 9.47 -20.00
CA ALA F 334 -0.15 10.76 -20.16
C ALA F 334 0.82 11.79 -20.74
N ILE F 335 2.05 11.85 -20.23
CA ILE F 335 3.00 12.82 -20.74
C ILE F 335 3.43 12.45 -22.16
N ALA F 336 3.54 11.16 -22.45
CA ALA F 336 3.88 10.75 -23.81
C ALA F 336 2.80 11.17 -24.80
N GLU F 337 1.54 10.96 -24.45
CA GLU F 337 0.45 11.36 -25.33
C GLU F 337 0.37 12.88 -25.45
N GLU F 338 0.63 13.59 -24.35
CA GLU F 338 0.72 15.04 -24.41
C GLU F 338 1.78 15.48 -25.40
N LEU F 339 2.96 14.86 -25.34
CA LEU F 339 4.05 15.24 -26.23
C LEU F 339 3.72 14.91 -27.68
N ARG F 340 3.11 13.75 -27.93
CA ARG F 340 2.75 13.39 -29.30
C ARG F 340 1.71 14.36 -29.85
N ALA F 341 0.70 14.69 -29.04
CA ALA F 341 -0.32 15.64 -29.48
C ALA F 341 0.29 17.02 -29.74
N LEU F 342 1.21 17.45 -28.88
CA LEU F 342 1.91 18.70 -29.09
C LEU F 342 2.70 18.67 -30.39
N ALA F 343 3.43 17.59 -30.63
CA ALA F 343 4.23 17.48 -31.84
C ALA F 343 3.35 17.54 -33.08
N VAL F 344 2.19 16.89 -33.03
CA VAL F 344 1.28 16.91 -34.17
C VAL F 344 0.71 18.32 -34.37
N GLU F 345 0.22 18.93 -33.29
CA GLU F 345 -0.41 20.24 -33.42
C GLU F 345 0.62 21.31 -33.78
N THR F 346 1.84 21.16 -33.30
CA THR F 346 2.94 22.00 -33.76
C THR F 346 3.53 21.49 -35.07
N GLU F 347 3.17 20.28 -35.48
CA GLU F 347 3.69 19.67 -36.71
C GLU F 347 5.22 19.62 -36.68
N THR F 348 5.77 19.36 -35.50
CA THR F 348 7.21 19.37 -35.26
C THR F 348 7.68 18.00 -34.81
N VAL F 349 8.90 17.63 -35.20
CA VAL F 349 9.48 16.37 -34.79
C VAL F 349 9.84 16.44 -33.31
N LEU F 350 9.42 15.43 -32.55
CA LEU F 350 9.63 15.39 -31.11
C LEU F 350 10.40 14.13 -30.74
N TRP F 351 11.40 14.29 -29.86
CA TRP F 351 12.25 13.21 -29.42
C TRP F 351 12.22 13.10 -27.90
N THR F 352 12.35 11.88 -27.40
CA THR F 352 12.35 11.60 -25.98
C THR F 352 13.44 10.58 -25.68
N ALA F 353 13.78 10.44 -24.39
CA ALA F 353 14.86 9.57 -23.95
C ALA F 353 14.36 8.29 -23.31
N ALA F 354 13.52 8.39 -22.28
CA ALA F 354 12.84 7.25 -21.67
C ALA F 354 13.86 6.17 -21.28
N GLN F 355 14.73 6.54 -20.34
CA GLN F 355 15.77 5.64 -19.87
C GLN F 355 15.16 4.37 -19.29
N VAL F 356 16.01 3.36 -19.14
CA VAL F 356 15.58 2.02 -18.80
C VAL F 356 15.77 1.77 -17.31
N GLY F 357 15.25 0.64 -16.83
CA GLY F 357 15.33 0.29 -15.43
C GLY F 357 16.64 -0.34 -15.02
N LYS F 358 16.74 -0.65 -13.72
CA LYS F 358 17.96 -1.22 -13.17
C LYS F 358 18.25 -2.62 -13.69
N GLN F 359 17.20 -3.44 -13.87
CA GLN F 359 17.40 -4.81 -14.31
C GLN F 359 18.10 -4.90 -15.66
N ALA F 360 18.00 -3.86 -16.49
CA ALA F 360 18.66 -3.82 -17.77
C ALA F 360 20.05 -3.19 -17.72
N TRP F 361 20.47 -2.71 -16.55
CA TRP F 361 21.80 -2.12 -16.42
C TRP F 361 22.87 -3.18 -16.60
N ASP F 362 23.92 -2.85 -17.36
CA ASP F 362 25.02 -3.75 -17.64
C ASP F 362 24.52 -5.08 -18.22
N SER F 363 23.50 -4.99 -19.06
CA SER F 363 22.88 -6.15 -19.69
C SER F 363 23.14 -6.11 -21.18
N SER F 364 23.59 -7.25 -21.73
CA SER F 364 23.96 -7.31 -23.14
C SER F 364 22.78 -7.14 -24.08
N ASP F 365 21.55 -7.21 -23.57
CA ASP F 365 20.37 -7.02 -24.40
C ASP F 365 19.30 -6.29 -23.59
N VAL F 366 18.49 -5.50 -24.28
CA VAL F 366 17.37 -4.79 -23.69
C VAL F 366 16.13 -5.08 -24.50
N ASN F 367 15.04 -5.46 -23.82
CA ASN F 367 13.79 -5.81 -24.47
C ASN F 367 12.76 -4.71 -24.24
N MET F 368 11.62 -4.85 -24.90
CA MET F 368 10.54 -3.89 -24.70
C MET F 368 10.01 -3.95 -23.27
N SER F 369 10.05 -5.13 -22.66
CA SER F 369 9.66 -5.26 -21.26
C SER F 369 10.82 -4.90 -20.35
N ASP F 370 11.41 -3.73 -20.59
CA ASP F 370 12.45 -3.18 -19.73
C ASP F 370 12.20 -1.71 -19.41
N ILE F 371 11.02 -1.19 -19.76
CA ILE F 371 10.73 0.22 -19.51
C ILE F 371 10.63 0.45 -18.01
N ALA F 372 11.11 1.62 -17.57
CA ALA F 372 11.17 1.91 -16.14
C ALA F 372 9.79 1.99 -15.51
N GLU F 373 8.83 2.61 -16.20
CA GLU F 373 7.55 2.95 -15.58
C GLU F 373 6.32 2.55 -16.37
N SER F 374 6.37 2.56 -17.70
CA SER F 374 5.13 2.43 -18.48
C SER F 374 5.37 1.49 -19.65
N ALA F 375 4.61 0.40 -19.70
CA ALA F 375 4.65 -0.50 -20.86
C ALA F 375 3.82 0.01 -22.02
N GLY F 376 2.89 0.93 -21.78
CA GLY F 376 2.13 1.54 -22.86
C GLY F 376 2.84 2.68 -23.55
N LEU F 377 3.94 3.16 -22.96
CA LEU F 377 4.77 4.15 -23.64
C LEU F 377 5.28 3.64 -24.98
N PRO F 378 5.81 2.42 -25.10
CA PRO F 378 6.11 1.91 -26.44
C PRO F 378 4.93 1.91 -27.38
N ALA F 379 3.74 1.59 -26.89
CA ALA F 379 2.56 1.60 -27.75
C ALA F 379 2.26 2.99 -28.26
N THR F 380 2.34 4.00 -27.39
CA THR F 380 2.06 5.37 -27.77
C THR F 380 3.23 6.04 -28.47
N ALA F 381 4.37 5.38 -28.56
CA ALA F 381 5.57 5.93 -29.17
C ALA F 381 5.71 5.45 -30.61
N ASP F 382 6.64 6.08 -31.33
CA ASP F 382 6.91 5.76 -32.72
C ASP F 382 8.41 5.71 -32.95
N PHE F 383 8.88 4.67 -33.64
CA PHE F 383 10.28 4.53 -34.02
C PHE F 383 11.18 4.65 -32.79
N MET F 384 11.00 3.70 -31.89
CA MET F 384 11.85 3.66 -30.72
C MET F 384 13.18 2.97 -31.06
N LEU F 385 14.23 3.39 -30.38
CA LEU F 385 15.55 2.83 -30.54
C LEU F 385 16.17 2.66 -29.16
N ALA F 386 17.20 1.83 -29.10
CA ALA F 386 17.88 1.56 -27.85
C ALA F 386 19.38 1.65 -28.07
N VAL F 387 20.11 1.83 -26.95
CA VAL F 387 21.60 1.82 -27.03
C VAL F 387 22.04 0.56 -26.30
N ILE F 388 22.19 -0.55 -27.03
CA ILE F 388 22.55 -1.85 -26.39
C ILE F 388 24.07 -1.88 -26.27
N GLU F 389 24.70 -0.71 -26.37
CA GLU F 389 26.18 -0.64 -26.26
C GLU F 389 26.58 -1.41 -25.00
N THR F 390 27.48 -2.39 -25.15
CA THR F 390 27.88 -3.23 -24.00
C THR F 390 29.14 -2.65 -23.38
N GLU F 391 29.69 -3.31 -22.36
CA GLU F 391 30.96 -2.82 -21.77
C GLU F 391 32.02 -2.78 -22.87
N GLU F 392 32.06 -3.81 -23.73
CA GLU F 392 33.02 -3.82 -24.87
C GLU F 392 32.70 -2.64 -25.79
N LEU F 393 31.41 -2.45 -26.12
CA LEU F 393 31.01 -1.31 -26.99
C LEU F 393 31.36 0.00 -26.28
N ALA F 394 31.13 0.07 -24.96
CA ALA F 394 31.46 1.28 -24.19
C ALA F 394 32.98 1.51 -24.24
N ALA F 395 33.76 0.44 -24.03
CA ALA F 395 35.24 0.56 -24.12
C ALA F 395 35.61 0.97 -25.55
N ALA F 396 34.89 0.44 -26.54
CA ALA F 396 35.15 0.79 -27.96
C ALA F 396 34.37 2.05 -28.32
N GLU F 397 34.22 2.32 -29.63
CA GLU F 397 33.47 3.52 -30.09
C GLU F 397 32.16 3.05 -30.75
N GLN F 398 31.56 1.98 -30.23
CA GLN F 398 30.36 1.42 -30.91
C GLN F 398 29.15 1.44 -29.96
N GLN F 399 27.96 1.74 -30.49
CA GLN F 399 26.72 1.70 -29.66
C GLN F 399 25.69 0.84 -30.40
N LEU F 400 25.21 -0.23 -29.76
CA LEU F 400 24.27 -1.17 -30.44
C LEU F 400 22.86 -0.58 -30.43
N ILE F 401 22.18 -0.59 -31.58
CA ILE F 401 20.79 -0.14 -31.61
C ILE F 401 19.90 -1.35 -31.76
N LYS F 402 18.67 -1.23 -31.27
CA LYS F 402 17.74 -2.34 -31.24
C LYS F 402 16.61 -2.22 -32.26
N GLN F 403 16.18 -1.00 -32.58
CA GLN F 403 15.13 -0.76 -33.57
C GLN F 403 13.83 -1.50 -33.19
N ILE F 404 13.25 -1.05 -32.09
CA ILE F 404 12.01 -1.62 -31.58
C ILE F 404 10.88 -0.60 -31.75
N LYS F 405 9.67 -1.10 -32.01
CA LYS F 405 8.49 -0.27 -32.15
C LYS F 405 8.67 0.77 -33.27
N SER F 406 8.77 0.24 -34.48
CA SER F 406 8.94 1.05 -35.68
C SER F 406 7.62 1.09 -36.45
N ARG F 407 7.00 2.27 -36.51
CA ARG F 407 5.77 2.41 -37.30
C ARG F 407 6.08 2.71 -38.75
N TYR F 408 7.21 3.39 -39.02
CA TYR F 408 7.55 3.76 -40.39
C TYR F 408 7.73 2.53 -41.26
N GLY F 409 8.39 1.50 -40.73
CA GLY F 409 8.58 0.27 -41.47
C GLY F 409 8.65 -0.94 -40.58
N ASP F 410 9.21 -2.03 -41.10
CA ASP F 410 9.41 -3.24 -40.31
C ASP F 410 10.57 -2.99 -39.35
N LYS F 411 10.29 -3.03 -38.05
CA LYS F 411 11.35 -2.92 -37.06
C LYS F 411 12.35 -4.06 -37.21
N ASN F 412 11.90 -5.21 -37.67
CA ASN F 412 12.77 -6.37 -37.87
C ASN F 412 13.35 -6.39 -39.29
N LYS F 413 14.03 -5.32 -39.68
CA LYS F 413 14.67 -5.24 -40.99
C LYS F 413 16.19 -5.30 -40.88
N TRP F 414 16.81 -4.33 -40.21
CA TRP F 414 18.21 -4.39 -39.81
C TRP F 414 18.23 -3.95 -38.35
N ASN F 415 18.04 -4.90 -37.44
CA ASN F 415 17.92 -4.56 -36.03
C ASN F 415 19.22 -3.96 -35.50
N LYS F 416 20.35 -4.55 -35.87
CA LYS F 416 21.65 -4.15 -35.36
C LYS F 416 22.51 -3.61 -36.48
N PHE F 417 23.05 -2.41 -36.28
CA PHE F 417 23.97 -1.83 -37.25
C PHE F 417 25.20 -1.19 -36.64
N LEU F 418 25.41 -1.32 -35.32
CA LEU F 418 26.69 -1.02 -34.68
C LEU F 418 27.12 0.43 -34.91
N MET F 419 26.33 1.34 -34.34
CA MET F 419 26.63 2.76 -34.45
C MET F 419 28.01 3.09 -33.89
N GLY F 420 28.77 3.87 -34.65
CA GLY F 420 30.10 4.28 -34.25
C GLY F 420 30.08 5.52 -33.39
N VAL F 421 29.78 5.37 -32.10
CA VAL F 421 29.79 6.51 -31.21
C VAL F 421 31.21 7.08 -31.10
N GLN F 422 31.30 8.36 -30.75
CA GLN F 422 32.60 9.03 -30.61
C GLN F 422 32.44 10.07 -29.50
N LYS F 423 32.96 9.73 -28.32
CA LYS F 423 32.87 10.63 -27.17
C LYS F 423 33.85 11.78 -27.25
N GLY F 424 34.82 11.73 -28.16
CA GLY F 424 35.75 12.83 -28.30
C GLY F 424 35.05 14.12 -28.68
N ASN F 425 34.13 14.02 -29.64
CA ASN F 425 33.36 15.18 -30.09
C ASN F 425 31.88 15.07 -29.71
N GLN F 426 31.53 14.12 -28.85
CA GLN F 426 30.15 13.92 -28.40
C GLN F 426 29.22 13.72 -29.60
N LYS F 427 29.58 12.77 -30.46
CA LYS F 427 28.87 12.53 -31.71
C LYS F 427 28.81 11.04 -32.02
N TRP F 428 28.39 10.73 -33.24
CA TRP F 428 28.38 9.35 -33.73
C TRP F 428 28.40 9.36 -35.25
N VAL F 429 28.97 8.30 -35.82
CA VAL F 429 29.06 8.15 -37.27
C VAL F 429 28.63 6.73 -37.65
N GLU F 430 28.31 6.55 -38.92
CA GLU F 430 27.97 5.22 -39.42
C GLU F 430 29.17 4.30 -39.34
N ILE F 431 28.91 3.02 -39.07
CA ILE F 431 29.96 2.01 -39.09
C ILE F 431 30.46 1.74 -40.49
N GLU F 432 29.76 2.22 -41.51
CA GLU F 432 30.14 2.05 -42.90
C GLU F 432 31.53 2.62 -43.18
#